data_5N6R
#
_entry.id   5N6R
#
_entity_poly.entity_id   1
_entity_poly.type   'polypeptide(L)'
_entity_poly.pdbx_seq_one_letter_code
;AMASELDLEKGLEMRKWVLSGILASEETYLSHLEALLLPMKPLKAAATTSQPVLTSQQIETIFFKVPELYEIHKEFYDGL
FPRVQQWSHQQRVGDLFQKLASQLGVYRAFVDNYGVAMEMAEKCCQANAQFAEISENLRARSNKDAKDPTTKNSLETLLY
KPVDRVTRSTLVLHDLLKHTPASHPDHPLLQDALRISQNFLSSINEEITPRRQSMTVK
;
_entity_poly.pdbx_strand_id   A
#
# COMPACT_ATOMS: atom_id res chain seq x y z
N ALA A 1 6.32 18.98 -34.14
CA ALA A 1 6.34 17.63 -34.71
C ALA A 1 6.72 16.64 -33.61
N MET A 2 6.76 15.36 -33.96
CA MET A 2 7.11 14.18 -33.17
C MET A 2 7.48 13.10 -34.20
N ALA A 3 7.81 11.88 -33.76
CA ALA A 3 8.14 10.80 -34.69
C ALA A 3 6.85 10.34 -35.37
N SER A 4 6.94 9.46 -36.38
CA SER A 4 5.75 8.95 -37.05
C SER A 4 4.98 8.05 -36.07
N GLU A 5 3.72 7.85 -36.38
CA GLU A 5 2.76 7.04 -35.65
C GLU A 5 3.23 5.60 -35.56
N LEU A 6 3.87 5.09 -36.62
CA LEU A 6 4.34 3.72 -36.68
C LEU A 6 5.54 3.47 -35.75
N ASP A 7 6.33 4.50 -35.47
CA ASP A 7 7.51 4.43 -34.61
C ASP A 7 7.13 4.60 -33.14
N LEU A 8 6.31 5.63 -32.86
CA LEU A 8 5.91 5.94 -31.49
C LEU A 8 5.04 4.85 -30.91
N GLU A 9 4.28 4.13 -31.74
CA GLU A 9 3.42 3.05 -31.29
C GLU A 9 4.22 2.01 -30.49
N LYS A 10 5.45 1.67 -30.92
CA LYS A 10 6.28 0.69 -30.22
C LYS A 10 6.48 1.09 -28.76
N GLY A 11 6.66 2.39 -28.51
CA GLY A 11 6.86 2.91 -27.16
C GLY A 11 5.52 2.99 -26.43
N LEU A 12 4.45 3.43 -27.10
CA LEU A 12 3.11 3.56 -26.54
C LEU A 12 2.67 2.21 -25.99
N GLU A 13 2.76 1.14 -26.79
CA GLU A 13 2.39 -0.22 -26.43
C GLU A 13 3.07 -0.66 -25.15
N MET A 14 4.41 -0.68 -25.17
CA MET A 14 5.22 -1.10 -24.04
C MET A 14 4.93 -0.27 -22.78
N ARG A 15 4.83 1.05 -22.90
CA ARG A 15 4.57 1.93 -21.76
C ARG A 15 3.19 1.62 -21.20
N LYS A 16 2.19 1.47 -22.08
CA LYS A 16 0.84 1.15 -21.71
C LYS A 16 0.85 -0.18 -20.97
N TRP A 17 1.55 -1.19 -21.47
CA TRP A 17 1.63 -2.51 -20.84
C TRP A 17 2.10 -2.38 -19.39
N VAL A 18 3.19 -1.67 -19.12
CA VAL A 18 3.70 -1.55 -17.75
C VAL A 18 2.74 -0.74 -16.87
N LEU A 19 2.35 0.46 -17.33
CA LEU A 19 1.45 1.33 -16.57
C LEU A 19 0.15 0.59 -16.25
N SER A 20 -0.43 -0.08 -17.24
CA SER A 20 -1.67 -0.84 -17.09
C SER A 20 -1.50 -1.94 -16.03
N GLY A 21 -0.29 -2.48 -15.84
CA GLY A 21 -0.07 -3.49 -14.83
C GLY A 21 -0.35 -2.92 -13.45
N ILE A 22 -0.04 -1.63 -13.24
CA ILE A 22 -0.25 -0.92 -11.99
C ILE A 22 -1.75 -0.60 -11.86
N LEU A 23 -2.38 0.03 -12.86
CA LEU A 23 -3.82 0.35 -12.84
C LEU A 23 -4.59 -0.95 -12.56
N ALA A 24 -4.21 -2.07 -13.17
CA ALA A 24 -4.87 -3.34 -12.96
C ALA A 24 -4.71 -3.85 -11.53
N SER A 25 -3.49 -3.84 -10.99
CA SER A 25 -3.27 -4.32 -9.64
C SER A 25 -3.91 -3.41 -8.60
N GLU A 26 -3.88 -2.10 -8.84
CA GLU A 26 -4.44 -1.12 -7.93
C GLU A 26 -5.96 -1.13 -8.02
N GLU A 27 -6.60 -1.22 -9.19
CA GLU A 27 -8.06 -1.23 -9.32
C GLU A 27 -8.71 -2.24 -8.36
N THR A 28 -8.30 -3.49 -8.51
CA THR A 28 -8.81 -4.60 -7.74
C THR A 28 -8.45 -4.49 -6.25
N TYR A 29 -7.29 -3.91 -5.94
CA TYR A 29 -6.78 -3.72 -4.58
C TYR A 29 -7.61 -2.64 -3.88
N LEU A 30 -7.80 -1.49 -4.55
CA LEU A 30 -8.54 -0.32 -4.09
C LEU A 30 -9.97 -0.73 -3.75
N SER A 31 -10.63 -1.50 -4.61
CA SER A 31 -11.99 -1.97 -4.39
C SER A 31 -12.08 -2.70 -3.02
N HIS A 32 -11.14 -3.59 -2.73
CA HIS A 32 -11.13 -4.32 -1.46
C HIS A 32 -10.68 -3.43 -0.29
N LEU A 33 -9.80 -2.47 -0.52
CA LEU A 33 -9.29 -1.54 0.49
C LEU A 33 -10.43 -0.65 0.98
N GLU A 34 -11.33 -0.21 0.09
CA GLU A 34 -12.46 0.65 0.43
C GLU A 34 -13.35 -0.02 1.48
N ALA A 35 -13.46 -1.35 1.46
CA ALA A 35 -14.26 -2.10 2.41
C ALA A 35 -13.81 -1.88 3.86
N LEU A 36 -12.59 -1.38 4.08
CA LEU A 36 -12.02 -1.10 5.39
C LEU A 36 -12.39 0.31 5.83
N LEU A 37 -12.29 1.32 4.97
CA LEU A 37 -12.65 2.70 5.33
C LEU A 37 -14.16 2.87 5.44
N LEU A 38 -14.94 2.00 4.77
CA LEU A 38 -16.40 2.03 4.75
C LEU A 38 -16.96 2.14 6.18
N PRO A 39 -16.71 1.17 7.09
CA PRO A 39 -17.20 1.27 8.46
C PRO A 39 -16.37 2.27 9.28
N MET A 40 -15.15 2.61 8.85
CA MET A 40 -14.30 3.55 9.56
C MET A 40 -14.94 4.94 9.68
N LYS A 41 -15.59 5.45 8.61
CA LYS A 41 -16.24 6.76 8.64
C LYS A 41 -17.23 6.88 9.81
N PRO A 42 -18.31 6.06 9.87
CA PRO A 42 -19.27 6.14 10.97
C PRO A 42 -18.57 5.81 12.28
N LEU A 43 -17.61 4.87 12.33
CA LEU A 43 -16.90 4.55 13.58
C LEU A 43 -16.17 5.80 14.11
N LYS A 44 -15.69 6.68 13.23
CA LYS A 44 -14.99 7.91 13.64
C LYS A 44 -15.98 8.82 14.37
N ALA A 45 -17.24 8.87 13.89
CA ALA A 45 -18.30 9.67 14.49
C ALA A 45 -18.74 9.00 15.78
N ALA A 46 -18.74 7.65 15.81
CA ALA A 46 -19.12 6.85 16.95
C ALA A 46 -18.28 7.19 18.17
N ALA A 47 -17.03 7.65 17.96
CA ALA A 47 -16.11 8.06 19.00
C ALA A 47 -16.66 9.21 19.85
N THR A 48 -17.71 9.90 19.38
CA THR A 48 -18.35 11.00 20.08
C THR A 48 -19.88 10.80 20.20
N THR A 49 -20.42 9.58 20.00
CA THR A 49 -21.85 9.34 20.10
C THR A 49 -22.06 8.06 20.91
N SER A 50 -22.84 8.12 21.99
CA SER A 50 -23.13 7.00 22.86
C SER A 50 -21.83 6.30 23.32
N GLN A 51 -21.72 4.97 23.19
CA GLN A 51 -20.54 4.18 23.59
C GLN A 51 -20.20 3.18 22.47
N PRO A 52 -19.21 3.48 21.63
CA PRO A 52 -18.79 2.60 20.53
C PRO A 52 -18.07 1.36 21.03
N VAL A 53 -17.86 0.42 20.12
CA VAL A 53 -17.21 -0.86 20.38
C VAL A 53 -15.76 -0.71 20.87
N LEU A 54 -15.03 0.29 20.37
CA LEU A 54 -13.64 0.57 20.71
C LEU A 54 -13.45 2.08 20.84
N THR A 55 -12.39 2.53 21.50
CA THR A 55 -12.15 3.97 21.68
C THR A 55 -11.41 4.51 20.45
N SER A 56 -11.50 5.83 20.21
CA SER A 56 -10.84 6.45 19.06
C SER A 56 -9.34 6.18 19.09
N GLN A 57 -8.71 6.17 20.27
CA GLN A 57 -7.28 5.92 20.41
C GLN A 57 -6.91 4.51 19.88
N GLN A 58 -7.80 3.53 20.08
CA GLN A 58 -7.58 2.16 19.62
C GLN A 58 -7.86 2.04 18.11
N ILE A 59 -8.70 2.90 17.54
CA ILE A 59 -9.03 2.86 16.12
C ILE A 59 -7.95 3.61 15.32
N GLU A 60 -7.67 4.85 15.69
CA GLU A 60 -6.71 5.75 15.04
C GLU A 60 -5.31 5.20 14.85
N THR A 61 -4.79 4.37 15.75
CA THR A 61 -3.45 3.83 15.60
C THR A 61 -3.41 2.77 14.49
N ILE A 62 -4.49 2.00 14.29
CA ILE A 62 -4.56 0.96 13.26
C ILE A 62 -4.93 1.63 11.92
N PHE A 63 -6.00 2.43 11.92
CA PHE A 63 -6.52 3.13 10.76
C PHE A 63 -5.80 4.45 10.49
N PHE A 64 -4.61 4.65 11.06
CA PHE A 64 -3.76 5.83 10.96
C PHE A 64 -3.79 6.45 9.57
N LYS A 65 -3.66 5.65 8.50
CA LYS A 65 -3.70 6.12 7.11
C LYS A 65 -4.52 5.22 6.20
N VAL A 66 -5.26 4.21 6.67
CA VAL A 66 -6.09 3.33 5.83
C VAL A 66 -6.86 4.09 4.73
N PRO A 67 -7.76 5.05 5.02
CA PRO A 67 -8.49 5.80 4.00
C PRO A 67 -7.59 6.73 3.17
N GLU A 68 -6.52 7.29 3.75
CA GLU A 68 -5.61 8.18 3.05
C GLU A 68 -4.87 7.37 1.98
N LEU A 69 -4.38 6.18 2.32
CA LEU A 69 -3.66 5.28 1.42
C LEU A 69 -4.55 4.86 0.26
N TYR A 70 -5.88 4.84 0.44
CA TYR A 70 -6.84 4.50 -0.60
C TYR A 70 -6.89 5.67 -1.58
N GLU A 71 -7.10 6.89 -1.09
CA GLU A 71 -7.18 8.09 -1.93
C GLU A 71 -5.83 8.37 -2.61
N ILE A 72 -4.70 8.28 -1.91
CA ILE A 72 -3.37 8.52 -2.45
C ILE A 72 -3.11 7.61 -3.65
N HIS A 73 -3.51 6.33 -3.56
CA HIS A 73 -3.32 5.39 -4.65
C HIS A 73 -4.37 5.63 -5.75
N LYS A 74 -5.68 5.73 -5.44
CA LYS A 74 -6.69 5.97 -6.47
C LYS A 74 -6.43 7.29 -7.19
N GLU A 75 -5.96 8.38 -6.57
CA GLU A 75 -5.74 9.62 -7.32
C GLU A 75 -4.72 9.41 -8.44
N PHE A 76 -3.65 8.70 -8.10
CA PHE A 76 -2.57 8.37 -9.01
C PHE A 76 -3.13 7.48 -10.12
N TYR A 77 -3.79 6.37 -9.75
CA TYR A 77 -4.38 5.37 -10.62
C TYR A 77 -5.52 5.88 -11.51
N ASP A 78 -6.55 6.49 -10.92
CA ASP A 78 -7.70 7.00 -11.66
C ASP A 78 -7.27 8.09 -12.63
N GLY A 79 -6.18 8.83 -12.34
CA GLY A 79 -5.72 9.88 -13.25
C GLY A 79 -4.82 9.27 -14.33
N LEU A 80 -4.39 8.02 -14.17
CA LEU A 80 -3.55 7.27 -15.07
C LEU A 80 -4.41 6.77 -16.23
N PHE A 81 -5.65 6.35 -15.95
CA PHE A 81 -6.63 5.84 -16.90
C PHE A 81 -6.81 6.72 -18.13
N PRO A 82 -7.27 7.98 -18.02
CA PRO A 82 -7.47 8.82 -19.19
C PRO A 82 -6.15 9.03 -19.94
N ARG A 83 -5.07 9.20 -19.17
CA ARG A 83 -3.72 9.43 -19.66
C ARG A 83 -3.22 8.29 -20.54
N VAL A 84 -3.59 7.02 -20.32
CA VAL A 84 -3.11 5.92 -21.18
C VAL A 84 -3.65 6.15 -22.60
N GLN A 85 -4.89 6.64 -22.74
CA GLN A 85 -5.52 6.92 -24.02
C GLN A 85 -5.25 8.39 -24.42
N GLN A 86 -4.44 9.15 -23.66
CA GLN A 86 -4.15 10.54 -23.93
C GLN A 86 -2.72 10.82 -23.47
N TRP A 87 -1.76 10.19 -24.13
CA TRP A 87 -0.37 10.43 -23.82
C TRP A 87 -0.18 11.91 -24.12
N SER A 88 0.41 12.70 -23.21
CA SER A 88 0.57 14.13 -23.43
C SER A 88 1.23 14.39 -24.79
N HIS A 89 0.85 15.52 -25.39
CA HIS A 89 1.27 15.98 -26.72
C HIS A 89 2.78 16.20 -26.87
N GLN A 90 3.51 16.49 -25.79
CA GLN A 90 4.96 16.70 -25.82
C GLN A 90 5.48 16.69 -24.38
N GLN A 91 5.13 15.65 -23.62
CA GLN A 91 5.54 15.49 -22.23
C GLN A 91 5.67 14.00 -21.90
N ARG A 92 6.30 13.69 -20.77
CA ARG A 92 6.53 12.34 -20.26
C ARG A 92 5.85 12.16 -18.90
N VAL A 93 5.95 10.97 -18.29
CA VAL A 93 5.38 10.67 -16.99
C VAL A 93 6.54 10.53 -16.00
N GLY A 94 6.35 11.00 -14.78
CA GLY A 94 7.35 10.96 -13.72
C GLY A 94 6.84 11.68 -12.47
N ASP A 95 6.12 12.80 -12.64
CA ASP A 95 5.59 13.57 -11.52
C ASP A 95 4.58 12.74 -10.71
N LEU A 96 3.83 11.84 -11.38
CA LEU A 96 2.87 10.98 -10.70
C LEU A 96 3.64 10.07 -9.74
N PHE A 97 4.78 9.53 -10.20
CA PHE A 97 5.62 8.66 -9.38
C PHE A 97 6.26 9.50 -8.26
N GLN A 98 6.75 10.71 -8.58
CA GLN A 98 7.36 11.61 -7.61
C GLN A 98 6.40 11.87 -6.46
N LYS A 99 5.09 12.09 -6.72
CA LYS A 99 4.11 12.32 -5.67
C LYS A 99 4.08 11.18 -4.66
N LEU A 100 4.17 9.93 -5.11
CA LEU A 100 4.16 8.78 -4.21
C LEU A 100 5.40 8.82 -3.33
N ALA A 101 6.56 9.19 -3.88
CA ALA A 101 7.81 9.26 -3.13
C ALA A 101 7.84 10.46 -2.17
N SER A 102 7.21 11.55 -2.56
CA SER A 102 7.09 12.79 -1.80
C SER A 102 6.50 12.49 -0.43
N GLN A 103 5.31 11.88 -0.39
CA GLN A 103 4.61 11.55 0.84
C GLN A 103 5.06 10.24 1.51
N LEU A 104 6.23 9.65 1.14
CA LEU A 104 6.69 8.39 1.73
C LEU A 104 6.87 8.46 3.25
N GLY A 105 7.11 9.63 3.85
CA GLY A 105 7.30 9.75 5.30
C GLY A 105 6.12 9.17 6.10
N VAL A 106 4.89 9.29 5.59
CA VAL A 106 3.73 8.77 6.29
C VAL A 106 3.80 7.23 6.44
N TYR A 107 4.39 6.56 5.45
CA TYR A 107 4.56 5.11 5.42
C TYR A 107 5.47 4.70 6.58
N ARG A 108 6.45 5.54 6.94
CA ARG A 108 7.36 5.30 8.05
C ARG A 108 6.60 5.48 9.36
N ALA A 109 5.79 6.54 9.50
CA ALA A 109 5.02 6.81 10.72
C ALA A 109 4.14 5.62 11.12
N PHE A 110 3.60 4.91 10.13
CA PHE A 110 2.77 3.72 10.37
C PHE A 110 3.67 2.59 10.89
N VAL A 111 4.81 2.33 10.23
CA VAL A 111 5.77 1.30 10.64
C VAL A 111 6.29 1.59 12.05
N ASP A 112 6.46 2.87 12.41
CA ASP A 112 6.95 3.33 13.70
C ASP A 112 6.03 2.94 14.86
N ASN A 113 4.81 2.46 14.58
CA ASN A 113 3.82 2.02 15.56
C ASN A 113 3.16 0.70 15.16
N TYR A 114 3.80 -0.07 14.27
CA TYR A 114 3.28 -1.36 13.81
C TYR A 114 2.97 -2.30 14.97
N GLY A 115 3.91 -2.44 15.91
CA GLY A 115 3.75 -3.30 17.07
C GLY A 115 2.59 -2.82 17.94
N VAL A 116 2.58 -1.52 18.27
CA VAL A 116 1.57 -0.88 19.10
C VAL A 116 0.16 -1.13 18.52
N ALA A 117 -0.01 -1.04 17.20
CA ALA A 117 -1.28 -1.26 16.53
C ALA A 117 -1.73 -2.72 16.70
N MET A 118 -0.84 -3.69 16.47
CA MET A 118 -1.20 -5.09 16.61
C MET A 118 -1.52 -5.41 18.08
N GLU A 119 -0.76 -4.83 19.02
CA GLU A 119 -0.92 -5.04 20.47
C GLU A 119 -2.33 -4.65 20.90
N MET A 120 -2.91 -3.57 20.34
CA MET A 120 -4.26 -3.18 20.70
C MET A 120 -5.24 -4.10 19.97
N ALA A 121 -5.06 -4.27 18.65
CA ALA A 121 -5.94 -5.07 17.81
C ALA A 121 -6.17 -6.48 18.34
N GLU A 122 -5.10 -7.18 18.75
CA GLU A 122 -5.23 -8.53 19.28
C GLU A 122 -6.16 -8.59 20.49
N LYS A 123 -6.07 -7.59 21.36
CA LYS A 123 -6.85 -7.47 22.59
C LYS A 123 -8.28 -7.09 22.22
N CYS A 124 -8.45 -6.15 21.28
CA CYS A 124 -9.73 -5.66 20.82
C CYS A 124 -10.60 -6.82 20.33
N CYS A 125 -10.04 -7.81 19.62
CA CYS A 125 -10.82 -8.94 19.13
C CYS A 125 -11.45 -9.71 20.29
N GLN A 126 -10.66 -10.13 21.29
CA GLN A 126 -11.24 -10.88 22.40
C GLN A 126 -12.20 -10.00 23.21
N ALA A 127 -11.87 -8.72 23.38
CA ALA A 127 -12.65 -7.75 24.14
C ALA A 127 -13.96 -7.30 23.49
N ASN A 128 -14.16 -7.45 22.18
CA ASN A 128 -15.39 -7.00 21.53
C ASN A 128 -15.76 -7.86 20.32
N ALA A 129 -16.98 -8.41 20.33
CA ALA A 129 -17.56 -9.26 19.30
C ALA A 129 -17.53 -8.63 17.91
N GLN A 130 -17.89 -7.34 17.77
CA GLN A 130 -17.87 -6.70 16.46
C GLN A 130 -16.45 -6.59 15.93
N PHE A 131 -15.42 -6.51 16.77
CA PHE A 131 -14.05 -6.47 16.28
C PHE A 131 -13.62 -7.90 15.94
N ALA A 132 -14.08 -8.89 16.72
CA ALA A 132 -13.78 -10.29 16.52
C ALA A 132 -14.32 -10.80 15.19
N GLU A 133 -15.56 -10.46 14.86
CA GLU A 133 -16.21 -10.90 13.63
C GLU A 133 -15.49 -10.43 12.37
N ILE A 134 -15.14 -9.14 12.29
CA ILE A 134 -14.43 -8.62 11.13
C ILE A 134 -13.03 -9.25 11.09
N SER A 135 -12.41 -9.48 12.24
CA SER A 135 -11.10 -10.09 12.32
C SER A 135 -11.14 -11.57 11.95
N GLU A 136 -12.30 -12.22 11.99
CA GLU A 136 -12.46 -13.62 11.62
C GLU A 136 -12.76 -13.65 10.12
N ASN A 137 -13.72 -12.83 9.67
CA ASN A 137 -14.17 -12.69 8.28
C ASN A 137 -13.15 -11.99 7.39
N LEU A 138 -11.91 -11.84 7.86
CA LEU A 138 -10.76 -11.23 7.23
C LEU A 138 -10.74 -11.59 5.74
N ARG A 139 -11.04 -10.62 4.87
CA ARG A 139 -11.08 -10.83 3.43
C ARG A 139 -9.68 -11.14 2.95
N ALA A 140 -9.39 -12.39 2.57
CA ALA A 140 -8.08 -12.81 2.11
C ALA A 140 -8.17 -14.08 1.27
N ARG A 141 -7.03 -14.51 0.73
CA ARG A 141 -6.90 -15.74 -0.06
C ARG A 141 -6.84 -16.90 0.91
N SER A 142 -6.67 -18.09 0.36
CA SER A 142 -6.55 -19.34 1.09
C SER A 142 -5.38 -19.23 2.07
N ASN A 143 -5.50 -19.95 3.18
CA ASN A 143 -4.49 -20.00 4.24
C ASN A 143 -4.14 -21.45 4.49
N LYS A 144 -3.09 -21.69 5.27
CA LYS A 144 -2.63 -23.02 5.64
C LYS A 144 -2.67 -23.05 7.17
N ASP A 145 -3.87 -22.81 7.72
CA ASP A 145 -4.12 -22.77 9.16
C ASP A 145 -5.30 -23.67 9.60
N ALA A 146 -5.98 -24.37 8.67
CA ALA A 146 -7.12 -25.26 8.91
C ALA A 146 -6.75 -26.73 9.16
N LYS A 147 -5.46 -27.07 9.07
CA LYS A 147 -4.91 -28.41 9.25
C LYS A 147 -3.55 -28.38 9.95
N ASP A 148 -2.93 -27.21 10.02
CA ASP A 148 -1.62 -26.97 10.59
C ASP A 148 -1.66 -26.75 12.09
N PRO A 149 -0.50 -26.86 12.79
CA PRO A 149 -0.43 -26.67 14.24
C PRO A 149 -0.53 -25.19 14.63
N THR A 150 -0.61 -24.27 13.67
CA THR A 150 -0.72 -22.83 13.84
C THR A 150 -2.13 -22.47 14.32
N THR A 151 -2.49 -21.19 14.29
CA THR A 151 -3.77 -20.67 14.69
C THR A 151 -4.16 -19.66 13.61
N LYS A 152 -5.35 -19.08 13.75
CA LYS A 152 -5.90 -18.08 12.84
C LYS A 152 -4.94 -16.91 12.67
N ASN A 153 -5.21 -16.09 11.66
CA ASN A 153 -4.36 -14.95 11.34
C ASN A 153 -4.81 -13.75 12.16
N SER A 154 -3.85 -12.94 12.60
CA SER A 154 -4.09 -11.76 13.43
C SER A 154 -4.02 -10.49 12.57
N LEU A 155 -4.28 -9.32 13.18
CA LEU A 155 -4.29 -8.03 12.47
C LEU A 155 -2.96 -7.77 11.75
N GLU A 156 -1.85 -8.22 12.35
CA GLU A 156 -0.51 -8.06 11.78
C GLU A 156 -0.49 -8.57 10.33
N THR A 157 -1.04 -9.77 10.09
CA THR A 157 -1.08 -10.36 8.77
C THR A 157 -1.89 -9.53 7.78
N LEU A 158 -3.03 -8.96 8.21
CA LEU A 158 -3.86 -8.18 7.28
C LEU A 158 -3.14 -6.89 6.89
N LEU A 159 -2.39 -6.28 7.80
CA LEU A 159 -1.65 -5.07 7.50
C LEU A 159 -0.42 -5.42 6.67
N TYR A 160 0.15 -6.63 6.84
CA TYR A 160 1.33 -7.03 6.09
C TYR A 160 1.03 -7.34 4.62
N LYS A 161 -0.23 -7.66 4.27
CA LYS A 161 -0.61 -7.95 2.89
C LYS A 161 -0.31 -6.76 1.97
N PRO A 162 -0.86 -5.54 2.20
CA PRO A 162 -0.56 -4.40 1.35
C PRO A 162 0.93 -4.04 1.40
N VAL A 163 1.55 -4.08 2.57
CA VAL A 163 2.95 -3.74 2.78
C VAL A 163 3.87 -4.55 1.85
N ASP A 164 3.65 -5.86 1.73
CA ASP A 164 4.45 -6.73 0.86
C ASP A 164 4.40 -6.21 -0.58
N ARG A 165 3.19 -5.91 -1.07
CA ARG A 165 3.02 -5.42 -2.43
C ARG A 165 3.69 -4.06 -2.58
N VAL A 166 3.58 -3.17 -1.59
CA VAL A 166 4.21 -1.87 -1.65
C VAL A 166 5.73 -2.07 -1.73
N THR A 167 6.31 -3.10 -1.09
CA THR A 167 7.76 -3.28 -1.21
C THR A 167 8.11 -3.68 -2.66
N ARG A 168 7.26 -4.46 -3.33
CA ARG A 168 7.43 -4.91 -4.71
C ARG A 168 7.13 -3.80 -5.72
N SER A 169 6.37 -2.77 -5.37
CA SER A 169 6.07 -1.72 -6.33
C SER A 169 7.34 -0.92 -6.69
N THR A 170 8.42 -0.99 -5.91
CA THR A 170 9.64 -0.27 -6.25
C THR A 170 10.25 -0.91 -7.52
N LEU A 171 10.02 -2.22 -7.75
CA LEU A 171 10.56 -2.92 -8.90
C LEU A 171 10.03 -2.31 -10.20
N VAL A 172 8.80 -1.79 -10.21
CA VAL A 172 8.25 -1.21 -11.43
C VAL A 172 9.07 0.03 -11.80
N LEU A 173 9.56 0.80 -10.82
CA LEU A 173 10.37 1.98 -11.13
C LEU A 173 11.68 1.53 -11.75
N HIS A 174 12.25 0.43 -11.26
CA HIS A 174 13.50 -0.12 -11.75
C HIS A 174 13.36 -0.68 -13.17
N ASP A 175 12.19 -1.25 -13.48
CA ASP A 175 11.86 -1.82 -14.77
C ASP A 175 11.69 -0.68 -15.77
N LEU A 176 10.88 0.32 -15.41
CA LEU A 176 10.61 1.49 -16.24
C LEU A 176 11.91 2.20 -16.60
N LEU A 177 12.80 2.37 -15.62
CA LEU A 177 14.10 3.00 -15.79
C LEU A 177 14.91 2.28 -16.86
N LYS A 178 14.97 0.95 -16.79
CA LYS A 178 15.72 0.12 -17.73
C LYS A 178 15.35 0.40 -19.18
N HIS A 179 14.05 0.56 -19.46
CA HIS A 179 13.54 0.82 -20.81
C HIS A 179 13.73 2.28 -21.24
N THR A 180 13.80 3.22 -20.29
CA THR A 180 13.96 4.64 -20.56
C THR A 180 15.42 4.96 -20.94
N PRO A 181 15.65 5.79 -21.99
CA PRO A 181 16.99 6.16 -22.43
C PRO A 181 17.68 7.02 -21.38
N ALA A 182 18.94 6.70 -21.07
CA ALA A 182 19.77 7.39 -20.08
C ALA A 182 20.05 8.83 -20.44
N SER A 183 20.10 9.11 -21.73
CA SER A 183 20.35 10.40 -22.34
C SER A 183 19.24 11.41 -22.02
N HIS A 184 18.03 10.96 -21.67
CA HIS A 184 16.91 11.83 -21.34
C HIS A 184 16.90 12.05 -19.81
N PRO A 185 16.54 13.24 -19.31
CA PRO A 185 16.50 13.53 -17.87
C PRO A 185 15.47 12.67 -17.11
N ASP A 186 14.62 11.97 -17.85
CA ASP A 186 13.58 11.07 -17.38
C ASP A 186 14.23 9.87 -16.66
N HIS A 187 15.45 9.49 -17.08
CA HIS A 187 16.19 8.37 -16.50
C HIS A 187 16.60 8.67 -15.06
N PRO A 188 17.41 9.72 -14.76
CA PRO A 188 17.79 10.00 -13.38
C PRO A 188 16.57 10.27 -12.48
N LEU A 189 15.45 10.78 -13.01
CA LEU A 189 14.25 11.04 -12.21
C LEU A 189 13.72 9.71 -11.67
N LEU A 190 13.55 8.72 -12.55
CA LEU A 190 13.05 7.40 -12.17
C LEU A 190 14.04 6.74 -11.21
N GLN A 191 15.33 7.00 -11.38
CA GLN A 191 16.40 6.47 -10.55
C GLN A 191 16.28 7.06 -9.15
N ASP A 192 16.09 8.38 -9.04
CA ASP A 192 15.99 9.10 -7.78
C ASP A 192 14.82 8.60 -6.93
N ALA A 193 13.62 8.51 -7.51
CA ALA A 193 12.44 8.03 -6.79
C ALA A 193 12.69 6.59 -6.32
N LEU A 194 13.40 5.78 -7.13
CA LEU A 194 13.71 4.41 -6.79
C LEU A 194 14.70 4.35 -5.61
N ARG A 195 15.63 5.30 -5.53
CA ARG A 195 16.62 5.32 -4.45
C ARG A 195 15.96 5.43 -3.10
N ILE A 196 15.09 6.43 -2.93
CA ILE A 196 14.40 6.62 -1.66
C ILE A 196 13.40 5.50 -1.39
N SER A 197 12.57 5.09 -2.36
CA SER A 197 11.60 4.02 -2.14
C SER A 197 12.27 2.70 -1.71
N GLN A 198 13.43 2.33 -2.28
CA GLN A 198 14.14 1.11 -1.91
C GLN A 198 14.81 1.27 -0.57
N ASN A 199 15.51 2.39 -0.34
CA ASN A 199 16.16 2.58 0.94
C ASN A 199 15.18 2.57 2.10
N PHE A 200 13.97 3.10 1.92
CA PHE A 200 12.95 3.12 2.96
C PHE A 200 12.66 1.69 3.45
N LEU A 201 12.31 0.77 2.54
CA LEU A 201 12.00 -0.61 2.93
C LEU A 201 13.25 -1.34 3.39
N SER A 202 14.38 -1.18 2.70
CA SER A 202 15.63 -1.83 3.08
C SER A 202 16.04 -1.44 4.51
N SER A 203 15.77 -0.20 4.94
CA SER A 203 16.12 0.25 6.29
C SER A 203 15.25 -0.42 7.38
N ILE A 204 14.19 -1.12 7.00
CA ILE A 204 13.28 -1.84 7.89
C ILE A 204 13.21 -3.32 7.47
N ASN A 205 14.18 -3.81 6.66
CA ASN A 205 14.22 -5.19 6.19
C ASN A 205 14.07 -6.21 7.31
N GLU A 206 14.81 -6.02 8.40
CA GLU A 206 14.73 -6.93 9.54
C GLU A 206 13.46 -6.68 10.38
N GLU A 207 12.83 -5.51 10.26
CA GLU A 207 11.61 -5.19 10.99
C GLU A 207 10.48 -6.00 10.32
N ILE A 208 10.33 -5.85 8.99
CA ILE A 208 9.32 -6.54 8.20
C ILE A 208 9.89 -7.87 7.67
N THR A 209 9.92 -8.84 8.58
CA THR A 209 10.37 -10.24 8.46
C THR A 209 11.86 -10.31 8.84
N PRO A 210 12.19 -10.50 10.14
CA PRO A 210 13.58 -10.58 10.60
C PRO A 210 14.32 -11.79 10.03
N ARG A 211 13.66 -12.92 9.81
CA ARG A 211 14.24 -14.15 9.25
C ARG A 211 13.15 -14.83 8.43
N ARG A 212 13.55 -15.69 7.49
CA ARG A 212 12.65 -16.41 6.59
C ARG A 212 11.68 -17.34 7.31
N GLN A 213 12.03 -17.93 8.45
CA GLN A 213 11.16 -18.82 9.20
C GLN A 213 11.09 -18.36 10.65
N SER A 214 10.15 -17.48 10.96
CA SER A 214 9.92 -16.94 12.28
C SER A 214 8.44 -17.05 12.60
N MET A 215 8.11 -17.95 13.53
CA MET A 215 6.78 -18.21 14.02
C MET A 215 6.92 -18.38 15.53
N THR A 216 5.83 -18.21 16.27
CA THR A 216 5.87 -18.32 17.72
C THR A 216 6.18 -19.75 18.16
N VAL A 217 6.74 -19.89 19.35
CA VAL A 217 7.10 -21.15 19.98
C VAL A 217 6.28 -21.25 21.26
N LYS A 218 6.19 -22.46 21.82
CA LYS A 218 5.46 -22.71 23.04
C LYS A 218 6.29 -22.29 24.25
N ALA A 1 4.71 16.33 -37.11
CA ALA A 1 5.02 16.42 -35.67
C ALA A 1 5.18 14.98 -35.23
N MET A 2 4.35 14.48 -34.30
CA MET A 2 4.41 13.08 -33.89
C MET A 2 4.00 12.24 -35.11
N ALA A 3 4.38 10.96 -35.14
CA ALA A 3 4.00 10.07 -36.23
C ALA A 3 2.56 9.63 -35.98
N SER A 4 1.98 8.85 -36.88
CA SER A 4 0.62 8.38 -36.71
C SER A 4 0.53 7.50 -35.46
N GLU A 5 -0.69 7.37 -34.96
CA GLU A 5 -0.98 6.61 -33.76
C GLU A 5 -0.72 5.11 -33.93
N LEU A 6 -0.78 4.59 -35.16
CA LEU A 6 -0.55 3.17 -35.44
C LEU A 6 0.93 2.84 -35.26
N ASP A 7 1.82 3.76 -35.65
CA ASP A 7 3.26 3.60 -35.54
C ASP A 7 3.62 3.55 -34.07
N LEU A 8 3.11 4.54 -33.32
CA LEU A 8 3.38 4.64 -31.90
C LEU A 8 2.73 3.51 -31.11
N GLU A 9 1.61 2.93 -31.54
CA GLU A 9 0.94 1.86 -30.83
C GLU A 9 1.90 0.71 -30.54
N LYS A 10 2.82 0.36 -31.45
CA LYS A 10 3.78 -0.71 -31.19
C LYS A 10 4.61 -0.44 -29.93
N GLY A 11 5.03 0.81 -29.69
CA GLY A 11 5.81 1.21 -28.53
C GLY A 11 4.93 1.53 -27.32
N LEU A 12 3.68 1.96 -27.54
CA LEU A 12 2.75 2.29 -26.48
C LEU A 12 2.18 1.04 -25.84
N GLU A 13 1.92 -0.04 -26.60
CA GLU A 13 1.39 -1.29 -26.06
C GLU A 13 2.31 -1.80 -24.94
N MET A 14 3.62 -1.81 -25.19
CA MET A 14 4.61 -2.27 -24.22
C MET A 14 4.52 -1.45 -22.93
N ARG A 15 4.20 -0.16 -23.01
CA ARG A 15 4.06 0.70 -21.83
C ARG A 15 2.74 0.36 -21.17
N LYS A 16 1.66 0.34 -21.95
CA LYS A 16 0.31 0.05 -21.51
C LYS A 16 0.33 -1.24 -20.70
N TRP A 17 0.90 -2.33 -21.20
CA TRP A 17 0.96 -3.60 -20.48
C TRP A 17 1.57 -3.39 -19.09
N VAL A 18 2.69 -2.67 -18.98
CA VAL A 18 3.36 -2.44 -17.70
C VAL A 18 2.42 -1.68 -16.76
N LEU A 19 1.87 -0.54 -17.20
CA LEU A 19 0.98 0.28 -16.39
C LEU A 19 -0.31 -0.46 -16.06
N SER A 20 -0.81 -1.31 -16.95
CA SER A 20 -2.02 -2.07 -16.76
C SER A 20 -1.92 -2.93 -15.51
N GLY A 21 -0.73 -3.39 -15.14
CA GLY A 21 -0.54 -4.20 -13.96
C GLY A 21 -0.80 -3.38 -12.70
N ILE A 22 -0.54 -2.06 -12.76
CA ILE A 22 -0.74 -1.17 -11.64
C ILE A 22 -2.24 -0.91 -11.48
N LEU A 23 -2.95 -0.44 -12.52
CA LEU A 23 -4.39 -0.17 -12.48
C LEU A 23 -5.14 -1.42 -12.08
N ALA A 24 -4.80 -2.59 -12.63
CA ALA A 24 -5.47 -3.84 -12.32
C ALA A 24 -5.34 -4.22 -10.84
N SER A 25 -4.21 -3.90 -10.22
CA SER A 25 -3.97 -4.18 -8.82
C SER A 25 -4.64 -3.11 -7.95
N GLU A 26 -4.41 -1.83 -8.25
CA GLU A 26 -4.98 -0.72 -7.49
C GLU A 26 -6.50 -0.75 -7.56
N GLU A 27 -7.08 -1.11 -8.72
CA GLU A 27 -8.51 -1.18 -8.97
C GLU A 27 -9.20 -2.01 -7.87
N THR A 28 -8.74 -3.25 -7.71
CA THR A 28 -9.25 -4.22 -6.75
C THR A 28 -8.75 -3.88 -5.33
N TYR A 29 -7.56 -3.29 -5.19
CA TYR A 29 -7.00 -2.93 -3.90
C TYR A 29 -7.82 -1.83 -3.22
N LEU A 30 -8.11 -0.73 -3.91
CA LEU A 30 -8.89 0.38 -3.35
C LEU A 30 -10.25 -0.13 -2.91
N SER A 31 -10.86 -1.03 -3.68
CA SER A 31 -12.15 -1.63 -3.38
C SER A 31 -12.06 -2.40 -2.07
N HIS A 32 -11.02 -3.21 -1.88
CA HIS A 32 -10.84 -3.98 -0.66
C HIS A 32 -10.50 -3.06 0.51
N LEU A 33 -9.80 -1.96 0.28
CA LEU A 33 -9.41 -0.98 1.29
C LEU A 33 -10.65 -0.20 1.76
N GLU A 34 -11.58 0.15 0.86
CA GLU A 34 -12.79 0.88 1.24
C GLU A 34 -13.63 0.03 2.20
N ALA A 35 -13.52 -1.31 2.15
CA ALA A 35 -14.24 -2.20 3.05
C ALA A 35 -13.79 -2.00 4.51
N LEU A 36 -12.60 -1.43 4.69
CA LEU A 36 -11.99 -1.13 5.97
C LEU A 36 -12.47 0.27 6.36
N LEU A 37 -12.52 1.21 5.41
CA LEU A 37 -12.98 2.57 5.69
C LEU A 37 -14.46 2.64 6.03
N LEU A 38 -15.26 1.66 5.62
CA LEU A 38 -16.70 1.64 5.91
C LEU A 38 -16.92 1.71 7.43
N PRO A 39 -16.44 0.76 8.26
CA PRO A 39 -16.64 0.82 9.71
C PRO A 39 -15.96 2.03 10.36
N MET A 40 -15.06 2.76 9.68
CA MET A 40 -14.44 3.94 10.28
C MET A 40 -15.52 5.01 10.53
N LYS A 41 -16.56 5.06 9.68
CA LYS A 41 -17.68 6.00 9.77
C LYS A 41 -18.40 5.87 11.12
N PRO A 42 -19.00 4.71 11.47
CA PRO A 42 -19.68 4.54 12.75
C PRO A 42 -18.68 4.65 13.90
N LEU A 43 -17.43 4.21 13.72
CA LEU A 43 -16.42 4.28 14.76
C LEU A 43 -16.16 5.75 15.14
N LYS A 44 -15.97 6.67 14.18
CA LYS A 44 -15.76 8.07 14.53
C LYS A 44 -17.02 8.62 15.22
N ALA A 45 -18.22 8.16 14.83
CA ALA A 45 -19.45 8.62 15.47
C ALA A 45 -19.44 8.17 16.93
N ALA A 46 -18.95 6.96 17.20
CA ALA A 46 -18.85 6.37 18.54
C ALA A 46 -17.89 7.21 19.38
N ALA A 47 -16.80 7.71 18.79
CA ALA A 47 -15.84 8.54 19.51
C ALA A 47 -16.45 9.82 20.10
N THR A 48 -17.71 10.14 19.75
CA THR A 48 -18.43 11.30 20.22
C THR A 48 -19.62 10.93 21.13
N THR A 49 -19.68 9.70 21.67
CA THR A 49 -20.74 9.25 22.58
C THR A 49 -20.14 9.19 23.99
N SER A 50 -21.00 9.15 25.01
CA SER A 50 -20.63 9.10 26.42
C SER A 50 -19.62 7.98 26.70
N GLN A 51 -19.99 6.72 26.47
CA GLN A 51 -19.13 5.56 26.67
C GLN A 51 -19.31 4.61 25.48
N PRO A 52 -18.48 4.72 24.43
CA PRO A 52 -18.54 3.87 23.24
C PRO A 52 -17.93 2.49 23.49
N VAL A 53 -18.09 1.58 22.52
CA VAL A 53 -17.58 0.20 22.59
C VAL A 53 -16.04 0.14 22.62
N LEU A 54 -15.36 0.93 21.80
CA LEU A 54 -13.90 1.00 21.71
C LEU A 54 -13.51 2.45 22.00
N THR A 55 -12.23 2.82 21.95
CA THR A 55 -11.82 4.20 22.23
C THR A 55 -11.27 4.83 20.96
N SER A 56 -11.34 6.17 20.89
CA SER A 56 -10.84 6.94 19.76
C SER A 56 -9.35 6.66 19.53
N GLN A 57 -8.61 6.29 20.58
CA GLN A 57 -7.21 5.98 20.45
C GLN A 57 -7.01 4.71 19.62
N GLN A 58 -7.90 3.72 19.74
CA GLN A 58 -7.80 2.50 18.95
C GLN A 58 -8.07 2.89 17.50
N ILE A 59 -9.09 3.73 17.27
CA ILE A 59 -9.46 4.19 15.94
C ILE A 59 -8.26 4.91 15.30
N GLU A 60 -7.68 5.93 15.93
CA GLU A 60 -6.56 6.68 15.36
C GLU A 60 -5.28 5.87 15.18
N THR A 61 -5.10 4.74 15.88
CA THR A 61 -3.90 3.91 15.73
C THR A 61 -4.14 2.89 14.61
N ILE A 62 -5.30 2.22 14.60
CA ILE A 62 -5.64 1.24 13.58
C ILE A 62 -5.77 1.98 12.24
N PHE A 63 -6.58 3.03 12.18
CA PHE A 63 -6.79 3.81 10.98
C PHE A 63 -5.76 4.94 10.83
N PHE A 64 -4.58 4.82 11.46
CA PHE A 64 -3.52 5.80 11.40
C PHE A 64 -3.33 6.38 10.01
N LYS A 65 -3.22 5.54 8.97
CA LYS A 65 -3.07 6.00 7.60
C LYS A 65 -3.99 5.28 6.62
N VAL A 66 -4.90 4.41 7.07
CA VAL A 66 -5.85 3.70 6.21
C VAL A 66 -6.55 4.68 5.22
N PRO A 67 -7.20 5.79 5.64
CA PRO A 67 -7.87 6.70 4.70
C PRO A 67 -6.89 7.51 3.85
N GLU A 68 -5.68 7.73 4.36
CA GLU A 68 -4.64 8.48 3.68
C GLU A 68 -4.14 7.66 2.49
N LEU A 69 -3.78 6.40 2.78
CA LEU A 69 -3.28 5.42 1.83
C LEU A 69 -4.32 5.10 0.77
N TYR A 70 -5.61 5.12 1.14
CA TYR A 70 -6.69 4.85 0.22
C TYR A 70 -6.60 5.85 -0.92
N GLU A 71 -6.54 7.13 -0.60
CA GLU A 71 -6.45 8.17 -1.62
C GLU A 71 -5.10 8.18 -2.32
N ILE A 72 -4.01 7.85 -1.63
CA ILE A 72 -2.68 7.85 -2.26
C ILE A 72 -2.71 6.97 -3.50
N HIS A 73 -3.18 5.72 -3.37
CA HIS A 73 -3.23 4.78 -4.48
C HIS A 73 -4.28 5.15 -5.50
N LYS A 74 -5.52 5.43 -5.07
CA LYS A 74 -6.62 5.76 -5.94
C LYS A 74 -6.41 7.04 -6.72
N GLU A 75 -5.79 8.08 -6.17
CA GLU A 75 -5.62 9.30 -6.96
C GLU A 75 -4.59 9.04 -8.05
N PHE A 76 -3.55 8.26 -7.71
CA PHE A 76 -2.50 7.89 -8.62
C PHE A 76 -3.09 7.00 -9.71
N TYR A 77 -3.94 6.04 -9.36
CA TYR A 77 -4.58 5.09 -10.26
C TYR A 77 -5.64 5.77 -11.13
N ASP A 78 -6.60 6.45 -10.53
CA ASP A 78 -7.72 7.11 -11.17
C ASP A 78 -7.28 8.11 -12.25
N GLY A 79 -6.20 8.88 -12.03
CA GLY A 79 -5.74 9.84 -13.04
C GLY A 79 -4.84 9.16 -14.06
N LEU A 80 -4.27 8.01 -13.74
CA LEU A 80 -3.42 7.25 -14.65
C LEU A 80 -4.30 6.60 -15.71
N PHE A 81 -5.54 6.20 -15.38
CA PHE A 81 -6.48 5.59 -16.30
C PHE A 81 -6.63 6.41 -17.59
N PRO A 82 -7.09 7.68 -17.57
CA PRO A 82 -7.23 8.46 -18.80
C PRO A 82 -5.86 8.65 -19.49
N ARG A 83 -4.75 8.63 -18.72
CA ARG A 83 -3.41 8.78 -19.26
C ARG A 83 -3.06 7.56 -20.12
N VAL A 84 -3.39 6.34 -19.71
CA VAL A 84 -3.10 5.13 -20.50
C VAL A 84 -3.88 5.21 -21.82
N GLN A 85 -5.13 5.66 -21.77
CA GLN A 85 -5.99 5.78 -22.94
C GLN A 85 -5.45 6.85 -23.89
N GLN A 86 -5.04 7.99 -23.35
CA GLN A 86 -4.54 9.12 -24.10
C GLN A 86 -3.30 9.66 -23.42
N TRP A 87 -2.15 9.09 -23.78
CA TRP A 87 -0.87 9.52 -23.21
C TRP A 87 -0.66 11.01 -23.54
N SER A 88 0.21 11.68 -22.80
CA SER A 88 0.50 13.10 -22.98
C SER A 88 0.96 13.40 -24.42
N HIS A 89 0.80 14.65 -24.88
CA HIS A 89 1.18 15.05 -26.24
C HIS A 89 2.67 14.92 -26.58
N GLN A 90 3.59 15.24 -25.66
CA GLN A 90 5.02 15.13 -25.98
C GLN A 90 5.94 14.87 -24.78
N GLN A 91 5.43 14.99 -23.55
CA GLN A 91 6.18 14.78 -22.32
C GLN A 91 6.10 13.32 -21.87
N ARG A 92 7.12 12.87 -21.13
CA ARG A 92 7.19 11.52 -20.57
C ARG A 92 6.48 11.56 -19.22
N VAL A 93 6.44 10.43 -18.52
CA VAL A 93 5.79 10.27 -17.24
C VAL A 93 6.81 10.09 -16.12
N GLY A 94 6.43 10.51 -14.91
CA GLY A 94 7.23 10.44 -13.70
C GLY A 94 6.59 11.28 -12.59
N ASP A 95 5.96 12.40 -12.93
CA ASP A 95 5.31 13.33 -12.02
C ASP A 95 4.30 12.64 -11.09
N LEU A 96 3.58 11.62 -11.56
CA LEU A 96 2.62 10.90 -10.70
C LEU A 96 3.37 10.08 -9.66
N PHE A 97 4.40 9.32 -10.08
CA PHE A 97 5.22 8.49 -9.21
C PHE A 97 6.00 9.34 -8.21
N GLN A 98 6.40 10.55 -8.61
CA GLN A 98 7.16 11.48 -7.78
C GLN A 98 6.38 11.74 -6.48
N LYS A 99 5.05 11.85 -6.55
CA LYS A 99 4.19 12.09 -5.38
C LYS A 99 4.40 11.01 -4.32
N LEU A 100 4.35 9.74 -4.75
CA LEU A 100 4.51 8.57 -3.90
C LEU A 100 5.82 8.64 -3.11
N ALA A 101 6.93 8.94 -3.78
CA ALA A 101 8.23 9.02 -3.12
C ALA A 101 8.27 10.18 -2.11
N SER A 102 7.70 11.35 -2.45
CA SER A 102 7.68 12.49 -1.54
C SER A 102 6.90 12.15 -0.27
N GLN A 103 5.80 11.40 -0.38
CA GLN A 103 4.98 11.03 0.76
C GLN A 103 5.47 9.78 1.50
N LEU A 104 6.65 9.22 1.17
CA LEU A 104 7.15 8.05 1.89
C LEU A 104 7.38 8.40 3.38
N GLY A 105 7.54 9.69 3.71
CA GLY A 105 7.72 10.12 5.08
C GLY A 105 6.52 9.75 5.94
N VAL A 106 5.35 9.60 5.32
CA VAL A 106 4.12 9.21 5.99
C VAL A 106 4.23 7.71 6.37
N TYR A 107 4.75 6.87 5.44
CA TYR A 107 4.93 5.43 5.64
C TYR A 107 5.82 5.20 6.87
N ARG A 108 6.82 6.04 7.06
CA ARG A 108 7.74 5.98 8.19
C ARG A 108 6.94 6.12 9.49
N ALA A 109 6.03 7.09 9.58
CA ALA A 109 5.23 7.26 10.79
C ALA A 109 4.40 5.99 11.04
N PHE A 110 3.87 5.36 9.99
CA PHE A 110 3.07 4.15 10.11
C PHE A 110 3.96 3.00 10.59
N VAL A 111 5.13 2.76 9.98
CA VAL A 111 6.01 1.66 10.40
C VAL A 111 6.48 1.87 11.85
N ASP A 112 6.79 3.10 12.24
CA ASP A 112 7.24 3.50 13.57
C ASP A 112 6.23 3.14 14.67
N ASN A 113 4.96 2.92 14.29
CA ASN A 113 3.84 2.57 15.16
C ASN A 113 3.11 1.31 14.67
N TYR A 114 3.71 0.50 13.81
CA TYR A 114 3.07 -0.70 13.27
C TYR A 114 2.68 -1.64 14.40
N GLY A 115 3.62 -1.98 15.29
CA GLY A 115 3.37 -2.87 16.41
C GLY A 115 2.22 -2.34 17.28
N VAL A 116 2.14 -1.03 17.47
CA VAL A 116 1.09 -0.40 18.27
C VAL A 116 -0.26 -0.62 17.58
N ALA A 117 -0.33 -0.40 16.26
CA ALA A 117 -1.56 -0.57 15.50
C ALA A 117 -2.01 -2.02 15.52
N MET A 118 -1.05 -2.96 15.48
CA MET A 118 -1.31 -4.39 15.51
C MET A 118 -1.86 -4.76 16.89
N GLU A 119 -1.29 -4.23 17.99
CA GLU A 119 -1.77 -4.52 19.34
C GLU A 119 -3.22 -4.06 19.49
N MET A 120 -3.54 -2.83 19.07
CA MET A 120 -4.90 -2.33 19.22
C MET A 120 -5.85 -3.16 18.37
N ALA A 121 -5.44 -3.49 17.16
CA ALA A 121 -6.22 -4.29 16.23
C ALA A 121 -6.60 -5.65 16.80
N GLU A 122 -5.63 -6.40 17.35
CA GLU A 122 -5.93 -7.71 17.91
C GLU A 122 -6.83 -7.57 19.13
N LYS A 123 -6.60 -6.54 19.95
CA LYS A 123 -7.36 -6.29 21.16
C LYS A 123 -8.80 -5.99 20.81
N CYS A 124 -9.05 -5.31 19.69
CA CYS A 124 -10.41 -5.01 19.27
C CYS A 124 -11.15 -6.31 18.96
N CYS A 125 -10.54 -7.24 18.21
CA CYS A 125 -11.24 -8.50 17.90
C CYS A 125 -11.38 -9.39 19.14
N GLN A 126 -10.36 -9.47 19.99
CA GLN A 126 -10.40 -10.28 21.21
C GLN A 126 -11.41 -9.73 22.24
N ALA A 127 -11.90 -8.50 22.07
CA ALA A 127 -12.86 -7.85 22.98
C ALA A 127 -14.23 -7.55 22.34
N ASN A 128 -14.35 -7.63 21.01
CA ASN A 128 -15.60 -7.35 20.31
C ASN A 128 -15.86 -8.32 19.18
N ALA A 129 -16.96 -9.08 19.29
CA ALA A 129 -17.39 -10.05 18.29
C ALA A 129 -17.50 -9.41 16.92
N GLN A 130 -17.92 -8.14 16.83
CA GLN A 130 -18.04 -7.43 15.55
C GLN A 130 -16.70 -7.38 14.82
N PHE A 131 -15.59 -7.27 15.56
CA PHE A 131 -14.26 -7.24 14.97
C PHE A 131 -13.77 -8.66 14.67
N ALA A 132 -14.11 -9.64 15.53
CA ALA A 132 -13.70 -11.02 15.34
C ALA A 132 -14.35 -11.66 14.10
N GLU A 133 -15.66 -11.52 13.95
CA GLU A 133 -16.41 -12.10 12.84
C GLU A 133 -15.89 -11.63 11.48
N ILE A 134 -15.54 -10.34 11.35
CA ILE A 134 -15.03 -9.77 10.12
C ILE A 134 -13.57 -10.19 9.91
N SER A 135 -12.78 -10.29 10.99
CA SER A 135 -11.38 -10.67 10.92
C SER A 135 -11.20 -12.08 10.37
N GLU A 136 -12.04 -13.04 10.78
CA GLU A 136 -11.95 -14.41 10.28
C GLU A 136 -12.61 -14.50 8.90
N ASN A 137 -13.56 -13.60 8.60
CA ASN A 137 -14.28 -13.57 7.33
C ASN A 137 -13.36 -13.29 6.16
N LEU A 138 -12.49 -12.29 6.28
CA LEU A 138 -11.54 -11.94 5.23
C LEU A 138 -10.38 -12.94 5.31
N ARG A 139 -9.65 -13.12 4.21
CA ARG A 139 -8.51 -14.05 4.15
C ARG A 139 -7.40 -13.46 3.29
N ALA A 140 -6.39 -14.25 2.92
CA ALA A 140 -5.28 -13.81 2.09
C ALA A 140 -4.99 -14.83 0.99
N ARG A 141 -3.92 -14.58 0.22
CA ARG A 141 -3.44 -15.40 -0.90
C ARG A 141 -2.36 -16.34 -0.39
N SER A 142 -2.37 -17.59 -0.82
CA SER A 142 -1.37 -18.57 -0.43
C SER A 142 0.03 -18.14 -0.94
N ASN A 143 1.08 -18.84 -0.49
CA ASN A 143 2.53 -18.71 -0.78
C ASN A 143 3.36 -18.20 0.41
N LYS A 144 2.72 -17.77 1.51
CA LYS A 144 3.42 -17.29 2.72
C LYS A 144 2.88 -18.06 3.92
N ASP A 145 1.60 -17.89 4.22
CA ASP A 145 0.86 -18.51 5.31
C ASP A 145 1.03 -20.03 5.41
N ALA A 146 1.35 -20.73 4.32
CA ALA A 146 1.54 -22.18 4.34
C ALA A 146 3.02 -22.56 4.58
N LYS A 147 3.96 -21.67 4.26
CA LYS A 147 5.40 -21.88 4.42
C LYS A 147 5.81 -21.43 5.82
N ASP A 148 4.99 -20.62 6.49
CA ASP A 148 5.17 -20.08 7.83
C ASP A 148 4.29 -20.90 8.79
N PRO A 149 4.47 -20.79 10.12
CA PRO A 149 3.70 -21.54 11.11
C PRO A 149 2.46 -20.81 11.68
N THR A 150 2.16 -19.60 11.23
CA THR A 150 1.05 -18.77 11.70
C THR A 150 0.02 -18.59 10.59
N THR A 151 -0.80 -19.63 10.38
CA THR A 151 -1.86 -19.73 9.38
C THR A 151 -2.94 -18.66 9.57
N LYS A 152 -3.39 -18.53 10.82
CA LYS A 152 -4.42 -17.63 11.34
C LYS A 152 -4.37 -16.26 10.69
N ASN A 153 -5.38 -15.90 9.90
CA ASN A 153 -5.43 -14.60 9.23
C ASN A 153 -6.12 -13.64 10.22
N SER A 154 -5.52 -12.48 10.42
CA SER A 154 -5.94 -11.42 11.33
C SER A 154 -5.87 -10.06 10.62
N LEU A 155 -6.24 -8.97 11.30
CA LEU A 155 -6.20 -7.63 10.70
C LEU A 155 -4.81 -7.32 10.16
N GLU A 156 -3.75 -7.69 10.88
CA GLU A 156 -2.36 -7.46 10.47
C GLU A 156 -2.05 -8.03 9.08
N THR A 157 -2.71 -9.12 8.67
CA THR A 157 -2.51 -9.73 7.36
C THR A 157 -2.88 -8.71 6.27
N LEU A 158 -3.83 -7.80 6.54
CA LEU A 158 -4.26 -6.78 5.61
C LEU A 158 -3.13 -5.78 5.44
N LEU A 159 -2.53 -5.33 6.56
CA LEU A 159 -1.45 -4.35 6.57
C LEU A 159 -0.18 -4.90 5.92
N TYR A 160 0.16 -6.17 6.18
CA TYR A 160 1.37 -6.77 5.62
C TYR A 160 1.27 -7.08 4.11
N LYS A 161 0.07 -7.02 3.52
CA LYS A 161 -0.14 -7.26 2.09
C LYS A 161 0.53 -6.15 1.27
N PRO A 162 0.13 -4.86 1.40
CA PRO A 162 0.73 -3.79 0.64
C PRO A 162 2.22 -3.70 0.90
N VAL A 163 2.71 -4.03 2.09
CA VAL A 163 4.13 -4.00 2.43
C VAL A 163 4.92 -4.90 1.46
N ASP A 164 4.57 -6.19 1.36
CA ASP A 164 5.27 -7.10 0.46
C ASP A 164 5.11 -6.66 -1.00
N ARG A 165 3.97 -6.07 -1.35
CA ARG A 165 3.69 -5.58 -2.70
C ARG A 165 4.54 -4.34 -2.99
N VAL A 166 4.87 -3.55 -1.98
CA VAL A 166 5.68 -2.35 -2.06
C VAL A 166 7.14 -2.73 -2.27
N THR A 167 7.68 -3.74 -1.56
CA THR A 167 9.09 -4.12 -1.77
C THR A 167 9.29 -4.47 -3.26
N ARG A 168 8.46 -5.36 -3.79
CA ARG A 168 8.48 -5.79 -5.17
C ARG A 168 8.10 -4.67 -6.13
N SER A 169 7.45 -3.59 -5.69
CA SER A 169 7.09 -2.49 -6.59
C SER A 169 8.36 -1.82 -7.12
N THR A 170 9.52 -2.00 -6.46
CA THR A 170 10.76 -1.42 -6.95
C THR A 170 11.12 -2.06 -8.30
N LEU A 171 10.73 -3.32 -8.53
CA LEU A 171 11.02 -4.02 -9.77
C LEU A 171 10.36 -3.31 -10.95
N VAL A 172 9.08 -2.93 -10.86
CA VAL A 172 8.42 -2.27 -11.99
C VAL A 172 8.99 -0.87 -12.23
N LEU A 173 9.50 -0.20 -11.19
CA LEU A 173 10.08 1.12 -11.33
C LEU A 173 11.38 0.98 -12.13
N HIS A 174 12.25 0.07 -11.67
CA HIS A 174 13.55 -0.19 -12.26
C HIS A 174 13.47 -0.83 -13.66
N ASP A 175 12.44 -1.64 -13.94
CA ASP A 175 12.28 -2.28 -15.24
C ASP A 175 11.77 -1.32 -16.29
N LEU A 176 10.89 -0.40 -15.92
CA LEU A 176 10.39 0.60 -16.86
C LEU A 176 11.56 1.52 -17.19
N LEU A 177 12.29 1.95 -16.14
CA LEU A 177 13.45 2.83 -16.23
C LEU A 177 14.52 2.32 -17.21
N LYS A 178 14.74 1.01 -17.32
CA LYS A 178 15.74 0.45 -18.25
C LYS A 178 15.44 0.83 -19.71
N HIS A 179 14.18 1.17 -20.03
CA HIS A 179 13.76 1.55 -21.37
C HIS A 179 13.65 3.06 -21.55
N THR A 180 13.69 3.84 -20.48
CA THR A 180 13.58 5.28 -20.54
C THR A 180 14.88 5.83 -21.15
N PRO A 181 14.84 6.83 -22.07
CA PRO A 181 16.04 7.40 -22.66
C PRO A 181 16.82 8.07 -21.54
N ALA A 182 17.94 7.49 -21.12
CA ALA A 182 18.78 8.01 -20.04
C ALA A 182 19.23 9.45 -20.31
N SER A 183 19.21 9.87 -21.57
CA SER A 183 19.59 11.20 -22.01
C SER A 183 18.60 12.26 -21.51
N HIS A 184 17.32 11.90 -21.33
CA HIS A 184 16.29 12.81 -20.85
C HIS A 184 16.36 12.95 -19.32
N PRO A 185 15.84 14.04 -18.74
CA PRO A 185 15.86 14.28 -17.30
C PRO A 185 14.91 13.41 -16.47
N ASP A 186 13.91 12.76 -17.07
CA ASP A 186 12.95 11.95 -16.33
C ASP A 186 13.60 10.67 -15.76
N HIS A 187 14.77 10.28 -16.28
CA HIS A 187 15.53 9.10 -15.85
C HIS A 187 16.05 9.32 -14.43
N PRO A 188 16.91 10.33 -14.15
CA PRO A 188 17.41 10.54 -12.80
C PRO A 188 16.31 11.01 -11.85
N LEU A 189 15.22 11.59 -12.37
CA LEU A 189 14.10 12.05 -11.55
C LEU A 189 13.55 10.81 -10.82
N LEU A 190 13.22 9.77 -11.56
CA LEU A 190 12.69 8.55 -10.98
C LEU A 190 13.79 7.70 -10.36
N GLN A 191 15.05 7.85 -10.78
CA GLN A 191 16.14 7.06 -10.21
C GLN A 191 16.38 7.48 -8.75
N ASP A 192 16.37 8.78 -8.47
CA ASP A 192 16.58 9.28 -7.11
C ASP A 192 15.35 8.95 -6.26
N ALA A 193 14.15 9.06 -6.84
CA ALA A 193 12.89 8.74 -6.18
C ALA A 193 12.94 7.27 -5.75
N LEU A 194 13.37 6.39 -6.66
CA LEU A 194 13.50 4.97 -6.37
C LEU A 194 14.52 4.79 -5.25
N ARG A 195 15.63 5.53 -5.26
CA ARG A 195 16.63 5.39 -4.20
C ARG A 195 16.03 5.69 -2.84
N ILE A 196 15.36 6.83 -2.64
CA ILE A 196 14.76 7.15 -1.33
C ILE A 196 13.75 6.07 -0.91
N SER A 197 12.97 5.51 -1.84
CA SER A 197 11.99 4.48 -1.57
C SER A 197 12.68 3.16 -1.19
N GLN A 198 13.69 2.76 -1.96
CA GLN A 198 14.50 1.55 -1.78
C GLN A 198 15.21 1.62 -0.44
N ASN A 199 15.83 2.76 -0.14
CA ASN A 199 16.54 3.04 1.08
C ASN A 199 15.62 2.82 2.26
N PHE A 200 14.38 3.32 2.18
CA PHE A 200 13.41 3.19 3.24
C PHE A 200 13.07 1.72 3.50
N LEU A 201 12.63 0.95 2.49
CA LEU A 201 12.25 -0.45 2.68
C LEU A 201 13.40 -1.37 3.04
N SER A 202 14.57 -1.23 2.43
CA SER A 202 15.72 -2.07 2.72
C SER A 202 16.12 -1.88 4.19
N SER A 203 16.12 -0.64 4.68
CA SER A 203 16.50 -0.33 6.06
C SER A 203 15.53 -0.93 7.09
N ILE A 204 14.35 -1.42 6.68
CA ILE A 204 13.35 -1.98 7.59
C ILE A 204 13.07 -3.45 7.25
N ASN A 205 13.96 -4.14 6.50
CA ASN A 205 13.75 -5.55 6.18
C ASN A 205 13.63 -6.38 7.46
N GLU A 206 14.29 -5.93 8.53
CA GLU A 206 14.32 -6.51 9.87
C GLU A 206 13.08 -6.16 10.71
N GLU A 207 12.35 -5.10 10.34
CA GLU A 207 11.14 -4.59 11.01
C GLU A 207 9.89 -5.41 10.62
N ILE A 208 10.04 -6.36 9.70
CA ILE A 208 9.03 -7.26 9.17
C ILE A 208 9.71 -8.62 8.92
N THR A 209 8.93 -9.59 8.44
CA THR A 209 9.39 -10.93 8.10
C THR A 209 10.23 -11.56 9.24
N PRO A 210 9.70 -11.71 10.47
CA PRO A 210 10.43 -12.27 11.61
C PRO A 210 10.79 -13.76 11.48
N ARG A 211 10.19 -14.50 10.53
CA ARG A 211 10.40 -15.93 10.24
C ARG A 211 10.58 -16.79 11.50
N ARG A 212 9.76 -16.55 12.54
CA ARG A 212 9.83 -17.27 13.81
C ARG A 212 8.52 -17.98 14.14
N GLN A 213 8.66 -19.15 14.78
CA GLN A 213 7.57 -20.02 15.18
C GLN A 213 7.27 -19.80 16.67
N SER A 214 6.00 -19.89 17.05
CA SER A 214 5.50 -19.77 18.41
C SER A 214 4.15 -20.49 18.44
N MET A 215 3.75 -21.02 19.60
CA MET A 215 2.51 -21.78 19.76
C MET A 215 1.31 -20.86 20.01
N THR A 216 1.53 -19.77 20.73
CA THR A 216 0.57 -18.74 21.11
C THR A 216 -0.68 -19.35 21.79
N VAL A 217 -1.74 -18.56 22.01
CA VAL A 217 -2.98 -19.02 22.65
C VAL A 217 -3.90 -19.62 21.56
N LYS A 218 -4.90 -20.39 21.97
CA LYS A 218 -5.84 -21.02 21.06
C LYS A 218 -6.89 -20.03 20.55
N ALA A 1 9.01 24.05 -33.78
CA ALA A 1 8.53 22.91 -34.58
C ALA A 1 8.10 21.81 -33.61
N MET A 2 7.43 20.78 -34.11
CA MET A 2 6.94 19.63 -33.35
C MET A 2 7.32 18.38 -34.15
N ALA A 3 7.00 17.19 -33.65
CA ALA A 3 7.27 15.92 -34.29
C ALA A 3 5.96 15.14 -34.44
N SER A 4 5.94 14.16 -35.34
CA SER A 4 4.78 13.33 -35.60
C SER A 4 4.64 12.34 -34.44
N GLU A 5 3.54 12.41 -33.69
CA GLU A 5 3.27 11.55 -32.55
C GLU A 5 3.26 10.05 -32.91
N LEU A 6 3.23 9.67 -34.18
CA LEU A 6 3.24 8.26 -34.62
C LEU A 6 4.45 7.51 -34.05
N ASP A 7 5.64 8.13 -33.98
CA ASP A 7 6.81 7.45 -33.42
C ASP A 7 6.66 7.40 -31.90
N LEU A 8 6.13 8.48 -31.30
CA LEU A 8 5.91 8.54 -29.87
C LEU A 8 4.95 7.40 -29.51
N GLU A 9 3.97 7.08 -30.36
CA GLU A 9 3.01 6.00 -30.18
C GLU A 9 3.77 4.69 -29.92
N LYS A 10 4.92 4.49 -30.57
CA LYS A 10 5.74 3.30 -30.40
C LYS A 10 6.20 3.18 -28.95
N GLY A 11 6.60 4.29 -28.33
CA GLY A 11 7.04 4.33 -26.94
C GLY A 11 5.84 4.32 -26.00
N LEU A 12 4.76 5.03 -26.36
CA LEU A 12 3.53 5.12 -25.60
C LEU A 12 2.90 3.74 -25.51
N GLU A 13 3.09 2.87 -26.51
CA GLU A 13 2.56 1.51 -26.50
C GLU A 13 3.20 0.81 -25.32
N MET A 14 4.53 0.91 -25.21
CA MET A 14 5.28 0.31 -24.13
C MET A 14 4.80 0.92 -22.81
N ARG A 15 4.58 2.25 -22.75
CA ARG A 15 4.10 2.88 -21.52
C ARG A 15 2.73 2.32 -21.13
N LYS A 16 1.79 2.16 -22.07
CA LYS A 16 0.46 1.61 -21.78
C LYS A 16 0.63 0.19 -21.23
N TRP A 17 1.52 -0.61 -21.83
CA TRP A 17 1.80 -1.97 -21.39
C TRP A 17 2.25 -1.98 -19.93
N VAL A 18 3.25 -1.16 -19.60
CA VAL A 18 3.81 -1.02 -18.25
C VAL A 18 2.74 -0.60 -17.26
N LEU A 19 2.14 0.57 -17.51
CA LEU A 19 1.13 1.18 -16.67
C LEU A 19 -0.08 0.29 -16.43
N SER A 20 -0.53 -0.52 -17.39
CA SER A 20 -1.70 -1.38 -17.21
C SER A 20 -1.53 -2.23 -15.97
N GLY A 21 -0.35 -2.84 -15.78
CA GLY A 21 -0.10 -3.68 -14.62
C GLY A 21 -0.35 -2.92 -13.31
N ILE A 22 -0.03 -1.63 -13.26
CA ILE A 22 -0.20 -0.77 -12.09
C ILE A 22 -1.68 -0.36 -11.90
N LEU A 23 -2.36 0.21 -12.89
CA LEU A 23 -3.77 0.61 -12.80
C LEU A 23 -4.56 -0.66 -12.46
N ALA A 24 -4.22 -1.82 -13.02
CA ALA A 24 -4.91 -3.08 -12.75
C ALA A 24 -4.62 -3.56 -11.33
N SER A 25 -3.39 -3.40 -10.82
CA SER A 25 -3.09 -3.87 -9.48
C SER A 25 -3.83 -3.00 -8.46
N GLU A 26 -3.74 -1.67 -8.63
CA GLU A 26 -4.39 -0.72 -7.75
C GLU A 26 -5.91 -0.85 -7.89
N GLU A 27 -6.48 -1.03 -9.09
CA GLU A 27 -7.93 -1.16 -9.34
C GLU A 27 -8.57 -2.18 -8.37
N THR A 28 -8.07 -3.42 -8.36
CA THR A 28 -8.61 -4.47 -7.50
C THR A 28 -8.19 -4.29 -6.04
N TYR A 29 -6.96 -3.83 -5.79
CA TYR A 29 -6.47 -3.61 -4.44
C TYR A 29 -7.33 -2.59 -3.72
N LEU A 30 -7.67 -1.49 -4.40
CA LEU A 30 -8.47 -0.38 -3.91
C LEU A 30 -9.88 -0.88 -3.58
N SER A 31 -10.44 -1.79 -4.38
CA SER A 31 -11.77 -2.35 -4.13
C SER A 31 -11.71 -3.11 -2.80
N HIS A 32 -10.67 -3.92 -2.57
CA HIS A 32 -10.52 -4.68 -1.34
C HIS A 32 -10.25 -3.75 -0.15
N LEU A 33 -9.57 -2.62 -0.37
CA LEU A 33 -9.25 -1.64 0.67
C LEU A 33 -10.54 -0.90 1.05
N GLU A 34 -11.38 -0.57 0.07
CA GLU A 34 -12.66 0.10 0.29
C GLU A 34 -13.48 -0.72 1.28
N ALA A 35 -13.49 -2.05 1.11
CA ALA A 35 -14.24 -2.95 1.98
C ALA A 35 -13.83 -2.84 3.45
N LEU A 36 -12.59 -2.44 3.75
CA LEU A 36 -12.08 -2.30 5.11
C LEU A 36 -12.37 -0.91 5.68
N LEU A 37 -12.21 0.15 4.88
CA LEU A 37 -12.45 1.53 5.32
C LEU A 37 -13.94 1.87 5.31
N LEU A 38 -14.76 1.13 4.58
CA LEU A 38 -16.21 1.30 4.49
C LEU A 38 -16.79 1.31 5.91
N PRO A 39 -16.66 0.24 6.72
CA PRO A 39 -17.17 0.22 8.08
C PRO A 39 -16.38 1.14 9.02
N MET A 40 -15.15 1.54 8.67
CA MET A 40 -14.32 2.42 9.50
C MET A 40 -14.97 3.81 9.62
N LYS A 41 -15.51 4.34 8.51
CA LYS A 41 -16.16 5.65 8.45
C LYS A 41 -17.15 5.86 9.61
N PRO A 42 -18.24 5.09 9.73
CA PRO A 42 -19.20 5.26 10.81
C PRO A 42 -18.59 5.02 12.18
N LEU A 43 -17.70 4.02 12.31
CA LEU A 43 -17.04 3.68 13.57
C LEU A 43 -16.28 4.88 14.13
N LYS A 44 -15.60 5.67 13.29
CA LYS A 44 -14.85 6.82 13.75
C LYS A 44 -15.78 7.85 14.38
N ALA A 45 -16.99 8.05 13.84
CA ALA A 45 -17.96 8.99 14.38
C ALA A 45 -18.45 8.43 15.72
N ALA A 46 -18.84 7.15 15.72
CA ALA A 46 -19.32 6.43 16.90
C ALA A 46 -18.29 6.46 18.04
N ALA A 47 -16.99 6.62 17.73
CA ALA A 47 -15.94 6.69 18.75
C ALA A 47 -16.12 7.93 19.66
N THR A 48 -17.05 8.83 19.32
CA THR A 48 -17.37 10.04 20.06
C THR A 48 -18.85 10.06 20.49
N THR A 49 -19.49 8.90 20.69
CA THR A 49 -20.88 8.77 21.10
C THR A 49 -20.88 7.79 22.27
N SER A 50 -21.63 8.12 23.33
CA SER A 50 -21.76 7.36 24.54
C SER A 50 -20.39 6.86 25.04
N GLN A 51 -20.18 5.55 25.08
CA GLN A 51 -18.96 4.92 25.51
C GLN A 51 -18.66 3.85 24.46
N PRO A 52 -17.78 4.11 23.50
CA PRO A 52 -17.46 3.12 22.49
C PRO A 52 -16.63 1.99 23.13
N VAL A 53 -16.73 0.79 22.59
CA VAL A 53 -15.99 -0.37 23.10
C VAL A 53 -14.47 -0.23 22.88
N LEU A 54 -14.03 0.71 22.03
CA LEU A 54 -12.64 1.02 21.73
C LEU A 54 -12.60 2.54 21.66
N THR A 55 -11.58 3.19 22.21
CA THR A 55 -11.50 4.64 22.14
C THR A 55 -10.96 5.04 20.78
N SER A 56 -11.18 6.30 20.40
CA SER A 56 -10.70 6.86 19.15
C SER A 56 -9.18 6.71 19.08
N GLN A 57 -8.48 6.79 20.23
CA GLN A 57 -7.04 6.66 20.30
C GLN A 57 -6.58 5.25 19.90
N GLN A 58 -7.34 4.20 20.27
CA GLN A 58 -6.98 2.84 19.90
C GLN A 58 -7.15 2.68 18.39
N ILE A 59 -8.26 3.20 17.85
CA ILE A 59 -8.57 3.13 16.43
C ILE A 59 -7.50 3.86 15.64
N GLU A 60 -7.15 5.09 16.02
CA GLU A 60 -6.14 5.87 15.32
C GLU A 60 -4.76 5.20 15.30
N THR A 61 -4.51 4.18 16.11
CA THR A 61 -3.23 3.50 16.09
C THR A 61 -3.20 2.52 14.90
N ILE A 62 -4.25 1.70 14.76
CA ILE A 62 -4.38 0.70 13.70
C ILE A 62 -4.75 1.38 12.37
N PHE A 63 -5.75 2.25 12.41
CA PHE A 63 -6.29 2.99 11.27
C PHE A 63 -5.62 4.37 11.17
N PHE A 64 -4.34 4.47 11.56
CA PHE A 64 -3.56 5.69 11.54
C PHE A 64 -3.64 6.39 10.20
N LYS A 65 -3.47 5.64 9.10
CA LYS A 65 -3.50 6.19 7.75
C LYS A 65 -4.34 5.39 6.76
N VAL A 66 -5.03 4.32 7.16
CA VAL A 66 -5.87 3.48 6.29
C VAL A 66 -6.71 4.30 5.28
N PRO A 67 -7.51 5.33 5.67
CA PRO A 67 -8.29 6.09 4.71
C PRO A 67 -7.46 6.98 3.78
N GLU A 68 -6.24 7.36 4.17
CA GLU A 68 -5.35 8.18 3.34
C GLU A 68 -4.77 7.27 2.26
N LEU A 69 -4.30 6.07 2.63
CA LEU A 69 -3.72 5.10 1.72
C LEU A 69 -4.61 4.79 0.51
N TYR A 70 -5.93 4.87 0.69
CA TYR A 70 -6.88 4.61 -0.40
C TYR A 70 -6.82 5.76 -1.41
N GLU A 71 -6.97 6.99 -0.92
CA GLU A 71 -6.96 8.19 -1.74
C GLU A 71 -5.60 8.42 -2.37
N ILE A 72 -4.50 8.13 -1.66
CA ILE A 72 -3.15 8.31 -2.18
C ILE A 72 -2.97 7.49 -3.46
N HIS A 73 -3.35 6.21 -3.43
CA HIS A 73 -3.22 5.33 -4.59
C HIS A 73 -4.24 5.72 -5.67
N LYS A 74 -5.53 5.89 -5.34
CA LYS A 74 -6.55 6.28 -6.32
C LYS A 74 -6.24 7.62 -6.96
N GLU A 75 -5.63 8.60 -6.30
CA GLU A 75 -5.38 9.87 -6.98
C GLU A 75 -4.43 9.65 -8.16
N PHE A 76 -3.40 8.85 -7.90
CA PHE A 76 -2.39 8.48 -8.86
C PHE A 76 -3.02 7.61 -9.96
N TYR A 77 -3.68 6.53 -9.58
CA TYR A 77 -4.33 5.56 -10.45
C TYR A 77 -5.52 6.13 -11.23
N ASP A 78 -6.48 6.75 -10.56
CA ASP A 78 -7.66 7.29 -11.25
C ASP A 78 -7.22 8.40 -12.20
N GLY A 79 -6.14 9.10 -11.84
CA GLY A 79 -5.56 10.17 -12.62
C GLY A 79 -4.85 9.61 -13.85
N LEU A 80 -4.38 8.37 -13.79
CA LEU A 80 -3.70 7.68 -14.87
C LEU A 80 -4.70 7.08 -15.85
N PHE A 81 -5.92 6.72 -15.43
CA PHE A 81 -6.95 6.13 -16.28
C PHE A 81 -7.09 6.89 -17.62
N PRO A 82 -7.39 8.20 -17.65
CA PRO A 82 -7.50 8.92 -18.90
C PRO A 82 -6.13 9.19 -19.53
N ARG A 83 -5.09 9.46 -18.73
CA ARG A 83 -3.75 9.76 -19.26
C ARG A 83 -3.26 8.63 -20.16
N VAL A 84 -3.47 7.38 -19.76
CA VAL A 84 -3.07 6.19 -20.50
C VAL A 84 -3.71 6.17 -21.90
N GLN A 85 -4.96 6.62 -22.02
CA GLN A 85 -5.69 6.63 -23.27
C GLN A 85 -5.54 7.92 -24.08
N GLN A 86 -5.26 9.04 -23.43
CA GLN A 86 -5.09 10.36 -24.00
C GLN A 86 -3.92 10.99 -23.27
N TRP A 87 -2.72 10.62 -23.71
CA TRP A 87 -1.50 11.15 -23.14
C TRP A 87 -1.45 12.65 -23.44
N SER A 88 -0.63 13.39 -22.68
CA SER A 88 -0.53 14.82 -22.91
C SER A 88 -0.05 15.06 -24.34
N HIS A 89 -0.44 16.22 -24.88
CA HIS A 89 -0.11 16.64 -26.23
C HIS A 89 1.40 16.76 -26.44
N GLN A 90 2.16 17.20 -25.43
CA GLN A 90 3.62 17.37 -25.51
C GLN A 90 4.21 17.22 -24.10
N GLN A 91 3.82 16.22 -23.31
CA GLN A 91 4.38 16.06 -21.96
C GLN A 91 4.41 14.59 -21.52
N ARG A 92 5.49 14.24 -20.85
CA ARG A 92 5.80 12.91 -20.30
C ARG A 92 5.01 12.67 -19.00
N VAL A 93 5.22 11.50 -18.39
CA VAL A 93 4.61 11.07 -17.14
C VAL A 93 5.77 10.79 -16.19
N GLY A 94 5.64 11.09 -14.91
CA GLY A 94 6.67 10.88 -13.90
C GLY A 94 6.33 11.63 -12.62
N ASP A 95 5.73 12.83 -12.73
CA ASP A 95 5.36 13.67 -11.60
C ASP A 95 4.41 12.97 -10.62
N LEU A 96 3.47 12.15 -11.11
CA LEU A 96 2.55 11.43 -10.20
C LEU A 96 3.36 10.42 -9.37
N PHE A 97 4.30 9.70 -10.01
CA PHE A 97 5.14 8.73 -9.33
C PHE A 97 6.03 9.49 -8.32
N GLN A 98 6.47 10.70 -8.68
CA GLN A 98 7.30 11.57 -7.85
C GLN A 98 6.47 11.92 -6.60
N LYS A 99 5.23 12.39 -6.77
CA LYS A 99 4.33 12.73 -5.66
C LYS A 99 4.15 11.51 -4.75
N LEU A 100 4.09 10.29 -5.30
CA LEU A 100 3.95 9.08 -4.50
C LEU A 100 5.14 8.94 -3.54
N ALA A 101 6.37 9.16 -4.01
CA ALA A 101 7.57 9.09 -3.18
C ALA A 101 7.69 10.34 -2.29
N SER A 102 7.12 11.47 -2.70
CA SER A 102 7.13 12.73 -1.97
C SER A 102 6.41 12.63 -0.62
N GLN A 103 5.53 11.64 -0.44
CA GLN A 103 4.77 11.38 0.76
C GLN A 103 5.12 10.03 1.41
N LEU A 104 6.21 9.38 0.99
CA LEU A 104 6.61 8.07 1.52
C LEU A 104 6.82 8.07 3.05
N GLY A 105 7.17 9.22 3.65
CA GLY A 105 7.37 9.35 5.09
C GLY A 105 6.09 9.03 5.86
N VAL A 106 4.92 9.19 5.24
CA VAL A 106 3.63 8.91 5.86
C VAL A 106 3.55 7.39 6.10
N TYR A 107 4.14 6.56 5.24
CA TYR A 107 4.16 5.11 5.38
C TYR A 107 5.10 4.74 6.53
N ARG A 108 6.26 5.41 6.59
CA ARG A 108 7.27 5.19 7.61
C ARG A 108 6.65 5.31 9.01
N ALA A 109 5.78 6.29 9.22
CA ALA A 109 5.11 6.51 10.50
C ALA A 109 4.40 5.24 10.99
N PHE A 110 3.60 4.61 10.12
CA PHE A 110 2.87 3.40 10.44
C PHE A 110 3.83 2.24 10.71
N VAL A 111 4.84 1.99 9.85
CA VAL A 111 5.78 0.88 10.09
C VAL A 111 6.48 1.07 11.44
N ASP A 112 6.85 2.31 11.77
CA ASP A 112 7.53 2.65 13.03
C ASP A 112 6.63 2.50 14.25
N ASN A 113 5.31 2.34 14.07
CA ASN A 113 4.33 2.20 15.13
C ASN A 113 3.52 0.91 14.93
N TYR A 114 3.99 0.02 14.06
CA TYR A 114 3.33 -1.23 13.76
C TYR A 114 3.21 -2.11 14.99
N GLY A 115 4.26 -2.12 15.83
CA GLY A 115 4.28 -2.90 17.05
C GLY A 115 3.10 -2.54 17.94
N VAL A 116 2.99 -1.26 18.29
CA VAL A 116 1.89 -0.77 19.13
C VAL A 116 0.53 -0.99 18.45
N ALA A 117 0.46 -0.87 17.12
CA ALA A 117 -0.78 -1.08 16.39
C ALA A 117 -1.25 -2.53 16.60
N MET A 118 -0.36 -3.50 16.36
CA MET A 118 -0.66 -4.92 16.53
C MET A 118 -1.01 -5.21 17.99
N GLU A 119 -0.28 -4.60 18.93
CA GLU A 119 -0.48 -4.79 20.36
C GLU A 119 -1.94 -4.51 20.76
N MET A 120 -2.53 -3.42 20.25
CA MET A 120 -3.91 -3.11 20.57
C MET A 120 -4.89 -3.95 19.76
N ALA A 121 -4.51 -4.32 18.53
CA ALA A 121 -5.33 -5.09 17.59
C ALA A 121 -5.90 -6.37 18.20
N GLU A 122 -5.10 -7.16 18.92
CA GLU A 122 -5.61 -8.38 19.53
C GLU A 122 -6.73 -8.04 20.52
N LYS A 123 -6.56 -6.97 21.30
CA LYS A 123 -7.53 -6.55 22.29
C LYS A 123 -8.77 -5.99 21.61
N CYS A 124 -8.65 -5.38 20.42
CA CYS A 124 -9.79 -4.84 19.70
C CYS A 124 -10.72 -6.00 19.36
N CYS A 125 -10.15 -7.10 18.87
CA CYS A 125 -10.88 -8.31 18.51
C CYS A 125 -11.61 -8.92 19.70
N GLN A 126 -11.13 -8.73 20.93
CA GLN A 126 -11.77 -9.25 22.13
C GLN A 126 -12.90 -8.32 22.61
N ALA A 127 -12.59 -7.03 22.77
CA ALA A 127 -13.51 -6.01 23.27
C ALA A 127 -14.58 -5.54 22.28
N ASN A 128 -14.43 -5.75 20.98
CA ASN A 128 -15.40 -5.30 19.99
C ASN A 128 -15.84 -6.46 19.12
N ALA A 129 -17.12 -6.83 19.19
CA ALA A 129 -17.67 -7.92 18.39
C ALA A 129 -17.51 -7.61 16.90
N GLN A 130 -17.47 -6.33 16.49
CA GLN A 130 -17.29 -5.97 15.09
C GLN A 130 -15.92 -6.44 14.61
N PHE A 131 -14.93 -6.47 15.50
CA PHE A 131 -13.58 -6.94 15.19
C PHE A 131 -13.61 -8.48 15.27
N ALA A 132 -14.28 -9.03 16.27
CA ALA A 132 -14.41 -10.48 16.47
C ALA A 132 -15.05 -11.18 15.27
N GLU A 133 -16.07 -10.59 14.64
CA GLU A 133 -16.74 -11.17 13.47
C GLU A 133 -15.77 -11.25 12.29
N ILE A 134 -15.07 -10.15 11.96
CA ILE A 134 -14.11 -10.14 10.85
C ILE A 134 -12.91 -11.03 11.20
N SER A 135 -12.53 -11.14 12.47
CA SER A 135 -11.42 -11.97 12.94
C SER A 135 -11.69 -13.46 12.68
N GLU A 136 -12.93 -13.91 12.89
CA GLU A 136 -13.32 -15.31 12.68
C GLU A 136 -13.22 -15.70 11.21
N ASN A 137 -13.29 -14.73 10.31
CA ASN A 137 -13.19 -14.98 8.87
C ASN A 137 -11.79 -15.54 8.52
N LEU A 138 -10.83 -15.44 9.45
CA LEU A 138 -9.45 -15.90 9.34
C LEU A 138 -9.19 -16.98 10.41
N ARG A 139 -7.98 -17.57 10.42
CA ARG A 139 -7.55 -18.64 11.34
C ARG A 139 -7.56 -18.32 12.85
N ALA A 140 -8.01 -17.14 13.26
CA ALA A 140 -8.08 -16.74 14.66
C ALA A 140 -9.50 -16.95 15.20
N ARG A 141 -9.66 -16.79 16.52
CA ARG A 141 -10.94 -16.92 17.23
C ARG A 141 -10.83 -16.06 18.48
N SER A 142 -11.93 -15.70 19.12
CA SER A 142 -11.96 -14.87 20.32
C SER A 142 -11.47 -15.58 21.59
N ASN A 143 -10.18 -15.91 21.67
CA ASN A 143 -9.57 -16.57 22.84
C ASN A 143 -8.11 -16.16 23.00
N LYS A 144 -7.52 -16.48 24.16
CA LYS A 144 -6.13 -16.19 24.54
C LYS A 144 -5.08 -16.87 23.66
N ASP A 145 -5.48 -17.69 22.68
CA ASP A 145 -4.65 -18.43 21.72
C ASP A 145 -3.55 -17.61 21.06
N ALA A 146 -3.71 -16.28 20.98
CA ALA A 146 -2.78 -15.32 20.39
C ALA A 146 -1.46 -15.09 21.16
N LYS A 147 -1.22 -15.81 22.27
CA LYS A 147 0.00 -15.69 23.08
C LYS A 147 0.74 -17.02 23.27
N ASP A 148 0.16 -18.11 22.79
CA ASP A 148 0.81 -19.41 22.92
C ASP A 148 1.91 -19.43 21.84
N PRO A 149 2.93 -20.31 21.91
CA PRO A 149 4.01 -20.39 20.92
C PRO A 149 3.54 -20.70 19.49
N THR A 150 2.24 -20.94 19.30
CA THR A 150 1.53 -21.24 18.08
C THR A 150 1.47 -20.03 17.13
N THR A 151 0.95 -20.24 15.92
CA THR A 151 0.81 -19.21 14.90
C THR A 151 -0.57 -19.32 14.26
N LYS A 152 -1.10 -18.22 13.71
CA LYS A 152 -2.41 -18.15 13.08
C LYS A 152 -2.52 -16.86 12.25
N ASN A 153 -3.70 -16.62 11.67
CA ASN A 153 -3.98 -15.44 10.85
C ASN A 153 -4.74 -14.48 11.76
N SER A 154 -4.02 -13.53 12.33
CA SER A 154 -4.51 -12.50 13.23
C SER A 154 -4.65 -11.20 12.44
N LEU A 155 -5.13 -10.13 13.09
CA LEU A 155 -5.28 -8.83 12.43
C LEU A 155 -3.94 -8.40 11.81
N GLU A 156 -2.82 -8.84 12.40
CA GLU A 156 -1.46 -8.56 11.94
C GLU A 156 -1.29 -8.98 10.46
N THR A 157 -1.92 -10.09 10.04
CA THR A 157 -1.86 -10.60 8.67
C THR A 157 -2.55 -9.62 7.72
N LEU A 158 -3.57 -8.90 8.18
CA LEU A 158 -4.32 -7.91 7.40
C LEU A 158 -3.45 -6.66 7.27
N LEU A 159 -2.55 -6.40 8.23
CA LEU A 159 -1.66 -5.25 8.19
C LEU A 159 -0.52 -5.58 7.22
N TYR A 160 0.01 -6.82 7.23
CA TYR A 160 1.10 -7.18 6.32
C TYR A 160 0.62 -7.33 4.87
N LYS A 161 -0.66 -7.71 4.64
CA LYS A 161 -1.23 -7.86 3.29
C LYS A 161 -0.87 -6.68 2.37
N PRO A 162 -1.28 -5.44 2.68
CA PRO A 162 -0.97 -4.29 1.83
C PRO A 162 0.54 -3.99 1.84
N VAL A 163 1.24 -4.15 2.98
CA VAL A 163 2.67 -3.88 3.07
C VAL A 163 3.41 -4.71 2.02
N ASP A 164 3.20 -6.03 1.98
CA ASP A 164 3.83 -6.92 1.02
C ASP A 164 3.55 -6.45 -0.41
N ARG A 165 2.39 -5.87 -0.69
CA ARG A 165 2.07 -5.39 -2.03
C ARG A 165 2.84 -4.12 -2.34
N VAL A 166 2.72 -3.06 -1.52
CA VAL A 166 3.41 -1.80 -1.77
C VAL A 166 4.93 -1.99 -1.85
N THR A 167 5.53 -2.92 -1.09
CA THR A 167 6.97 -3.14 -1.17
C THR A 167 7.33 -3.71 -2.55
N ARG A 168 6.55 -4.67 -3.09
CA ARG A 168 6.79 -5.31 -4.38
C ARG A 168 6.58 -4.31 -5.48
N SER A 169 5.63 -3.40 -5.31
CA SER A 169 5.32 -2.37 -6.28
C SER A 169 6.56 -1.48 -6.55
N THR A 170 7.54 -1.46 -5.64
CA THR A 170 8.79 -0.70 -5.79
C THR A 170 9.70 -1.38 -6.83
N LEU A 171 9.65 -2.71 -6.96
CA LEU A 171 10.45 -3.49 -7.91
C LEU A 171 10.15 -3.08 -9.35
N VAL A 172 8.88 -2.75 -9.62
CA VAL A 172 8.44 -2.35 -10.94
C VAL A 172 9.21 -1.11 -11.38
N LEU A 173 9.48 -0.17 -10.47
CA LEU A 173 10.18 1.07 -10.73
C LEU A 173 11.58 0.78 -11.28
N HIS A 174 12.34 -0.07 -10.58
CA HIS A 174 13.71 -0.44 -10.96
C HIS A 174 13.77 -1.05 -12.37
N ASP A 175 12.81 -1.92 -12.68
CA ASP A 175 12.69 -2.60 -13.96
C ASP A 175 12.17 -1.64 -15.03
N LEU A 176 11.32 -0.68 -14.67
CA LEU A 176 10.76 0.32 -15.59
C LEU A 176 11.93 1.16 -16.09
N LEU A 177 12.77 1.61 -15.16
CA LEU A 177 13.96 2.42 -15.45
C LEU A 177 14.84 1.72 -16.49
N LYS A 178 14.97 0.39 -16.40
CA LYS A 178 15.75 -0.42 -17.33
C LYS A 178 15.19 -0.36 -18.76
N HIS A 179 13.96 0.13 -18.94
CA HIS A 179 13.25 0.29 -20.20
C HIS A 179 13.19 1.77 -20.61
N THR A 180 13.52 2.70 -19.71
CA THR A 180 13.49 4.12 -19.95
C THR A 180 14.69 4.56 -20.82
N PRO A 181 14.46 5.37 -21.87
CA PRO A 181 15.54 5.85 -22.71
C PRO A 181 16.39 6.84 -21.93
N ALA A 182 17.69 6.55 -21.86
CA ALA A 182 18.69 7.36 -21.15
C ALA A 182 18.75 8.79 -21.68
N SER A 183 18.46 8.93 -22.96
CA SER A 183 18.42 10.13 -23.77
C SER A 183 17.26 11.08 -23.41
N HIS A 184 16.42 10.74 -22.43
CA HIS A 184 15.28 11.52 -21.98
C HIS A 184 15.43 11.83 -20.49
N PRO A 185 14.92 12.95 -19.95
CA PRO A 185 15.02 13.27 -18.51
C PRO A 185 14.26 12.27 -17.65
N ASP A 186 13.40 11.46 -18.27
CA ASP A 186 12.59 10.42 -17.67
C ASP A 186 13.48 9.40 -16.96
N HIS A 187 14.69 9.12 -17.48
CA HIS A 187 15.62 8.18 -16.88
C HIS A 187 16.13 8.71 -15.53
N PRO A 188 16.83 9.85 -15.44
CA PRO A 188 17.31 10.37 -14.17
C PRO A 188 16.16 10.74 -13.22
N LEU A 189 15.00 11.17 -13.75
CA LEU A 189 13.84 11.53 -12.94
C LEU A 189 13.46 10.34 -12.07
N LEU A 190 13.26 9.19 -12.72
CA LEU A 190 12.87 7.95 -12.05
C LEU A 190 14.02 7.45 -11.18
N GLN A 191 15.28 7.55 -11.62
CA GLN A 191 16.44 7.07 -10.86
C GLN A 191 16.53 7.69 -9.46
N ASP A 192 16.32 9.01 -9.36
CA ASP A 192 16.38 9.71 -8.06
C ASP A 192 15.21 9.32 -7.16
N ALA A 193 14.00 9.20 -7.72
CA ALA A 193 12.82 8.81 -6.96
C ALA A 193 12.90 7.35 -6.50
N LEU A 194 13.59 6.51 -7.28
CA LEU A 194 13.83 5.10 -7.03
C LEU A 194 14.87 4.92 -5.94
N ARG A 195 15.80 5.87 -5.77
CA ARG A 195 16.83 5.77 -4.76
C ARG A 195 16.18 5.83 -3.38
N ILE A 196 15.41 6.88 -3.13
CA ILE A 196 14.73 7.09 -1.87
C ILE A 196 13.70 6.00 -1.53
N SER A 197 12.91 5.51 -2.50
CA SER A 197 11.92 4.47 -2.21
C SER A 197 12.58 3.13 -1.91
N GLN A 198 13.65 2.77 -2.65
CA GLN A 198 14.34 1.51 -2.39
C GLN A 198 14.98 1.62 -1.02
N ASN A 199 15.55 2.78 -0.71
CA ASN A 199 16.16 3.02 0.57
C ASN A 199 15.14 2.85 1.69
N PHE A 200 13.94 3.43 1.56
CA PHE A 200 12.90 3.33 2.58
C PHE A 200 12.56 1.88 2.91
N LEU A 201 12.18 1.06 1.92
CA LEU A 201 11.82 -0.34 2.22
C LEU A 201 13.00 -1.13 2.73
N SER A 202 14.18 -0.86 2.19
CA SER A 202 15.43 -1.52 2.60
C SER A 202 15.70 -1.18 4.07
N SER A 203 15.48 0.07 4.48
CA SER A 203 15.71 0.54 5.85
C SER A 203 14.76 -0.06 6.89
N ILE A 204 13.67 -0.70 6.47
CA ILE A 204 12.69 -1.35 7.35
C ILE A 204 12.59 -2.84 6.99
N ASN A 205 13.51 -3.37 6.16
CA ASN A 205 13.51 -4.76 5.75
C ASN A 205 13.62 -5.71 6.94
N GLU A 206 14.30 -5.26 7.98
CA GLU A 206 14.50 -5.97 9.23
C GLU A 206 13.31 -5.84 10.18
N GLU A 207 12.45 -4.83 9.99
CA GLU A 207 11.28 -4.57 10.81
C GLU A 207 10.14 -5.54 10.47
N ILE A 208 10.13 -6.06 9.23
CA ILE A 208 9.17 -7.00 8.67
C ILE A 208 9.92 -8.27 8.27
N THR A 209 10.07 -9.24 9.18
CA THR A 209 10.75 -10.50 8.89
C THR A 209 9.94 -11.69 9.41
N PRO A 210 10.02 -12.89 8.79
CA PRO A 210 9.29 -14.07 9.23
C PRO A 210 9.83 -14.61 10.56
N ARG A 211 11.10 -14.28 10.87
CA ARG A 211 11.77 -14.70 12.10
C ARG A 211 11.66 -16.22 12.24
N ARG A 212 11.62 -16.72 13.47
CA ARG A 212 11.49 -18.14 13.81
C ARG A 212 10.72 -18.22 15.12
N GLN A 213 10.39 -19.43 15.57
CA GLN A 213 9.68 -19.65 16.81
C GLN A 213 10.73 -19.93 17.90
N SER A 214 10.41 -19.62 19.16
CA SER A 214 11.25 -19.79 20.34
C SER A 214 10.41 -20.15 21.57
N MET A 215 11.07 -20.50 22.67
CA MET A 215 10.41 -20.88 23.91
C MET A 215 9.57 -19.70 24.43
N THR A 216 8.49 -20.03 25.14
CA THR A 216 7.56 -19.06 25.70
C THR A 216 7.31 -19.45 27.16
N VAL A 217 7.26 -18.40 27.98
CA VAL A 217 7.06 -18.39 29.42
C VAL A 217 6.51 -16.99 29.72
N LYS A 218 6.36 -16.61 30.98
CA LYS A 218 5.88 -15.30 31.39
C LYS A 218 6.86 -14.78 32.42
N ALA A 1 2.71 14.96 -40.21
CA ALA A 1 3.24 16.09 -39.42
C ALA A 1 4.32 15.48 -38.56
N MET A 2 4.01 15.08 -37.32
CA MET A 2 4.96 14.41 -36.46
C MET A 2 4.93 12.93 -36.92
N ALA A 3 5.55 12.01 -36.17
CA ALA A 3 5.55 10.60 -36.53
C ALA A 3 4.10 10.08 -36.52
N SER A 4 3.84 8.98 -37.21
CA SER A 4 2.51 8.40 -37.26
C SER A 4 2.18 7.80 -35.88
N GLU A 5 0.89 7.77 -35.53
CA GLU A 5 0.42 7.23 -34.25
C GLU A 5 0.94 5.81 -34.04
N LEU A 6 0.82 4.96 -35.06
CA LEU A 6 1.27 3.57 -35.02
C LEU A 6 2.79 3.40 -34.85
N ASP A 7 3.58 4.44 -35.13
CA ASP A 7 5.04 4.42 -35.00
C ASP A 7 5.42 4.77 -33.56
N LEU A 8 4.83 5.85 -33.02
CA LEU A 8 5.10 6.29 -31.65
C LEU A 8 4.50 5.31 -30.64
N GLU A 9 3.38 4.67 -30.99
CA GLU A 9 2.71 3.70 -30.14
C GLU A 9 3.62 2.51 -29.84
N LYS A 10 4.56 2.17 -30.74
CA LYS A 10 5.48 1.04 -30.54
C LYS A 10 6.26 1.20 -29.23
N GLY A 11 6.55 2.43 -28.81
CA GLY A 11 7.25 2.73 -27.57
C GLY A 11 6.28 2.79 -26.38
N LEU A 12 5.05 3.26 -26.62
CA LEU A 12 4.00 3.40 -25.63
C LEU A 12 3.50 2.04 -25.17
N GLU A 13 3.29 1.09 -26.08
CA GLU A 13 2.79 -0.25 -25.79
C GLU A 13 3.69 -0.99 -24.78
N MET A 14 5.02 -0.84 -24.87
CA MET A 14 5.89 -1.53 -23.91
C MET A 14 5.66 -0.97 -22.50
N ARG A 15 5.35 0.31 -22.37
CA ARG A 15 5.07 0.95 -21.09
C ARG A 15 3.67 0.60 -20.62
N LYS A 16 2.68 0.80 -21.49
CA LYS A 16 1.27 0.56 -21.21
C LYS A 16 1.03 -0.81 -20.62
N TRP A 17 1.53 -1.90 -21.22
CA TRP A 17 1.29 -3.23 -20.69
C TRP A 17 1.67 -3.36 -19.21
N VAL A 18 2.71 -2.64 -18.76
CA VAL A 18 3.14 -2.68 -17.36
C VAL A 18 2.14 -1.88 -16.51
N LEU A 19 1.84 -0.63 -16.91
CA LEU A 19 0.92 0.25 -16.20
C LEU A 19 -0.47 -0.38 -16.10
N SER A 20 -0.98 -1.02 -17.16
CA SER A 20 -2.30 -1.64 -17.13
C SER A 20 -2.37 -2.65 -15.99
N GLY A 21 -1.28 -3.36 -15.71
CA GLY A 21 -1.25 -4.33 -14.63
C GLY A 21 -1.45 -3.61 -13.29
N ILE A 22 -1.00 -2.36 -13.16
CA ILE A 22 -1.14 -1.59 -11.93
C ILE A 22 -2.61 -1.14 -11.81
N LEU A 23 -3.19 -0.48 -12.82
CA LEU A 23 -4.61 -0.05 -12.79
C LEU A 23 -5.47 -1.28 -12.50
N ALA A 24 -5.18 -2.43 -13.11
CA ALA A 24 -5.94 -3.66 -12.92
C ALA A 24 -5.86 -4.14 -11.48
N SER A 25 -4.66 -4.18 -10.88
CA SER A 25 -4.50 -4.65 -9.50
C SER A 25 -5.04 -3.62 -8.51
N GLU A 26 -4.91 -2.33 -8.83
CA GLU A 26 -5.36 -1.23 -8.00
C GLU A 26 -6.87 -1.13 -8.03
N GLU A 27 -7.53 -1.23 -9.19
CA GLU A 27 -8.97 -1.15 -9.34
C GLU A 27 -9.69 -2.06 -8.32
N THR A 28 -9.27 -3.33 -8.27
CA THR A 28 -9.79 -4.36 -7.39
C THR A 28 -9.27 -4.18 -5.95
N TYR A 29 -7.99 -3.85 -5.76
CA TYR A 29 -7.43 -3.65 -4.42
C TYR A 29 -8.21 -2.54 -3.72
N LEU A 30 -8.47 -1.44 -4.42
CA LEU A 30 -9.19 -0.27 -3.95
C LEU A 30 -10.62 -0.66 -3.58
N SER A 31 -11.22 -1.66 -4.25
CA SER A 31 -12.58 -2.11 -3.93
C SER A 31 -12.57 -2.64 -2.49
N HIS A 32 -11.63 -3.55 -2.20
CA HIS A 32 -11.49 -4.14 -0.88
C HIS A 32 -10.96 -3.15 0.16
N LEU A 33 -10.11 -2.19 -0.20
CA LEU A 33 -9.60 -1.21 0.77
C LEU A 33 -10.77 -0.39 1.33
N GLU A 34 -11.67 0.03 0.44
CA GLU A 34 -12.85 0.82 0.78
C GLU A 34 -13.77 0.04 1.75
N ALA A 35 -13.69 -1.30 1.76
CA ALA A 35 -14.46 -2.18 2.63
C ALA A 35 -14.05 -2.04 4.09
N LEU A 36 -12.78 -1.77 4.38
CA LEU A 36 -12.33 -1.60 5.75
C LEU A 36 -12.71 -0.20 6.21
N LEU A 37 -12.79 0.77 5.30
CA LEU A 37 -13.17 2.14 5.58
C LEU A 37 -14.68 2.28 5.76
N LEU A 38 -15.44 1.35 5.17
CA LEU A 38 -16.91 1.28 5.22
C LEU A 38 -17.42 1.44 6.66
N PRO A 39 -17.06 0.58 7.63
CA PRO A 39 -17.50 0.73 9.01
C PRO A 39 -16.76 1.87 9.71
N MET A 40 -15.54 2.21 9.29
CA MET A 40 -14.76 3.28 9.91
C MET A 40 -15.50 4.61 9.79
N LYS A 41 -16.19 4.88 8.68
CA LYS A 41 -16.96 6.11 8.44
C LYS A 41 -17.84 6.43 9.66
N PRO A 42 -18.86 5.63 10.02
CA PRO A 42 -19.70 5.90 11.17
C PRO A 42 -18.93 5.74 12.49
N LEU A 43 -18.07 4.73 12.65
CA LEU A 43 -17.32 4.50 13.89
C LEU A 43 -16.48 5.71 14.31
N LYS A 44 -15.89 6.43 13.35
CA LYS A 44 -15.08 7.62 13.61
C LYS A 44 -15.95 8.63 14.36
N ALA A 45 -17.18 8.85 13.89
CA ALA A 45 -18.14 9.76 14.50
C ALA A 45 -18.69 9.19 15.80
N ALA A 46 -18.93 7.87 15.88
CA ALA A 46 -19.47 7.20 17.05
C ALA A 46 -18.61 7.44 18.29
N ALA A 47 -17.30 7.69 18.13
CA ALA A 47 -16.41 7.95 19.25
C ALA A 47 -16.77 9.28 19.94
N THR A 48 -17.63 10.10 19.35
CA THR A 48 -18.08 11.39 19.87
C THR A 48 -19.57 11.41 20.23
N THR A 49 -20.19 10.25 20.49
CA THR A 49 -21.60 10.12 20.84
C THR A 49 -21.70 9.05 21.93
N SER A 50 -22.56 9.21 22.93
CA SER A 50 -22.76 8.26 24.02
C SER A 50 -21.42 7.69 24.53
N GLN A 51 -21.27 6.37 24.68
CA GLN A 51 -20.03 5.76 25.13
C GLN A 51 -19.85 4.41 24.41
N PRO A 52 -19.16 4.38 23.25
CA PRO A 52 -18.96 3.14 22.53
C PRO A 52 -18.04 2.19 23.30
N VAL A 53 -17.91 0.97 22.78
CA VAL A 53 -17.10 -0.11 23.31
C VAL A 53 -15.58 0.12 23.15
N LEU A 54 -15.16 1.22 22.51
CA LEU A 54 -13.77 1.60 22.27
C LEU A 54 -13.68 3.13 22.36
N THR A 55 -12.51 3.68 22.09
CA THR A 55 -12.19 5.11 22.08
C THR A 55 -11.66 5.40 20.66
N SER A 56 -11.47 6.67 20.27
CA SER A 56 -10.95 6.94 18.94
C SER A 56 -9.51 6.44 18.78
N GLN A 57 -8.70 6.37 19.84
CA GLN A 57 -7.30 5.90 19.76
C GLN A 57 -7.17 4.51 19.11
N GLN A 58 -8.08 3.60 19.46
CA GLN A 58 -8.08 2.24 18.94
C GLN A 58 -8.35 2.23 17.43
N ILE A 59 -9.14 3.18 16.93
CA ILE A 59 -9.44 3.31 15.51
C ILE A 59 -8.22 3.97 14.85
N GLU A 60 -7.81 5.12 15.37
CA GLU A 60 -6.70 5.95 14.91
C GLU A 60 -5.37 5.22 14.74
N THR A 61 -5.05 4.24 15.59
CA THR A 61 -3.77 3.52 15.45
C THR A 61 -3.83 2.47 14.34
N ILE A 62 -5.00 1.86 14.12
CA ILE A 62 -5.18 0.85 13.08
C ILE A 62 -5.31 1.60 11.75
N PHE A 63 -6.23 2.54 11.68
CA PHE A 63 -6.54 3.38 10.53
C PHE A 63 -5.63 4.60 10.42
N PHE A 64 -4.40 4.52 10.96
CA PHE A 64 -3.41 5.60 10.94
C PHE A 64 -3.28 6.19 9.53
N LYS A 65 -3.25 5.34 8.49
CA LYS A 65 -3.14 5.77 7.10
C LYS A 65 -4.07 5.01 6.16
N VAL A 66 -4.97 4.16 6.66
CA VAL A 66 -5.89 3.44 5.78
C VAL A 66 -6.62 4.43 4.84
N PRO A 67 -7.26 5.52 5.33
CA PRO A 67 -7.93 6.46 4.43
C PRO A 67 -6.99 7.21 3.51
N GLU A 68 -5.78 7.57 3.97
CA GLU A 68 -4.81 8.27 3.15
C GLU A 68 -4.29 7.35 2.04
N LEU A 69 -3.95 6.12 2.37
CA LEU A 69 -3.43 5.14 1.41
C LEU A 69 -4.45 4.89 0.32
N TYR A 70 -5.76 5.01 0.61
CA TYR A 70 -6.77 4.81 -0.40
C TYR A 70 -6.69 5.98 -1.37
N GLU A 71 -6.72 7.20 -0.82
CA GLU A 71 -6.67 8.45 -1.57
C GLU A 71 -5.41 8.56 -2.42
N ILE A 72 -4.25 8.23 -1.86
CA ILE A 72 -2.94 8.28 -2.53
C ILE A 72 -2.97 7.36 -3.75
N HIS A 73 -3.34 6.10 -3.53
CA HIS A 73 -3.38 5.08 -4.56
C HIS A 73 -4.40 5.39 -5.65
N LYS A 74 -5.64 5.73 -5.29
CA LYS A 74 -6.69 6.04 -6.27
C LYS A 74 -6.34 7.30 -7.01
N GLU A 75 -5.69 8.31 -6.43
CA GLU A 75 -5.38 9.52 -7.19
C GLU A 75 -4.45 9.17 -8.33
N PHE A 76 -3.42 8.38 -8.03
CA PHE A 76 -2.46 7.95 -9.02
C PHE A 76 -3.17 7.07 -10.06
N TYR A 77 -3.90 6.05 -9.62
CA TYR A 77 -4.63 5.10 -10.47
C TYR A 77 -5.68 5.77 -11.36
N ASP A 78 -6.60 6.52 -10.76
CA ASP A 78 -7.68 7.20 -11.45
C ASP A 78 -7.11 8.15 -12.50
N GLY A 79 -6.06 8.88 -12.14
CA GLY A 79 -5.41 9.82 -13.03
C GLY A 79 -4.59 9.09 -14.11
N LEU A 80 -4.19 7.84 -13.85
CA LEU A 80 -3.42 7.00 -14.76
C LEU A 80 -4.28 6.55 -15.92
N PHE A 81 -5.54 6.18 -15.68
CA PHE A 81 -6.47 5.73 -16.72
C PHE A 81 -6.42 6.64 -17.97
N PRO A 82 -6.75 7.94 -17.88
CA PRO A 82 -6.72 8.83 -19.04
C PRO A 82 -5.28 9.06 -19.55
N ARG A 83 -4.28 9.06 -18.66
CA ARG A 83 -2.88 9.26 -19.03
C ARG A 83 -2.39 8.11 -19.91
N VAL A 84 -2.67 6.87 -19.53
CA VAL A 84 -2.28 5.68 -20.28
C VAL A 84 -3.08 5.61 -21.58
N GLN A 85 -4.38 5.87 -21.55
CA GLN A 85 -5.18 5.80 -22.76
C GLN A 85 -4.79 6.88 -23.78
N GLN A 86 -4.35 8.07 -23.35
CA GLN A 86 -3.94 9.15 -24.23
C GLN A 86 -2.70 9.81 -23.63
N TRP A 87 -1.54 9.23 -23.92
CA TRP A 87 -0.27 9.72 -23.43
C TRP A 87 -0.02 11.11 -24.02
N SER A 88 0.35 12.07 -23.18
CA SER A 88 0.63 13.42 -23.63
C SER A 88 1.91 13.42 -24.44
N HIS A 89 1.88 14.07 -25.60
CA HIS A 89 3.04 14.19 -26.45
C HIS A 89 3.84 15.41 -25.95
N GLN A 90 3.16 16.39 -25.34
CA GLN A 90 3.72 17.61 -24.80
C GLN A 90 4.74 17.27 -23.71
N GLN A 91 4.35 16.54 -22.66
CA GLN A 91 5.27 16.16 -21.61
C GLN A 91 5.03 14.74 -21.11
N ARG A 92 6.08 14.22 -20.48
CA ARG A 92 6.23 12.91 -19.87
C ARG A 92 5.46 12.84 -18.54
N VAL A 93 5.52 11.69 -17.87
CA VAL A 93 4.87 11.46 -16.59
C VAL A 93 5.88 10.85 -15.63
N GLY A 94 5.86 11.31 -14.38
CA GLY A 94 6.73 10.87 -13.31
C GLY A 94 6.25 11.42 -11.96
N ASP A 95 5.52 12.54 -11.99
CA ASP A 95 4.98 13.26 -10.84
C ASP A 95 4.19 12.35 -9.91
N LEU A 96 3.31 11.52 -10.45
CA LEU A 96 2.46 10.61 -9.67
C LEU A 96 3.31 9.69 -8.78
N PHE A 97 4.36 9.08 -9.34
CA PHE A 97 5.25 8.19 -8.60
C PHE A 97 6.16 9.01 -7.66
N GLN A 98 6.68 10.15 -8.13
CA GLN A 98 7.57 11.04 -7.38
C GLN A 98 6.91 11.47 -6.07
N LYS A 99 5.65 11.89 -6.16
CA LYS A 99 4.77 12.35 -5.09
C LYS A 99 4.69 11.36 -3.93
N LEU A 100 4.87 10.07 -4.17
CA LEU A 100 4.82 9.05 -3.13
C LEU A 100 6.01 9.22 -2.19
N ALA A 101 7.22 9.34 -2.74
CA ALA A 101 8.43 9.50 -1.96
C ALA A 101 8.47 10.86 -1.26
N SER A 102 7.87 11.91 -1.84
CA SER A 102 7.85 13.24 -1.23
C SER A 102 7.06 13.28 0.09
N GLN A 103 6.27 12.24 0.38
CA GLN A 103 5.48 12.09 1.59
C GLN A 103 5.92 10.86 2.41
N LEU A 104 7.15 10.37 2.25
CA LEU A 104 7.71 9.20 2.97
C LEU A 104 7.41 9.16 4.47
N GLY A 105 7.22 10.30 5.13
CA GLY A 105 6.93 10.36 6.56
C GLY A 105 5.69 9.56 6.87
N VAL A 106 4.73 9.50 5.95
CA VAL A 106 3.50 8.74 6.08
C VAL A 106 3.86 7.28 6.37
N TYR A 107 4.71 6.70 5.52
CA TYR A 107 5.17 5.32 5.59
C TYR A 107 6.07 5.11 6.82
N ARG A 108 7.03 6.01 7.08
CA ARG A 108 7.95 5.91 8.21
C ARG A 108 7.19 6.00 9.54
N ALA A 109 6.25 6.92 9.70
CA ALA A 109 5.48 7.05 10.93
C ALA A 109 4.61 5.79 11.09
N PHE A 110 4.06 5.25 10.00
CA PHE A 110 3.25 4.04 10.07
C PHE A 110 4.14 2.90 10.58
N VAL A 111 5.37 2.74 10.05
CA VAL A 111 6.25 1.67 10.51
C VAL A 111 6.69 1.91 11.96
N ASP A 112 6.75 3.17 12.42
CA ASP A 112 7.15 3.53 13.77
C ASP A 112 6.19 2.99 14.83
N ASN A 113 4.93 2.72 14.47
CA ASN A 113 3.88 2.20 15.35
C ASN A 113 3.27 0.91 14.79
N TYR A 114 3.94 0.23 13.84
CA TYR A 114 3.44 -0.99 13.21
C TYR A 114 2.99 -2.05 14.21
N GLY A 115 3.84 -2.38 15.19
CA GLY A 115 3.53 -3.37 16.21
C GLY A 115 2.37 -2.93 17.12
N VAL A 116 2.16 -1.62 17.30
CA VAL A 116 1.10 -1.09 18.14
C VAL A 116 -0.24 -1.27 17.43
N ALA A 117 -0.28 -1.08 16.11
CA ALA A 117 -1.52 -1.23 15.35
C ALA A 117 -2.08 -2.64 15.52
N MET A 118 -1.21 -3.66 15.48
CA MET A 118 -1.68 -5.03 15.66
C MET A 118 -2.06 -5.28 17.12
N GLU A 119 -1.35 -4.67 18.08
CA GLU A 119 -1.60 -4.85 19.51
C GLU A 119 -3.03 -4.44 19.85
N MET A 120 -3.50 -3.32 19.29
CA MET A 120 -4.85 -2.86 19.55
C MET A 120 -5.83 -3.81 18.86
N ALA A 121 -5.56 -4.16 17.61
CA ALA A 121 -6.41 -5.04 16.84
C ALA A 121 -6.62 -6.41 17.49
N GLU A 122 -5.55 -7.11 17.85
CA GLU A 122 -5.59 -8.45 18.45
C GLU A 122 -6.29 -8.42 19.81
N LYS A 123 -6.02 -7.43 20.67
CA LYS A 123 -6.72 -7.39 21.96
C LYS A 123 -8.18 -7.01 21.74
N CYS A 124 -8.48 -6.20 20.72
CA CYS A 124 -9.86 -5.83 20.41
C CYS A 124 -10.59 -7.10 19.98
N CYS A 125 -10.05 -7.94 19.08
CA CYS A 125 -10.77 -9.16 18.69
C CYS A 125 -11.09 -10.05 19.90
N GLN A 126 -10.23 -10.08 20.93
CA GLN A 126 -10.46 -10.89 22.12
C GLN A 126 -11.38 -10.24 23.18
N ALA A 127 -11.51 -8.91 23.22
CA ALA A 127 -12.33 -8.18 24.21
C ALA A 127 -13.53 -7.40 23.65
N ASN A 128 -13.65 -7.33 22.33
CA ASN A 128 -14.66 -6.62 21.57
C ASN A 128 -15.32 -7.58 20.58
N ALA A 129 -16.47 -8.14 20.94
CA ALA A 129 -17.21 -9.10 20.12
C ALA A 129 -17.43 -8.57 18.69
N GLN A 130 -17.72 -7.27 18.55
CA GLN A 130 -17.95 -6.62 17.27
C GLN A 130 -16.69 -6.67 16.39
N PHE A 131 -15.48 -6.58 16.98
CA PHE A 131 -14.24 -6.64 16.23
C PHE A 131 -13.89 -8.10 15.90
N ALA A 132 -14.37 -9.04 16.72
CA ALA A 132 -14.18 -10.47 16.58
C ALA A 132 -14.97 -11.03 15.40
N GLU A 133 -16.26 -10.67 15.25
CA GLU A 133 -17.12 -11.16 14.17
C GLU A 133 -16.58 -10.78 12.80
N ILE A 134 -16.22 -9.51 12.59
CA ILE A 134 -15.71 -9.05 11.32
C ILE A 134 -14.42 -9.82 10.97
N SER A 135 -13.63 -10.23 11.96
CA SER A 135 -12.40 -11.00 11.75
C SER A 135 -12.67 -12.39 11.15
N GLU A 136 -13.91 -12.87 11.10
CA GLU A 136 -14.24 -14.18 10.55
C GLU A 136 -14.24 -14.16 9.00
N ASN A 137 -14.30 -12.98 8.39
CA ASN A 137 -14.30 -12.86 6.92
C ASN A 137 -12.95 -13.29 6.31
N LEU A 138 -11.91 -13.42 7.12
CA LEU A 138 -10.58 -13.82 6.67
C LEU A 138 -10.54 -15.33 6.46
N ARG A 139 -9.47 -15.79 5.80
CA ARG A 139 -9.23 -17.19 5.50
C ARG A 139 -7.72 -17.39 5.59
N ALA A 140 -7.25 -18.33 6.41
CA ALA A 140 -5.83 -18.66 6.60
C ALA A 140 -5.76 -19.96 7.40
N ARG A 141 -4.82 -20.86 7.07
CA ARG A 141 -4.63 -22.13 7.77
C ARG A 141 -3.28 -22.76 7.39
N SER A 142 -2.51 -23.22 8.37
CA SER A 142 -1.20 -23.87 8.17
C SER A 142 -1.06 -25.07 9.09
N ASN A 143 0.03 -25.84 8.98
CA ASN A 143 0.28 -27.04 9.78
C ASN A 143 0.75 -26.71 11.20
N LYS A 144 2.00 -26.25 11.31
CA LYS A 144 2.67 -25.90 12.56
C LYS A 144 1.86 -24.94 13.43
N ASP A 145 1.20 -23.98 12.78
CA ASP A 145 0.36 -22.95 13.38
C ASP A 145 -0.58 -23.48 14.45
N ALA A 146 -1.10 -24.71 14.28
CA ALA A 146 -2.04 -25.36 15.17
C ALA A 146 -1.58 -25.48 16.63
N LYS A 147 -0.31 -25.25 16.95
CA LYS A 147 0.22 -25.34 18.31
C LYS A 147 0.80 -24.00 18.79
N ASP A 148 1.11 -23.07 17.90
CA ASP A 148 1.66 -21.76 18.26
C ASP A 148 0.53 -20.78 18.62
N PRO A 149 0.81 -19.65 19.27
CA PRO A 149 -0.23 -18.69 19.64
C PRO A 149 -0.82 -17.97 18.42
N THR A 150 -0.06 -17.80 17.34
CA THR A 150 -0.49 -17.13 16.13
C THR A 150 -1.15 -18.15 15.17
N THR A 151 -1.98 -19.03 15.72
CA THR A 151 -2.72 -20.07 15.01
C THR A 151 -3.70 -19.42 14.01
N LYS A 152 -4.39 -18.39 14.49
CA LYS A 152 -5.39 -17.58 13.82
C LYS A 152 -4.74 -16.42 13.03
N ASN A 153 -5.56 -15.74 12.24
CA ASN A 153 -5.14 -14.59 11.43
C ASN A 153 -5.26 -13.33 12.26
N SER A 154 -4.38 -12.35 12.04
CA SER A 154 -4.38 -11.09 12.77
C SER A 154 -4.23 -9.93 11.80
N LEU A 155 -4.60 -8.72 12.25
CA LEU A 155 -4.54 -7.49 11.48
C LEU A 155 -3.15 -7.21 10.91
N GLU A 156 -2.08 -7.69 11.55
CA GLU A 156 -0.71 -7.50 11.07
C GLU A 156 -0.57 -8.07 9.66
N THR A 157 -1.24 -9.18 9.35
CA THR A 157 -1.22 -9.83 8.05
C THR A 157 -1.96 -8.94 7.03
N LEU A 158 -3.05 -8.30 7.45
CA LEU A 158 -3.83 -7.41 6.61
C LEU A 158 -3.03 -6.14 6.32
N LEU A 159 -2.19 -5.70 7.26
CA LEU A 159 -1.35 -4.53 7.07
C LEU A 159 -0.15 -4.91 6.20
N TYR A 160 0.40 -6.12 6.37
CA TYR A 160 1.55 -6.55 5.59
C TYR A 160 1.18 -6.80 4.12
N LYS A 161 -0.10 -7.11 3.82
CA LYS A 161 -0.57 -7.35 2.47
C LYS A 161 -0.12 -6.24 1.52
N PRO A 162 -0.52 -4.97 1.68
CA PRO A 162 -0.07 -3.91 0.79
C PRO A 162 1.45 -3.70 0.83
N VAL A 163 2.06 -3.73 2.02
CA VAL A 163 3.49 -3.52 2.24
C VAL A 163 4.33 -4.49 1.39
N ASP A 164 3.96 -5.77 1.32
CA ASP A 164 4.67 -6.77 0.53
C ASP A 164 4.76 -6.30 -0.93
N ARG A 165 3.64 -5.83 -1.48
CA ARG A 165 3.60 -5.35 -2.85
C ARG A 165 4.49 -4.11 -2.98
N VAL A 166 4.55 -3.24 -1.96
CA VAL A 166 5.41 -2.05 -2.01
C VAL A 166 6.87 -2.48 -2.13
N THR A 167 7.32 -3.56 -1.48
CA THR A 167 8.72 -3.97 -1.61
C THR A 167 9.07 -4.25 -3.09
N ARG A 168 8.18 -4.94 -3.81
CA ARG A 168 8.34 -5.29 -5.21
C ARG A 168 8.11 -4.10 -6.13
N SER A 169 7.46 -3.01 -5.69
CA SER A 169 7.23 -1.86 -6.55
C SER A 169 8.54 -1.29 -7.12
N THR A 170 9.65 -1.41 -6.39
CA THR A 170 10.92 -0.89 -6.88
C THR A 170 11.35 -1.60 -8.16
N LEU A 171 10.86 -2.84 -8.40
CA LEU A 171 11.23 -3.57 -9.61
C LEU A 171 10.57 -2.92 -10.84
N VAL A 172 9.35 -2.36 -10.72
CA VAL A 172 8.64 -1.72 -11.83
C VAL A 172 9.42 -0.48 -12.29
N LEU A 173 10.06 0.22 -11.36
CA LEU A 173 10.85 1.42 -11.66
C LEU A 173 11.98 1.02 -12.61
N HIS A 174 12.69 -0.07 -12.30
CA HIS A 174 13.78 -0.56 -13.14
C HIS A 174 13.24 -1.07 -14.49
N ASP A 175 12.03 -1.63 -14.52
CA ASP A 175 11.42 -2.14 -15.75
C ASP A 175 11.13 -1.00 -16.72
N LEU A 176 10.56 0.10 -16.22
CA LEU A 176 10.25 1.28 -17.04
C LEU A 176 11.55 2.03 -17.39
N LEU A 177 12.51 2.04 -16.49
CA LEU A 177 13.80 2.71 -16.69
C LEU A 177 14.63 2.02 -17.77
N LYS A 178 14.54 0.70 -17.93
CA LYS A 178 15.32 -0.08 -18.90
C LYS A 178 15.28 0.51 -20.31
N HIS A 179 14.11 0.91 -20.81
CA HIS A 179 13.99 1.46 -22.17
C HIS A 179 13.96 2.99 -22.19
N THR A 180 14.12 3.65 -21.04
CA THR A 180 14.12 5.11 -20.96
C THR A 180 15.58 5.60 -21.16
N PRO A 181 15.83 6.60 -22.03
CA PRO A 181 17.16 7.13 -22.27
C PRO A 181 17.62 8.02 -21.12
N ALA A 182 18.91 8.02 -20.80
CA ALA A 182 19.48 8.85 -19.75
C ALA A 182 19.31 10.35 -20.06
N SER A 183 19.06 10.67 -21.33
CA SER A 183 18.86 12.00 -21.89
C SER A 183 17.47 12.58 -21.54
N HIS A 184 16.58 11.78 -20.92
CA HIS A 184 15.26 12.22 -20.51
C HIS A 184 15.30 12.58 -19.02
N PRO A 185 14.50 13.56 -18.55
CA PRO A 185 14.44 13.94 -17.13
C PRO A 185 13.94 12.77 -16.28
N ASP A 186 13.27 11.82 -16.93
CA ASP A 186 12.72 10.61 -16.37
C ASP A 186 13.87 9.80 -15.76
N HIS A 187 15.08 9.85 -16.31
CA HIS A 187 16.22 9.11 -15.78
C HIS A 187 16.61 9.60 -14.39
N PRO A 188 17.02 10.87 -14.17
CA PRO A 188 17.40 11.32 -12.84
C PRO A 188 16.20 11.30 -11.89
N LEU A 189 15.00 11.66 -12.35
CA LEU A 189 13.81 11.68 -11.50
C LEU A 189 13.48 10.27 -11.01
N LEU A 190 13.32 9.31 -11.92
CA LEU A 190 12.98 7.95 -11.52
C LEU A 190 14.12 7.30 -10.75
N GLN A 191 15.38 7.62 -11.01
CA GLN A 191 16.50 7.02 -10.28
C GLN A 191 16.55 7.57 -8.86
N ASP A 192 16.41 8.88 -8.69
CA ASP A 192 16.44 9.52 -7.39
C ASP A 192 15.27 9.01 -6.55
N ALA A 193 14.06 9.11 -7.11
CA ALA A 193 12.83 8.67 -6.46
C ALA A 193 12.95 7.19 -6.07
N LEU A 194 13.48 6.35 -6.97
CA LEU A 194 13.66 4.93 -6.70
C LEU A 194 14.57 4.75 -5.48
N ARG A 195 15.71 5.44 -5.45
CA ARG A 195 16.67 5.32 -4.35
C ARG A 195 16.04 5.67 -3.00
N ILE A 196 15.45 6.85 -2.87
CA ILE A 196 14.85 7.31 -1.61
C ILE A 196 13.79 6.37 -1.03
N SER A 197 12.78 5.91 -1.80
CA SER A 197 11.78 5.01 -1.23
C SER A 197 12.36 3.60 -0.99
N GLN A 198 13.34 3.16 -1.80
CA GLN A 198 13.97 1.86 -1.65
C GLN A 198 14.75 1.83 -0.34
N ASN A 199 15.53 2.88 -0.07
CA ASN A 199 16.30 2.96 1.15
C ASN A 199 15.41 2.92 2.39
N PHE A 200 14.19 3.47 2.31
CA PHE A 200 13.29 3.44 3.46
C PHE A 200 12.88 2.01 3.80
N LEU A 201 12.30 1.28 2.84
CA LEU A 201 11.84 -0.10 3.08
C LEU A 201 12.98 -1.06 3.35
N SER A 202 14.12 -0.85 2.70
CA SER A 202 15.29 -1.69 2.88
C SER A 202 15.85 -1.48 4.30
N SER A 203 15.73 -0.28 4.87
CA SER A 203 16.23 0.01 6.22
C SER A 203 15.36 -0.66 7.31
N ILE A 204 14.13 -1.06 6.98
CA ILE A 204 13.19 -1.72 7.89
C ILE A 204 12.91 -3.13 7.38
N ASN A 205 13.75 -3.67 6.48
CA ASN A 205 13.56 -5.01 5.93
C ASN A 205 13.54 -6.09 7.03
N GLU A 206 14.23 -5.85 8.15
CA GLU A 206 14.30 -6.75 9.30
C GLU A 206 13.05 -6.64 10.17
N GLU A 207 12.27 -5.56 10.05
CA GLU A 207 11.04 -5.36 10.81
C GLU A 207 9.93 -6.24 10.24
N ILE A 208 10.02 -6.54 8.94
CA ILE A 208 9.07 -7.32 8.18
C ILE A 208 9.76 -8.52 7.50
N THR A 209 10.07 -9.56 8.28
CA THR A 209 10.72 -10.77 7.77
C THR A 209 9.68 -11.89 7.65
N PRO A 210 9.90 -12.87 6.74
CA PRO A 210 8.97 -13.98 6.57
C PRO A 210 8.96 -14.85 7.83
N ARG A 211 10.08 -14.90 8.57
CA ARG A 211 10.25 -15.65 9.80
C ARG A 211 11.31 -14.95 10.66
N ARG A 212 11.43 -15.39 11.91
CA ARG A 212 12.36 -14.92 12.93
C ARG A 212 12.62 -16.08 13.88
N GLN A 213 13.64 -15.96 14.74
CA GLN A 213 14.03 -16.97 15.70
C GLN A 213 14.35 -16.31 17.04
N SER A 214 14.38 -17.13 18.10
CA SER A 214 14.68 -16.70 19.45
C SER A 214 14.98 -17.93 20.32
N MET A 215 15.01 -17.70 21.63
CA MET A 215 15.24 -18.64 22.71
C MET A 215 14.25 -18.27 23.83
N THR A 216 14.17 -19.08 24.87
CA THR A 216 13.32 -18.93 26.04
C THR A 216 13.94 -19.72 27.20
N VAL A 217 13.67 -19.33 28.45
CA VAL A 217 14.17 -20.02 29.64
C VAL A 217 13.18 -21.13 30.02
N LYS A 218 13.31 -21.67 31.22
CA LYS A 218 12.49 -22.70 31.83
C LYS A 218 12.16 -22.21 33.23
N ALA A 1 2.43 16.69 -40.08
CA ALA A 1 3.68 17.44 -39.88
C ALA A 1 4.39 16.72 -38.76
N MET A 2 5.72 16.52 -38.84
CA MET A 2 6.46 15.77 -37.82
C MET A 2 5.88 14.34 -37.81
N ALA A 3 6.11 13.55 -36.76
CA ALA A 3 5.61 12.19 -36.67
C ALA A 3 4.06 12.18 -36.54
N SER A 4 3.48 10.98 -36.52
CA SER A 4 2.05 10.74 -36.40
C SER A 4 1.85 9.80 -35.21
N GLU A 5 0.67 9.80 -34.58
CA GLU A 5 0.42 8.91 -33.43
C GLU A 5 0.69 7.44 -33.81
N LEU A 6 0.49 7.04 -35.07
CA LEU A 6 0.74 5.67 -35.55
C LEU A 6 2.21 5.26 -35.43
N ASP A 7 3.13 6.23 -35.43
CA ASP A 7 4.56 6.04 -35.29
C ASP A 7 4.85 6.01 -33.80
N LEU A 8 4.40 7.06 -33.09
CA LEU A 8 4.57 7.23 -31.64
C LEU A 8 4.05 6.01 -30.89
N GLU A 9 3.01 5.36 -31.39
CA GLU A 9 2.36 4.18 -30.83
C GLU A 9 3.36 3.06 -30.56
N LYS A 10 4.43 2.92 -31.35
CA LYS A 10 5.42 1.87 -31.12
C LYS A 10 6.06 2.09 -29.74
N GLY A 11 6.14 3.33 -29.28
CA GLY A 11 6.66 3.71 -27.99
C GLY A 11 5.54 3.59 -26.96
N LEU A 12 4.37 4.17 -27.25
CA LEU A 12 3.21 4.18 -26.38
C LEU A 12 2.73 2.77 -26.02
N GLU A 13 2.91 1.75 -26.85
CA GLU A 13 2.50 0.37 -26.55
C GLU A 13 3.29 -0.15 -25.34
N MET A 14 4.56 0.22 -25.27
CA MET A 14 5.46 -0.18 -24.21
C MET A 14 5.08 0.56 -22.93
N ARG A 15 4.78 1.85 -23.03
CA ARG A 15 4.39 2.62 -21.84
C ARG A 15 3.02 2.18 -21.34
N LYS A 16 2.03 2.00 -22.22
CA LYS A 16 0.68 1.62 -21.83
C LYS A 16 0.66 0.28 -21.13
N TRP A 17 1.33 -0.76 -21.62
CA TRP A 17 1.29 -2.06 -20.94
C TRP A 17 1.83 -1.92 -19.51
N VAL A 18 2.95 -1.21 -19.34
CA VAL A 18 3.59 -1.02 -18.05
C VAL A 18 2.64 -0.31 -17.08
N LEU A 19 2.10 0.86 -17.46
CA LEU A 19 1.19 1.58 -16.58
C LEU A 19 -0.12 0.83 -16.36
N SER A 20 -0.65 0.17 -17.38
CA SER A 20 -1.89 -0.60 -17.35
C SER A 20 -1.87 -1.61 -16.23
N GLY A 21 -0.76 -2.32 -16.03
CA GLY A 21 -0.64 -3.32 -14.98
C GLY A 21 -0.89 -2.73 -13.59
N ILE A 22 -0.56 -1.45 -13.38
CA ILE A 22 -0.75 -0.80 -12.08
C ILE A 22 -2.24 -0.54 -11.86
N LEU A 23 -2.93 0.16 -12.77
CA LEU A 23 -4.38 0.46 -12.70
C LEU A 23 -5.12 -0.88 -12.58
N ALA A 24 -4.74 -1.90 -13.36
CA ALA A 24 -5.37 -3.21 -13.34
C ALA A 24 -5.23 -3.89 -11.99
N SER A 25 -4.09 -3.73 -11.31
CA SER A 25 -3.86 -4.33 -10.01
C SER A 25 -4.57 -3.54 -8.90
N GLU A 26 -4.58 -2.21 -9.02
CA GLU A 26 -5.17 -1.25 -8.11
C GLU A 26 -6.69 -1.31 -8.13
N GLU A 27 -7.31 -1.27 -9.31
CA GLU A 27 -8.74 -1.27 -9.52
C GLU A 27 -9.47 -2.36 -8.71
N THR A 28 -9.06 -3.62 -8.85
CA THR A 28 -9.64 -4.75 -8.12
C THR A 28 -9.29 -4.61 -6.63
N TYR A 29 -8.04 -4.26 -6.32
CA TYR A 29 -7.57 -4.10 -4.95
C TYR A 29 -8.38 -3.07 -4.18
N LEU A 30 -8.89 -2.01 -4.81
CA LEU A 30 -9.69 -0.99 -4.13
C LEU A 30 -10.88 -1.64 -3.43
N SER A 31 -11.43 -2.73 -3.97
CA SER A 31 -12.56 -3.43 -3.35
C SER A 31 -12.09 -4.10 -2.05
N HIS A 32 -10.88 -4.67 -2.05
CA HIS A 32 -10.34 -5.31 -0.85
C HIS A 32 -10.02 -4.24 0.21
N LEU A 33 -9.55 -3.07 -0.21
CA LEU A 33 -9.22 -1.96 0.68
C LEU A 33 -10.53 -1.38 1.23
N GLU A 34 -11.56 -1.27 0.40
CA GLU A 34 -12.90 -0.76 0.70
C GLU A 34 -13.49 -1.57 1.85
N ALA A 35 -13.25 -2.88 1.92
CA ALA A 35 -13.75 -3.73 2.99
C ALA A 35 -13.27 -3.26 4.38
N LEU A 36 -12.11 -2.60 4.43
CA LEU A 36 -11.50 -2.06 5.63
C LEU A 36 -12.02 -0.64 5.89
N LEU A 37 -12.43 0.08 4.85
CA LEU A 37 -12.99 1.44 4.94
C LEU A 37 -14.43 1.34 5.46
N LEU A 38 -15.12 0.29 5.02
CA LEU A 38 -16.50 -0.09 5.32
C LEU A 38 -16.79 0.11 6.81
N PRO A 39 -16.08 -0.55 7.76
CA PRO A 39 -16.30 -0.36 9.20
C PRO A 39 -15.67 0.94 9.72
N MET A 40 -14.66 1.50 9.05
CA MET A 40 -14.00 2.74 9.48
C MET A 40 -15.03 3.88 9.50
N LYS A 41 -15.85 3.95 8.45
CA LYS A 41 -16.92 4.95 8.30
C LYS A 41 -17.81 5.05 9.55
N PRO A 42 -18.58 4.02 9.93
CA PRO A 42 -19.45 4.08 11.10
C PRO A 42 -18.64 4.24 12.38
N LEU A 43 -17.44 3.64 12.49
CA LEU A 43 -16.60 3.75 13.68
C LEU A 43 -16.21 5.20 13.94
N LYS A 44 -15.65 5.92 12.95
CA LYS A 44 -15.27 7.31 13.15
C LYS A 44 -16.52 8.18 13.36
N ALA A 45 -17.66 7.82 12.76
CA ALA A 45 -18.89 8.58 12.96
C ALA A 45 -19.34 8.43 14.42
N ALA A 46 -19.25 7.19 14.95
CA ALA A 46 -19.61 6.88 16.31
C ALA A 46 -18.65 7.54 17.29
N ALA A 47 -17.37 7.67 16.91
CA ALA A 47 -16.29 8.27 17.70
C ALA A 47 -16.52 9.73 18.09
N THR A 48 -17.54 10.39 17.55
CA THR A 48 -17.88 11.77 17.83
C THR A 48 -19.32 11.86 18.37
N THR A 49 -19.85 10.76 18.93
CA THR A 49 -21.18 10.63 19.50
C THR A 49 -21.04 9.75 20.74
N SER A 50 -22.06 9.82 21.60
CA SER A 50 -22.26 9.10 22.85
C SER A 50 -20.97 8.51 23.43
N GLN A 51 -20.79 7.19 23.36
CA GLN A 51 -19.65 6.46 23.85
C GLN A 51 -19.68 5.10 23.15
N PRO A 52 -18.96 4.93 22.04
CA PRO A 52 -18.95 3.67 21.31
C PRO A 52 -18.25 2.56 22.10
N VAL A 53 -18.28 1.34 21.58
CA VAL A 53 -17.66 0.16 22.17
C VAL A 53 -16.11 0.25 22.19
N LEU A 54 -15.55 1.30 21.58
CA LEU A 54 -14.13 1.62 21.43
C LEU A 54 -13.91 3.10 21.82
N THR A 55 -12.69 3.57 21.66
CA THR A 55 -12.29 4.95 21.92
C THR A 55 -11.49 5.38 20.68
N SER A 56 -11.48 6.69 20.39
CA SER A 56 -10.75 7.22 19.25
C SER A 56 -9.26 6.87 19.35
N GLN A 57 -8.71 6.67 20.56
CA GLN A 57 -7.31 6.32 20.77
C GLN A 57 -6.94 4.98 20.10
N GLN A 58 -7.87 4.03 20.11
CA GLN A 58 -7.65 2.73 19.52
C GLN A 58 -7.78 2.84 18.00
N ILE A 59 -8.79 3.55 17.54
CA ILE A 59 -9.09 3.78 16.13
C ILE A 59 -7.95 4.53 15.45
N GLU A 60 -7.45 5.63 16.03
CA GLU A 60 -6.38 6.45 15.47
C GLU A 60 -5.06 5.69 15.29
N THR A 61 -4.89 4.57 16.01
CA THR A 61 -3.70 3.76 15.94
C THR A 61 -3.85 2.72 14.83
N ILE A 62 -4.95 1.96 14.85
CA ILE A 62 -5.22 0.92 13.86
C ILE A 62 -5.43 1.54 12.48
N PHE A 63 -6.31 2.53 12.37
CA PHE A 63 -6.67 3.20 11.12
C PHE A 63 -5.81 4.44 10.82
N PHE A 64 -4.65 4.58 11.47
CA PHE A 64 -3.69 5.68 11.35
C PHE A 64 -3.57 6.30 9.96
N LYS A 65 -3.48 5.48 8.90
CA LYS A 65 -3.38 5.98 7.53
C LYS A 65 -4.28 5.26 6.53
N VAL A 66 -5.21 4.41 6.98
CA VAL A 66 -6.13 3.67 6.11
C VAL A 66 -6.84 4.59 5.08
N PRO A 67 -7.56 5.66 5.50
CA PRO A 67 -8.25 6.52 4.54
C PRO A 67 -7.29 7.29 3.63
N GLU A 68 -6.11 7.66 4.13
CA GLU A 68 -5.10 8.38 3.36
C GLU A 68 -4.52 7.47 2.29
N LEU A 69 -4.21 6.22 2.61
CA LEU A 69 -3.66 5.27 1.63
C LEU A 69 -4.66 5.09 0.49
N TYR A 70 -5.95 4.98 0.80
CA TYR A 70 -7.00 4.83 -0.20
C TYR A 70 -6.99 6.06 -1.12
N GLU A 71 -6.89 7.26 -0.55
CA GLU A 71 -6.86 8.52 -1.28
C GLU A 71 -5.59 8.62 -2.13
N ILE A 72 -4.41 8.43 -1.55
CA ILE A 72 -3.09 8.50 -2.19
C ILE A 72 -3.02 7.57 -3.40
N HIS A 73 -3.56 6.37 -3.28
CA HIS A 73 -3.51 5.40 -4.35
C HIS A 73 -4.54 5.68 -5.45
N LYS A 74 -5.81 5.91 -5.14
CA LYS A 74 -6.83 6.20 -6.17
C LYS A 74 -6.53 7.53 -6.84
N GLU A 75 -5.96 8.52 -6.17
CA GLU A 75 -5.69 9.80 -6.80
C GLU A 75 -4.78 9.59 -8.01
N PHE A 76 -3.74 8.81 -7.77
CA PHE A 76 -2.76 8.46 -8.75
C PHE A 76 -3.37 7.59 -9.85
N TYR A 77 -4.00 6.46 -9.47
CA TYR A 77 -4.59 5.50 -10.38
C TYR A 77 -5.70 6.10 -11.22
N ASP A 78 -6.62 6.85 -10.59
CA ASP A 78 -7.72 7.43 -11.33
C ASP A 78 -7.16 8.47 -12.30
N GLY A 79 -6.18 9.28 -11.87
CA GLY A 79 -5.59 10.30 -12.71
C GLY A 79 -4.70 9.69 -13.80
N LEU A 80 -4.39 8.39 -13.70
CA LEU A 80 -3.57 7.63 -14.63
C LEU A 80 -4.41 7.15 -15.80
N PHE A 81 -5.66 6.76 -15.56
CA PHE A 81 -6.60 6.26 -16.57
C PHE A 81 -6.67 7.22 -17.77
N PRO A 82 -7.04 8.50 -17.61
CA PRO A 82 -7.12 9.42 -18.73
C PRO A 82 -5.73 9.84 -19.22
N ARG A 83 -4.66 9.52 -18.50
CA ARG A 83 -3.28 9.81 -18.88
C ARG A 83 -2.89 8.84 -19.97
N VAL A 84 -3.03 7.52 -19.70
CA VAL A 84 -2.70 6.49 -20.67
C VAL A 84 -3.70 6.55 -21.83
N GLN A 85 -5.00 6.71 -21.55
CA GLN A 85 -6.01 6.78 -22.61
C GLN A 85 -5.93 8.05 -23.45
N GLN A 86 -5.30 9.12 -22.99
CA GLN A 86 -5.17 10.35 -23.76
C GLN A 86 -3.77 10.86 -23.49
N TRP A 87 -2.78 10.23 -24.12
CA TRP A 87 -1.37 10.60 -23.99
C TRP A 87 -1.25 12.08 -24.34
N SER A 88 -0.74 12.85 -23.38
CA SER A 88 -0.55 14.28 -23.47
C SER A 88 0.67 14.58 -24.35
N HIS A 89 0.74 15.81 -24.87
CA HIS A 89 1.81 16.28 -25.74
C HIS A 89 2.51 17.48 -25.11
N GLN A 90 1.74 18.52 -24.79
CA GLN A 90 2.24 19.74 -24.17
C GLN A 90 2.60 19.47 -22.68
N GLN A 91 2.16 18.33 -22.15
CA GLN A 91 2.38 17.83 -20.79
C GLN A 91 2.86 16.38 -20.94
N ARG A 92 3.56 15.88 -19.93
CA ARG A 92 4.14 14.55 -19.82
C ARG A 92 3.87 14.01 -18.42
N VAL A 93 4.32 12.80 -18.10
CA VAL A 93 4.15 12.16 -16.79
C VAL A 93 5.51 12.07 -16.09
N GLY A 94 5.50 11.66 -14.82
CA GLY A 94 6.68 11.51 -13.97
C GLY A 94 6.38 12.03 -12.56
N ASP A 95 5.78 13.21 -12.47
CA ASP A 95 5.41 13.92 -11.24
C ASP A 95 4.51 13.07 -10.34
N LEU A 96 3.62 12.27 -10.94
CA LEU A 96 2.70 11.39 -10.23
C LEU A 96 3.53 10.41 -9.39
N PHE A 97 4.51 9.74 -10.01
CA PHE A 97 5.37 8.79 -9.31
C PHE A 97 6.23 9.48 -8.26
N GLN A 98 6.73 10.70 -8.52
CA GLN A 98 7.57 11.43 -7.57
C GLN A 98 6.83 11.67 -6.26
N LYS A 99 5.50 11.86 -6.31
CA LYS A 99 4.67 12.10 -5.14
C LYS A 99 4.89 11.06 -4.06
N LEU A 100 4.89 9.77 -4.42
CA LEU A 100 5.09 8.68 -3.46
C LEU A 100 6.42 8.84 -2.74
N ALA A 101 7.52 9.02 -3.47
CA ALA A 101 8.84 9.19 -2.87
C ALA A 101 8.86 10.42 -1.94
N SER A 102 8.18 11.49 -2.35
CA SER A 102 8.06 12.73 -1.63
C SER A 102 7.17 12.64 -0.38
N GLN A 103 6.35 11.58 -0.23
CA GLN A 103 5.48 11.36 0.92
C GLN A 103 5.79 10.08 1.71
N LEU A 104 6.89 9.38 1.38
CA LEU A 104 7.31 8.13 2.03
C LEU A 104 7.38 8.24 3.56
N GLY A 105 7.59 9.44 4.12
CA GLY A 105 7.65 9.65 5.56
C GLY A 105 6.35 9.22 6.25
N VAL A 106 5.20 9.28 5.58
CA VAL A 106 3.95 8.86 6.20
C VAL A 106 3.95 7.34 6.36
N TYR A 107 4.49 6.64 5.36
CA TYR A 107 4.62 5.19 5.34
C TYR A 107 5.58 4.79 6.46
N ARG A 108 6.68 5.54 6.62
CA ARG A 108 7.70 5.33 7.64
C ARG A 108 7.06 5.40 9.02
N ALA A 109 6.24 6.43 9.28
CA ALA A 109 5.58 6.60 10.57
C ALA A 109 4.75 5.37 10.96
N PHE A 110 3.98 4.81 10.03
CA PHE A 110 3.15 3.63 10.31
C PHE A 110 4.04 2.44 10.71
N VAL A 111 5.19 2.23 10.06
CA VAL A 111 6.10 1.13 10.39
C VAL A 111 6.79 1.42 11.73
N ASP A 112 7.22 2.66 11.96
CA ASP A 112 7.91 3.10 13.17
C ASP A 112 7.04 2.96 14.43
N ASN A 113 5.75 2.67 14.31
CA ASN A 113 4.79 2.49 15.40
C ASN A 113 3.91 1.24 15.18
N TYR A 114 4.25 0.38 14.21
CA TYR A 114 3.52 -0.83 13.84
C TYR A 114 3.21 -1.73 15.03
N GLY A 115 4.16 -1.92 15.95
CA GLY A 115 3.99 -2.76 17.13
C GLY A 115 2.81 -2.28 17.98
N VAL A 116 2.68 -0.96 18.15
CA VAL A 116 1.62 -0.33 18.92
C VAL A 116 0.29 -0.62 18.21
N ALA A 117 0.25 -0.47 16.88
CA ALA A 117 -0.97 -0.75 16.13
C ALA A 117 -1.35 -2.21 16.30
N MET A 118 -0.36 -3.13 16.33
CA MET A 118 -0.56 -4.56 16.50
C MET A 118 -1.23 -4.83 17.85
N GLU A 119 -0.86 -4.09 18.89
CA GLU A 119 -1.44 -4.25 20.22
C GLU A 119 -2.89 -3.80 20.21
N MET A 120 -3.16 -2.57 19.79
CA MET A 120 -4.53 -2.06 19.79
C MET A 120 -5.43 -2.93 18.92
N ALA A 121 -4.87 -3.43 17.82
CA ALA A 121 -5.56 -4.29 16.89
C ALA A 121 -6.03 -5.60 17.54
N GLU A 122 -5.15 -6.31 18.25
CA GLU A 122 -5.55 -7.57 18.89
C GLU A 122 -6.53 -7.32 20.04
N LYS A 123 -6.26 -6.31 20.87
CA LYS A 123 -7.12 -5.99 22.01
C LYS A 123 -8.50 -5.59 21.50
N CYS A 124 -8.57 -4.94 20.32
CA CYS A 124 -9.80 -4.51 19.70
C CYS A 124 -10.64 -5.75 19.41
N CYS A 125 -10.06 -6.80 18.83
CA CYS A 125 -10.78 -8.02 18.52
C CYS A 125 -11.48 -8.57 19.76
N GLN A 126 -10.74 -8.73 20.86
CA GLN A 126 -11.33 -9.25 22.10
C GLN A 126 -12.44 -8.32 22.64
N ALA A 127 -12.21 -7.01 22.64
CA ALA A 127 -13.13 -5.99 23.14
C ALA A 127 -14.29 -5.57 22.21
N ASN A 128 -14.27 -5.99 20.94
CA ASN A 128 -15.27 -5.67 19.93
C ASN A 128 -15.63 -6.91 19.13
N ALA A 129 -16.79 -7.51 19.43
CA ALA A 129 -17.27 -8.70 18.73
C ALA A 129 -17.22 -8.54 17.20
N GLN A 130 -17.58 -7.35 16.67
CA GLN A 130 -17.56 -7.11 15.23
C GLN A 130 -16.17 -7.35 14.64
N PHE A 131 -15.08 -7.12 15.39
CA PHE A 131 -13.72 -7.36 14.91
C PHE A 131 -13.37 -8.84 15.05
N ALA A 132 -13.77 -9.48 16.15
CA ALA A 132 -13.50 -10.89 16.41
C ALA A 132 -14.13 -11.80 15.36
N GLU A 133 -15.39 -11.56 14.99
CA GLU A 133 -16.10 -12.38 14.01
C GLU A 133 -15.40 -12.32 12.64
N ILE A 134 -15.19 -11.13 12.09
CA ILE A 134 -14.54 -10.94 10.79
C ILE A 134 -13.09 -11.44 10.82
N SER A 135 -12.39 -11.35 11.96
CA SER A 135 -11.03 -11.81 12.07
C SER A 135 -10.91 -13.29 11.70
N GLU A 136 -11.92 -14.09 12.01
CA GLU A 136 -11.95 -15.51 11.73
C GLU A 136 -12.46 -15.83 10.31
N ASN A 137 -13.16 -14.88 9.69
CA ASN A 137 -13.68 -15.08 8.33
C ASN A 137 -12.53 -14.96 7.32
N LEU A 138 -11.43 -14.31 7.70
CA LEU A 138 -10.23 -14.10 6.89
C LEU A 138 -9.29 -15.30 7.01
N ARG A 139 -8.19 -15.28 6.25
CA ARG A 139 -7.18 -16.34 6.29
C ARG A 139 -5.84 -15.83 5.76
N ALA A 140 -4.78 -16.30 6.41
CA ALA A 140 -3.36 -16.05 6.17
C ALA A 140 -2.53 -17.01 7.02
N ARG A 141 -1.21 -17.03 6.79
CA ARG A 141 -0.19 -17.86 7.46
C ARG A 141 1.10 -17.02 7.56
N SER A 142 2.20 -17.61 8.04
CA SER A 142 3.53 -16.99 8.19
C SER A 142 3.59 -15.83 9.20
N ASN A 143 2.55 -15.60 9.99
CA ASN A 143 2.42 -14.53 10.97
C ASN A 143 2.78 -15.01 12.39
N LYS A 144 2.43 -14.25 13.45
CA LYS A 144 2.71 -14.65 14.83
C LYS A 144 2.05 -16.00 15.16
N ASP A 145 1.03 -16.38 14.39
CA ASP A 145 0.21 -17.58 14.47
C ASP A 145 0.97 -18.87 14.75
N ALA A 146 2.16 -19.09 14.19
CA ALA A 146 2.90 -20.33 14.41
C ALA A 146 3.40 -20.53 15.86
N LYS A 147 3.30 -19.54 16.74
CA LYS A 147 3.71 -19.62 18.15
C LYS A 147 2.47 -19.62 19.06
N ASP A 148 1.28 -19.37 18.49
CA ASP A 148 0.02 -19.34 19.21
C ASP A 148 -0.56 -20.76 19.25
N PRO A 149 -1.44 -21.08 20.22
CA PRO A 149 -2.09 -22.38 20.33
C PRO A 149 -3.28 -22.47 19.34
N THR A 150 -3.38 -21.59 18.34
CA THR A 150 -4.43 -21.53 17.32
C THR A 150 -3.81 -21.71 15.92
N THR A 151 -4.64 -21.87 14.90
CA THR A 151 -4.21 -22.09 13.52
C THR A 151 -4.96 -21.16 12.57
N LYS A 152 -4.99 -19.89 12.94
CA LYS A 152 -5.67 -18.81 12.22
C LYS A 152 -4.73 -17.65 11.99
N ASN A 153 -5.27 -16.52 11.55
CA ASN A 153 -4.61 -15.26 11.27
C ASN A 153 -5.01 -14.27 12.36
N SER A 154 -4.43 -13.07 12.29
CA SER A 154 -4.69 -11.97 13.21
C SER A 154 -4.86 -10.70 12.38
N LEU A 155 -5.31 -9.61 13.01
CA LEU A 155 -5.51 -8.33 12.35
C LEU A 155 -4.20 -7.81 11.76
N GLU A 156 -3.04 -8.23 12.30
CA GLU A 156 -1.72 -7.86 11.81
C GLU A 156 -1.60 -8.12 10.30
N THR A 157 -2.27 -9.16 9.81
CA THR A 157 -2.27 -9.54 8.42
C THR A 157 -2.92 -8.45 7.56
N LEU A 158 -4.06 -7.90 7.98
CA LEU A 158 -4.77 -6.86 7.22
C LEU A 158 -3.88 -5.62 7.11
N LEU A 159 -3.00 -5.42 8.09
CA LEU A 159 -2.08 -4.29 8.12
C LEU A 159 -0.89 -4.60 7.18
N TYR A 160 -0.43 -5.86 7.18
CA TYR A 160 0.70 -6.34 6.41
C TYR A 160 0.39 -6.61 4.92
N LYS A 161 -0.86 -6.90 4.57
CA LYS A 161 -1.31 -7.17 3.21
C LYS A 161 -0.80 -6.11 2.22
N PRO A 162 -1.10 -4.81 2.39
CA PRO A 162 -0.62 -3.79 1.46
C PRO A 162 0.90 -3.64 1.54
N VAL A 163 1.49 -3.73 2.73
CA VAL A 163 2.94 -3.61 2.96
C VAL A 163 3.70 -4.60 2.08
N ASP A 164 3.27 -5.87 2.07
CA ASP A 164 3.85 -6.96 1.28
C ASP A 164 3.81 -6.63 -0.22
N ARG A 165 2.79 -5.90 -0.68
CA ARG A 165 2.65 -5.50 -2.07
C ARG A 165 3.55 -4.33 -2.42
N VAL A 166 3.53 -3.26 -1.60
CA VAL A 166 4.33 -2.08 -1.90
C VAL A 166 5.81 -2.39 -2.06
N THR A 167 6.42 -3.30 -1.29
CA THR A 167 7.84 -3.61 -1.44
C THR A 167 8.13 -4.03 -2.89
N ARG A 168 7.33 -4.95 -3.42
CA ARG A 168 7.48 -5.43 -4.79
C ARG A 168 7.11 -4.34 -5.79
N SER A 169 6.19 -3.43 -5.45
CA SER A 169 5.82 -2.36 -6.37
C SER A 169 7.01 -1.44 -6.66
N THR A 170 7.97 -1.32 -5.74
CA THR A 170 9.15 -0.49 -5.93
C THR A 170 10.07 -1.14 -6.96
N LEU A 171 10.01 -2.48 -7.09
CA LEU A 171 10.82 -3.21 -8.05
C LEU A 171 10.41 -2.76 -9.46
N VAL A 172 9.15 -2.36 -9.64
CA VAL A 172 8.62 -1.91 -10.93
C VAL A 172 9.34 -0.64 -11.36
N LEU A 173 9.79 0.22 -10.44
CA LEU A 173 10.49 1.45 -10.80
C LEU A 173 11.75 1.11 -11.59
N HIS A 174 12.43 0.02 -11.22
CA HIS A 174 13.65 -0.46 -11.85
C HIS A 174 13.34 -0.89 -13.30
N ASP A 175 12.22 -1.57 -13.53
CA ASP A 175 11.85 -2.04 -14.87
C ASP A 175 11.33 -0.89 -15.72
N LEU A 176 10.49 -0.03 -15.13
CA LEU A 176 9.91 1.14 -15.78
C LEU A 176 11.08 2.02 -16.22
N LEU A 177 12.11 2.17 -15.38
CA LEU A 177 13.30 2.95 -15.70
C LEU A 177 14.06 2.26 -16.84
N LYS A 178 14.24 0.94 -16.77
CA LYS A 178 14.94 0.16 -17.81
C LYS A 178 14.26 0.38 -19.16
N HIS A 179 12.94 0.62 -19.18
CA HIS A 179 12.18 0.87 -20.38
C HIS A 179 12.21 2.37 -20.77
N THR A 180 12.28 3.29 -19.80
CA THR A 180 12.30 4.74 -20.00
C THR A 180 13.49 5.20 -20.85
N PRO A 181 13.31 6.18 -21.75
CA PRO A 181 14.40 6.68 -22.57
C PRO A 181 15.23 7.69 -21.78
N ALA A 182 16.55 7.58 -21.85
CA ALA A 182 17.48 8.46 -21.13
C ALA A 182 17.36 9.93 -21.54
N SER A 183 16.79 10.19 -22.72
CA SER A 183 16.59 11.52 -23.26
C SER A 183 15.50 12.29 -22.52
N HIS A 184 14.57 11.63 -21.82
CA HIS A 184 13.51 12.28 -21.08
C HIS A 184 13.90 12.36 -19.60
N PRO A 185 13.51 13.43 -18.87
CA PRO A 185 13.85 13.58 -17.45
C PRO A 185 13.32 12.44 -16.58
N ASP A 186 12.41 11.62 -17.10
CA ASP A 186 11.86 10.48 -16.39
C ASP A 186 12.97 9.52 -16.01
N HIS A 187 14.01 9.36 -16.82
CA HIS A 187 15.10 8.45 -16.50
C HIS A 187 15.77 8.81 -15.16
N PRO A 188 16.38 10.00 -14.99
CA PRO A 188 17.00 10.36 -13.72
C PRO A 188 15.97 10.59 -12.61
N LEU A 189 14.77 11.09 -12.91
CA LEU A 189 13.72 11.34 -11.92
C LEU A 189 13.25 10.03 -11.29
N LEU A 190 13.09 8.98 -12.09
CA LEU A 190 12.66 7.69 -11.59
C LEU A 190 13.82 7.03 -10.86
N GLN A 191 15.07 7.19 -11.33
CA GLN A 191 16.23 6.59 -10.70
C GLN A 191 16.43 7.18 -9.30
N ASP A 192 16.30 8.50 -9.16
CA ASP A 192 16.48 9.16 -7.87
C ASP A 192 15.46 8.65 -6.88
N ALA A 193 14.18 8.66 -7.27
CA ALA A 193 13.08 8.19 -6.44
C ALA A 193 13.29 6.72 -6.09
N LEU A 194 13.73 5.91 -7.05
CA LEU A 194 14.00 4.49 -6.84
C LEU A 194 15.09 4.34 -5.79
N ARG A 195 16.17 5.11 -5.85
CA ARG A 195 17.25 4.99 -4.87
C ARG A 195 16.73 5.21 -3.45
N ILE A 196 15.90 6.22 -3.21
CA ILE A 196 15.38 6.48 -1.87
C ILE A 196 14.29 5.47 -1.47
N SER A 197 13.36 5.10 -2.35
CA SER A 197 12.32 4.13 -2.01
C SER A 197 12.90 2.71 -1.80
N GLN A 198 13.88 2.29 -2.61
CA GLN A 198 14.51 0.98 -2.49
C GLN A 198 15.25 0.93 -1.16
N ASN A 199 15.95 2.01 -0.81
CA ASN A 199 16.66 2.12 0.44
C ASN A 199 15.69 2.00 1.60
N PHE A 200 14.52 2.66 1.52
CA PHE A 200 13.50 2.62 2.56
C PHE A 200 13.04 1.19 2.83
N LEU A 201 12.58 0.46 1.80
CA LEU A 201 12.09 -0.90 2.01
C LEU A 201 13.18 -1.85 2.47
N SER A 202 14.37 -1.79 1.85
CA SER A 202 15.47 -2.66 2.21
C SER A 202 15.90 -2.44 3.67
N SER A 203 15.97 -1.17 4.11
CA SER A 203 16.36 -0.80 5.46
C SER A 203 15.33 -1.26 6.52
N ILE A 204 14.10 -1.60 6.13
CA ILE A 204 13.05 -2.04 7.04
C ILE A 204 12.64 -3.50 6.80
N ASN A 205 13.36 -4.21 5.93
CA ASN A 205 13.09 -5.61 5.59
C ASN A 205 13.04 -6.49 6.84
N GLU A 206 13.84 -6.18 7.86
CA GLU A 206 13.92 -6.88 9.13
C GLU A 206 12.82 -6.45 10.13
N GLU A 207 12.18 -5.29 9.95
CA GLU A 207 11.12 -4.78 10.85
C GLU A 207 9.78 -5.47 10.62
N ILE A 208 9.66 -6.25 9.54
CA ILE A 208 8.46 -6.99 9.14
C ILE A 208 8.85 -8.44 8.90
N THR A 209 8.19 -9.37 9.59
CA THR A 209 8.42 -10.82 9.53
C THR A 209 9.89 -11.12 9.89
N PRO A 210 10.25 -10.99 11.19
CA PRO A 210 11.60 -11.20 11.70
C PRO A 210 12.16 -12.62 11.62
N ARG A 211 11.35 -13.62 11.22
CA ARG A 211 11.71 -15.04 11.08
C ARG A 211 12.69 -15.51 12.15
N ARG A 212 12.24 -15.59 13.41
CA ARG A 212 13.10 -16.00 14.50
C ARG A 212 12.29 -16.67 15.60
N GLN A 213 12.67 -17.88 16.00
CA GLN A 213 12.07 -18.69 17.04
C GLN A 213 13.14 -19.64 17.59
N SER A 214 13.05 -20.03 18.86
CA SER A 214 14.02 -20.91 19.50
C SER A 214 13.39 -21.62 20.72
N MET A 215 14.09 -22.60 21.29
CA MET A 215 13.68 -23.37 22.45
C MET A 215 14.91 -23.71 23.30
N THR A 216 14.68 -24.03 24.57
CA THR A 216 15.67 -24.41 25.58
C THR A 216 15.00 -25.35 26.59
N VAL A 217 15.73 -25.75 27.61
CA VAL A 217 15.26 -26.61 28.68
C VAL A 217 16.10 -26.25 29.93
N LYS A 218 15.72 -26.74 31.11
CA LYS A 218 16.41 -26.49 32.37
C LYS A 218 16.26 -27.77 33.16
N ALA A 1 11.73 16.47 -22.06
CA ALA A 1 12.69 17.38 -22.70
C ALA A 1 12.56 17.31 -24.23
N MET A 2 13.35 16.50 -24.94
CA MET A 2 13.30 16.39 -26.40
C MET A 2 13.55 14.94 -26.80
N ALA A 3 12.75 14.40 -27.73
CA ALA A 3 12.84 13.05 -28.26
C ALA A 3 12.08 13.01 -29.58
N SER A 4 12.10 11.84 -30.24
CA SER A 4 11.44 11.57 -31.50
C SER A 4 10.16 10.78 -31.25
N GLU A 5 9.33 10.63 -32.28
CA GLU A 5 8.08 9.88 -32.19
C GLU A 5 8.36 8.41 -31.86
N LEU A 6 9.45 7.84 -32.40
CA LEU A 6 9.82 6.45 -32.14
C LEU A 6 10.20 6.23 -30.67
N ASP A 7 10.61 7.26 -29.92
CA ASP A 7 10.93 7.08 -28.51
C ASP A 7 9.62 7.03 -27.73
N LEU A 8 8.65 7.89 -28.07
CA LEU A 8 7.37 7.88 -27.37
C LEU A 8 6.60 6.61 -27.68
N GLU A 9 6.79 6.06 -28.88
CA GLU A 9 6.19 4.83 -29.35
C GLU A 9 6.69 3.71 -28.44
N LYS A 10 8.01 3.62 -28.27
CA LYS A 10 8.60 2.59 -27.41
C LYS A 10 8.19 2.83 -25.96
N GLY A 11 8.01 4.10 -25.59
CA GLY A 11 7.59 4.53 -24.28
C GLY A 11 6.25 3.90 -23.94
N LEU A 12 5.24 4.13 -24.81
CA LEU A 12 3.90 3.61 -24.63
C LEU A 12 3.86 2.10 -24.77
N GLU A 13 4.67 1.49 -25.63
CA GLU A 13 4.71 0.05 -25.85
C GLU A 13 4.90 -0.72 -24.54
N MET A 14 5.93 -0.39 -23.76
CA MET A 14 6.15 -1.10 -22.50
C MET A 14 5.20 -0.57 -21.43
N ARG A 15 4.95 0.73 -21.37
CA ARG A 15 4.05 1.30 -20.35
C ARG A 15 2.65 0.74 -20.46
N LYS A 16 2.18 0.37 -21.65
CA LYS A 16 0.85 -0.19 -21.85
C LYS A 16 0.68 -1.41 -20.97
N TRP A 17 1.63 -2.33 -20.96
CA TRP A 17 1.54 -3.52 -20.15
C TRP A 17 1.86 -3.25 -18.68
N VAL A 18 2.98 -2.57 -18.41
CA VAL A 18 3.41 -2.28 -17.04
C VAL A 18 2.37 -1.50 -16.24
N LEU A 19 1.83 -0.42 -16.80
CA LEU A 19 0.85 0.41 -16.11
C LEU A 19 -0.48 -0.31 -15.99
N SER A 20 -0.89 -1.10 -16.98
CA SER A 20 -2.15 -1.83 -16.95
C SER A 20 -2.19 -2.64 -15.65
N GLY A 21 -1.08 -3.30 -15.30
CA GLY A 21 -0.97 -4.10 -14.10
C GLY A 21 -1.25 -3.30 -12.83
N ILE A 22 -0.78 -2.05 -12.75
CA ILE A 22 -1.00 -1.23 -11.56
C ILE A 22 -2.49 -0.85 -11.44
N LEU A 23 -3.11 -0.24 -12.45
CA LEU A 23 -4.53 0.15 -12.43
C LEU A 23 -5.33 -1.13 -12.14
N ALA A 24 -4.99 -2.25 -12.77
CA ALA A 24 -5.67 -3.53 -12.58
C ALA A 24 -5.53 -4.06 -11.16
N SER A 25 -4.42 -3.77 -10.46
CA SER A 25 -4.21 -4.21 -9.09
C SER A 25 -4.96 -3.26 -8.15
N GLU A 26 -4.76 -1.95 -8.34
CA GLU A 26 -5.35 -0.89 -7.55
C GLU A 26 -6.87 -0.90 -7.65
N GLU A 27 -7.46 -1.06 -8.84
CA GLU A 27 -8.89 -1.04 -9.06
C GLU A 27 -9.62 -1.97 -8.06
N THR A 28 -9.21 -3.24 -8.01
CA THR A 28 -9.75 -4.29 -7.13
C THR A 28 -9.27 -4.10 -5.68
N TYR A 29 -7.99 -3.76 -5.48
CA TYR A 29 -7.41 -3.57 -4.16
C TYR A 29 -8.15 -2.47 -3.40
N LEU A 30 -8.39 -1.34 -4.05
CA LEU A 30 -9.05 -0.15 -3.53
C LEU A 30 -10.47 -0.49 -3.10
N SER A 31 -11.19 -1.30 -3.88
CA SER A 31 -12.54 -1.72 -3.56
C SER A 31 -12.52 -2.41 -2.18
N HIS A 32 -11.59 -3.36 -1.97
CA HIS A 32 -11.51 -4.04 -0.69
C HIS A 32 -10.99 -3.11 0.41
N LEU A 33 -10.12 -2.15 0.09
CA LEU A 33 -9.60 -1.22 1.08
C LEU A 33 -10.77 -0.36 1.58
N GLU A 34 -11.71 0.05 0.73
CA GLU A 34 -12.86 0.86 1.14
C GLU A 34 -13.66 0.08 2.19
N ALA A 35 -13.73 -1.25 2.06
CA ALA A 35 -14.44 -2.10 3.02
C ALA A 35 -13.79 -1.98 4.40
N LEU A 36 -12.47 -1.76 4.47
CA LEU A 36 -11.77 -1.60 5.76
C LEU A 36 -12.23 -0.30 6.43
N LEU A 37 -12.66 0.68 5.63
CA LEU A 37 -13.18 1.97 6.07
C LEU A 37 -14.69 1.90 6.20
N LEU A 38 -15.35 0.83 5.76
CA LEU A 38 -16.81 0.69 5.85
C LEU A 38 -17.29 0.85 7.31
N PRO A 39 -16.73 0.13 8.30
CA PRO A 39 -17.16 0.28 9.69
C PRO A 39 -16.66 1.57 10.32
N MET A 40 -15.65 2.23 9.73
CA MET A 40 -15.09 3.47 10.26
C MET A 40 -16.18 4.53 10.41
N LYS A 41 -17.08 4.65 9.41
CA LYS A 41 -18.17 5.62 9.42
C LYS A 41 -18.97 5.50 10.73
N PRO A 42 -19.69 4.40 11.03
CA PRO A 42 -20.44 4.29 12.29
C PRO A 42 -19.50 4.28 13.50
N LEU A 43 -18.35 3.59 13.45
CA LEU A 43 -17.44 3.53 14.60
C LEU A 43 -16.95 4.91 15.04
N LYS A 44 -16.81 5.89 14.14
CA LYS A 44 -16.37 7.23 14.53
C LYS A 44 -17.41 7.88 15.43
N ALA A 45 -18.70 7.52 15.33
CA ALA A 45 -19.76 8.06 16.20
C ALA A 45 -19.55 7.42 17.58
N ALA A 46 -19.35 6.10 17.62
CA ALA A 46 -19.12 5.39 18.87
C ALA A 46 -17.83 5.88 19.56
N ALA A 47 -16.88 6.40 18.77
CA ALA A 47 -15.60 6.89 19.22
C ALA A 47 -15.68 8.14 20.11
N THR A 48 -16.84 8.78 20.21
CA THR A 48 -17.04 9.97 21.01
C THR A 48 -18.02 9.68 22.15
N THR A 49 -18.78 8.58 22.09
CA THR A 49 -19.75 8.21 23.10
C THR A 49 -20.11 6.75 22.88
N SER A 50 -20.21 5.99 23.97
CA SER A 50 -20.54 4.56 23.99
C SER A 50 -19.46 3.73 23.28
N GLN A 51 -18.21 4.17 23.39
CA GLN A 51 -17.04 3.52 22.80
C GLN A 51 -16.99 2.02 23.13
N PRO A 52 -17.10 1.12 22.15
CA PRO A 52 -17.06 -0.32 22.40
C PRO A 52 -15.68 -0.80 22.86
N VAL A 53 -14.62 -0.19 22.32
CA VAL A 53 -13.25 -0.55 22.63
C VAL A 53 -12.44 0.64 23.16
N LEU A 54 -12.12 1.63 22.32
CA LEU A 54 -11.32 2.78 22.72
C LEU A 54 -11.91 4.07 22.11
N THR A 55 -11.36 5.23 22.46
CA THR A 55 -11.83 6.53 21.99
C THR A 55 -11.25 6.86 20.61
N SER A 56 -11.74 7.92 19.95
CA SER A 56 -11.29 8.33 18.62
C SER A 56 -9.77 8.53 18.57
N GLN A 57 -9.14 8.97 19.67
CA GLN A 57 -7.69 9.13 19.69
C GLN A 57 -7.05 7.77 19.45
N GLN A 58 -7.46 6.75 20.20
CA GLN A 58 -6.92 5.40 20.06
C GLN A 58 -7.29 4.76 18.73
N ILE A 59 -8.40 5.17 18.10
CA ILE A 59 -8.77 4.64 16.80
C ILE A 59 -7.65 4.99 15.80
N GLU A 60 -6.94 6.11 16.02
CA GLU A 60 -5.85 6.54 15.16
C GLU A 60 -4.73 5.51 15.16
N THR A 61 -4.54 4.69 16.20
CA THR A 61 -3.47 3.71 16.23
C THR A 61 -3.64 2.72 15.07
N ILE A 62 -4.86 2.24 14.82
CA ILE A 62 -5.14 1.27 13.74
C ILE A 62 -5.42 2.02 12.43
N PHE A 63 -6.28 3.02 12.46
CA PHE A 63 -6.67 3.78 11.26
C PHE A 63 -5.71 4.89 10.86
N PHE A 64 -4.52 4.98 11.47
CA PHE A 64 -3.48 5.98 11.24
C PHE A 64 -3.39 6.44 9.80
N LYS A 65 -3.22 5.52 8.85
CA LYS A 65 -3.12 5.81 7.43
C LYS A 65 -4.13 5.02 6.59
N VAL A 66 -5.01 4.22 7.20
CA VAL A 66 -6.00 3.41 6.49
C VAL A 66 -6.76 4.23 5.41
N PRO A 67 -7.45 5.34 5.74
CA PRO A 67 -8.18 6.12 4.74
C PRO A 67 -7.29 6.99 3.86
N GLU A 68 -6.06 7.26 4.30
CA GLU A 68 -5.09 8.08 3.62
C GLU A 68 -4.54 7.33 2.41
N LEU A 69 -4.07 6.11 2.62
CA LEU A 69 -3.48 5.24 1.61
C LEU A 69 -4.46 4.97 0.46
N TYR A 70 -5.77 4.94 0.73
CA TYR A 70 -6.78 4.71 -0.28
C TYR A 70 -6.75 5.87 -1.29
N GLU A 71 -6.84 7.09 -0.77
CA GLU A 71 -6.85 8.31 -1.56
C GLU A 71 -5.52 8.53 -2.27
N ILE A 72 -4.38 8.34 -1.58
CA ILE A 72 -3.07 8.54 -2.18
C ILE A 72 -2.90 7.63 -3.39
N HIS A 73 -3.41 6.39 -3.33
CA HIS A 73 -3.30 5.46 -4.45
C HIS A 73 -4.31 5.83 -5.53
N LYS A 74 -5.59 6.03 -5.17
CA LYS A 74 -6.64 6.40 -6.13
C LYS A 74 -6.27 7.69 -6.86
N GLU A 75 -5.66 8.71 -6.25
CA GLU A 75 -5.33 9.92 -6.99
C GLU A 75 -4.37 9.64 -8.13
N PHE A 76 -3.40 8.75 -7.88
CA PHE A 76 -2.43 8.37 -8.85
C PHE A 76 -3.04 7.42 -9.89
N TYR A 77 -3.83 6.44 -9.46
CA TYR A 77 -4.50 5.43 -10.28
C TYR A 77 -5.60 6.05 -11.15
N ASP A 78 -6.52 6.81 -10.54
CA ASP A 78 -7.64 7.44 -11.21
C ASP A 78 -7.11 8.42 -12.27
N GLY A 79 -5.98 9.08 -11.97
CA GLY A 79 -5.33 10.02 -12.87
C GLY A 79 -4.51 9.30 -13.93
N LEU A 80 -4.22 8.01 -13.72
CA LEU A 80 -3.45 7.15 -14.62
C LEU A 80 -4.36 6.67 -15.74
N PHE A 81 -5.62 6.34 -15.43
CA PHE A 81 -6.64 5.89 -16.37
C PHE A 81 -6.70 6.79 -17.62
N PRO A 82 -7.01 8.09 -17.54
CA PRO A 82 -7.06 8.92 -18.73
C PRO A 82 -5.68 9.06 -19.38
N ARG A 83 -4.59 8.94 -18.61
CA ARG A 83 -3.23 9.03 -19.10
C ARG A 83 -2.92 7.88 -20.05
N VAL A 84 -3.13 6.63 -19.64
CA VAL A 84 -2.86 5.47 -20.48
C VAL A 84 -3.81 5.48 -21.69
N GLN A 85 -5.04 5.94 -21.48
CA GLN A 85 -6.06 6.02 -22.51
C GLN A 85 -5.79 7.15 -23.51
N GLN A 86 -4.98 8.15 -23.16
CA GLN A 86 -4.63 9.30 -23.99
C GLN A 86 -3.21 9.76 -23.68
N TRP A 87 -2.19 9.08 -24.22
CA TRP A 87 -0.81 9.51 -23.98
C TRP A 87 -0.63 10.91 -24.57
N SER A 88 0.29 11.71 -24.02
CA SER A 88 0.55 13.07 -24.46
C SER A 88 1.98 13.17 -24.99
N HIS A 89 2.13 13.40 -26.29
CA HIS A 89 3.43 13.55 -26.92
C HIS A 89 4.14 14.78 -26.33
N GLN A 90 3.38 15.84 -26.04
CA GLN A 90 3.86 17.10 -25.49
C GLN A 90 4.59 16.93 -24.16
N GLN A 91 4.02 16.19 -23.20
CA GLN A 91 4.62 15.98 -21.89
C GLN A 91 4.47 14.53 -21.45
N ARG A 92 5.59 13.90 -21.16
CA ARG A 92 5.66 12.50 -20.73
C ARG A 92 5.18 12.37 -19.29
N VAL A 93 5.18 11.15 -18.75
CA VAL A 93 4.74 10.88 -17.39
C VAL A 93 5.90 10.43 -16.50
N GLY A 94 5.67 10.42 -15.19
CA GLY A 94 6.63 10.03 -14.15
C GLY A 94 6.35 10.83 -12.88
N ASP A 95 5.93 12.08 -13.04
CA ASP A 95 5.60 13.01 -11.96
C ASP A 95 4.60 12.40 -10.98
N LEU A 96 3.56 11.75 -11.50
CA LEU A 96 2.52 11.12 -10.69
C LEU A 96 3.14 10.11 -9.70
N PHE A 97 4.17 9.36 -10.11
CA PHE A 97 4.86 8.40 -9.25
C PHE A 97 5.77 9.11 -8.25
N GLN A 98 6.39 10.24 -8.63
CA GLN A 98 7.29 10.99 -7.75
C GLN A 98 6.54 11.38 -6.47
N LYS A 99 5.25 11.66 -6.56
CA LYS A 99 4.39 12.01 -5.45
C LYS A 99 4.43 10.97 -4.32
N LEU A 100 4.60 9.68 -4.66
CA LEU A 100 4.68 8.61 -3.66
C LEU A 100 5.96 8.79 -2.85
N ALA A 101 7.06 9.15 -3.50
CA ALA A 101 8.34 9.37 -2.86
C ALA A 101 8.29 10.64 -1.99
N SER A 102 7.51 11.64 -2.41
CA SER A 102 7.33 12.90 -1.70
C SER A 102 6.63 12.67 -0.33
N GLN A 103 5.99 11.51 -0.13
CA GLN A 103 5.30 11.14 1.11
C GLN A 103 5.89 9.91 1.83
N LEU A 104 7.11 9.44 1.54
CA LEU A 104 7.69 8.25 2.22
C LEU A 104 7.55 8.31 3.75
N GLY A 105 7.76 9.49 4.36
CA GLY A 105 7.66 9.64 5.81
C GLY A 105 6.26 9.32 6.35
N VAL A 106 5.21 9.46 5.55
CA VAL A 106 3.82 9.18 5.95
C VAL A 106 3.73 7.67 6.21
N TYR A 107 4.32 6.86 5.33
CA TYR A 107 4.33 5.42 5.48
C TYR A 107 5.20 5.08 6.69
N ARG A 108 6.38 5.70 6.80
CA ARG A 108 7.31 5.47 7.90
C ARG A 108 6.60 5.65 9.24
N ALA A 109 5.81 6.72 9.40
CA ALA A 109 5.07 6.97 10.63
C ALA A 109 4.17 5.77 10.99
N PHE A 110 3.53 5.13 10.02
CA PHE A 110 2.68 3.97 10.27
C PHE A 110 3.56 2.78 10.67
N VAL A 111 4.58 2.44 9.88
CA VAL A 111 5.43 1.29 10.19
C VAL A 111 6.20 1.50 11.52
N ASP A 112 6.46 2.73 11.94
CA ASP A 112 7.14 3.09 13.18
C ASP A 112 6.29 2.72 14.41
N ASN A 113 4.97 2.61 14.21
CA ASN A 113 3.97 2.26 15.21
C ASN A 113 3.30 0.93 14.88
N TYR A 114 3.80 0.17 13.90
CA TYR A 114 3.21 -1.10 13.48
C TYR A 114 2.98 -2.06 14.65
N GLY A 115 3.91 -2.12 15.62
CA GLY A 115 3.81 -3.00 16.77
C GLY A 115 2.58 -2.68 17.59
N VAL A 116 2.45 -1.43 18.05
CA VAL A 116 1.30 -1.02 18.85
C VAL A 116 0.03 -1.07 17.99
N ALA A 117 0.10 -0.78 16.69
CA ALA A 117 -1.09 -0.82 15.86
C ALA A 117 -1.59 -2.26 15.66
N MET A 118 -0.68 -3.22 15.56
CA MET A 118 -1.02 -4.63 15.39
C MET A 118 -1.53 -5.18 16.71
N GLU A 119 -0.82 -4.87 17.80
CA GLU A 119 -1.14 -5.32 19.14
C GLU A 119 -2.50 -4.76 19.60
N MET A 120 -2.91 -3.61 19.05
CA MET A 120 -4.17 -2.96 19.33
C MET A 120 -5.28 -3.70 18.56
N ALA A 121 -5.03 -4.04 17.29
CA ALA A 121 -5.97 -4.73 16.44
C ALA A 121 -6.29 -6.13 16.94
N GLU A 122 -5.26 -6.92 17.25
CA GLU A 122 -5.43 -8.29 17.73
C GLU A 122 -6.32 -8.33 18.98
N LYS A 123 -6.06 -7.43 19.96
CA LYS A 123 -6.88 -7.41 21.16
C LYS A 123 -8.29 -6.91 20.88
N CYS A 124 -8.48 -6.01 19.92
CA CYS A 124 -9.80 -5.50 19.59
C CYS A 124 -10.71 -6.61 19.07
N CYS A 125 -10.15 -7.62 18.38
CA CYS A 125 -10.93 -8.75 17.87
C CYS A 125 -11.56 -9.46 19.06
N GLN A 126 -10.75 -9.85 20.04
CA GLN A 126 -11.22 -10.53 21.24
C GLN A 126 -12.17 -9.63 22.05
N ALA A 127 -11.88 -8.32 22.09
CA ALA A 127 -12.65 -7.33 22.82
C ALA A 127 -14.10 -7.22 22.31
N ASN A 128 -14.31 -7.11 20.99
CA ASN A 128 -15.66 -6.99 20.45
C ASN A 128 -15.84 -7.84 19.20
N ALA A 129 -16.95 -8.57 19.12
CA ALA A 129 -17.27 -9.43 17.98
C ALA A 129 -17.19 -8.64 16.68
N GLN A 130 -17.59 -7.36 16.68
CA GLN A 130 -17.53 -6.50 15.49
C GLN A 130 -16.14 -6.45 14.89
N PHE A 131 -15.06 -6.46 15.71
CA PHE A 131 -13.71 -6.42 15.15
C PHE A 131 -13.25 -7.81 14.69
N ALA A 132 -13.73 -8.89 15.32
CA ALA A 132 -13.37 -10.25 14.94
C ALA A 132 -14.01 -10.65 13.61
N GLU A 133 -15.34 -10.51 13.52
CA GLU A 133 -16.14 -10.88 12.37
C GLU A 133 -15.67 -10.25 11.06
N ILE A 134 -15.25 -8.98 11.10
CA ILE A 134 -14.77 -8.29 9.91
C ILE A 134 -13.49 -8.95 9.38
N SER A 135 -12.62 -9.51 10.24
CA SER A 135 -11.40 -10.17 9.81
C SER A 135 -11.76 -11.59 9.34
N GLU A 136 -12.65 -12.27 10.06
CA GLU A 136 -13.06 -13.63 9.77
C GLU A 136 -13.78 -13.74 8.43
N ASN A 137 -14.61 -12.75 8.10
CA ASN A 137 -15.38 -12.70 6.87
C ASN A 137 -14.53 -12.55 5.62
N LEU A 138 -13.26 -12.18 5.75
CA LEU A 138 -12.36 -12.00 4.62
C LEU A 138 -11.59 -13.29 4.34
N ARG A 139 -11.16 -13.46 3.09
CA ARG A 139 -10.40 -14.61 2.61
C ARG A 139 -9.23 -14.07 1.79
N ALA A 140 -8.34 -13.36 2.47
CA ALA A 140 -7.14 -12.73 1.94
C ALA A 140 -6.09 -13.77 1.54
N ARG A 141 -4.81 -13.39 1.48
CA ARG A 141 -3.77 -14.33 1.08
C ARG A 141 -3.55 -15.43 2.11
N SER A 142 -3.10 -16.57 1.64
CA SER A 142 -2.80 -17.73 2.45
C SER A 142 -1.29 -17.70 2.74
N ASN A 143 -0.83 -18.67 3.53
CA ASN A 143 0.56 -18.89 3.93
C ASN A 143 0.77 -20.42 3.85
N LYS A 144 2.00 -20.93 3.80
CA LYS A 144 2.27 -22.37 3.70
C LYS A 144 2.90 -22.89 4.98
N ASP A 145 3.62 -22.05 5.72
CA ASP A 145 4.31 -22.40 6.96
C ASP A 145 3.57 -21.86 8.20
N ALA A 146 2.89 -20.72 8.06
CA ALA A 146 2.13 -20.07 9.13
C ALA A 146 0.66 -20.52 9.16
N LYS A 147 0.33 -21.61 8.46
CA LYS A 147 -1.01 -22.18 8.35
C LYS A 147 -1.45 -23.06 9.54
N ASP A 148 -0.80 -22.95 10.70
CA ASP A 148 -1.09 -23.74 11.90
C ASP A 148 -2.58 -23.82 12.24
N PRO A 149 -3.05 -24.90 12.88
CA PRO A 149 -4.44 -25.09 13.28
C PRO A 149 -4.87 -24.15 14.42
N THR A 150 -3.96 -23.32 14.92
CA THR A 150 -4.16 -22.35 15.98
C THR A 150 -4.09 -20.92 15.41
N THR A 151 -3.94 -20.76 14.08
CA THR A 151 -3.85 -19.48 13.41
C THR A 151 -4.99 -19.40 12.39
N LYS A 152 -5.28 -18.17 11.99
CA LYS A 152 -6.31 -17.78 11.07
C LYS A 152 -5.83 -16.50 10.40
N ASN A 153 -6.63 -15.89 9.52
CA ASN A 153 -6.22 -14.65 8.85
C ASN A 153 -6.66 -13.52 9.76
N SER A 154 -5.80 -12.55 10.04
CA SER A 154 -6.10 -11.43 10.92
C SER A 154 -5.63 -10.11 10.29
N LEU A 155 -5.96 -9.00 10.94
CA LEU A 155 -5.63 -7.65 10.51
C LEU A 155 -4.12 -7.52 10.22
N GLU A 156 -3.29 -8.18 11.02
CA GLU A 156 -1.83 -8.17 10.86
C GLU A 156 -1.44 -8.56 9.43
N THR A 157 -2.04 -9.63 8.89
CA THR A 157 -1.80 -10.14 7.56
C THR A 157 -2.46 -9.23 6.51
N LEU A 158 -3.58 -8.59 6.83
CA LEU A 158 -4.28 -7.68 5.91
C LEU A 158 -3.39 -6.46 5.66
N LEU A 159 -2.59 -6.04 6.66
CA LEU A 159 -1.67 -4.92 6.57
C LEU A 159 -0.40 -5.39 5.87
N TYR A 160 0.11 -6.57 6.21
CA TYR A 160 1.33 -7.06 5.59
C TYR A 160 1.15 -7.36 4.09
N LYS A 161 -0.08 -7.53 3.59
CA LYS A 161 -0.33 -7.79 2.15
C LYS A 161 0.18 -6.61 1.31
N PRO A 162 -0.38 -5.39 1.42
CA PRO A 162 0.09 -4.25 0.65
C PRO A 162 1.56 -3.94 0.93
N VAL A 163 2.07 -4.16 2.15
CA VAL A 163 3.48 -3.92 2.48
C VAL A 163 4.35 -4.76 1.53
N ASP A 164 4.06 -6.07 1.42
CA ASP A 164 4.79 -6.97 0.54
C ASP A 164 4.69 -6.51 -0.93
N ARG A 165 3.56 -5.92 -1.34
CA ARG A 165 3.38 -5.42 -2.70
C ARG A 165 4.22 -4.17 -2.91
N VAL A 166 4.10 -3.14 -2.08
CA VAL A 166 4.88 -1.90 -2.26
C VAL A 166 6.38 -2.15 -2.19
N THR A 167 6.86 -3.06 -1.33
CA THR A 167 8.29 -3.36 -1.22
C THR A 167 8.79 -3.96 -2.54
N ARG A 168 8.06 -4.91 -3.13
CA ARG A 168 8.44 -5.52 -4.39
C ARG A 168 8.21 -4.56 -5.56
N SER A 169 7.27 -3.61 -5.47
CA SER A 169 7.00 -2.67 -6.56
C SER A 169 8.24 -1.89 -6.96
N THR A 170 9.18 -1.67 -6.04
CA THR A 170 10.42 -0.96 -6.30
C THR A 170 11.19 -1.68 -7.42
N LEU A 171 11.02 -3.01 -7.58
CA LEU A 171 11.70 -3.74 -8.65
C LEU A 171 11.10 -3.40 -10.02
N VAL A 172 9.79 -3.12 -10.11
CA VAL A 172 9.12 -2.80 -11.37
C VAL A 172 9.79 -1.57 -12.00
N LEU A 173 10.25 -0.64 -11.17
CA LEU A 173 10.90 0.58 -11.61
C LEU A 173 12.23 0.30 -12.31
N HIS A 174 12.92 -0.81 -12.01
CA HIS A 174 14.16 -1.13 -12.69
C HIS A 174 13.79 -1.55 -14.10
N ASP A 175 12.78 -2.41 -14.24
CA ASP A 175 12.32 -2.92 -15.54
C ASP A 175 11.85 -1.78 -16.44
N LEU A 176 11.29 -0.69 -15.89
CA LEU A 176 10.89 0.45 -16.73
C LEU A 176 12.14 1.20 -17.15
N LEU A 177 13.00 1.56 -16.18
CA LEU A 177 14.26 2.28 -16.38
C LEU A 177 15.15 1.57 -17.39
N LYS A 178 15.21 0.24 -17.34
CA LYS A 178 16.00 -0.61 -18.24
C LYS A 178 15.64 -0.38 -19.71
N HIS A 179 14.50 0.24 -20.04
CA HIS A 179 14.04 0.54 -21.39
C HIS A 179 14.14 2.04 -21.71
N THR A 180 14.53 2.88 -20.75
CA THR A 180 14.68 4.33 -20.88
C THR A 180 16.06 4.63 -21.48
N PRO A 181 16.16 5.47 -22.53
CA PRO A 181 17.46 5.82 -23.10
C PRO A 181 18.14 6.70 -22.06
N ALA A 182 19.40 6.41 -21.72
CA ALA A 182 20.16 7.18 -20.72
C ALA A 182 20.19 8.68 -21.01
N SER A 183 19.99 9.07 -22.27
CA SER A 183 19.97 10.46 -22.75
C SER A 183 18.71 11.23 -22.30
N HIS A 184 17.64 10.54 -21.87
CA HIS A 184 16.39 11.16 -21.43
C HIS A 184 16.51 11.66 -19.99
N PRO A 185 15.80 12.72 -19.58
CA PRO A 185 15.84 13.22 -18.20
C PRO A 185 15.20 12.22 -17.24
N ASP A 186 14.36 11.33 -17.77
CA ASP A 186 13.67 10.28 -17.04
C ASP A 186 14.68 9.39 -16.30
N HIS A 187 15.85 9.14 -16.90
CA HIS A 187 16.87 8.28 -16.30
C HIS A 187 17.30 8.79 -14.90
N PRO A 188 17.86 10.00 -14.73
CA PRO A 188 18.24 10.47 -13.40
C PRO A 188 17.01 10.81 -12.52
N LEU A 189 15.93 11.31 -13.12
CA LEU A 189 14.71 11.69 -12.42
C LEU A 189 14.10 10.49 -11.72
N LEU A 190 13.85 9.41 -12.46
CA LEU A 190 13.25 8.20 -11.92
C LEU A 190 14.18 7.56 -10.92
N GLN A 191 15.50 7.58 -11.14
CA GLN A 191 16.43 6.99 -10.20
C GLN A 191 16.38 7.70 -8.85
N ASP A 192 16.33 9.04 -8.79
CA ASP A 192 16.31 9.79 -7.53
C ASP A 192 15.13 9.37 -6.65
N ALA A 193 13.90 9.50 -7.16
CA ALA A 193 12.68 9.14 -6.46
C ALA A 193 12.71 7.67 -6.00
N LEU A 194 13.38 6.81 -6.77
CA LEU A 194 13.50 5.41 -6.47
C LEU A 194 14.51 5.22 -5.33
N ARG A 195 15.69 5.81 -5.43
CA ARG A 195 16.77 5.71 -4.45
C ARG A 195 16.28 6.01 -3.05
N ILE A 196 15.53 7.10 -2.90
CA ILE A 196 15.00 7.47 -1.59
C ILE A 196 14.03 6.38 -1.09
N SER A 197 13.22 5.78 -1.98
CA SER A 197 12.28 4.72 -1.61
C SER A 197 13.00 3.39 -1.32
N GLN A 198 14.14 3.14 -1.98
CA GLN A 198 14.94 1.95 -1.82
C GLN A 198 15.49 1.92 -0.40
N ASN A 199 16.03 3.06 0.07
CA ASN A 199 16.56 3.13 1.42
C ASN A 199 15.44 2.90 2.45
N PHE A 200 14.26 3.46 2.17
CA PHE A 200 13.08 3.35 3.01
C PHE A 200 12.66 1.88 3.17
N LEU A 201 12.57 1.10 2.08
CA LEU A 201 12.16 -0.31 2.21
C LEU A 201 13.28 -1.15 2.83
N SER A 202 14.52 -0.94 2.40
CA SER A 202 15.67 -1.67 2.93
C SER A 202 15.85 -1.45 4.44
N SER A 203 15.33 -0.34 5.00
CA SER A 203 15.41 -0.03 6.42
C SER A 203 14.51 -0.96 7.25
N ILE A 204 13.32 -1.29 6.73
CA ILE A 204 12.39 -2.17 7.43
C ILE A 204 12.68 -3.64 7.13
N ASN A 205 13.68 -3.97 6.31
CA ASN A 205 14.05 -5.34 5.96
C ASN A 205 14.23 -6.21 7.21
N GLU A 206 14.88 -5.68 8.23
CA GLU A 206 15.14 -6.34 9.49
C GLU A 206 13.93 -6.34 10.43
N GLU A 207 12.97 -5.45 10.19
CA GLU A 207 11.76 -5.24 10.96
C GLU A 207 10.56 -6.09 10.51
N ILE A 208 10.41 -6.38 9.22
CA ILE A 208 9.32 -7.19 8.65
C ILE A 208 9.91 -8.49 8.11
N THR A 209 9.13 -9.56 7.97
CA THR A 209 9.66 -10.83 7.46
C THR A 209 8.53 -11.73 6.93
N PRO A 210 8.76 -12.52 5.86
CA PRO A 210 7.73 -13.40 5.35
C PRO A 210 7.50 -14.60 6.28
N ARG A 211 8.43 -14.92 7.20
CA ARG A 211 8.31 -16.05 8.10
C ARG A 211 9.16 -15.86 9.36
N ARG A 212 8.64 -16.20 10.53
CA ARG A 212 9.36 -16.08 11.81
C ARG A 212 10.41 -17.17 11.98
N GLN A 213 10.16 -18.38 11.45
CA GLN A 213 11.03 -19.54 11.51
C GLN A 213 11.60 -19.76 12.91
N SER A 214 10.73 -19.74 13.92
CA SER A 214 11.10 -19.94 15.31
C SER A 214 11.47 -21.41 15.57
N MET A 215 12.15 -21.65 16.68
CA MET A 215 12.58 -22.97 17.12
C MET A 215 12.46 -22.97 18.65
N THR A 216 12.15 -24.13 19.23
CA THR A 216 12.03 -24.26 20.68
C THR A 216 13.41 -24.09 21.30
N VAL A 217 13.45 -23.47 22.47
CA VAL A 217 14.64 -23.20 23.27
C VAL A 217 14.26 -23.50 24.73
N LYS A 218 15.25 -23.68 25.59
CA LYS A 218 15.09 -23.95 27.01
C LYS A 218 16.29 -23.31 27.68
N ALA A 1 6.25 20.89 -35.45
CA ALA A 1 5.95 20.59 -34.04
C ALA A 1 5.49 19.14 -33.98
N MET A 2 5.66 18.46 -32.84
CA MET A 2 5.28 17.05 -32.67
C MET A 2 6.07 16.20 -33.71
N ALA A 3 5.69 14.95 -33.91
CA ALA A 3 6.32 14.03 -34.86
C ALA A 3 5.23 13.12 -35.46
N SER A 4 5.61 12.23 -36.37
CA SER A 4 4.70 11.30 -37.01
C SER A 4 4.26 10.30 -35.94
N GLU A 5 3.03 10.48 -35.47
CA GLU A 5 2.39 9.68 -34.43
C GLU A 5 2.37 8.17 -34.70
N LEU A 6 2.50 7.75 -35.96
CA LEU A 6 2.52 6.34 -36.35
C LEU A 6 3.78 5.68 -35.79
N ASP A 7 4.87 6.44 -35.70
CA ASP A 7 6.13 5.98 -35.17
C ASP A 7 6.15 6.13 -33.67
N LEU A 8 5.55 7.21 -33.16
CA LEU A 8 5.48 7.48 -31.73
C LEU A 8 4.75 6.35 -31.01
N GLU A 9 3.75 5.71 -31.64
CA GLU A 9 3.01 4.59 -31.03
C GLU A 9 3.96 3.46 -30.62
N LYS A 10 5.10 3.24 -31.29
CA LYS A 10 6.02 2.16 -30.87
C LYS A 10 6.62 2.49 -29.50
N GLY A 11 6.69 3.77 -29.13
CA GLY A 11 7.21 4.22 -27.85
C GLY A 11 6.09 4.19 -26.80
N LEU A 12 4.88 4.58 -27.20
CA LEU A 12 3.68 4.63 -26.37
C LEU A 12 3.17 3.23 -26.03
N GLU A 13 3.32 2.24 -26.92
CA GLU A 13 2.87 0.87 -26.68
C GLU A 13 3.54 0.32 -25.40
N MET A 14 4.86 0.53 -25.24
CA MET A 14 5.62 0.08 -24.10
C MET A 14 5.10 0.77 -22.85
N ARG A 15 4.81 2.07 -22.95
CA ARG A 15 4.29 2.86 -21.86
C ARG A 15 2.93 2.32 -21.42
N LYS A 16 1.99 2.09 -22.34
CA LYS A 16 0.67 1.59 -21.96
C LYS A 16 0.78 0.20 -21.36
N TRP A 17 1.71 -0.63 -21.86
CA TRP A 17 1.90 -1.98 -21.35
C TRP A 17 2.41 -1.94 -19.90
N VAL A 18 3.43 -1.14 -19.62
CA VAL A 18 3.97 -1.08 -18.26
C VAL A 18 3.00 -0.37 -17.31
N LEU A 19 2.44 0.77 -17.71
CA LEU A 19 1.50 1.54 -16.90
C LEU A 19 0.24 0.72 -16.60
N SER A 20 -0.27 -0.07 -17.56
CA SER A 20 -1.47 -0.88 -17.33
C SER A 20 -1.25 -1.85 -16.16
N GLY A 21 -0.01 -2.30 -15.93
CA GLY A 21 0.28 -3.19 -14.82
C GLY A 21 -0.10 -2.50 -13.50
N ILE A 22 0.06 -1.18 -13.42
CA ILE A 22 -0.24 -0.38 -12.26
C ILE A 22 -1.75 -0.17 -12.14
N LEU A 23 -2.46 0.38 -13.14
CA LEU A 23 -3.92 0.63 -13.09
C LEU A 23 -4.66 -0.69 -12.83
N ALA A 24 -4.21 -1.81 -13.41
CA ALA A 24 -4.87 -3.10 -13.22
C ALA A 24 -4.68 -3.62 -11.78
N SER A 25 -3.51 -3.41 -11.19
CA SER A 25 -3.21 -3.85 -9.85
C SER A 25 -3.81 -2.90 -8.81
N GLU A 26 -3.69 -1.59 -9.01
CA GLU A 26 -4.25 -0.61 -8.09
C GLU A 26 -5.77 -0.77 -8.12
N GLU A 27 -6.40 -0.95 -9.30
CA GLU A 27 -7.86 -1.10 -9.42
C GLU A 27 -8.36 -2.17 -8.42
N THR A 28 -7.83 -3.39 -8.53
CA THR A 28 -8.19 -4.55 -7.71
C THR A 28 -7.80 -4.38 -6.23
N TYR A 29 -6.71 -3.68 -5.96
CA TYR A 29 -6.22 -3.44 -4.62
C TYR A 29 -7.20 -2.49 -3.93
N LEU A 30 -7.50 -1.36 -4.57
CA LEU A 30 -8.39 -0.29 -4.14
C LEU A 30 -9.82 -0.78 -3.89
N SER A 31 -10.32 -1.75 -4.66
CA SER A 31 -11.68 -2.26 -4.46
C SER A 31 -11.74 -3.05 -3.16
N HIS A 32 -10.77 -3.92 -2.86
CA HIS A 32 -10.73 -4.67 -1.60
C HIS A 32 -10.40 -3.68 -0.49
N LEU A 33 -9.61 -2.62 -0.75
CA LEU A 33 -9.27 -1.61 0.24
C LEU A 33 -10.57 -0.99 0.77
N GLU A 34 -11.60 -0.88 -0.08
CA GLU A 34 -12.90 -0.33 0.30
C GLU A 34 -13.49 -1.11 1.49
N ALA A 35 -13.16 -2.41 1.61
CA ALA A 35 -13.63 -3.28 2.69
C ALA A 35 -13.14 -2.76 4.05
N LEU A 36 -12.04 -2.00 4.08
CA LEU A 36 -11.45 -1.41 5.27
C LEU A 36 -12.11 -0.04 5.51
N LEU A 37 -12.43 0.71 4.45
CA LEU A 37 -13.09 2.01 4.58
C LEU A 37 -14.52 1.82 5.09
N LEU A 38 -15.17 0.74 4.65
CA LEU A 38 -16.53 0.35 4.99
C LEU A 38 -16.77 0.45 6.52
N PRO A 39 -16.05 -0.27 7.39
CA PRO A 39 -16.25 -0.15 8.83
C PRO A 39 -15.69 1.17 9.37
N MET A 40 -14.69 1.76 8.72
CA MET A 40 -14.09 3.02 9.16
C MET A 40 -15.11 4.16 9.09
N LYS A 41 -15.97 4.19 8.07
CA LYS A 41 -17.02 5.20 7.85
C LYS A 41 -17.79 5.43 9.15
N PRO A 42 -18.53 4.45 9.70
CA PRO A 42 -19.26 4.65 10.94
C PRO A 42 -18.33 4.69 12.15
N LEU A 43 -17.21 3.95 12.18
CA LEU A 43 -16.28 3.93 13.31
C LEU A 43 -15.79 5.32 13.68
N LYS A 44 -15.28 6.09 12.71
CA LYS A 44 -14.76 7.44 12.96
C LYS A 44 -15.82 8.29 13.64
N ALA A 45 -17.05 8.29 13.13
CA ALA A 45 -18.14 9.06 13.70
C ALA A 45 -18.51 8.51 15.09
N ALA A 46 -18.65 7.19 15.22
CA ALA A 46 -19.01 6.51 16.47
C ALA A 46 -18.04 6.88 17.59
N ALA A 47 -16.76 7.04 17.27
CA ALA A 47 -15.68 7.39 18.18
C ALA A 47 -15.90 8.75 18.87
N THR A 48 -16.90 9.52 18.44
CA THR A 48 -17.24 10.83 18.98
C THR A 48 -18.72 10.90 19.43
N THR A 49 -19.45 9.79 19.51
CA THR A 49 -20.85 9.77 19.92
C THR A 49 -20.89 8.86 21.14
N SER A 50 -21.41 9.38 22.25
CA SER A 50 -21.53 8.67 23.50
C SER A 50 -20.22 7.90 23.81
N GLN A 51 -20.33 6.61 24.11
CA GLN A 51 -19.21 5.74 24.45
C GLN A 51 -19.40 4.44 23.65
N PRO A 52 -18.79 4.30 22.47
CA PRO A 52 -18.89 3.11 21.63
C PRO A 52 -17.99 1.97 22.16
N VAL A 53 -17.98 0.84 21.45
CA VAL A 53 -17.23 -0.36 21.79
C VAL A 53 -15.71 -0.17 21.91
N LEU A 54 -15.06 0.54 20.98
CA LEU A 54 -13.61 0.78 20.98
C LEU A 54 -13.33 2.23 21.37
N THR A 55 -12.07 2.57 21.65
CA THR A 55 -11.72 3.95 21.97
C THR A 55 -11.23 4.59 20.66
N SER A 56 -11.36 5.92 20.54
CA SER A 56 -10.91 6.62 19.34
C SER A 56 -9.40 6.40 19.16
N GLN A 57 -8.67 6.18 20.26
CA GLN A 57 -7.23 5.92 20.27
C GLN A 57 -6.88 4.66 19.49
N GLN A 58 -7.78 3.67 19.49
CA GLN A 58 -7.56 2.42 18.77
C GLN A 58 -7.84 2.63 17.28
N ILE A 59 -8.90 3.38 16.97
CA ILE A 59 -9.31 3.66 15.60
C ILE A 59 -8.23 4.52 14.93
N GLU A 60 -7.78 5.61 15.55
CA GLU A 60 -6.76 6.48 14.97
C GLU A 60 -5.48 5.70 14.70
N THR A 61 -5.09 4.75 15.56
CA THR A 61 -3.88 3.97 15.35
C THR A 61 -4.08 2.94 14.23
N ILE A 62 -5.10 2.09 14.28
CA ILE A 62 -5.32 1.06 13.26
C ILE A 62 -5.58 1.69 11.88
N PHE A 63 -6.35 2.77 11.80
CA PHE A 63 -6.69 3.46 10.55
C PHE A 63 -5.88 4.74 10.32
N PHE A 64 -4.71 4.91 10.95
CA PHE A 64 -3.83 6.09 10.86
C PHE A 64 -3.74 6.64 9.45
N LYS A 65 -3.56 5.79 8.42
CA LYS A 65 -3.49 6.24 7.03
C LYS A 65 -4.34 5.45 6.05
N VAL A 66 -5.15 4.48 6.46
CA VAL A 66 -6.00 3.69 5.55
C VAL A 66 -6.75 4.56 4.51
N PRO A 67 -7.54 5.59 4.89
CA PRO A 67 -8.25 6.40 3.90
C PRO A 67 -7.31 7.30 3.09
N GLU A 68 -6.22 7.76 3.71
CA GLU A 68 -5.21 8.62 3.10
C GLU A 68 -4.55 7.86 1.95
N LEU A 69 -4.09 6.64 2.23
CA LEU A 69 -3.41 5.74 1.30
C LEU A 69 -4.30 5.40 0.11
N TYR A 70 -5.63 5.35 0.30
CA TYR A 70 -6.55 5.06 -0.80
C TYR A 70 -6.51 6.22 -1.77
N GLU A 71 -6.71 7.45 -1.28
CA GLU A 71 -6.71 8.67 -2.07
C GLU A 71 -5.37 8.86 -2.78
N ILE A 72 -4.26 8.62 -2.08
CA ILE A 72 -2.93 8.76 -2.64
C ILE A 72 -2.78 7.92 -3.92
N HIS A 73 -3.23 6.66 -3.90
CA HIS A 73 -3.11 5.80 -5.07
C HIS A 73 -4.15 6.13 -6.13
N LYS A 74 -5.41 6.25 -5.76
CA LYS A 74 -6.50 6.54 -6.69
C LYS A 74 -6.29 7.88 -7.38
N GLU A 75 -5.74 8.89 -6.74
CA GLU A 75 -5.57 10.18 -7.41
C GLU A 75 -4.63 10.05 -8.60
N PHE A 76 -3.60 9.23 -8.43
CA PHE A 76 -2.60 8.96 -9.43
C PHE A 76 -3.17 8.00 -10.48
N TYR A 77 -3.75 6.88 -10.06
CA TYR A 77 -4.35 5.84 -10.89
C TYR A 77 -5.54 6.34 -11.71
N ASP A 78 -6.48 7.05 -11.08
CA ASP A 78 -7.67 7.59 -11.75
C ASP A 78 -7.24 8.54 -12.86
N GLY A 79 -6.18 9.33 -12.58
CA GLY A 79 -5.59 10.29 -13.48
C GLY A 79 -4.62 9.65 -14.48
N LEU A 80 -4.36 8.35 -14.33
CA LEU A 80 -3.50 7.56 -15.20
C LEU A 80 -4.35 7.07 -16.38
N PHE A 81 -5.64 6.79 -16.13
CA PHE A 81 -6.60 6.34 -17.11
C PHE A 81 -6.72 7.32 -18.30
N PRO A 82 -7.06 8.62 -18.11
CA PRO A 82 -7.16 9.54 -19.24
C PRO A 82 -5.80 9.73 -19.91
N ARG A 83 -4.72 9.71 -19.13
CA ARG A 83 -3.35 9.87 -19.61
C ARG A 83 -2.94 8.76 -20.55
N VAL A 84 -3.17 7.49 -20.20
CA VAL A 84 -2.79 6.37 -21.05
C VAL A 84 -3.66 6.36 -22.32
N GLN A 85 -4.88 6.90 -22.27
CA GLN A 85 -5.80 6.97 -23.41
C GLN A 85 -5.54 8.18 -24.31
N GLN A 86 -5.00 9.27 -23.76
CA GLN A 86 -4.69 10.50 -24.47
C GLN A 86 -3.41 11.08 -23.84
N TRP A 87 -2.27 10.58 -24.32
CA TRP A 87 -0.97 11.03 -23.86
C TRP A 87 -0.80 12.49 -24.31
N SER A 88 0.01 13.26 -23.59
CA SER A 88 0.27 14.66 -23.92
C SER A 88 1.01 14.72 -25.27
N HIS A 89 0.97 15.88 -25.93
CA HIS A 89 1.61 16.09 -27.22
C HIS A 89 3.13 15.89 -27.10
N GLN A 90 3.73 16.30 -25.98
CA GLN A 90 5.14 16.14 -25.70
C GLN A 90 5.39 16.50 -24.23
N GLN A 91 5.06 15.59 -23.32
CA GLN A 91 5.23 15.74 -21.89
C GLN A 91 5.17 14.31 -21.37
N ARG A 92 6.30 13.83 -20.85
CA ARG A 92 6.42 12.46 -20.34
C ARG A 92 5.76 12.29 -18.96
N VAL A 93 5.74 11.06 -18.46
CA VAL A 93 5.16 10.74 -17.17
C VAL A 93 6.30 10.50 -16.18
N GLY A 94 5.98 10.68 -14.90
CA GLY A 94 6.88 10.53 -13.77
C GLY A 94 6.48 11.55 -12.68
N ASP A 95 5.89 12.68 -13.06
CA ASP A 95 5.47 13.72 -12.10
C ASP A 95 4.43 13.21 -11.12
N LEU A 96 3.53 12.29 -11.50
CA LEU A 96 2.53 11.76 -10.59
C LEU A 96 3.20 10.77 -9.64
N PHE A 97 4.25 10.07 -10.10
CA PHE A 97 4.99 9.11 -9.30
C PHE A 97 5.82 9.82 -8.23
N GLN A 98 6.31 11.03 -8.52
CA GLN A 98 7.12 11.77 -7.54
C GLN A 98 6.35 12.01 -6.26
N LYS A 99 5.01 12.14 -6.32
CA LYS A 99 4.18 12.37 -5.15
C LYS A 99 4.43 11.28 -4.10
N LEU A 100 4.42 10.00 -4.49
CA LEU A 100 4.62 8.87 -3.58
C LEU A 100 5.95 9.01 -2.83
N ALA A 101 7.04 9.25 -3.56
CA ALA A 101 8.35 9.39 -2.95
C ALA A 101 8.45 10.70 -2.16
N SER A 102 7.68 11.73 -2.50
CA SER A 102 7.68 13.02 -1.83
C SER A 102 7.03 12.88 -0.45
N GLN A 103 5.98 12.07 -0.33
CA GLN A 103 5.24 11.83 0.91
C GLN A 103 5.66 10.54 1.62
N LEU A 104 6.85 10.02 1.30
CA LEU A 104 7.36 8.79 1.91
C LEU A 104 7.44 8.88 3.44
N GLY A 105 7.53 10.08 4.03
CA GLY A 105 7.61 10.24 5.47
C GLY A 105 6.41 9.65 6.21
N VAL A 106 5.24 9.67 5.57
CA VAL A 106 3.99 9.14 6.10
C VAL A 106 4.15 7.63 6.41
N TYR A 107 4.85 6.91 5.54
CA TYR A 107 5.06 5.47 5.67
C TYR A 107 5.88 5.15 6.92
N ARG A 108 6.95 5.90 7.21
CA ARG A 108 7.73 5.58 8.41
C ARG A 108 6.85 5.73 9.65
N ALA A 109 6.00 6.75 9.73
CA ALA A 109 5.12 6.93 10.87
C ALA A 109 4.20 5.71 11.06
N PHE A 110 3.60 5.19 9.99
CA PHE A 110 2.73 4.01 10.05
C PHE A 110 3.52 2.82 10.59
N VAL A 111 4.72 2.57 10.04
CA VAL A 111 5.58 1.45 10.46
C VAL A 111 6.06 1.63 11.90
N ASP A 112 6.41 2.84 12.31
CA ASP A 112 6.90 3.17 13.66
C ASP A 112 5.88 2.71 14.72
N ASN A 113 4.58 2.94 14.46
CA ASN A 113 3.48 2.58 15.34
C ASN A 113 2.79 1.28 14.91
N TYR A 114 3.41 0.49 14.04
CA TYR A 114 2.83 -0.77 13.57
C TYR A 114 2.67 -1.74 14.74
N GLY A 115 3.73 -1.91 15.53
CA GLY A 115 3.72 -2.78 16.68
C GLY A 115 2.60 -2.40 17.66
N VAL A 116 2.35 -1.10 17.84
CA VAL A 116 1.29 -0.60 18.73
C VAL A 116 -0.06 -1.07 18.20
N ALA A 117 -0.30 -0.97 16.88
CA ALA A 117 -1.55 -1.39 16.27
C ALA A 117 -1.78 -2.89 16.51
N MET A 118 -0.70 -3.68 16.51
CA MET A 118 -0.76 -5.12 16.75
C MET A 118 -1.02 -5.40 18.23
N GLU A 119 -0.34 -4.67 19.13
CA GLU A 119 -0.49 -4.84 20.58
C GLU A 119 -1.88 -4.47 21.06
N MET A 120 -2.52 -3.47 20.45
CA MET A 120 -3.87 -3.07 20.85
C MET A 120 -4.92 -4.03 20.28
N ALA A 121 -4.77 -4.49 19.02
CA ALA A 121 -5.71 -5.37 18.34
C ALA A 121 -6.05 -6.63 19.14
N GLU A 122 -5.05 -7.36 19.64
CA GLU A 122 -5.30 -8.58 20.42
C GLU A 122 -6.20 -8.30 21.64
N LYS A 123 -6.04 -7.13 22.26
CA LYS A 123 -6.82 -6.73 23.42
C LYS A 123 -8.22 -6.27 23.01
N CYS A 124 -8.42 -5.86 21.76
CA CYS A 124 -9.72 -5.44 21.27
C CYS A 124 -10.56 -6.70 21.03
N CYS A 125 -9.96 -7.79 20.52
CA CYS A 125 -10.66 -9.05 20.25
C CYS A 125 -11.39 -9.55 21.50
N GLN A 126 -10.66 -9.70 22.60
CA GLN A 126 -11.19 -10.17 23.88
C GLN A 126 -12.18 -9.19 24.52
N ALA A 127 -12.28 -7.94 24.05
CA ALA A 127 -13.17 -6.94 24.61
C ALA A 127 -14.39 -6.59 23.76
N ASN A 128 -14.38 -6.84 22.44
CA ASN A 128 -15.49 -6.50 21.56
C ASN A 128 -15.77 -7.63 20.58
N ALA A 129 -16.98 -8.19 20.63
CA ALA A 129 -17.43 -9.28 19.76
C ALA A 129 -17.29 -8.92 18.28
N GLN A 130 -17.63 -7.68 17.88
CA GLN A 130 -17.52 -7.24 16.49
C GLN A 130 -16.06 -7.35 16.01
N PHE A 131 -15.08 -7.17 16.93
CA PHE A 131 -13.67 -7.26 16.62
C PHE A 131 -13.24 -8.74 16.60
N ALA A 132 -13.72 -9.53 17.57
CA ALA A 132 -13.38 -10.95 17.63
C ALA A 132 -13.84 -11.70 16.40
N GLU A 133 -15.05 -11.41 15.90
CA GLU A 133 -15.60 -12.10 14.73
C GLU A 133 -14.83 -11.78 13.45
N ILE A 134 -14.39 -10.54 13.22
CA ILE A 134 -13.63 -10.23 12.00
C ILE A 134 -12.30 -11.00 12.07
N SER A 135 -11.77 -11.16 13.29
CA SER A 135 -10.54 -11.88 13.55
C SER A 135 -10.74 -13.41 13.49
N GLU A 136 -11.97 -13.91 13.33
CA GLU A 136 -12.29 -15.33 13.24
C GLU A 136 -12.65 -15.67 11.80
N ASN A 137 -13.29 -14.73 11.11
CA ASN A 137 -13.71 -14.87 9.73
C ASN A 137 -12.48 -15.00 8.85
N LEU A 138 -11.40 -14.26 9.15
CA LEU A 138 -10.14 -14.31 8.41
C LEU A 138 -9.41 -15.60 8.80
N ARG A 139 -8.71 -16.22 7.86
CA ARG A 139 -7.95 -17.47 8.07
C ARG A 139 -7.03 -17.69 6.86
N ALA A 140 -6.38 -18.85 6.78
CA ALA A 140 -5.47 -19.30 5.72
C ALA A 140 -4.24 -18.43 5.46
N ARG A 141 -3.06 -18.95 5.79
CA ARG A 141 -1.76 -18.29 5.59
C ARG A 141 -0.75 -19.31 5.06
N SER A 142 0.47 -18.90 4.69
CA SER A 142 1.47 -19.81 4.16
C SER A 142 2.22 -20.54 5.29
N ASN A 143 1.68 -21.68 5.73
CA ASN A 143 2.19 -22.56 6.79
C ASN A 143 1.76 -22.01 8.15
N LYS A 144 1.48 -22.90 9.11
CA LYS A 144 1.07 -22.51 10.45
C LYS A 144 2.22 -21.82 11.18
N ASP A 145 3.39 -22.46 11.25
CA ASP A 145 4.59 -21.99 11.96
C ASP A 145 5.10 -20.61 11.52
N ALA A 146 4.58 -20.06 10.42
CA ALA A 146 4.96 -18.76 9.92
C ALA A 146 4.58 -17.71 10.97
N LYS A 147 3.28 -17.51 11.21
CA LYS A 147 2.76 -16.53 12.17
C LYS A 147 1.60 -17.03 13.04
N ASP A 148 0.92 -18.09 12.63
CA ASP A 148 -0.23 -18.67 13.34
C ASP A 148 -0.01 -20.17 13.53
N PRO A 149 0.96 -20.57 14.39
CA PRO A 149 1.29 -21.98 14.66
C PRO A 149 0.18 -22.75 15.36
N THR A 150 -0.89 -22.06 15.73
CA THR A 150 -2.05 -22.55 16.42
C THR A 150 -3.32 -21.92 15.80
N THR A 151 -3.27 -21.48 14.53
CA THR A 151 -4.36 -20.84 13.76
C THR A 151 -4.70 -19.40 14.19
N LYS A 152 -4.41 -19.04 15.44
CA LYS A 152 -4.67 -17.72 16.01
C LYS A 152 -3.95 -16.62 15.22
N ASN A 153 -4.71 -15.88 14.41
CA ASN A 153 -4.22 -14.76 13.59
C ASN A 153 -4.61 -13.46 14.30
N SER A 154 -4.11 -12.32 13.86
CA SER A 154 -4.43 -11.01 14.43
C SER A 154 -4.68 -10.03 13.30
N LEU A 155 -5.20 -8.84 13.64
CA LEU A 155 -5.47 -7.77 12.66
C LEU A 155 -4.18 -7.42 11.90
N GLU A 156 -3.00 -7.72 12.46
CA GLU A 156 -1.70 -7.49 11.84
C GLU A 156 -1.65 -8.12 10.45
N THR A 157 -2.38 -9.22 10.24
CA THR A 157 -2.38 -9.86 8.94
C THR A 157 -2.98 -8.87 7.93
N LEU A 158 -4.10 -8.20 8.26
CA LEU A 158 -4.74 -7.22 7.38
C LEU A 158 -3.80 -6.03 7.12
N LEU A 159 -2.92 -5.70 8.07
CA LEU A 159 -1.97 -4.60 7.92
C LEU A 159 -0.89 -5.02 6.92
N TYR A 160 -0.34 -6.22 7.07
CA TYR A 160 0.74 -6.69 6.20
C TYR A 160 0.28 -7.18 4.83
N LYS A 161 -0.92 -7.78 4.71
CA LYS A 161 -1.48 -8.29 3.46
C LYS A 161 -1.24 -7.29 2.31
N PRO A 162 -1.65 -6.01 2.39
CA PRO A 162 -1.40 -5.05 1.34
C PRO A 162 0.08 -4.67 1.25
N VAL A 163 0.75 -4.36 2.38
CA VAL A 163 2.17 -3.96 2.46
C VAL A 163 3.09 -4.97 1.76
N ASP A 164 2.78 -6.26 1.86
CA ASP A 164 3.55 -7.34 1.25
C ASP A 164 3.65 -7.11 -0.27
N ARG A 165 2.61 -6.54 -0.87
CA ARG A 165 2.49 -6.21 -2.29
C ARG A 165 3.29 -4.94 -2.61
N VAL A 166 3.16 -3.91 -1.75
CA VAL A 166 3.80 -2.61 -1.90
C VAL A 166 5.32 -2.70 -2.10
N THR A 167 6.02 -3.62 -1.44
CA THR A 167 7.46 -3.68 -1.66
C THR A 167 7.78 -4.14 -3.09
N ARG A 168 6.91 -4.95 -3.72
CA ARG A 168 7.10 -5.44 -5.07
C ARG A 168 6.83 -4.34 -6.07
N SER A 169 6.13 -3.27 -5.69
CA SER A 169 5.84 -2.14 -6.56
C SER A 169 7.16 -1.50 -7.04
N THR A 170 8.26 -1.74 -6.33
CA THR A 170 9.57 -1.22 -6.70
C THR A 170 10.01 -1.84 -8.05
N LEU A 171 9.60 -3.08 -8.35
CA LEU A 171 9.97 -3.75 -9.60
C LEU A 171 9.37 -3.03 -10.81
N VAL A 172 8.13 -2.55 -10.72
CA VAL A 172 7.49 -1.86 -11.84
C VAL A 172 8.24 -0.56 -12.15
N LEU A 173 8.86 0.03 -11.12
CA LEU A 173 9.62 1.25 -11.20
C LEU A 173 10.95 0.94 -11.91
N HIS A 174 11.62 -0.16 -11.55
CA HIS A 174 12.88 -0.58 -12.16
C HIS A 174 12.66 -0.99 -13.63
N ASP A 175 11.50 -1.54 -13.95
CA ASP A 175 11.13 -1.97 -15.30
C ASP A 175 11.06 -0.75 -16.21
N LEU A 176 10.53 0.36 -15.69
CA LEU A 176 10.41 1.62 -16.41
C LEU A 176 11.81 2.13 -16.78
N LEU A 177 12.75 2.08 -15.81
CA LEU A 177 14.15 2.50 -15.93
C LEU A 177 14.83 1.80 -17.09
N LYS A 178 14.66 0.48 -17.21
CA LYS A 178 15.26 -0.32 -18.26
C LYS A 178 14.91 0.18 -19.65
N HIS A 179 13.73 0.76 -19.82
CA HIS A 179 13.23 1.28 -21.08
C HIS A 179 13.33 2.80 -21.17
N THR A 180 14.05 3.49 -20.29
CA THR A 180 14.19 4.94 -20.32
C THR A 180 15.57 5.31 -20.88
N PRO A 181 15.65 6.27 -21.82
CA PRO A 181 16.92 6.71 -22.39
C PRO A 181 17.71 7.43 -21.29
N ALA A 182 18.87 6.88 -20.92
CA ALA A 182 19.74 7.43 -19.89
C ALA A 182 20.21 8.85 -20.22
N SER A 183 20.25 9.22 -21.50
CA SER A 183 20.66 10.55 -21.95
C SER A 183 19.60 11.62 -21.65
N HIS A 184 18.47 11.27 -21.02
CA HIS A 184 17.38 12.16 -20.67
C HIS A 184 17.30 12.38 -19.15
N PRO A 185 16.77 13.51 -18.65
CA PRO A 185 16.66 13.77 -17.21
C PRO A 185 15.62 12.86 -16.53
N ASP A 186 14.80 12.18 -17.31
CA ASP A 186 13.75 11.27 -16.84
C ASP A 186 14.35 9.99 -16.23
N HIS A 187 15.60 9.67 -16.59
CA HIS A 187 16.31 8.50 -16.11
C HIS A 187 16.65 8.63 -14.62
N PRO A 188 17.45 9.61 -14.16
CA PRO A 188 17.79 9.74 -12.75
C PRO A 188 16.58 10.17 -11.92
N LEU A 189 15.59 10.82 -12.56
CA LEU A 189 14.36 11.30 -11.93
C LEU A 189 13.67 10.15 -11.22
N LEU A 190 13.44 9.03 -11.92
CA LEU A 190 12.81 7.89 -11.26
C LEU A 190 13.86 7.03 -10.52
N GLN A 191 15.14 7.11 -10.89
CA GLN A 191 16.20 6.34 -10.23
C GLN A 191 16.34 6.75 -8.76
N ASP A 192 16.41 8.06 -8.50
CA ASP A 192 16.55 8.57 -7.13
C ASP A 192 15.32 8.27 -6.30
N ALA A 193 14.13 8.54 -6.87
CA ALA A 193 12.85 8.30 -6.21
C ALA A 193 12.73 6.83 -5.79
N LEU A 194 13.16 5.92 -6.68
CA LEU A 194 13.12 4.51 -6.38
C LEU A 194 14.19 4.19 -5.33
N ARG A 195 15.36 4.83 -5.38
CA ARG A 195 16.43 4.58 -4.41
C ARG A 195 15.89 4.87 -3.01
N ILE A 196 15.27 6.03 -2.78
CA ILE A 196 14.73 6.35 -1.46
C ILE A 196 13.67 5.31 -1.05
N SER A 197 12.75 4.91 -1.95
CA SER A 197 11.74 3.92 -1.66
C SER A 197 12.33 2.56 -1.28
N GLN A 198 13.32 2.08 -2.05
CA GLN A 198 13.98 0.81 -1.83
C GLN A 198 14.81 0.86 -0.54
N ASN A 199 15.47 2.01 -0.26
CA ASN A 199 16.27 2.17 0.95
C ASN A 199 15.35 2.01 2.14
N PHE A 200 14.20 2.71 2.12
CA PHE A 200 13.22 2.67 3.18
C PHE A 200 12.76 1.24 3.49
N LEU A 201 12.28 0.50 2.48
CA LEU A 201 11.79 -0.87 2.68
C LEU A 201 12.89 -1.84 3.10
N SER A 202 14.02 -1.78 2.42
CA SER A 202 15.15 -2.65 2.70
C SER A 202 15.55 -2.50 4.18
N SER A 203 15.59 -1.27 4.68
CA SER A 203 15.95 -0.94 6.06
C SER A 203 14.94 -1.44 7.12
N ILE A 204 13.75 -1.93 6.76
CA ILE A 204 12.74 -2.42 7.69
C ILE A 204 12.36 -3.87 7.36
N ASN A 205 13.13 -4.55 6.49
CA ASN A 205 12.87 -5.93 6.09
C ASN A 205 12.63 -6.85 7.29
N GLU A 206 13.40 -6.67 8.37
CA GLU A 206 13.26 -7.47 9.60
C GLU A 206 12.10 -6.99 10.50
N GLU A 207 11.60 -5.77 10.34
CA GLU A 207 10.50 -5.21 11.13
C GLU A 207 9.14 -5.67 10.58
N ILE A 208 9.09 -6.07 9.30
CA ILE A 208 7.92 -6.57 8.58
C ILE A 208 8.37 -7.87 7.91
N THR A 209 8.50 -8.95 8.69
CA THR A 209 8.92 -10.26 8.20
C THR A 209 7.84 -11.31 8.53
N PRO A 210 7.49 -12.21 7.61
CA PRO A 210 6.48 -13.24 7.81
C PRO A 210 6.94 -14.46 8.64
N ARG A 211 8.01 -14.36 9.43
CA ARG A 211 8.55 -15.41 10.31
C ARG A 211 9.11 -14.70 11.55
N ARG A 212 8.89 -15.24 12.76
CA ARG A 212 9.39 -14.61 13.99
C ARG A 212 9.75 -15.60 15.10
N GLN A 213 8.99 -16.68 15.30
CA GLN A 213 9.20 -17.67 16.35
C GLN A 213 9.39 -16.99 17.71
N SER A 214 8.41 -16.19 18.13
CA SER A 214 8.47 -15.47 19.38
C SER A 214 7.98 -16.31 20.55
N MET A 215 8.40 -15.94 21.75
CA MET A 215 7.97 -16.60 22.99
C MET A 215 6.58 -16.05 23.35
N THR A 216 5.98 -16.52 24.44
CA THR A 216 4.68 -16.07 24.90
C THR A 216 4.84 -15.67 26.38
N VAL A 217 3.91 -14.88 26.90
CA VAL A 217 3.91 -14.40 28.27
C VAL A 217 2.46 -14.39 28.79
N LYS A 218 2.26 -13.76 29.94
CA LYS A 218 0.98 -13.58 30.62
C LYS A 218 0.66 -12.10 30.57
N ALA A 1 0.64 18.23 -31.94
CA ALA A 1 1.73 17.74 -32.82
C ALA A 1 1.88 18.69 -34.01
N MET A 2 2.73 18.32 -34.97
CA MET A 2 3.05 19.00 -36.22
C MET A 2 3.69 17.90 -37.07
N ALA A 3 4.71 17.22 -36.52
CA ALA A 3 5.34 16.09 -37.17
C ALA A 3 4.34 14.93 -36.97
N SER A 4 4.54 13.81 -37.65
CA SER A 4 3.65 12.67 -37.50
C SER A 4 3.74 12.15 -36.07
N GLU A 5 2.59 11.76 -35.52
CA GLU A 5 2.52 11.23 -34.16
C GLU A 5 2.73 9.73 -34.12
N LEU A 6 2.69 9.05 -35.28
CA LEU A 6 2.92 7.60 -35.38
C LEU A 6 4.28 7.23 -34.80
N ASP A 7 5.26 8.12 -34.96
CA ASP A 7 6.63 8.02 -34.49
C ASP A 7 6.62 7.94 -32.96
N LEU A 8 5.85 8.81 -32.32
CA LEU A 8 5.70 8.88 -30.89
C LEU A 8 4.91 7.66 -30.41
N GLU A 9 3.87 7.28 -31.15
CA GLU A 9 2.97 6.17 -30.87
C GLU A 9 3.74 4.88 -30.65
N LYS A 10 4.77 4.58 -31.46
CA LYS A 10 5.55 3.35 -31.26
C LYS A 10 6.22 3.34 -29.89
N GLY A 11 6.45 4.50 -29.29
CA GLY A 11 7.03 4.64 -27.96
C GLY A 11 5.90 4.50 -26.94
N LEU A 12 4.73 5.10 -27.22
CA LEU A 12 3.54 5.08 -26.38
C LEU A 12 2.99 3.68 -26.20
N GLU A 13 2.97 2.86 -27.26
CA GLU A 13 2.44 1.51 -27.26
C GLU A 13 2.96 0.68 -26.08
N MET A 14 4.28 0.49 -26.02
CA MET A 14 4.89 -0.29 -24.96
C MET A 14 4.76 0.41 -23.61
N ARG A 15 4.98 1.72 -23.51
CA ARG A 15 4.85 2.46 -22.25
C ARG A 15 3.45 2.25 -21.68
N LYS A 16 2.40 2.46 -22.49
CA LYS A 16 1.02 2.27 -22.07
C LYS A 16 0.84 0.82 -21.67
N TRP A 17 1.41 -0.16 -22.40
CA TRP A 17 1.28 -1.57 -22.06
C TRP A 17 1.69 -1.80 -20.60
N VAL A 18 2.83 -1.24 -20.18
CA VAL A 18 3.31 -1.40 -18.81
C VAL A 18 2.34 -0.73 -17.84
N LEU A 19 2.00 0.53 -18.07
CA LEU A 19 1.10 1.32 -17.23
C LEU A 19 -0.32 0.76 -17.15
N SER A 20 -0.83 0.10 -18.19
CA SER A 20 -2.18 -0.46 -18.23
C SER A 20 -2.37 -1.43 -17.06
N GLY A 21 -1.36 -2.29 -16.85
CA GLY A 21 -1.38 -3.26 -15.79
C GLY A 21 -1.53 -2.62 -14.43
N ILE A 22 -0.92 -1.45 -14.18
CA ILE A 22 -1.02 -0.78 -12.88
C ILE A 22 -2.48 -0.44 -12.60
N LEU A 23 -3.19 0.27 -13.48
CA LEU A 23 -4.61 0.63 -13.29
C LEU A 23 -5.42 -0.62 -13.01
N ALA A 24 -5.21 -1.71 -13.76
CA ALA A 24 -5.97 -2.93 -13.58
C ALA A 24 -5.66 -3.62 -12.24
N SER A 25 -4.41 -3.56 -11.80
CA SER A 25 -3.95 -4.16 -10.58
C SER A 25 -4.44 -3.35 -9.38
N GLU A 26 -4.34 -2.02 -9.45
CA GLU A 26 -4.78 -1.13 -8.40
C GLU A 26 -6.32 -1.11 -8.37
N GLU A 27 -7.01 -1.09 -9.50
CA GLU A 27 -8.48 -1.06 -9.58
C GLU A 27 -9.11 -2.12 -8.66
N THR A 28 -8.74 -3.40 -8.85
CA THR A 28 -9.26 -4.51 -8.05
C THR A 28 -8.72 -4.45 -6.62
N TYR A 29 -7.44 -4.10 -6.44
CA TYR A 29 -6.81 -4.00 -5.12
C TYR A 29 -7.62 -3.03 -4.26
N LEU A 30 -7.95 -1.87 -4.83
CA LEU A 30 -8.72 -0.79 -4.27
C LEU A 30 -10.14 -1.26 -3.99
N SER A 31 -10.75 -2.08 -4.84
CA SER A 31 -12.11 -2.59 -4.63
C SER A 31 -12.17 -3.39 -3.33
N HIS A 32 -11.25 -4.34 -3.14
CA HIS A 32 -11.21 -5.17 -1.94
C HIS A 32 -10.82 -4.35 -0.70
N LEU A 33 -9.97 -3.33 -0.87
CA LEU A 33 -9.51 -2.43 0.20
C LEU A 33 -10.65 -1.51 0.63
N GLU A 34 -11.47 -1.03 -0.30
CA GLU A 34 -12.58 -0.13 -0.02
C GLU A 34 -13.57 -0.82 0.93
N ALA A 35 -13.77 -2.14 0.80
CA ALA A 35 -14.66 -2.88 1.67
C ALA A 35 -14.15 -2.91 3.13
N LEU A 36 -12.87 -2.57 3.37
CA LEU A 36 -12.26 -2.50 4.69
C LEU A 36 -12.48 -1.09 5.25
N LEU A 37 -12.30 -0.04 4.42
CA LEU A 37 -12.49 1.35 4.86
C LEU A 37 -13.97 1.75 4.91
N LEU A 38 -14.85 0.98 4.27
CA LEU A 38 -16.29 1.20 4.24
C LEU A 38 -16.81 1.43 5.67
N PRO A 39 -16.64 0.49 6.63
CA PRO A 39 -17.09 0.68 8.00
C PRO A 39 -16.22 1.73 8.74
N MET A 40 -14.97 1.97 8.33
CA MET A 40 -14.12 2.97 8.99
C MET A 40 -14.80 4.35 8.94
N LYS A 41 -15.44 4.71 7.81
CA LYS A 41 -16.13 6.00 7.65
C LYS A 41 -17.04 6.28 8.88
N PRO A 42 -18.11 5.49 9.14
CA PRO A 42 -18.98 5.74 10.28
C PRO A 42 -18.28 5.44 11.61
N LEU A 43 -17.41 4.42 11.71
CA LEU A 43 -16.73 4.09 12.97
C LEU A 43 -15.92 5.28 13.49
N LYS A 44 -15.26 6.03 12.61
CA LYS A 44 -14.47 7.19 12.98
C LYS A 44 -15.41 8.26 13.54
N ALA A 45 -16.51 8.57 12.86
CA ALA A 45 -17.46 9.57 13.32
C ALA A 45 -18.07 9.14 14.66
N ALA A 46 -18.39 7.85 14.80
CA ALA A 46 -18.95 7.22 15.98
C ALA A 46 -18.01 7.39 17.17
N ALA A 47 -16.69 7.54 16.94
CA ALA A 47 -15.67 7.74 17.96
C ALA A 47 -15.89 9.05 18.71
N THR A 48 -16.72 9.96 18.18
CA THR A 48 -17.02 11.26 18.76
C THR A 48 -18.46 11.42 19.24
N THR A 49 -19.19 10.33 19.52
CA THR A 49 -20.57 10.37 19.97
C THR A 49 -20.78 9.28 21.02
N SER A 50 -21.48 9.60 22.10
CA SER A 50 -21.81 8.72 23.20
C SER A 50 -20.59 7.87 23.60
N GLN A 51 -20.73 6.56 23.74
CA GLN A 51 -19.64 5.65 24.10
C GLN A 51 -19.66 4.48 23.12
N PRO A 52 -18.88 4.52 22.04
CA PRO A 52 -18.81 3.45 21.06
C PRO A 52 -18.18 2.18 21.66
N VAL A 53 -18.09 1.12 20.86
CA VAL A 53 -17.55 -0.16 21.28
C VAL A 53 -16.05 -0.02 21.62
N LEU A 54 -15.24 0.56 20.73
CA LEU A 54 -13.80 0.75 20.92
C LEU A 54 -13.53 2.23 21.19
N THR A 55 -12.44 2.54 21.90
CA THR A 55 -12.12 3.95 22.20
C THR A 55 -11.43 4.57 20.99
N SER A 56 -11.48 5.90 20.89
CA SER A 56 -10.87 6.66 19.80
C SER A 56 -9.38 6.35 19.63
N GLN A 57 -8.65 6.07 20.72
CA GLN A 57 -7.23 5.76 20.64
C GLN A 57 -7.03 4.42 19.90
N GLN A 58 -7.94 3.46 20.10
CA GLN A 58 -7.87 2.16 19.46
C GLN A 58 -8.15 2.35 17.97
N ILE A 59 -9.25 3.03 17.64
CA ILE A 59 -9.68 3.30 16.27
C ILE A 59 -8.56 4.03 15.51
N GLU A 60 -8.10 5.18 16.02
CA GLU A 60 -7.07 5.96 15.37
C GLU A 60 -5.77 5.18 15.17
N THR A 61 -5.39 4.29 16.08
CA THR A 61 -4.16 3.52 15.92
C THR A 61 -4.33 2.41 14.86
N ILE A 62 -5.42 1.66 14.93
CA ILE A 62 -5.71 0.55 14.02
C ILE A 62 -5.88 1.07 12.58
N PHE A 63 -6.59 2.17 12.39
CA PHE A 63 -6.85 2.75 11.07
C PHE A 63 -5.94 3.95 10.74
N PHE A 64 -4.90 4.18 11.52
CA PHE A 64 -3.90 5.26 11.42
C PHE A 64 -3.54 5.73 10.02
N LYS A 65 -3.30 4.83 9.07
CA LYS A 65 -2.94 5.16 7.68
C LYS A 65 -3.78 4.38 6.67
N VAL A 66 -4.81 3.64 7.12
CA VAL A 66 -5.70 2.88 6.25
C VAL A 66 -6.34 3.78 5.18
N PRO A 67 -6.98 4.91 5.50
CA PRO A 67 -7.58 5.74 4.48
C PRO A 67 -6.51 6.30 3.55
N GLU A 68 -5.36 6.74 4.09
CA GLU A 68 -4.27 7.28 3.30
C GLU A 68 -3.84 6.30 2.21
N LEU A 69 -3.60 5.04 2.56
CA LEU A 69 -3.18 4.03 1.59
C LEU A 69 -4.14 3.92 0.41
N TYR A 70 -5.45 4.00 0.67
CA TYR A 70 -6.45 3.91 -0.38
C TYR A 70 -6.50 5.21 -1.20
N GLU A 71 -6.63 6.34 -0.51
CA GLU A 71 -6.72 7.67 -1.09
C GLU A 71 -5.54 7.98 -2.01
N ILE A 72 -4.32 7.75 -1.51
CA ILE A 72 -3.08 8.01 -2.21
C ILE A 72 -2.97 7.10 -3.44
N HIS A 73 -3.29 5.81 -3.31
CA HIS A 73 -3.22 4.89 -4.44
C HIS A 73 -4.23 5.29 -5.51
N LYS A 74 -5.49 5.53 -5.17
CA LYS A 74 -6.48 5.95 -6.16
C LYS A 74 -6.07 7.30 -6.71
N GLU A 75 -5.43 8.22 -5.98
CA GLU A 75 -5.07 9.52 -6.56
C GLU A 75 -4.14 9.28 -7.74
N PHE A 76 -3.11 8.49 -7.49
CA PHE A 76 -2.10 8.13 -8.45
C PHE A 76 -2.71 7.36 -9.63
N TYR A 77 -3.50 6.30 -9.37
CA TYR A 77 -4.14 5.47 -10.38
C TYR A 77 -5.24 6.19 -11.15
N ASP A 78 -6.16 6.86 -10.46
CA ASP A 78 -7.27 7.58 -11.06
C ASP A 78 -6.73 8.66 -11.98
N GLY A 79 -5.71 9.40 -11.52
CA GLY A 79 -5.09 10.45 -12.30
C GLY A 79 -4.28 9.92 -13.46
N LEU A 80 -3.94 8.61 -13.48
CA LEU A 80 -3.17 7.96 -14.54
C LEU A 80 -4.07 7.61 -15.72
N PHE A 81 -5.32 7.22 -15.43
CA PHE A 81 -6.34 6.84 -16.41
C PHE A 81 -6.49 7.89 -17.54
N PRO A 82 -6.77 9.18 -17.28
CA PRO A 82 -6.92 10.16 -18.35
C PRO A 82 -5.59 10.48 -19.03
N ARG A 83 -4.46 10.38 -18.31
CA ARG A 83 -3.15 10.68 -18.88
C ARG A 83 -2.88 9.76 -20.06
N VAL A 84 -3.01 8.44 -19.90
CA VAL A 84 -2.76 7.52 -21.02
C VAL A 84 -3.75 7.77 -22.16
N GLN A 85 -5.00 8.10 -21.82
CA GLN A 85 -6.07 8.35 -22.76
C GLN A 85 -5.89 9.65 -23.58
N GLN A 86 -5.20 10.65 -23.01
CA GLN A 86 -4.95 11.94 -23.64
C GLN A 86 -3.58 12.45 -23.16
N TRP A 87 -2.49 11.87 -23.67
CA TRP A 87 -1.13 12.26 -23.30
C TRP A 87 -0.83 13.73 -23.59
N SER A 88 0.23 14.26 -22.99
CA SER A 88 0.63 15.66 -23.22
C SER A 88 1.03 15.76 -24.68
N HIS A 89 0.92 16.95 -25.29
CA HIS A 89 1.25 17.14 -26.70
C HIS A 89 2.73 16.83 -26.96
N GLN A 90 3.65 17.38 -26.17
CA GLN A 90 5.09 17.18 -26.35
C GLN A 90 5.80 17.13 -24.99
N GLN A 91 5.36 16.26 -24.07
CA GLN A 91 5.96 16.10 -22.74
C GLN A 91 6.12 14.61 -22.43
N ARG A 92 6.92 14.31 -21.40
CA ARG A 92 7.25 12.99 -20.89
C ARG A 92 6.59 12.84 -19.52
N VAL A 93 6.73 11.69 -18.88
CA VAL A 93 6.11 11.43 -17.59
C VAL A 93 7.12 11.06 -16.51
N GLY A 94 6.69 11.06 -15.25
CA GLY A 94 7.50 10.73 -14.09
C GLY A 94 6.91 11.29 -12.79
N ASP A 95 6.15 12.40 -12.86
CA ASP A 95 5.54 13.02 -11.69
C ASP A 95 4.63 12.06 -10.94
N LEU A 96 3.79 11.29 -11.65
CA LEU A 96 2.88 10.36 -10.97
C LEU A 96 3.64 9.33 -10.13
N PHE A 97 4.81 8.88 -10.59
CA PHE A 97 5.59 7.93 -9.79
C PHE A 97 6.21 8.68 -8.62
N GLN A 98 6.87 9.81 -8.91
CA GLN A 98 7.54 10.69 -7.95
C GLN A 98 6.57 11.15 -6.84
N LYS A 99 5.27 11.28 -7.14
CA LYS A 99 4.22 11.71 -6.21
C LYS A 99 4.24 10.86 -4.95
N LEU A 100 4.55 9.57 -5.05
CA LEU A 100 4.59 8.68 -3.89
C LEU A 100 5.82 8.98 -3.05
N ALA A 101 7.02 9.09 -3.64
CA ALA A 101 8.24 9.38 -2.90
C ALA A 101 8.09 10.74 -2.18
N SER A 102 7.44 11.69 -2.85
CA SER A 102 7.15 13.03 -2.36
C SER A 102 6.39 12.99 -1.02
N GLN A 103 5.61 11.94 -0.76
CA GLN A 103 4.82 11.74 0.46
C GLN A 103 5.27 10.50 1.27
N LEU A 104 6.49 9.98 1.06
CA LEU A 104 6.98 8.80 1.76
C LEU A 104 7.03 8.96 3.29
N GLY A 105 7.07 10.20 3.81
CA GLY A 105 7.09 10.43 5.25
C GLY A 105 5.79 9.97 5.92
N VAL A 106 4.68 9.93 5.18
CA VAL A 106 3.38 9.49 5.69
C VAL A 106 3.47 7.99 6.01
N TYR A 107 3.95 7.21 5.06
CA TYR A 107 4.08 5.75 5.16
C TYR A 107 5.03 5.36 6.31
N ARG A 108 6.11 6.12 6.52
CA ARG A 108 7.08 5.86 7.58
C ARG A 108 6.42 5.91 8.95
N ALA A 109 5.45 6.80 9.17
CA ALA A 109 4.76 6.94 10.44
C ALA A 109 4.03 5.66 10.83
N PHE A 110 3.33 5.03 9.87
CA PHE A 110 2.61 3.79 10.11
C PHE A 110 3.59 2.73 10.58
N VAL A 111 4.70 2.55 9.86
CA VAL A 111 5.70 1.56 10.23
C VAL A 111 6.30 1.88 11.61
N ASP A 112 6.39 3.16 12.00
CA ASP A 112 6.93 3.61 13.29
C ASP A 112 5.99 3.34 14.48
N ASN A 113 4.75 2.89 14.20
CA ASN A 113 3.71 2.60 15.21
C ASN A 113 3.02 1.25 14.94
N TYR A 114 3.50 0.49 13.96
CA TYR A 114 2.97 -0.80 13.53
C TYR A 114 2.68 -1.77 14.69
N GLY A 115 3.64 -1.95 15.59
CA GLY A 115 3.54 -2.83 16.74
C GLY A 115 2.39 -2.39 17.62
N VAL A 116 2.26 -1.10 17.90
CA VAL A 116 1.19 -0.57 18.73
C VAL A 116 -0.15 -0.98 18.12
N ALA A 117 -0.34 -0.83 16.81
CA ALA A 117 -1.58 -1.21 16.15
C ALA A 117 -1.85 -2.70 16.32
N MET A 118 -0.81 -3.54 16.22
CA MET A 118 -0.96 -4.97 16.39
C MET A 118 -1.40 -5.29 17.82
N GLU A 119 -0.83 -4.58 18.81
CA GLU A 119 -1.14 -4.75 20.23
C GLU A 119 -2.55 -4.28 20.54
N MET A 120 -2.99 -3.14 19.98
CA MET A 120 -4.34 -2.65 20.24
C MET A 120 -5.32 -3.65 19.65
N ALA A 121 -5.04 -4.14 18.45
CA ALA A 121 -5.89 -5.09 17.74
C ALA A 121 -6.13 -6.38 18.55
N GLU A 122 -5.07 -7.02 19.06
CA GLU A 122 -5.22 -8.24 19.83
C GLU A 122 -5.99 -7.94 21.13
N LYS A 123 -5.66 -6.85 21.84
CA LYS A 123 -6.39 -6.56 23.07
C LYS A 123 -7.84 -6.17 22.77
N CYS A 124 -8.14 -5.64 21.57
CA CYS A 124 -9.50 -5.28 21.16
C CYS A 124 -10.28 -6.57 20.91
N CYS A 125 -9.68 -7.59 20.26
CA CYS A 125 -10.33 -8.87 19.98
C CYS A 125 -10.97 -9.45 21.24
N GLN A 126 -10.21 -9.53 22.34
CA GLN A 126 -10.75 -10.06 23.58
C GLN A 126 -11.70 -9.07 24.28
N ALA A 127 -11.39 -7.77 24.26
CA ALA A 127 -12.19 -6.74 24.92
C ALA A 127 -13.61 -6.58 24.39
N ASN A 128 -13.86 -6.71 23.09
CA ASN A 128 -15.20 -6.55 22.53
C ASN A 128 -15.42 -7.50 21.36
N ALA A 129 -16.52 -8.24 21.40
CA ALA A 129 -16.90 -9.22 20.39
C ALA A 129 -16.97 -8.61 18.99
N GLN A 130 -17.33 -7.32 18.85
CA GLN A 130 -17.39 -6.67 17.54
C GLN A 130 -16.05 -6.73 16.83
N PHE A 131 -14.94 -6.70 17.59
CA PHE A 131 -13.62 -6.80 17.00
C PHE A 131 -13.29 -8.26 16.70
N ALA A 132 -13.74 -9.19 17.54
CA ALA A 132 -13.48 -10.61 17.35
C ALA A 132 -14.10 -11.13 16.05
N GLU A 133 -15.36 -10.79 15.77
CA GLU A 133 -16.06 -11.24 14.56
C GLU A 133 -15.27 -10.86 13.30
N ILE A 134 -14.91 -9.59 13.14
CA ILE A 134 -14.15 -9.13 11.99
C ILE A 134 -12.74 -9.73 11.97
N SER A 135 -12.15 -9.97 13.15
CA SER A 135 -10.82 -10.56 13.25
C SER A 135 -10.83 -12.03 12.81
N GLU A 136 -11.89 -12.80 13.07
CA GLU A 136 -11.91 -14.20 12.65
C GLU A 136 -12.20 -14.32 11.15
N ASN A 137 -13.17 -13.53 10.67
CA ASN A 137 -13.66 -13.48 9.29
C ASN A 137 -12.72 -12.70 8.34
N LEU A 138 -11.43 -12.69 8.67
CA LEU A 138 -10.33 -12.04 7.96
C LEU A 138 -10.00 -12.62 6.58
N ARG A 139 -9.06 -11.95 5.91
CA ARG A 139 -8.54 -12.27 4.58
C ARG A 139 -7.64 -13.50 4.64
N ALA A 140 -8.05 -14.58 3.96
CA ALA A 140 -7.27 -15.83 3.92
C ALA A 140 -5.96 -15.61 3.16
N ARG A 141 -4.91 -16.36 3.51
CA ARG A 141 -3.52 -16.40 2.99
C ARG A 141 -2.63 -15.75 4.05
N SER A 142 -2.26 -16.50 5.10
CA SER A 142 -1.42 -16.01 6.20
C SER A 142 -0.10 -16.77 6.24
N ASN A 143 0.97 -16.12 5.77
CA ASN A 143 2.30 -16.72 5.75
C ASN A 143 2.86 -16.91 7.17
N LYS A 144 2.82 -18.15 7.66
CA LYS A 144 3.32 -18.60 8.96
C LYS A 144 3.30 -20.11 8.93
N ASP A 145 2.12 -20.72 8.94
CA ASP A 145 1.79 -22.14 8.90
C ASP A 145 2.58 -22.90 7.83
N ALA A 146 2.75 -22.25 6.68
CA ALA A 146 3.47 -22.75 5.52
C ALA A 146 4.98 -22.91 5.74
N LYS A 147 5.52 -22.56 6.91
CA LYS A 147 6.94 -22.67 7.24
C LYS A 147 7.08 -23.07 8.70
N ASP A 148 6.46 -22.31 9.60
CA ASP A 148 6.46 -22.55 11.04
C ASP A 148 5.26 -23.47 11.30
N PRO A 149 5.34 -24.48 12.18
CA PRO A 149 4.25 -25.42 12.46
C PRO A 149 3.15 -24.84 13.36
N THR A 150 2.82 -23.56 13.22
CA THR A 150 1.80 -22.91 14.04
C THR A 150 0.90 -22.01 13.19
N THR A 151 -0.41 -22.23 13.26
CA THR A 151 -1.40 -21.46 12.54
C THR A 151 -2.15 -20.57 13.55
N LYS A 152 -2.22 -19.28 13.24
CA LYS A 152 -2.86 -18.25 14.05
C LYS A 152 -3.15 -17.08 13.11
N ASN A 153 -4.36 -16.97 12.59
CA ASN A 153 -4.73 -15.89 11.67
C ASN A 153 -5.19 -14.75 12.56
N SER A 154 -4.54 -13.59 12.49
CA SER A 154 -4.89 -12.42 13.30
C SER A 154 -4.90 -11.15 12.44
N LEU A 155 -5.27 -10.00 13.02
CA LEU A 155 -5.32 -8.72 12.33
C LEU A 155 -4.01 -8.40 11.58
N GLU A 156 -2.87 -8.88 12.08
CA GLU A 156 -1.58 -8.65 11.44
C GLU A 156 -1.59 -9.08 9.97
N THR A 157 -2.36 -10.09 9.57
CA THR A 157 -2.42 -10.53 8.18
C THR A 157 -3.09 -9.45 7.31
N LEU A 158 -4.08 -8.72 7.86
CA LEU A 158 -4.78 -7.65 7.16
C LEU A 158 -3.86 -6.46 7.01
N LEU A 159 -3.11 -6.14 8.07
CA LEU A 159 -2.19 -5.01 8.08
C LEU A 159 -0.97 -5.29 7.20
N TYR A 160 -0.46 -6.53 7.13
CA TYR A 160 0.69 -6.85 6.30
C TYR A 160 0.31 -7.09 4.83
N LYS A 161 -0.97 -7.33 4.53
CA LYS A 161 -1.48 -7.55 3.17
C LYS A 161 -1.06 -6.42 2.23
N PRO A 162 -1.37 -5.13 2.50
CA PRO A 162 -1.00 -4.02 1.64
C PRO A 162 0.50 -3.70 1.67
N VAL A 163 1.23 -4.07 2.74
CA VAL A 163 2.66 -3.80 2.89
C VAL A 163 3.45 -4.50 1.79
N ASP A 164 3.28 -5.83 1.66
CA ASP A 164 3.97 -6.65 0.66
C ASP A 164 3.77 -6.09 -0.76
N ARG A 165 2.60 -5.48 -1.03
CA ARG A 165 2.31 -4.89 -2.33
C ARG A 165 3.18 -3.65 -2.54
N VAL A 166 3.16 -2.68 -1.62
CA VAL A 166 3.97 -1.47 -1.81
C VAL A 166 5.46 -1.78 -1.82
N THR A 167 5.98 -2.69 -0.98
CA THR A 167 7.42 -2.98 -1.02
C THR A 167 7.79 -3.49 -2.42
N ARG A 168 7.00 -4.44 -2.96
CA ARG A 168 7.21 -5.01 -4.28
C ARG A 168 6.94 -4.03 -5.41
N SER A 169 6.21 -2.93 -5.19
CA SER A 169 5.94 -1.98 -6.26
C SER A 169 7.24 -1.35 -6.76
N THR A 170 8.22 -1.14 -5.87
CA THR A 170 9.52 -0.56 -6.24
C THR A 170 10.26 -1.39 -7.29
N LEU A 171 10.00 -2.70 -7.39
CA LEU A 171 10.67 -3.54 -8.38
C LEU A 171 10.23 -3.18 -9.79
N VAL A 172 8.97 -2.76 -9.97
CA VAL A 172 8.47 -2.40 -11.30
C VAL A 172 9.26 -1.22 -11.86
N LEU A 173 9.72 -0.34 -10.97
CA LEU A 173 10.49 0.86 -11.30
C LEU A 173 11.89 0.48 -11.76
N HIS A 174 12.54 -0.54 -11.17
CA HIS A 174 13.89 -0.96 -11.58
C HIS A 174 13.86 -1.30 -13.07
N ASP A 175 12.89 -2.12 -13.45
CA ASP A 175 12.66 -2.59 -14.82
C ASP A 175 12.41 -1.38 -15.73
N LEU A 176 11.50 -0.49 -15.34
CA LEU A 176 11.15 0.70 -16.12
C LEU A 176 12.41 1.54 -16.35
N LEU A 177 13.22 1.75 -15.31
CA LEU A 177 14.47 2.51 -15.41
C LEU A 177 15.43 1.83 -16.38
N LYS A 178 15.51 0.49 -16.39
CA LYS A 178 16.39 -0.22 -17.30
C LYS A 178 15.94 0.06 -18.73
N HIS A 179 14.63 0.09 -18.99
CA HIS A 179 14.08 0.37 -20.32
C HIS A 179 14.19 1.87 -20.65
N THR A 180 14.39 2.75 -19.67
CA THR A 180 14.49 4.18 -19.89
C THR A 180 15.84 4.50 -20.53
N PRO A 181 15.89 5.22 -21.67
CA PRO A 181 17.12 5.57 -22.35
C PRO A 181 17.95 6.45 -21.41
N ALA A 182 19.18 6.00 -21.08
CA ALA A 182 20.06 6.72 -20.19
C ALA A 182 20.38 8.14 -20.66
N SER A 183 20.35 8.36 -21.96
CA SER A 183 20.61 9.65 -22.58
C SER A 183 19.48 10.67 -22.34
N HIS A 184 18.38 10.30 -21.69
CA HIS A 184 17.25 11.19 -21.43
C HIS A 184 17.18 11.57 -19.94
N PRO A 185 16.70 12.79 -19.59
CA PRO A 185 16.58 13.25 -18.21
C PRO A 185 15.68 12.39 -17.30
N ASP A 186 14.88 11.51 -17.90
CA ASP A 186 13.99 10.60 -17.20
C ASP A 186 14.80 9.61 -16.36
N HIS A 187 15.94 9.16 -16.88
CA HIS A 187 16.83 8.19 -16.24
C HIS A 187 17.21 8.60 -14.81
N PRO A 188 17.89 9.75 -14.57
CA PRO A 188 18.25 10.13 -13.21
C PRO A 188 17.04 10.46 -12.34
N LEU A 189 15.98 11.06 -12.91
CA LEU A 189 14.77 11.41 -12.17
C LEU A 189 14.11 10.17 -11.59
N LEU A 190 14.06 9.08 -12.36
CA LEU A 190 13.46 7.83 -11.92
C LEU A 190 14.35 7.18 -10.88
N GLN A 191 15.67 7.19 -11.11
CA GLN A 191 16.66 6.58 -10.22
C GLN A 191 16.65 7.20 -8.84
N ASP A 192 16.67 8.52 -8.73
CA ASP A 192 16.70 9.25 -7.46
C ASP A 192 15.50 8.96 -6.58
N ALA A 193 14.29 9.15 -7.12
CA ALA A 193 13.07 8.89 -6.37
C ALA A 193 13.00 7.43 -5.94
N LEU A 194 13.43 6.52 -6.82
CA LEU A 194 13.44 5.10 -6.51
C LEU A 194 14.47 4.83 -5.41
N ARG A 195 15.61 5.53 -5.41
CA ARG A 195 16.68 5.35 -4.43
C ARG A 195 16.13 5.60 -3.03
N ILE A 196 15.47 6.73 -2.79
CA ILE A 196 14.91 7.04 -1.47
C ILE A 196 13.75 6.09 -1.12
N SER A 197 12.96 5.64 -2.11
CA SER A 197 11.85 4.73 -1.89
C SER A 197 12.37 3.34 -1.47
N GLN A 198 13.38 2.84 -2.18
CA GLN A 198 13.98 1.55 -1.93
C GLN A 198 14.68 1.62 -0.57
N ASN A 199 15.39 2.72 -0.30
CA ASN A 199 16.08 2.93 0.95
C ASN A 199 15.10 2.79 2.12
N PHE A 200 13.90 3.38 2.02
CA PHE A 200 12.91 3.30 3.07
C PHE A 200 12.50 1.85 3.34
N LEU A 201 12.04 1.10 2.32
CA LEU A 201 11.61 -0.28 2.53
C LEU A 201 12.74 -1.18 2.99
N SER A 202 13.92 -0.98 2.41
CA SER A 202 15.14 -1.72 2.72
C SER A 202 15.50 -1.47 4.19
N SER A 203 15.34 -0.25 4.70
CA SER A 203 15.66 0.07 6.08
C SER A 203 14.75 -0.71 7.03
N ILE A 204 13.43 -0.57 6.87
CA ILE A 204 12.44 -1.24 7.71
C ILE A 204 12.37 -2.77 7.48
N ASN A 205 13.33 -3.38 6.79
CA ASN A 205 13.34 -4.82 6.52
C ASN A 205 13.13 -5.65 7.80
N GLU A 206 13.70 -5.21 8.93
CA GLU A 206 13.60 -5.86 10.23
C GLU A 206 12.31 -5.53 10.98
N GLU A 207 11.70 -4.36 10.73
CA GLU A 207 10.47 -3.88 11.38
C GLU A 207 9.28 -4.76 11.03
N ILE A 208 9.34 -5.38 9.86
CA ILE A 208 8.32 -6.28 9.32
C ILE A 208 8.93 -7.67 9.14
N THR A 209 8.09 -8.70 9.24
CA THR A 209 8.47 -10.10 9.10
C THR A 209 9.75 -10.41 9.92
N PRO A 210 9.68 -10.37 11.26
CA PRO A 210 10.82 -10.63 12.13
C PRO A 210 11.24 -12.12 12.21
N ARG A 211 10.32 -13.08 11.97
CA ARG A 211 10.58 -14.53 11.99
C ARG A 211 11.41 -15.00 13.21
N ARG A 212 11.15 -14.51 14.43
CA ARG A 212 11.90 -14.92 15.63
C ARG A 212 11.38 -16.26 16.18
N GLN A 213 11.45 -16.47 17.49
CA GLN A 213 11.02 -17.68 18.20
C GLN A 213 10.38 -17.29 19.54
N SER A 214 9.89 -18.25 20.33
CA SER A 214 9.25 -18.04 21.63
C SER A 214 9.91 -18.90 22.72
N MET A 215 9.44 -18.76 23.96
CA MET A 215 9.94 -19.47 25.13
C MET A 215 8.85 -20.39 25.68
N THR A 216 9.27 -21.36 26.48
CA THR A 216 8.44 -22.36 27.16
C THR A 216 7.63 -21.70 28.28
N VAL A 217 6.76 -22.49 28.92
CA VAL A 217 5.92 -22.10 30.02
C VAL A 217 6.05 -23.23 31.05
N LYS A 218 6.03 -22.88 32.34
CA LYS A 218 6.21 -23.80 33.46
C LYS A 218 7.62 -24.39 33.37
N ALA A 1 6.00 22.85 -32.28
CA ALA A 1 6.67 21.88 -33.16
C ALA A 1 7.34 20.88 -32.25
N MET A 2 7.03 19.60 -32.46
CA MET A 2 7.53 18.45 -31.72
C MET A 2 7.65 17.32 -32.77
N ALA A 3 7.98 16.10 -32.35
CA ALA A 3 8.04 14.97 -33.27
C ALA A 3 6.61 14.70 -33.76
N SER A 4 6.45 13.94 -34.85
CA SER A 4 5.11 13.66 -35.35
C SER A 4 4.36 12.70 -34.42
N GLU A 5 3.05 12.61 -34.61
CA GLU A 5 2.19 11.71 -33.86
C GLU A 5 2.64 10.28 -34.18
N LEU A 6 3.07 10.06 -35.43
CA LEU A 6 3.55 8.77 -35.91
C LEU A 6 4.86 8.37 -35.23
N ASP A 7 5.65 9.33 -34.74
CA ASP A 7 6.92 9.07 -34.07
C ASP A 7 6.66 8.75 -32.61
N LEU A 8 5.97 9.67 -31.91
CA LEU A 8 5.67 9.55 -30.49
C LEU A 8 4.80 8.34 -30.14
N GLU A 9 3.92 7.86 -31.03
CA GLU A 9 3.07 6.70 -30.72
C GLU A 9 3.93 5.47 -30.40
N LYS A 10 5.15 5.34 -30.95
CA LYS A 10 6.01 4.19 -30.64
C LYS A 10 6.35 4.21 -29.15
N GLY A 11 6.37 5.39 -28.53
CA GLY A 11 6.64 5.55 -27.12
C GLY A 11 5.34 5.31 -26.37
N LEU A 12 4.22 5.88 -26.83
CA LEU A 12 2.92 5.77 -26.19
C LEU A 12 2.53 4.30 -26.06
N GLU A 13 2.68 3.48 -27.09
CA GLU A 13 2.34 2.06 -27.06
C GLU A 13 3.15 1.34 -25.97
N MET A 14 4.47 1.44 -26.05
CA MET A 14 5.39 0.81 -25.10
C MET A 14 5.11 1.25 -23.66
N ARG A 15 4.70 2.50 -23.46
CA ARG A 15 4.40 3.07 -22.15
C ARG A 15 3.06 2.51 -21.68
N LYS A 16 2.05 2.61 -22.53
CA LYS A 16 0.69 2.16 -22.29
C LYS A 16 0.68 0.72 -21.82
N TRP A 17 1.42 -0.18 -22.47
CA TRP A 17 1.47 -1.59 -22.07
C TRP A 17 1.82 -1.72 -20.58
N VAL A 18 2.80 -0.95 -20.11
CA VAL A 18 3.24 -0.97 -18.73
C VAL A 18 2.17 -0.31 -17.85
N LEU A 19 1.72 0.89 -18.22
CA LEU A 19 0.70 1.65 -17.48
C LEU A 19 -0.58 0.83 -17.27
N SER A 20 -0.99 0.02 -18.26
CA SER A 20 -2.20 -0.79 -18.18
C SER A 20 -2.14 -1.71 -16.96
N GLY A 21 -0.99 -2.33 -16.71
CA GLY A 21 -0.81 -3.22 -15.59
C GLY A 21 -1.10 -2.53 -14.26
N ILE A 22 -0.83 -1.22 -14.16
CA ILE A 22 -1.06 -0.48 -12.94
C ILE A 22 -2.56 -0.34 -12.71
N LEU A 23 -3.32 0.20 -13.65
CA LEU A 23 -4.76 0.39 -13.52
C LEU A 23 -5.45 -0.94 -13.26
N ALA A 24 -5.05 -2.01 -13.96
CA ALA A 24 -5.67 -3.31 -13.79
C ALA A 24 -5.40 -3.89 -12.39
N SER A 25 -4.16 -3.81 -11.91
CA SER A 25 -3.79 -4.35 -10.61
C SER A 25 -4.36 -3.49 -9.49
N GLU A 26 -4.25 -2.18 -9.62
CA GLU A 26 -4.73 -1.22 -8.65
C GLU A 26 -6.24 -1.28 -8.58
N GLU A 27 -6.97 -1.45 -9.70
CA GLU A 27 -8.43 -1.54 -9.72
C GLU A 27 -8.94 -2.53 -8.66
N THR A 28 -8.49 -3.80 -8.75
CA THR A 28 -8.89 -4.87 -7.84
C THR A 28 -8.30 -4.66 -6.43
N TYR A 29 -7.03 -4.26 -6.34
CA TYR A 29 -6.37 -4.03 -5.06
C TYR A 29 -7.17 -3.01 -4.25
N LEU A 30 -7.53 -1.89 -4.88
CA LEU A 30 -8.31 -0.79 -4.31
C LEU A 30 -9.72 -1.25 -4.02
N SER A 31 -10.37 -1.98 -4.94
CA SER A 31 -11.73 -2.47 -4.75
C SER A 31 -11.83 -3.33 -3.48
N HIS A 32 -10.88 -4.24 -3.27
CA HIS A 32 -10.89 -5.07 -2.06
C HIS A 32 -10.49 -4.26 -0.82
N LEU A 33 -9.62 -3.26 -0.95
CA LEU A 33 -9.17 -2.41 0.15
C LEU A 33 -10.31 -1.50 0.63
N GLU A 34 -11.12 -0.96 -0.29
CA GLU A 34 -12.24 -0.07 0.03
C GLU A 34 -13.20 -0.76 1.00
N ALA A 35 -13.46 -2.05 0.76
CA ALA A 35 -14.37 -2.84 1.59
C ALA A 35 -13.93 -2.91 3.06
N LEU A 36 -12.64 -2.70 3.34
CA LEU A 36 -12.08 -2.75 4.68
C LEU A 36 -12.28 -1.40 5.37
N LEU A 37 -11.91 -0.31 4.69
CA LEU A 37 -12.06 1.03 5.25
C LEU A 37 -13.52 1.47 5.32
N LEU A 38 -14.43 0.79 4.61
CA LEU A 38 -15.85 1.11 4.61
C LEU A 38 -16.39 1.19 6.05
N PRO A 39 -16.35 0.11 6.87
CA PRO A 39 -16.83 0.18 8.25
C PRO A 39 -16.03 1.17 9.09
N MET A 40 -14.77 1.45 8.76
CA MET A 40 -13.96 2.40 9.54
C MET A 40 -14.57 3.80 9.48
N LYS A 41 -15.09 4.26 8.33
CA LYS A 41 -15.69 5.59 8.20
C LYS A 41 -16.73 5.85 9.31
N PRO A 42 -17.84 5.08 9.41
CA PRO A 42 -18.82 5.30 10.46
C PRO A 42 -18.22 5.00 11.84
N LEU A 43 -17.31 4.04 12.00
CA LEU A 43 -16.71 3.74 13.31
C LEU A 43 -15.93 4.95 13.86
N LYS A 44 -15.13 5.63 13.02
CA LYS A 44 -14.37 6.81 13.42
C LYS A 44 -15.34 7.90 13.86
N ALA A 45 -16.44 8.06 13.12
CA ALA A 45 -17.48 9.03 13.40
C ALA A 45 -18.16 8.70 14.72
N ALA A 46 -18.59 7.45 14.89
CA ALA A 46 -19.26 6.91 16.07
C ALA A 46 -18.40 7.10 17.32
N ALA A 47 -17.08 7.14 17.16
CA ALA A 47 -16.14 7.34 18.26
C ALA A 47 -16.36 8.71 18.93
N THR A 48 -17.18 9.59 18.34
CA THR A 48 -17.48 10.91 18.86
C THR A 48 -19.00 11.10 19.07
N THR A 49 -19.75 10.03 19.30
CA THR A 49 -21.19 10.07 19.50
C THR A 49 -21.55 9.08 20.59
N SER A 50 -22.35 9.51 21.56
CA SER A 50 -22.80 8.71 22.66
C SER A 50 -21.61 8.08 23.39
N GLN A 51 -21.64 6.77 23.63
CA GLN A 51 -20.60 6.01 24.32
C GLN A 51 -20.11 4.93 23.37
N PRO A 52 -19.04 5.18 22.59
CA PRO A 52 -18.52 4.18 21.68
C PRO A 52 -17.83 3.07 22.49
N VAL A 53 -17.69 1.89 21.89
CA VAL A 53 -17.06 0.77 22.56
C VAL A 53 -15.55 1.05 22.60
N LEU A 54 -14.98 1.49 21.47
CA LEU A 54 -13.55 1.80 21.35
C LEU A 54 -13.33 3.30 21.34
N THR A 55 -12.14 3.74 21.77
CA THR A 55 -11.83 5.17 21.82
C THR A 55 -11.11 5.62 20.55
N SER A 56 -11.18 6.93 20.28
CA SER A 56 -10.57 7.52 19.11
C SER A 56 -9.07 7.21 19.03
N GLN A 57 -8.32 7.23 20.14
CA GLN A 57 -6.89 6.94 20.11
C GLN A 57 -6.64 5.48 19.70
N GLN A 58 -7.48 4.55 20.16
CA GLN A 58 -7.33 3.15 19.81
C GLN A 58 -7.61 2.99 18.31
N ILE A 59 -8.74 3.52 17.86
CA ILE A 59 -9.17 3.46 16.46
C ILE A 59 -8.11 4.10 15.57
N GLU A 60 -7.72 5.34 15.85
CA GLU A 60 -6.75 6.06 15.04
C GLU A 60 -5.39 5.36 14.99
N THR A 61 -5.00 4.54 15.96
CA THR A 61 -3.70 3.86 15.88
C THR A 61 -3.84 2.66 14.93
N ILE A 62 -4.93 1.89 15.07
CA ILE A 62 -5.20 0.70 14.24
C ILE A 62 -5.51 1.08 12.78
N PHE A 63 -6.00 2.30 12.55
CA PHE A 63 -6.36 2.83 11.24
C PHE A 63 -5.58 4.13 10.98
N PHE A 64 -4.35 4.20 11.47
CA PHE A 64 -3.47 5.36 11.34
C PHE A 64 -3.36 5.88 9.91
N LYS A 65 -3.15 4.99 8.93
CA LYS A 65 -3.03 5.38 7.52
C LYS A 65 -3.78 4.48 6.56
N VAL A 66 -4.58 3.50 7.00
CA VAL A 66 -5.33 2.63 6.09
C VAL A 66 -6.09 3.43 5.01
N PRO A 67 -6.94 4.43 5.34
CA PRO A 67 -7.66 5.17 4.32
C PRO A 67 -6.75 6.07 3.47
N GLU A 68 -5.66 6.61 4.02
CA GLU A 68 -4.76 7.44 3.22
C GLU A 68 -4.08 6.55 2.19
N LEU A 69 -3.68 5.33 2.59
CA LEU A 69 -3.04 4.36 1.70
C LEU A 69 -3.98 4.01 0.53
N TYR A 70 -5.30 4.10 0.73
CA TYR A 70 -6.28 3.83 -0.32
C TYR A 70 -6.38 5.06 -1.22
N GLU A 71 -6.60 6.24 -0.63
CA GLU A 71 -6.73 7.49 -1.39
C GLU A 71 -5.47 7.76 -2.23
N ILE A 72 -4.27 7.61 -1.68
CA ILE A 72 -3.01 7.83 -2.39
C ILE A 72 -2.93 6.89 -3.61
N HIS A 73 -3.47 5.67 -3.51
CA HIS A 73 -3.46 4.72 -4.61
C HIS A 73 -4.52 5.04 -5.66
N LYS A 74 -5.77 5.27 -5.28
CA LYS A 74 -6.84 5.58 -6.23
C LYS A 74 -6.59 6.94 -6.84
N GLU A 75 -6.01 7.92 -6.17
CA GLU A 75 -5.81 9.25 -6.78
C GLU A 75 -4.89 9.12 -7.99
N PHE A 76 -3.83 8.32 -7.86
CA PHE A 76 -2.90 8.13 -8.94
C PHE A 76 -3.53 7.20 -10.00
N TYR A 77 -4.15 6.08 -9.62
CA TYR A 77 -4.79 5.15 -10.56
C TYR A 77 -5.91 5.83 -11.34
N ASP A 78 -6.79 6.52 -10.63
CA ASP A 78 -7.93 7.23 -11.17
C ASP A 78 -7.45 8.27 -12.18
N GLY A 79 -6.44 9.06 -11.81
CA GLY A 79 -5.90 10.10 -12.67
C GLY A 79 -5.19 9.51 -13.88
N LEU A 80 -4.68 8.29 -13.78
CA LEU A 80 -3.99 7.61 -14.84
C LEU A 80 -4.93 7.29 -15.99
N PHE A 81 -6.17 6.86 -15.71
CA PHE A 81 -7.17 6.51 -16.74
C PHE A 81 -7.24 7.53 -17.88
N PRO A 82 -7.61 8.81 -17.66
CA PRO A 82 -7.68 9.79 -18.74
C PRO A 82 -6.29 10.13 -19.29
N ARG A 83 -5.23 10.02 -18.47
CA ARG A 83 -3.88 10.34 -18.92
C ARG A 83 -3.43 9.43 -20.04
N VAL A 84 -3.63 8.11 -19.94
CA VAL A 84 -3.24 7.20 -21.02
C VAL A 84 -4.32 7.18 -22.12
N GLN A 85 -5.60 7.37 -21.77
CA GLN A 85 -6.67 7.39 -22.76
C GLN A 85 -6.55 8.63 -23.66
N GLN A 86 -5.96 9.70 -23.16
CA GLN A 86 -5.78 10.95 -23.86
C GLN A 86 -4.37 11.45 -23.54
N TRP A 87 -3.38 10.79 -24.15
CA TRP A 87 -1.97 11.12 -24.00
C TRP A 87 -1.80 12.59 -24.39
N SER A 88 -1.32 13.39 -23.44
CA SER A 88 -1.10 14.80 -23.60
C SER A 88 0.14 15.06 -24.41
N HIS A 89 -0.04 15.68 -25.58
CA HIS A 89 1.03 16.02 -26.51
C HIS A 89 2.07 16.98 -25.92
N GLN A 90 1.72 17.72 -24.86
CA GLN A 90 2.59 18.69 -24.20
C GLN A 90 2.85 18.38 -22.71
N GLN A 91 2.36 17.25 -22.16
CA GLN A 91 2.57 16.94 -20.75
C GLN A 91 2.87 15.47 -20.50
N ARG A 92 4.12 15.17 -20.16
CA ARG A 92 4.60 13.82 -19.86
C ARG A 92 4.16 13.44 -18.42
N VAL A 93 4.34 12.18 -18.02
CA VAL A 93 3.97 11.71 -16.68
C VAL A 93 5.22 11.44 -15.83
N GLY A 94 5.12 11.59 -14.51
CA GLY A 94 6.23 11.40 -13.59
C GLY A 94 5.92 12.11 -12.29
N ASP A 95 5.38 13.32 -12.37
CA ASP A 95 4.99 14.16 -11.23
C ASP A 95 4.01 13.39 -10.31
N LEU A 96 3.17 12.52 -10.89
CA LEU A 96 2.22 11.69 -10.13
C LEU A 96 3.02 10.72 -9.25
N PHE A 97 3.95 9.97 -9.84
CA PHE A 97 4.79 9.02 -9.12
C PHE A 97 5.67 9.71 -8.09
N GLN A 98 6.14 10.92 -8.39
CA GLN A 98 6.99 11.70 -7.50
C GLN A 98 6.30 11.84 -6.14
N LYS A 99 5.02 12.23 -6.10
CA LYS A 99 4.26 12.41 -4.87
C LYS A 99 4.30 11.19 -3.94
N LEU A 100 4.41 9.99 -4.49
CA LEU A 100 4.47 8.77 -3.69
C LEU A 100 5.75 8.78 -2.86
N ALA A 101 6.88 9.08 -3.51
CA ALA A 101 8.18 9.15 -2.87
C ALA A 101 8.27 10.36 -1.93
N SER A 102 7.70 11.49 -2.33
CA SER A 102 7.71 12.74 -1.57
C SER A 102 7.04 12.64 -0.19
N GLN A 103 6.20 11.63 0.05
CA GLN A 103 5.51 11.46 1.32
C GLN A 103 5.92 10.18 2.05
N LEU A 104 7.04 9.54 1.68
CA LEU A 104 7.55 8.30 2.30
C LEU A 104 7.61 8.35 3.83
N GLY A 105 7.69 9.53 4.44
CA GLY A 105 7.73 9.70 5.87
C GLY A 105 6.44 9.19 6.54
N VAL A 106 5.31 9.18 5.82
CA VAL A 106 4.05 8.72 6.35
C VAL A 106 4.17 7.22 6.68
N TYR A 107 4.78 6.41 5.79
CA TYR A 107 4.97 4.99 6.04
C TYR A 107 5.94 4.80 7.20
N ARG A 108 6.92 5.71 7.36
CA ARG A 108 7.88 5.66 8.46
C ARG A 108 7.12 5.84 9.78
N ALA A 109 6.15 6.75 9.86
CA ALA A 109 5.38 6.92 11.08
C ALA A 109 4.57 5.65 11.37
N PHE A 110 3.98 5.04 10.34
CA PHE A 110 3.20 3.81 10.50
C PHE A 110 4.10 2.66 10.97
N VAL A 111 5.26 2.41 10.33
CA VAL A 111 6.16 1.32 10.74
C VAL A 111 6.66 1.51 12.17
N ASP A 112 6.96 2.76 12.54
CA ASP A 112 7.44 3.14 13.87
C ASP A 112 6.46 2.80 14.98
N ASN A 113 5.16 2.72 14.67
CA ASN A 113 4.08 2.43 15.61
C ASN A 113 3.30 1.17 15.24
N TYR A 114 3.81 0.35 14.32
CA TYR A 114 3.15 -0.87 13.86
C TYR A 114 2.90 -1.82 15.02
N GLY A 115 3.89 -1.98 15.91
CA GLY A 115 3.82 -2.86 17.08
C GLY A 115 2.65 -2.47 17.97
N VAL A 116 2.53 -1.20 18.34
CA VAL A 116 1.42 -0.78 19.20
C VAL A 116 0.11 -0.88 18.41
N ALA A 117 0.12 -0.54 17.12
CA ALA A 117 -1.09 -0.60 16.30
C ALA A 117 -1.64 -2.03 16.22
N MET A 118 -0.77 -3.05 16.24
CA MET A 118 -1.23 -4.44 16.22
C MET A 118 -1.72 -4.82 17.62
N GLU A 119 -1.07 -4.33 18.69
CA GLU A 119 -1.46 -4.63 20.06
C GLU A 119 -2.88 -4.16 20.34
N MET A 120 -3.18 -2.91 19.94
CA MET A 120 -4.49 -2.32 20.16
C MET A 120 -5.54 -3.09 19.37
N ALA A 121 -5.18 -3.51 18.17
CA ALA A 121 -6.06 -4.25 17.28
C ALA A 121 -6.39 -5.64 17.81
N GLU A 122 -5.39 -6.42 18.22
CA GLU A 122 -5.65 -7.77 18.73
C GLU A 122 -6.50 -7.70 19.98
N LYS A 123 -6.21 -6.78 20.91
CA LYS A 123 -7.04 -6.67 22.11
C LYS A 123 -8.44 -6.18 21.73
N CYS A 124 -8.61 -5.41 20.64
CA CYS A 124 -9.93 -4.95 20.22
C CYS A 124 -10.82 -6.15 19.93
N CYS A 125 -10.27 -7.28 19.43
CA CYS A 125 -11.08 -8.46 19.17
C CYS A 125 -11.83 -8.85 20.45
N GLN A 126 -11.16 -8.80 21.61
CA GLN A 126 -11.70 -9.09 22.94
C GLN A 126 -12.44 -7.91 23.60
N ALA A 127 -12.35 -6.69 23.05
CA ALA A 127 -13.00 -5.51 23.63
C ALA A 127 -14.23 -5.01 22.88
N ASN A 128 -14.42 -5.36 21.61
CA ASN A 128 -15.58 -4.90 20.85
C ASN A 128 -16.09 -6.03 19.97
N ALA A 129 -17.36 -6.40 20.12
CA ALA A 129 -17.98 -7.45 19.33
C ALA A 129 -17.85 -7.16 17.84
N GLN A 130 -17.83 -5.88 17.44
CA GLN A 130 -17.68 -5.48 16.04
C GLN A 130 -16.34 -6.00 15.49
N PHE A 131 -15.28 -6.05 16.30
CA PHE A 131 -13.98 -6.57 15.86
C PHE A 131 -14.03 -8.09 15.93
N ALA A 132 -14.62 -8.64 16.99
CA ALA A 132 -14.73 -10.07 17.22
C ALA A 132 -15.43 -10.80 16.07
N GLU A 133 -16.58 -10.30 15.66
CA GLU A 133 -17.41 -10.89 14.62
C GLU A 133 -16.74 -10.86 13.26
N ILE A 134 -16.17 -9.72 12.85
CA ILE A 134 -15.50 -9.64 11.55
C ILE A 134 -14.26 -10.54 11.56
N SER A 135 -13.60 -10.70 12.72
CA SER A 135 -12.41 -11.53 12.83
C SER A 135 -12.72 -13.02 12.72
N GLU A 136 -13.98 -13.45 12.81
CA GLU A 136 -14.31 -14.87 12.69
C GLU A 136 -13.93 -15.40 11.30
N ASN A 137 -13.81 -14.49 10.32
CA ASN A 137 -13.43 -14.82 8.95
C ASN A 137 -11.97 -15.31 8.87
N LEU A 138 -11.22 -15.28 9.97
CA LEU A 138 -9.82 -15.73 10.07
C LEU A 138 -9.78 -16.97 10.97
N ARG A 139 -8.77 -17.84 10.81
CA ARG A 139 -8.66 -19.05 11.62
C ARG A 139 -7.36 -19.09 12.40
N ALA A 140 -7.45 -18.89 13.72
CA ALA A 140 -6.35 -18.90 14.67
C ALA A 140 -7.00 -19.16 16.03
N ARG A 141 -7.29 -18.12 16.80
CA ARG A 141 -7.93 -18.21 18.11
C ARG A 141 -8.66 -16.89 18.38
N SER A 142 -9.95 -16.96 18.69
CA SER A 142 -10.79 -15.82 19.02
C SER A 142 -10.65 -15.62 20.53
N ASN A 143 -9.45 -15.28 21.02
CA ASN A 143 -9.24 -15.09 22.45
C ASN A 143 -8.06 -14.15 22.76
N LYS A 144 -7.89 -13.83 24.05
CA LYS A 144 -6.81 -12.98 24.56
C LYS A 144 -5.43 -13.59 24.28
N ASP A 145 -5.40 -14.89 23.95
CA ASP A 145 -4.24 -15.74 23.65
C ASP A 145 -3.43 -15.18 22.47
N ALA A 146 -3.98 -14.18 21.75
CA ALA A 146 -3.32 -13.54 20.63
C ALA A 146 -2.00 -12.92 21.13
N LYS A 147 -1.96 -12.46 22.38
CA LYS A 147 -0.81 -11.85 23.02
C LYS A 147 0.38 -12.79 23.16
N ASP A 148 0.20 -14.11 23.02
CA ASP A 148 1.30 -15.07 23.12
C ASP A 148 2.31 -14.68 22.02
N PRO A 149 3.59 -14.39 22.34
CA PRO A 149 4.67 -13.94 21.44
C PRO A 149 5.17 -14.88 20.33
N THR A 150 4.25 -15.56 19.65
CA THR A 150 4.50 -16.47 18.55
C THR A 150 3.67 -15.98 17.36
N THR A 151 4.06 -16.29 16.13
CA THR A 151 3.33 -15.87 14.94
C THR A 151 2.08 -16.74 14.80
N LYS A 152 1.04 -16.16 14.22
CA LYS A 152 -0.29 -16.71 13.99
C LYS A 152 -1.04 -15.76 13.06
N ASN A 153 -2.31 -16.04 12.76
CA ASN A 153 -3.10 -15.18 11.90
C ASN A 153 -3.73 -14.12 12.81
N SER A 154 -3.23 -12.89 12.77
CA SER A 154 -3.72 -11.76 13.56
C SER A 154 -3.86 -10.53 12.65
N LEU A 155 -4.36 -9.38 13.16
CA LEU A 155 -4.51 -8.15 12.36
C LEU A 155 -3.16 -7.75 11.75
N GLU A 156 -2.05 -8.00 12.45
CA GLU A 156 -0.70 -7.68 11.99
C GLU A 156 -0.44 -8.20 10.57
N THR A 157 -0.83 -9.45 10.30
CA THR A 157 -0.69 -10.15 9.04
C THR A 157 -1.58 -9.51 7.95
N LEU A 158 -2.77 -9.03 8.33
CA LEU A 158 -3.69 -8.41 7.40
C LEU A 158 -3.06 -7.13 6.87
N LEU A 159 -2.53 -6.28 7.76
CA LEU A 159 -1.86 -5.06 7.34
C LEU A 159 -0.54 -5.38 6.64
N TYR A 160 0.05 -6.55 6.91
CA TYR A 160 1.32 -6.95 6.32
C TYR A 160 1.16 -7.31 4.84
N LYS A 161 0.01 -7.80 4.39
CA LYS A 161 -0.20 -8.16 2.98
C LYS A 161 0.23 -7.04 2.02
N PRO A 162 -0.37 -5.83 2.05
CA PRO A 162 0.05 -4.76 1.16
C PRO A 162 1.50 -4.34 1.43
N VAL A 163 1.94 -4.24 2.69
CA VAL A 163 3.30 -3.86 3.06
C VAL A 163 4.32 -4.78 2.36
N ASP A 164 4.07 -6.08 2.39
CA ASP A 164 4.89 -7.10 1.76
C ASP A 164 4.87 -6.93 0.23
N ARG A 165 3.76 -6.47 -0.35
CA ARG A 165 3.64 -6.25 -1.78
C ARG A 165 4.44 -4.99 -2.18
N VAL A 166 4.63 -4.03 -1.27
CA VAL A 166 5.38 -2.81 -1.57
C VAL A 166 6.81 -3.12 -2.00
N THR A 167 7.47 -4.13 -1.42
CA THR A 167 8.85 -4.46 -1.77
C THR A 167 8.93 -4.70 -3.28
N ARG A 168 8.08 -5.60 -3.79
CA ARG A 168 8.00 -5.95 -5.20
C ARG A 168 7.54 -4.76 -6.03
N SER A 169 6.67 -3.89 -5.51
CA SER A 169 6.21 -2.75 -6.26
C SER A 169 7.38 -1.84 -6.63
N THR A 170 8.43 -1.71 -5.80
CA THR A 170 9.56 -0.82 -6.16
C THR A 170 10.28 -1.27 -7.44
N LEU A 171 10.23 -2.57 -7.81
CA LEU A 171 10.89 -3.07 -9.01
C LEU A 171 10.26 -2.47 -10.26
N VAL A 172 8.99 -2.05 -10.16
CA VAL A 172 8.28 -1.46 -11.28
C VAL A 172 9.05 -0.23 -11.76
N LEU A 173 9.67 0.51 -10.82
CA LEU A 173 10.43 1.70 -11.11
C LEU A 173 11.74 1.34 -11.79
N HIS A 174 12.39 0.25 -11.36
CA HIS A 174 13.66 -0.19 -11.95
C HIS A 174 13.42 -0.53 -13.42
N ASP A 175 12.34 -1.26 -13.69
CA ASP A 175 11.96 -1.70 -15.02
C ASP A 175 11.48 -0.52 -15.88
N LEU A 176 10.71 0.40 -15.31
CA LEU A 176 10.21 1.60 -15.99
C LEU A 176 11.43 2.40 -16.47
N LEU A 177 12.34 2.68 -15.53
CA LEU A 177 13.57 3.43 -15.77
C LEU A 177 14.39 2.82 -16.90
N LYS A 178 14.46 1.48 -16.98
CA LYS A 178 15.23 0.79 -18.01
C LYS A 178 14.81 1.16 -19.42
N HIS A 179 13.56 1.56 -19.66
CA HIS A 179 13.07 1.96 -20.99
C HIS A 179 12.88 3.49 -21.06
N THR A 180 13.04 4.21 -19.93
CA THR A 180 12.89 5.65 -19.88
C THR A 180 14.13 6.30 -20.55
N PRO A 181 13.95 7.32 -21.41
CA PRO A 181 15.07 7.99 -22.05
C PRO A 181 15.84 8.76 -20.98
N ALA A 182 17.07 8.33 -20.68
CA ALA A 182 17.91 8.97 -19.67
C ALA A 182 18.14 10.46 -19.93
N SER A 183 18.06 10.89 -21.19
CA SER A 183 18.24 12.28 -21.58
C SER A 183 17.09 13.19 -21.10
N HIS A 184 15.94 12.63 -20.72
CA HIS A 184 14.76 13.33 -20.26
C HIS A 184 14.72 13.34 -18.72
N PRO A 185 14.17 14.38 -18.06
CA PRO A 185 14.09 14.45 -16.59
C PRO A 185 13.29 13.31 -15.96
N ASP A 186 12.54 12.56 -16.76
CA ASP A 186 11.76 11.43 -16.32
C ASP A 186 12.68 10.39 -15.67
N HIS A 187 13.91 10.27 -16.17
CA HIS A 187 14.91 9.33 -15.68
C HIS A 187 15.35 9.71 -14.26
N PRO A 188 15.96 10.89 -13.98
CA PRO A 188 16.35 11.22 -12.62
C PRO A 188 15.15 11.21 -11.68
N LEU A 189 13.96 11.63 -12.13
CA LEU A 189 12.77 11.63 -11.30
C LEU A 189 12.53 10.21 -10.76
N LEU A 190 12.47 9.22 -11.65
CA LEU A 190 12.23 7.83 -11.24
C LEU A 190 13.43 7.25 -10.49
N GLN A 191 14.67 7.57 -10.87
CA GLN A 191 15.86 7.04 -10.21
C GLN A 191 15.94 7.53 -8.76
N ASP A 192 15.72 8.83 -8.57
CA ASP A 192 15.75 9.48 -7.27
C ASP A 192 14.67 8.88 -6.38
N ALA A 193 13.43 8.87 -6.90
CA ALA A 193 12.23 8.37 -6.24
C ALA A 193 12.32 6.89 -5.87
N LEU A 194 12.86 6.04 -6.75
CA LEU A 194 12.98 4.61 -6.47
C LEU A 194 14.08 4.35 -5.46
N ARG A 195 15.14 5.15 -5.49
CA ARG A 195 16.24 4.98 -4.55
C ARG A 195 15.70 5.18 -3.14
N ILE A 196 15.02 6.29 -2.85
CA ILE A 196 14.50 6.56 -1.52
C ILE A 196 13.40 5.58 -1.07
N SER A 197 12.50 5.12 -1.95
CA SER A 197 11.47 4.17 -1.49
C SER A 197 12.13 2.84 -1.15
N GLN A 198 13.03 2.37 -2.04
CA GLN A 198 13.74 1.13 -1.82
C GLN A 198 14.60 1.25 -0.55
N ASN A 199 15.19 2.42 -0.29
CA ASN A 199 16.01 2.68 0.88
C ASN A 199 15.20 2.55 2.17
N PHE A 200 13.91 2.92 2.17
CA PHE A 200 13.07 2.82 3.35
C PHE A 200 12.72 1.36 3.63
N LEU A 201 12.13 0.65 2.66
CA LEU A 201 11.74 -0.75 2.87
C LEU A 201 12.95 -1.62 3.20
N SER A 202 14.08 -1.35 2.55
CA SER A 202 15.33 -2.09 2.80
C SER A 202 15.77 -1.96 4.25
N SER A 203 15.65 -0.77 4.85
CA SER A 203 16.08 -0.59 6.25
C SER A 203 15.19 -1.40 7.20
N ILE A 204 13.90 -1.52 6.91
CA ILE A 204 12.95 -2.25 7.73
C ILE A 204 12.90 -3.73 7.35
N ASN A 205 13.86 -4.26 6.57
CA ASN A 205 13.88 -5.67 6.16
C ASN A 205 13.75 -6.58 7.38
N GLU A 206 14.63 -6.40 8.36
CA GLU A 206 14.62 -7.22 9.58
C GLU A 206 13.48 -6.81 10.53
N GLU A 207 12.95 -5.60 10.39
CA GLU A 207 11.86 -5.07 11.22
C GLU A 207 10.53 -5.79 10.95
N ILE A 208 10.39 -6.37 9.76
CA ILE A 208 9.21 -7.11 9.33
C ILE A 208 9.63 -8.45 8.76
N THR A 209 9.98 -9.37 9.66
CA THR A 209 10.40 -10.72 9.34
C THR A 209 9.49 -11.70 10.09
N PRO A 210 8.24 -11.95 9.63
CA PRO A 210 7.32 -12.92 10.24
C PRO A 210 7.69 -14.35 9.79
N ARG A 211 8.90 -14.51 9.25
CA ARG A 211 9.51 -15.71 8.73
C ARG A 211 10.30 -16.40 9.83
N ARG A 212 10.60 -17.68 9.59
CA ARG A 212 11.36 -18.51 10.51
C ARG A 212 12.78 -17.95 10.57
N GLN A 213 13.09 -17.20 11.63
CA GLN A 213 14.40 -16.62 11.83
C GLN A 213 15.27 -17.60 12.62
N SER A 214 16.52 -17.19 12.85
CA SER A 214 17.59 -17.86 13.57
C SER A 214 17.08 -18.67 14.77
N MET A 215 16.73 -17.98 15.86
CA MET A 215 16.21 -18.55 17.10
C MET A 215 15.82 -17.41 18.04
N THR A 216 16.79 -16.57 18.39
CA THR A 216 16.68 -15.42 19.31
C THR A 216 16.56 -15.94 20.76
N VAL A 217 16.89 -15.09 21.73
CA VAL A 217 16.84 -15.38 23.16
C VAL A 217 15.73 -14.52 23.76
N LYS A 218 15.17 -14.97 24.89
CA LYS A 218 14.11 -14.24 25.56
C LYS A 218 14.64 -12.93 26.10
N ALA A 1 5.68 21.60 -37.07
CA ALA A 1 5.88 22.24 -35.77
C ALA A 1 7.13 21.58 -35.21
N MET A 2 7.07 20.93 -34.05
CA MET A 2 8.20 20.23 -33.46
C MET A 2 8.38 18.92 -34.28
N ALA A 3 9.30 18.05 -33.87
CA ALA A 3 9.51 16.78 -34.56
C ALA A 3 8.20 15.96 -34.50
N SER A 4 8.01 15.06 -35.46
CA SER A 4 6.83 14.23 -35.53
C SER A 4 6.73 13.33 -34.29
N GLU A 5 5.74 13.60 -33.47
CA GLU A 5 5.42 12.87 -32.26
C GLU A 5 5.11 11.41 -32.61
N LEU A 6 4.72 11.13 -33.87
CA LEU A 6 4.42 9.80 -34.38
C LEU A 6 5.64 8.88 -34.26
N ASP A 7 6.85 9.44 -34.17
CA ASP A 7 8.04 8.60 -34.01
C ASP A 7 8.23 8.29 -32.53
N LEU A 8 8.18 9.33 -31.70
CA LEU A 8 8.34 9.24 -30.25
C LEU A 8 7.25 8.32 -29.67
N GLU A 9 6.09 8.20 -30.33
CA GLU A 9 4.98 7.35 -29.91
C GLU A 9 5.44 5.89 -29.77
N LYS A 10 6.44 5.40 -30.53
CA LYS A 10 6.89 4.02 -30.34
C LYS A 10 7.39 3.87 -28.91
N GLY A 11 8.07 4.89 -28.38
CA GLY A 11 8.55 4.87 -27.01
C GLY A 11 7.33 4.88 -26.09
N LEU A 12 6.30 5.69 -26.39
CA LEU A 12 5.10 5.75 -25.59
C LEU A 12 4.39 4.40 -25.60
N GLU A 13 4.54 3.54 -26.61
CA GLU A 13 3.89 2.22 -26.62
C GLU A 13 4.35 1.41 -25.42
N MET A 14 5.66 1.30 -25.19
CA MET A 14 6.14 0.55 -24.03
C MET A 14 5.65 1.23 -22.75
N ARG A 15 5.62 2.58 -22.70
CA ARG A 15 5.14 3.31 -21.52
C ARG A 15 3.67 2.99 -21.28
N LYS A 16 2.85 2.82 -22.34
CA LYS A 16 1.43 2.50 -22.25
C LYS A 16 1.30 1.09 -21.72
N TRP A 17 2.01 0.14 -22.30
CA TRP A 17 2.01 -1.27 -21.94
C TRP A 17 2.28 -1.48 -20.44
N VAL A 18 3.41 -0.97 -19.92
CA VAL A 18 3.76 -1.13 -18.50
C VAL A 18 2.69 -0.53 -17.59
N LEU A 19 2.28 0.72 -17.87
CA LEU A 19 1.29 1.42 -17.06
C LEU A 19 -0.10 0.80 -17.09
N SER A 20 -0.55 0.27 -18.24
CA SER A 20 -1.89 -0.31 -18.35
C SER A 20 -2.12 -1.39 -17.29
N GLY A 21 -1.10 -2.23 -17.05
CA GLY A 21 -1.21 -3.27 -16.06
C GLY A 21 -1.36 -2.72 -14.65
N ILE A 22 -0.80 -1.52 -14.38
CA ILE A 22 -0.89 -0.89 -13.07
C ILE A 22 -2.32 -0.40 -12.86
N LEU A 23 -2.92 0.39 -13.76
CA LEU A 23 -4.30 0.88 -13.63
C LEU A 23 -5.20 -0.35 -13.46
N ALA A 24 -5.02 -1.38 -14.27
CA ALA A 24 -5.83 -2.59 -14.20
C ALA A 24 -5.72 -3.27 -12.84
N SER A 25 -4.51 -3.36 -12.29
CA SER A 25 -4.26 -4.00 -11.02
C SER A 25 -4.78 -3.12 -9.88
N GLU A 26 -4.51 -1.81 -9.90
CA GLU A 26 -4.94 -0.85 -8.90
C GLU A 26 -6.46 -0.82 -8.90
N GLU A 27 -7.09 -0.75 -10.09
CA GLU A 27 -8.53 -0.70 -10.27
C GLU A 27 -9.20 -1.87 -9.50
N THR A 28 -8.82 -3.12 -9.80
CA THR A 28 -9.40 -4.28 -9.13
C THR A 28 -9.06 -4.28 -7.64
N TYR A 29 -7.82 -3.93 -7.30
CA TYR A 29 -7.30 -3.87 -5.94
C TYR A 29 -8.09 -2.89 -5.08
N LEU A 30 -8.62 -1.80 -5.64
CA LEU A 30 -9.40 -0.84 -4.86
C LEU A 30 -10.61 -1.54 -4.26
N SER A 31 -11.25 -2.49 -4.94
CA SER A 31 -12.41 -3.20 -4.37
C SER A 31 -11.99 -4.00 -3.12
N HIS A 32 -10.73 -4.43 -3.07
CA HIS A 32 -10.14 -5.19 -1.98
C HIS A 32 -9.88 -4.23 -0.82
N LEU A 33 -9.25 -3.10 -1.13
CA LEU A 33 -8.89 -2.05 -0.19
C LEU A 33 -10.13 -1.35 0.38
N GLU A 34 -11.20 -1.18 -0.42
CA GLU A 34 -12.45 -0.53 -0.05
C GLU A 34 -13.07 -1.23 1.16
N ALA A 35 -12.88 -2.56 1.26
CA ALA A 35 -13.40 -3.37 2.36
C ALA A 35 -12.80 -2.94 3.71
N LEU A 36 -11.69 -2.21 3.73
CA LEU A 36 -11.03 -1.69 4.95
C LEU A 36 -11.60 -0.33 5.34
N LEU A 37 -12.02 0.47 4.35
CA LEU A 37 -12.62 1.79 4.49
C LEU A 37 -14.07 1.65 4.92
N LEU A 38 -14.70 0.60 4.42
CA LEU A 38 -16.10 0.24 4.67
C LEU A 38 -16.42 0.27 6.18
N PRO A 39 -15.77 -0.52 7.05
CA PRO A 39 -16.02 -0.52 8.48
C PRO A 39 -15.50 0.75 9.16
N MET A 40 -14.45 1.36 8.60
CA MET A 40 -13.86 2.57 9.19
C MET A 40 -14.85 3.72 9.19
N LYS A 41 -15.70 3.87 8.16
CA LYS A 41 -16.69 4.94 8.06
C LYS A 41 -17.53 5.11 9.34
N PRO A 42 -18.36 4.14 9.75
CA PRO A 42 -19.16 4.28 10.97
C PRO A 42 -18.27 4.38 12.22
N LEU A 43 -17.15 3.65 12.27
CA LEU A 43 -16.23 3.67 13.41
C LEU A 43 -15.72 5.10 13.65
N LYS A 44 -15.15 5.76 12.64
CA LYS A 44 -14.63 7.13 12.76
C LYS A 44 -15.73 8.11 13.15
N ALA A 45 -16.93 7.94 12.59
CA ALA A 45 -18.06 8.81 12.90
C ALA A 45 -18.45 8.62 14.38
N ALA A 46 -18.41 7.39 14.87
CA ALA A 46 -18.75 7.07 16.25
C ALA A 46 -17.66 7.51 17.22
N ALA A 47 -16.39 7.51 16.79
CA ALA A 47 -15.22 7.90 17.57
C ALA A 47 -15.27 9.35 18.06
N THR A 48 -16.21 10.15 17.57
CA THR A 48 -16.38 11.54 17.95
C THR A 48 -17.77 11.78 18.56
N THR A 49 -18.50 10.73 18.97
CA THR A 49 -19.84 10.86 19.54
C THR A 49 -20.05 9.81 20.64
N SER A 50 -20.43 10.26 21.83
CA SER A 50 -20.69 9.41 22.98
C SER A 50 -19.51 8.48 23.24
N GLN A 51 -19.75 7.17 23.36
CA GLN A 51 -18.71 6.20 23.61
C GLN A 51 -19.15 4.88 22.98
N PRO A 52 -18.63 4.54 21.80
CA PRO A 52 -18.98 3.31 21.11
C PRO A 52 -18.27 2.09 21.72
N VAL A 53 -18.19 0.99 20.97
CA VAL A 53 -17.55 -0.25 21.38
C VAL A 53 -16.04 -0.07 21.56
N LEU A 54 -15.43 0.94 20.95
CA LEU A 54 -14.00 1.23 21.03
C LEU A 54 -13.78 2.69 21.44
N THR A 55 -12.54 3.15 21.48
CA THR A 55 -12.16 4.51 21.84
C THR A 55 -11.54 5.14 20.58
N SER A 56 -11.63 6.46 20.44
CA SER A 56 -11.11 7.21 19.31
C SER A 56 -9.67 6.90 18.98
N GLN A 57 -8.84 6.79 20.02
CA GLN A 57 -7.41 6.52 19.94
C GLN A 57 -7.16 5.18 19.25
N GLN A 58 -7.82 4.12 19.69
CA GLN A 58 -7.64 2.79 19.12
C GLN A 58 -8.05 2.75 17.64
N ILE A 59 -9.09 3.51 17.26
CA ILE A 59 -9.55 3.57 15.88
C ILE A 59 -8.44 4.25 15.07
N GLU A 60 -7.95 5.43 15.48
CA GLU A 60 -6.90 6.09 14.72
C GLU A 60 -5.60 5.29 14.71
N THR A 61 -5.33 4.46 15.73
CA THR A 61 -4.09 3.70 15.74
C THR A 61 -4.06 2.69 14.58
N ILE A 62 -5.17 1.98 14.32
CA ILE A 62 -5.23 1.00 13.23
C ILE A 62 -5.38 1.74 11.89
N PHE A 63 -6.38 2.60 11.80
CA PHE A 63 -6.73 3.36 10.60
C PHE A 63 -5.89 4.63 10.44
N PHE A 64 -4.66 4.60 10.97
CA PHE A 64 -3.68 5.68 10.94
C PHE A 64 -3.53 6.15 9.52
N LYS A 65 -3.21 5.24 8.57
CA LYS A 65 -3.06 5.57 7.16
C LYS A 65 -3.82 4.65 6.21
N VAL A 66 -4.64 3.69 6.70
CA VAL A 66 -5.46 2.81 5.85
C VAL A 66 -6.26 3.68 4.86
N PRO A 67 -7.02 4.71 5.29
CA PRO A 67 -7.77 5.57 4.38
C PRO A 67 -6.87 6.47 3.52
N GLU A 68 -5.66 6.76 3.99
CA GLU A 68 -4.73 7.60 3.27
C GLU A 68 -4.22 6.93 2.00
N LEU A 69 -3.73 5.68 2.12
CA LEU A 69 -3.20 4.97 0.95
C LEU A 69 -4.26 4.78 -0.12
N TYR A 70 -5.54 4.69 0.24
CA TYR A 70 -6.62 4.52 -0.73
C TYR A 70 -6.65 5.75 -1.65
N GLU A 71 -6.70 6.94 -1.04
CA GLU A 71 -6.74 8.19 -1.79
C GLU A 71 -5.47 8.37 -2.60
N ILE A 72 -4.31 7.94 -2.09
CA ILE A 72 -3.02 8.05 -2.78
C ILE A 72 -3.01 7.13 -3.99
N HIS A 73 -3.38 5.85 -3.82
CA HIS A 73 -3.39 4.90 -4.93
C HIS A 73 -4.30 5.43 -6.03
N LYS A 74 -5.53 5.84 -5.71
CA LYS A 74 -6.48 6.39 -6.67
C LYS A 74 -5.99 7.74 -7.18
N GLU A 75 -5.25 8.56 -6.44
CA GLU A 75 -4.80 9.85 -6.99
C GLU A 75 -3.82 9.56 -8.12
N PHE A 76 -2.93 8.60 -7.90
CA PHE A 76 -1.94 8.19 -8.87
C PHE A 76 -2.59 7.44 -10.04
N TYR A 77 -3.42 6.44 -9.76
CA TYR A 77 -4.10 5.61 -10.75
C TYR A 77 -5.26 6.32 -11.45
N ASP A 78 -6.11 7.05 -10.73
CA ASP A 78 -7.24 7.68 -11.41
C ASP A 78 -6.74 8.75 -12.38
N GLY A 79 -5.66 9.48 -12.00
CA GLY A 79 -5.10 10.51 -12.87
C GLY A 79 -4.32 9.89 -14.04
N LEU A 80 -4.03 8.59 -13.95
CA LEU A 80 -3.31 7.75 -14.91
C LEU A 80 -4.22 7.37 -16.06
N PHE A 81 -5.51 7.09 -15.80
CA PHE A 81 -6.50 6.71 -16.81
C PHE A 81 -6.47 7.66 -18.01
N PRO A 82 -6.71 8.98 -17.84
CA PRO A 82 -6.68 9.88 -18.98
C PRO A 82 -5.27 10.02 -19.52
N ARG A 83 -4.24 9.83 -18.70
CA ARG A 83 -2.85 9.96 -19.11
C ARG A 83 -2.43 8.91 -20.13
N VAL A 84 -2.75 7.64 -19.90
CA VAL A 84 -2.37 6.57 -20.83
C VAL A 84 -3.08 6.79 -22.18
N GLN A 85 -4.36 7.21 -22.15
CA GLN A 85 -5.12 7.45 -23.37
C GLN A 85 -4.78 8.79 -24.04
N GLN A 86 -4.30 9.77 -23.28
CA GLN A 86 -3.95 11.10 -23.76
C GLN A 86 -2.68 11.58 -23.06
N TRP A 87 -1.53 11.22 -23.61
CA TRP A 87 -0.25 11.64 -23.06
C TRP A 87 -0.11 13.16 -23.19
N SER A 88 0.85 13.73 -22.44
CA SER A 88 1.09 15.17 -22.51
C SER A 88 1.51 15.45 -23.97
N HIS A 89 1.21 16.64 -24.48
CA HIS A 89 1.51 17.02 -25.86
C HIS A 89 2.99 17.00 -26.26
N GLN A 90 3.93 17.10 -25.31
CA GLN A 90 5.36 17.07 -25.61
C GLN A 90 6.19 16.53 -24.44
N GLN A 91 5.71 16.68 -23.20
CA GLN A 91 6.40 16.23 -22.00
C GLN A 91 6.06 14.74 -21.71
N ARG A 92 6.91 14.07 -20.96
CA ARG A 92 6.76 12.67 -20.52
C ARG A 92 6.02 12.75 -19.18
N VAL A 93 5.78 11.62 -18.54
CA VAL A 93 5.13 11.54 -17.24
C VAL A 93 6.23 11.17 -16.25
N GLY A 94 6.16 11.63 -15.00
CA GLY A 94 7.17 11.34 -14.00
C GLY A 94 6.74 11.76 -12.60
N ASP A 95 6.10 12.94 -12.48
CA ASP A 95 5.62 13.51 -11.22
C ASP A 95 4.78 12.50 -10.46
N LEU A 96 3.84 11.85 -11.16
CA LEU A 96 2.90 10.85 -10.62
C LEU A 96 3.66 9.75 -9.87
N PHE A 97 4.73 9.22 -10.45
CA PHE A 97 5.50 8.17 -9.80
C PHE A 97 6.32 8.75 -8.66
N GLN A 98 7.09 9.81 -8.90
CA GLN A 98 7.94 10.39 -7.87
C GLN A 98 7.18 10.76 -6.60
N LYS A 99 6.00 11.37 -6.75
CA LYS A 99 5.16 11.82 -5.64
C LYS A 99 4.90 10.75 -4.58
N LEU A 100 4.85 9.47 -4.95
CA LEU A 100 4.63 8.37 -4.01
C LEU A 100 5.80 8.34 -3.02
N ALA A 101 7.04 8.32 -3.49
CA ALA A 101 8.21 8.30 -2.62
C ALA A 101 8.39 9.68 -1.97
N SER A 102 7.93 10.75 -2.63
CA SER A 102 8.03 12.12 -2.14
C SER A 102 7.23 12.36 -0.86
N GLN A 103 6.28 11.49 -0.50
CA GLN A 103 5.47 11.62 0.71
C GLN A 103 5.70 10.45 1.69
N LEU A 104 6.80 9.71 1.49
CA LEU A 104 7.19 8.56 2.29
C LEU A 104 7.16 8.75 3.81
N GLY A 105 7.36 9.98 4.32
CA GLY A 105 7.31 10.24 5.76
C GLY A 105 5.99 9.77 6.37
N VAL A 106 4.89 9.90 5.63
CA VAL A 106 3.55 9.49 6.06
C VAL A 106 3.56 7.97 6.32
N TYR A 107 4.20 7.21 5.42
CA TYR A 107 4.30 5.76 5.50
C TYR A 107 5.19 5.38 6.67
N ARG A 108 6.36 6.03 6.80
CA ARG A 108 7.33 5.82 7.87
C ARG A 108 6.64 6.02 9.22
N ALA A 109 5.88 7.10 9.40
CA ALA A 109 5.16 7.39 10.63
C ALA A 109 4.22 6.26 11.05
N PHE A 110 3.64 5.50 10.11
CA PHE A 110 2.76 4.38 10.46
C PHE A 110 3.65 3.24 10.96
N VAL A 111 4.77 2.95 10.29
CA VAL A 111 5.67 1.88 10.72
C VAL A 111 6.22 2.22 12.11
N ASP A 112 6.56 3.49 12.36
CA ASP A 112 7.10 4.01 13.62
C ASP A 112 6.12 3.84 14.78
N ASN A 113 4.87 3.40 14.52
CA ASN A 113 3.83 3.20 15.53
C ASN A 113 3.13 1.84 15.35
N TYR A 114 3.63 0.99 14.45
CA TYR A 114 3.07 -0.32 14.14
C TYR A 114 3.01 -1.24 15.36
N GLY A 115 4.08 -1.32 16.15
CA GLY A 115 4.13 -2.17 17.34
C GLY A 115 3.02 -1.83 18.32
N VAL A 116 2.59 -0.56 18.35
CA VAL A 116 1.53 -0.07 19.21
C VAL A 116 0.18 -0.53 18.63
N ALA A 117 -0.04 -0.30 17.33
CA ALA A 117 -1.26 -0.69 16.63
C ALA A 117 -1.55 -2.18 16.79
N MET A 118 -0.54 -3.03 16.54
CA MET A 118 -0.70 -4.48 16.65
C MET A 118 -0.87 -4.97 18.08
N GLU A 119 -0.28 -4.30 19.08
CA GLU A 119 -0.40 -4.70 20.48
C GLU A 119 -1.82 -4.51 20.98
N MET A 120 -2.37 -3.31 20.83
CA MET A 120 -3.72 -3.06 21.32
C MET A 120 -4.78 -3.84 20.53
N ALA A 121 -4.49 -4.14 19.25
CA ALA A 121 -5.37 -4.89 18.36
C ALA A 121 -5.64 -6.30 18.88
N GLU A 122 -4.58 -7.07 19.17
CA GLU A 122 -4.73 -8.45 19.66
C GLU A 122 -5.62 -8.50 20.91
N LYS A 123 -5.52 -7.48 21.77
CA LYS A 123 -6.27 -7.37 23.00
C LYS A 123 -7.73 -7.08 22.65
N CYS A 124 -7.98 -6.13 21.76
CA CYS A 124 -9.33 -5.75 21.34
C CYS A 124 -10.12 -6.93 20.83
N CYS A 125 -9.54 -7.81 20.00
CA CYS A 125 -10.25 -8.98 19.48
C CYS A 125 -10.76 -9.84 20.63
N GLN A 126 -9.96 -10.07 21.68
CA GLN A 126 -10.41 -10.88 22.81
C GLN A 126 -11.44 -10.11 23.64
N ALA A 127 -11.19 -8.83 23.92
CA ALA A 127 -12.03 -7.97 24.72
C ALA A 127 -13.34 -7.48 24.08
N ASN A 128 -13.53 -7.63 22.76
CA ASN A 128 -14.73 -7.17 22.06
C ASN A 128 -15.19 -8.15 21.00
N ALA A 129 -16.40 -8.68 21.18
CA ALA A 129 -17.02 -9.63 20.26
C ALA A 129 -17.09 -9.08 18.84
N GLN A 130 -17.30 -7.76 18.67
CA GLN A 130 -17.37 -7.16 17.34
C GLN A 130 -16.05 -7.35 16.58
N PHE A 131 -14.89 -7.30 17.24
CA PHE A 131 -13.61 -7.51 16.57
C PHE A 131 -13.45 -9.02 16.38
N ALA A 132 -13.83 -9.81 17.39
CA ALA A 132 -13.74 -11.26 17.33
C ALA A 132 -14.48 -11.84 16.11
N GLU A 133 -15.71 -11.43 15.83
CA GLU A 133 -16.49 -11.96 14.72
C GLU A 133 -15.85 -11.61 13.38
N ILE A 134 -15.49 -10.36 13.13
CA ILE A 134 -14.85 -9.97 11.87
C ILE A 134 -13.50 -10.69 11.71
N SER A 135 -12.79 -10.96 12.82
CA SER A 135 -11.51 -11.65 12.79
C SER A 135 -11.73 -13.13 12.43
N GLU A 136 -12.86 -13.71 12.84
CA GLU A 136 -13.19 -15.10 12.56
C GLU A 136 -13.41 -15.32 11.07
N ASN A 137 -13.76 -14.28 10.31
CA ASN A 137 -14.01 -14.37 8.87
C ASN A 137 -12.75 -14.60 8.02
N LEU A 138 -11.59 -14.77 8.66
CA LEU A 138 -10.28 -15.01 8.05
C LEU A 138 -9.50 -16.01 8.93
N ARG A 139 -8.18 -16.11 8.74
CA ARG A 139 -7.25 -16.99 9.47
C ARG A 139 -7.05 -16.62 10.96
N ALA A 140 -8.05 -16.16 11.70
CA ALA A 140 -7.91 -15.81 13.11
C ALA A 140 -9.10 -16.29 13.94
N ARG A 141 -8.95 -16.30 15.27
CA ARG A 141 -9.95 -16.71 16.25
C ARG A 141 -9.83 -15.82 17.50
N SER A 142 -10.56 -16.11 18.58
CA SER A 142 -10.58 -15.35 19.82
C SER A 142 -10.53 -16.24 21.07
N ASN A 143 -9.93 -17.44 21.01
CA ASN A 143 -9.86 -18.36 22.15
C ASN A 143 -8.43 -18.39 22.68
N LYS A 144 -7.76 -17.23 22.78
CA LYS A 144 -6.37 -17.00 23.21
C LYS A 144 -5.42 -17.43 22.10
N ASP A 145 -5.72 -18.59 21.50
CA ASP A 145 -5.09 -19.33 20.43
C ASP A 145 -4.60 -18.47 19.26
N ALA A 146 -5.29 -17.39 18.91
CA ALA A 146 -4.91 -16.51 17.81
C ALA A 146 -3.78 -15.52 18.14
N LYS A 147 -3.36 -15.42 19.40
CA LYS A 147 -2.31 -14.51 19.86
C LYS A 147 -0.89 -15.01 19.59
N ASP A 148 -0.63 -15.64 18.43
CA ASP A 148 0.71 -16.12 18.08
C ASP A 148 1.06 -15.53 16.71
N PRO A 149 1.25 -14.21 16.59
CA PRO A 149 1.59 -13.58 15.31
C PRO A 149 2.90 -14.13 14.74
N THR A 150 3.75 -14.66 15.62
CA THR A 150 5.05 -15.24 15.35
C THR A 150 4.98 -16.49 14.47
N THR A 151 3.79 -17.01 14.16
CA THR A 151 3.58 -18.18 13.32
C THR A 151 2.23 -18.19 12.62
N LYS A 152 1.20 -17.61 13.24
CA LYS A 152 -0.16 -17.56 12.71
C LYS A 152 -0.52 -16.12 12.34
N ASN A 153 -1.69 -15.95 11.73
CA ASN A 153 -2.19 -14.65 11.30
C ASN A 153 -2.94 -14.02 12.47
N SER A 154 -2.76 -12.71 12.64
CA SER A 154 -3.36 -11.86 13.66
C SER A 154 -3.85 -10.57 12.95
N LEU A 155 -4.48 -9.62 13.65
CA LEU A 155 -4.96 -8.37 13.04
C LEU A 155 -3.85 -7.68 12.24
N GLU A 156 -2.59 -7.78 12.70
CA GLU A 156 -1.42 -7.20 12.03
C GLU A 156 -1.32 -7.63 10.57
N THR A 157 -1.81 -8.82 10.21
CA THR A 157 -1.79 -9.31 8.83
C THR A 157 -2.64 -8.38 7.95
N LEU A 158 -3.71 -7.79 8.49
CA LEU A 158 -4.59 -6.88 7.77
C LEU A 158 -3.87 -5.54 7.59
N LEU A 159 -3.11 -5.11 8.61
CA LEU A 159 -2.35 -3.86 8.57
C LEU A 159 -1.24 -3.99 7.51
N TYR A 160 -0.62 -5.17 7.39
CA TYR A 160 0.45 -5.44 6.43
C TYR A 160 -0.10 -5.68 5.03
N LYS A 161 -1.34 -6.17 4.90
CA LYS A 161 -1.99 -6.46 3.62
C LYS A 161 -1.78 -5.36 2.57
N PRO A 162 -2.13 -4.07 2.79
CA PRO A 162 -1.91 -3.05 1.78
C PRO A 162 -0.42 -2.80 1.53
N VAL A 163 0.40 -2.75 2.60
CA VAL A 163 1.85 -2.51 2.54
C VAL A 163 2.54 -3.52 1.61
N ASP A 164 2.02 -4.74 1.51
CA ASP A 164 2.53 -5.82 0.65
C ASP A 164 2.63 -5.32 -0.81
N ARG A 165 1.71 -4.44 -1.24
CA ARG A 165 1.76 -3.86 -2.58
C ARG A 165 2.83 -2.77 -2.57
N VAL A 166 2.82 -1.88 -1.59
CA VAL A 166 3.78 -0.78 -1.46
C VAL A 166 5.21 -1.29 -1.63
N THR A 167 5.59 -2.44 -1.07
CA THR A 167 6.94 -2.97 -1.23
C THR A 167 7.29 -3.18 -2.72
N ARG A 168 6.32 -3.60 -3.52
CA ARG A 168 6.43 -3.85 -4.97
C ARG A 168 6.56 -2.58 -5.80
N SER A 169 6.25 -1.39 -5.25
CA SER A 169 6.39 -0.16 -6.00
C SER A 169 7.80 -0.05 -6.61
N THR A 170 8.78 -0.66 -5.94
CA THR A 170 10.18 -0.71 -6.32
C THR A 170 10.40 -1.54 -7.59
N LEU A 171 10.00 -2.82 -7.58
CA LEU A 171 10.17 -3.72 -8.72
C LEU A 171 9.42 -3.25 -9.97
N VAL A 172 8.23 -2.65 -9.81
CA VAL A 172 7.49 -2.19 -10.98
C VAL A 172 8.16 -0.94 -11.57
N LEU A 173 8.82 -0.10 -10.75
CA LEU A 173 9.51 1.09 -11.25
C LEU A 173 10.65 0.62 -12.16
N HIS A 174 11.36 -0.43 -11.75
CA HIS A 174 12.48 -0.97 -12.52
C HIS A 174 12.02 -1.50 -13.88
N ASP A 175 10.79 -2.00 -13.99
CA ASP A 175 10.24 -2.55 -15.23
C ASP A 175 10.09 -1.42 -16.24
N LEU A 176 9.53 -0.28 -15.79
CA LEU A 176 9.34 0.90 -16.62
C LEU A 176 10.74 1.39 -17.03
N LEU A 177 11.65 1.46 -16.06
CA LEU A 177 13.04 1.90 -16.25
C LEU A 177 13.76 1.06 -17.29
N LYS A 178 13.42 -0.21 -17.49
CA LYS A 178 14.08 -1.07 -18.48
C LYS A 178 13.88 -0.53 -19.90
N HIS A 179 12.75 0.11 -20.18
CA HIS A 179 12.47 0.66 -21.50
C HIS A 179 13.03 2.09 -21.63
N THR A 180 13.22 2.78 -20.51
CA THR A 180 13.73 4.14 -20.44
C THR A 180 15.21 4.15 -20.88
N PRO A 181 15.62 5.08 -21.75
CA PRO A 181 17.00 5.16 -22.19
C PRO A 181 17.80 5.83 -21.08
N ALA A 182 19.06 5.42 -20.90
CA ALA A 182 19.96 5.95 -19.87
C ALA A 182 20.30 7.43 -20.07
N SER A 183 20.01 7.97 -21.24
CA SER A 183 20.23 9.33 -21.67
C SER A 183 19.11 10.27 -21.22
N HIS A 184 17.90 9.76 -20.93
CA HIS A 184 16.78 10.58 -20.50
C HIS A 184 16.95 11.02 -19.04
N PRO A 185 16.34 12.14 -18.62
CA PRO A 185 16.40 12.61 -17.24
C PRO A 185 15.64 11.66 -16.31
N ASP A 186 14.74 10.87 -16.89
CA ASP A 186 13.91 9.89 -16.22
C ASP A 186 14.74 8.80 -15.54
N HIS A 187 15.92 8.47 -16.09
CA HIS A 187 16.77 7.43 -15.53
C HIS A 187 17.17 7.77 -14.08
N PRO A 188 17.89 8.87 -13.78
CA PRO A 188 18.26 9.20 -12.40
C PRO A 188 17.04 9.69 -11.59
N LEU A 189 15.96 10.15 -12.22
CA LEU A 189 14.76 10.63 -11.52
C LEU A 189 14.07 9.46 -10.83
N LEU A 190 13.76 8.41 -11.59
CA LEU A 190 13.08 7.24 -11.07
C LEU A 190 14.02 6.49 -10.12
N GLN A 191 15.33 6.46 -10.41
CA GLN A 191 16.32 5.80 -9.57
C GLN A 191 16.41 6.48 -8.20
N ASP A 192 16.28 7.80 -8.13
CA ASP A 192 16.35 8.54 -6.86
C ASP A 192 15.18 8.12 -5.97
N ALA A 193 13.96 8.14 -6.53
CA ALA A 193 12.74 7.76 -5.83
C ALA A 193 12.80 6.29 -5.42
N LEU A 194 13.32 5.43 -6.29
CA LEU A 194 13.46 4.00 -6.04
C LEU A 194 14.41 3.78 -4.87
N ARG A 195 15.60 4.41 -4.89
CA ARG A 195 16.59 4.25 -3.84
C ARG A 195 16.01 4.61 -2.48
N ILE A 196 15.37 5.76 -2.32
CA ILE A 196 14.81 6.12 -1.01
C ILE A 196 13.70 5.14 -0.58
N SER A 197 12.82 4.71 -1.49
CA SER A 197 11.76 3.77 -1.13
C SER A 197 12.36 2.40 -0.78
N GLN A 198 13.45 2.01 -1.42
CA GLN A 198 14.14 0.74 -1.17
C GLN A 198 14.80 0.84 0.19
N ASN A 199 15.47 1.95 0.50
CA ASN A 199 16.11 2.17 1.78
C ASN A 199 15.10 2.06 2.89
N PHE A 200 13.95 2.73 2.76
CA PHE A 200 12.91 2.71 3.77
C PHE A 200 12.43 1.29 4.07
N LEU A 201 11.97 0.54 3.05
CA LEU A 201 11.47 -0.82 3.28
C LEU A 201 12.56 -1.73 3.85
N SER A 202 13.75 -1.66 3.28
CA SER A 202 14.88 -2.46 3.69
C SER A 202 15.35 -2.09 5.11
N SER A 203 15.03 -0.89 5.60
CA SER A 203 15.40 -0.43 6.94
C SER A 203 14.36 -0.82 8.00
N ILE A 204 13.19 -1.37 7.61
CA ILE A 204 12.15 -1.76 8.55
C ILE A 204 11.73 -3.23 8.41
N ASN A 205 12.41 -4.02 7.58
CA ASN A 205 12.11 -5.44 7.37
C ASN A 205 12.01 -6.19 8.70
N GLU A 206 12.90 -5.87 9.63
CA GLU A 206 12.96 -6.50 10.94
C GLU A 206 11.72 -6.21 11.80
N GLU A 207 10.92 -5.19 11.51
CA GLU A 207 9.71 -4.86 12.25
C GLU A 207 8.46 -5.45 11.58
N ILE A 208 8.59 -6.05 10.39
CA ILE A 208 7.52 -6.67 9.60
C ILE A 208 7.92 -8.10 9.24
N THR A 209 7.13 -8.75 8.38
CA THR A 209 7.33 -10.11 7.88
C THR A 209 7.73 -11.07 9.02
N PRO A 210 6.79 -11.46 9.90
CA PRO A 210 7.08 -12.34 11.01
C PRO A 210 7.51 -13.73 10.54
N ARG A 211 6.81 -14.34 9.58
CA ARG A 211 7.11 -15.68 9.07
C ARG A 211 6.24 -15.98 7.86
N ARG A 212 6.33 -17.21 7.34
CA ARG A 212 5.55 -17.70 6.20
C ARG A 212 4.71 -18.90 6.62
N GLN A 213 5.29 -19.83 7.39
CA GLN A 213 4.65 -21.05 7.89
C GLN A 213 3.81 -21.72 6.80
N SER A 214 4.40 -21.85 5.62
CA SER A 214 3.81 -22.47 4.44
C SER A 214 4.02 -23.99 4.52
N MET A 215 3.54 -24.77 3.54
CA MET A 215 3.70 -26.22 3.55
C MET A 215 4.00 -26.75 2.16
N THR A 216 4.85 -27.76 2.11
CA THR A 216 5.29 -28.44 0.90
C THR A 216 5.10 -29.94 1.08
N VAL A 217 5.11 -30.65 -0.04
CA VAL A 217 4.97 -32.08 -0.16
C VAL A 217 5.76 -32.49 -1.41
N LYS A 218 6.10 -33.78 -1.51
CA LYS A 218 6.84 -34.34 -2.64
C LYS A 218 8.12 -33.53 -2.92
N ALA A 1 2.60 17.04 -31.59
CA ALA A 1 3.21 15.79 -32.09
C ALA A 1 4.55 16.12 -32.75
N MET A 2 5.20 15.14 -33.38
CA MET A 2 6.46 15.29 -34.08
C MET A 2 6.39 14.25 -35.18
N ALA A 3 6.72 13.00 -34.86
CA ALA A 3 6.62 11.92 -35.82
C ALA A 3 5.12 11.60 -35.95
N SER A 4 4.72 10.95 -37.04
CA SER A 4 3.33 10.58 -37.26
C SER A 4 2.92 9.56 -36.19
N GLU A 5 1.92 9.91 -35.38
CA GLU A 5 1.42 9.07 -34.30
C GLU A 5 0.96 7.67 -34.73
N LEU A 6 0.77 7.42 -36.04
CA LEU A 6 0.37 6.12 -36.57
C LEU A 6 1.42 5.06 -36.25
N ASP A 7 2.71 5.41 -36.37
CA ASP A 7 3.80 4.48 -36.09
C ASP A 7 4.02 4.41 -34.58
N LEU A 8 3.93 5.57 -33.93
CA LEU A 8 4.07 5.80 -32.50
C LEU A 8 3.12 4.89 -31.69
N GLU A 9 2.01 4.45 -32.30
CA GLU A 9 1.02 3.57 -31.66
C GLU A 9 1.70 2.31 -31.11
N LYS A 10 2.81 1.85 -31.73
CA LYS A 10 3.55 0.66 -31.27
C LYS A 10 4.14 0.91 -29.87
N GLY A 11 4.41 2.16 -29.53
CA GLY A 11 4.94 2.58 -28.25
C GLY A 11 3.80 2.76 -27.27
N LEU A 12 2.63 3.17 -27.77
CA LEU A 12 1.43 3.38 -26.96
C LEU A 12 0.93 2.03 -26.48
N GLU A 13 0.81 1.03 -27.36
CA GLU A 13 0.33 -0.30 -27.00
C GLU A 13 1.19 -0.92 -25.90
N MET A 14 2.51 -0.79 -26.03
CA MET A 14 3.46 -1.31 -25.08
C MET A 14 3.22 -0.60 -23.74
N ARG A 15 3.08 0.73 -23.74
CA ARG A 15 2.81 1.46 -22.50
C ARG A 15 1.50 0.97 -21.88
N LYS A 16 0.46 0.71 -22.68
CA LYS A 16 -0.83 0.25 -22.17
C LYS A 16 -0.65 -1.03 -21.36
N TRP A 17 0.14 -1.98 -21.86
CA TRP A 17 0.38 -3.24 -21.18
C TRP A 17 1.08 -3.01 -19.84
N VAL A 18 2.14 -2.19 -19.83
CA VAL A 18 2.90 -1.90 -18.61
C VAL A 18 2.04 -1.15 -17.58
N LEU A 19 1.26 -0.16 -18.03
CA LEU A 19 0.41 0.61 -17.13
C LEU A 19 -0.71 -0.28 -16.60
N SER A 20 -1.27 -1.19 -17.41
CA SER A 20 -2.35 -2.07 -16.99
C SER A 20 -1.99 -2.88 -15.76
N GLY A 21 -0.75 -3.38 -15.64
CA GLY A 21 -0.38 -4.17 -14.48
C GLY A 21 -0.58 -3.38 -13.19
N ILE A 22 -0.34 -2.06 -13.24
CA ILE A 22 -0.48 -1.19 -12.09
C ILE A 22 -1.96 -0.90 -11.80
N LEU A 23 -2.73 -0.42 -12.79
CA LEU A 23 -4.17 -0.13 -12.62
C LEU A 23 -4.85 -1.40 -12.13
N ALA A 24 -4.49 -2.58 -12.64
CA ALA A 24 -5.11 -3.83 -12.22
C ALA A 24 -4.83 -4.14 -10.75
N SER A 25 -3.57 -4.00 -10.33
CA SER A 25 -3.12 -4.25 -8.98
C SER A 25 -3.76 -3.27 -8.00
N GLU A 26 -3.77 -1.99 -8.37
CA GLU A 26 -4.29 -0.90 -7.57
C GLU A 26 -5.83 -0.88 -7.56
N GLU A 27 -6.51 -1.17 -8.66
CA GLU A 27 -7.98 -1.16 -8.77
C GLU A 27 -8.56 -2.05 -7.67
N THR A 28 -8.15 -3.31 -7.71
CA THR A 28 -8.55 -4.36 -6.80
C THR A 28 -8.08 -4.08 -5.38
N TYR A 29 -6.93 -3.42 -5.20
CA TYR A 29 -6.42 -3.11 -3.87
C TYR A 29 -7.28 -2.03 -3.22
N LEU A 30 -7.46 -0.92 -3.94
CA LEU A 30 -8.21 0.25 -3.53
C LEU A 30 -9.69 -0.08 -3.35
N SER A 31 -10.25 -0.97 -4.17
CA SER A 31 -11.65 -1.37 -4.05
C SER A 31 -11.84 -2.11 -2.72
N HIS A 32 -10.93 -3.01 -2.33
CA HIS A 32 -11.11 -3.71 -1.05
C HIS A 32 -10.84 -2.72 0.10
N LEU A 33 -9.83 -1.88 -0.04
CA LEU A 33 -9.41 -0.87 0.94
C LEU A 33 -10.53 0.11 1.26
N GLU A 34 -11.31 0.56 0.28
CA GLU A 34 -12.40 1.49 0.54
C GLU A 34 -13.40 0.84 1.49
N ALA A 35 -13.66 -0.46 1.33
CA ALA A 35 -14.57 -1.19 2.20
C ALA A 35 -13.97 -1.34 3.60
N LEU A 36 -12.63 -1.43 3.73
CA LEU A 36 -11.97 -1.56 5.03
C LEU A 36 -12.15 -0.28 5.83
N LEU A 37 -11.92 0.87 5.20
CA LEU A 37 -12.04 2.19 5.85
C LEU A 37 -13.46 2.73 5.91
N LEU A 38 -14.40 2.18 5.12
CA LEU A 38 -15.80 2.59 5.09
C LEU A 38 -16.36 2.69 6.52
N PRO A 39 -16.33 1.64 7.37
CA PRO A 39 -16.85 1.73 8.73
C PRO A 39 -15.99 2.60 9.66
N MET A 40 -14.68 2.76 9.40
CA MET A 40 -13.81 3.58 10.24
C MET A 40 -14.28 5.03 10.24
N LYS A 41 -14.68 5.57 9.09
CA LYS A 41 -15.15 6.95 8.94
C LYS A 41 -16.24 7.28 9.97
N PRO A 42 -17.42 6.62 9.97
CA PRO A 42 -18.47 6.89 10.92
C PRO A 42 -18.05 6.45 12.33
N LEU A 43 -17.32 5.34 12.50
CA LEU A 43 -16.92 4.90 13.85
C LEU A 43 -16.07 5.95 14.57
N LYS A 44 -15.30 6.77 13.86
CA LYS A 44 -14.50 7.81 14.51
C LYS A 44 -15.46 8.83 15.16
N ALA A 45 -16.58 9.13 14.51
CA ALA A 45 -17.61 10.03 15.01
C ALA A 45 -18.38 9.32 16.13
N ALA A 46 -18.70 8.03 15.93
CA ALA A 46 -19.43 7.21 16.90
C ALA A 46 -18.68 7.18 18.23
N ALA A 47 -17.35 7.23 18.17
CA ALA A 47 -16.45 7.23 19.31
C ALA A 47 -16.65 8.45 20.24
N THR A 48 -17.43 9.44 19.83
CA THR A 48 -17.72 10.64 20.61
C THR A 48 -19.23 10.83 20.82
N THR A 49 -20.03 9.76 20.80
CA THR A 49 -21.47 9.77 21.02
C THR A 49 -21.79 8.62 21.96
N SER A 50 -22.63 8.91 22.95
CA SER A 50 -23.08 7.99 23.98
C SER A 50 -21.90 7.26 24.62
N GLN A 51 -21.79 5.95 24.43
CA GLN A 51 -20.75 5.08 24.94
C GLN A 51 -20.43 4.16 23.77
N PRO A 52 -19.32 4.38 23.05
CA PRO A 52 -18.97 3.55 21.91
C PRO A 52 -18.39 2.20 22.32
N VAL A 53 -18.31 1.28 21.37
CA VAL A 53 -17.74 -0.05 21.61
C VAL A 53 -16.20 0.08 21.59
N LEU A 54 -15.67 1.05 20.84
CA LEU A 54 -14.25 1.34 20.68
C LEU A 54 -14.06 2.85 20.67
N THR A 55 -13.01 3.32 21.33
CA THR A 55 -12.67 4.73 21.41
C THR A 55 -11.89 5.10 20.16
N SER A 56 -11.83 6.39 19.86
CA SER A 56 -11.16 6.95 18.71
C SER A 56 -9.71 6.48 18.62
N GLN A 57 -8.95 6.60 19.69
CA GLN A 57 -7.53 6.22 19.77
C GLN A 57 -7.31 4.73 19.43
N GLN A 58 -8.21 3.86 19.91
CA GLN A 58 -8.17 2.41 19.70
C GLN A 58 -8.30 2.07 18.20
N ILE A 59 -9.08 2.86 17.47
CA ILE A 59 -9.33 2.71 16.04
C ILE A 59 -8.21 3.42 15.26
N GLU A 60 -7.95 4.68 15.58
CA GLU A 60 -6.96 5.55 14.95
C GLU A 60 -5.57 4.93 14.91
N THR A 61 -5.13 4.21 15.95
CA THR A 61 -3.79 3.62 15.92
C THR A 61 -3.65 2.63 14.75
N ILE A 62 -4.72 1.92 14.38
CA ILE A 62 -4.71 0.94 13.30
C ILE A 62 -4.91 1.66 11.97
N PHE A 63 -5.96 2.46 11.84
CA PHE A 63 -6.31 3.19 10.63
C PHE A 63 -5.56 4.50 10.45
N PHE A 64 -4.45 4.69 11.17
CA PHE A 64 -3.60 5.87 11.20
C PHE A 64 -3.50 6.62 9.88
N LYS A 65 -2.95 6.00 8.82
CA LYS A 65 -2.82 6.64 7.49
C LYS A 65 -3.62 5.89 6.43
N VAL A 66 -4.45 4.93 6.81
CA VAL A 66 -5.28 4.14 5.91
C VAL A 66 -6.11 5.04 4.96
N PRO A 67 -6.87 6.05 5.43
CA PRO A 67 -7.65 6.87 4.52
C PRO A 67 -6.78 7.81 3.67
N GLU A 68 -5.54 8.11 4.09
CA GLU A 68 -4.64 8.96 3.34
C GLU A 68 -4.08 8.16 2.17
N LEU A 69 -3.43 7.03 2.45
CA LEU A 69 -2.83 6.18 1.42
C LEU A 69 -3.85 5.71 0.39
N TYR A 70 -5.10 5.53 0.80
CA TYR A 70 -6.18 5.11 -0.08
C TYR A 70 -6.35 6.17 -1.18
N GLU A 71 -6.49 7.43 -0.77
CA GLU A 71 -6.65 8.55 -1.69
C GLU A 71 -5.38 8.72 -2.52
N ILE A 72 -4.19 8.66 -1.91
CA ILE A 72 -2.91 8.83 -2.59
C ILE A 72 -2.78 7.84 -3.77
N HIS A 73 -3.02 6.55 -3.52
CA HIS A 73 -2.91 5.53 -4.56
C HIS A 73 -4.00 5.71 -5.62
N LYS A 74 -5.27 5.89 -5.26
CA LYS A 74 -6.35 6.10 -6.23
C LYS A 74 -6.10 7.38 -7.01
N GLU A 75 -5.49 8.44 -6.48
CA GLU A 75 -5.28 9.66 -7.26
C GLU A 75 -4.38 9.33 -8.44
N PHE A 76 -3.28 8.63 -8.15
CA PHE A 76 -2.31 8.21 -9.13
C PHE A 76 -2.95 7.23 -10.13
N TYR A 77 -3.65 6.21 -9.64
CA TYR A 77 -4.30 5.17 -10.44
C TYR A 77 -5.50 5.68 -11.24
N ASP A 78 -6.45 6.36 -10.60
CA ASP A 78 -7.64 6.87 -11.26
C ASP A 78 -7.26 7.86 -12.35
N GLY A 79 -6.26 8.72 -12.09
CA GLY A 79 -5.80 9.70 -13.05
C GLY A 79 -5.05 9.03 -14.22
N LEU A 80 -4.60 7.79 -14.03
CA LEU A 80 -3.89 7.00 -15.02
C LEU A 80 -4.87 6.49 -16.06
N PHE A 81 -6.12 6.16 -15.68
CA PHE A 81 -7.14 5.65 -16.59
C PHE A 81 -7.42 6.59 -17.80
N PRO A 82 -7.82 7.86 -17.61
CA PRO A 82 -8.09 8.74 -18.75
C PRO A 82 -6.85 8.95 -19.61
N ARG A 83 -5.66 8.91 -19.02
CA ARG A 83 -4.43 9.08 -19.76
C ARG A 83 -4.12 7.86 -20.60
N VAL A 84 -4.39 6.63 -20.13
CA VAL A 84 -4.13 5.45 -20.95
C VAL A 84 -5.19 5.33 -22.04
N GLN A 85 -6.44 5.75 -21.77
CA GLN A 85 -7.51 5.70 -22.75
C GLN A 85 -7.30 6.76 -23.84
N GLN A 86 -6.72 7.92 -23.51
CA GLN A 86 -6.45 9.01 -24.44
C GLN A 86 -5.04 9.52 -24.15
N TRP A 87 -4.05 8.92 -24.80
CA TRP A 87 -2.66 9.30 -24.64
C TRP A 87 -2.47 10.72 -25.15
N SER A 88 -1.89 11.58 -24.33
CA SER A 88 -1.65 12.96 -24.71
C SER A 88 -0.58 12.99 -25.79
N HIS A 89 -0.82 13.77 -26.84
CA HIS A 89 0.06 13.92 -27.98
C HIS A 89 1.44 14.51 -27.62
N GLN A 90 1.59 15.14 -26.44
CA GLN A 90 2.85 15.76 -25.99
C GLN A 90 3.12 15.50 -24.50
N GLN A 91 2.08 15.55 -23.64
CA GLN A 91 2.22 15.28 -22.20
C GLN A 91 2.54 13.80 -22.03
N ARG A 92 3.29 13.46 -20.99
CA ARG A 92 3.71 12.10 -20.66
C ARG A 92 3.31 11.81 -19.22
N VAL A 93 3.63 10.61 -18.72
CA VAL A 93 3.34 10.22 -17.34
C VAL A 93 4.70 10.10 -16.63
N GLY A 94 4.74 10.41 -15.34
CA GLY A 94 5.95 10.35 -14.54
C GLY A 94 5.74 11.10 -13.23
N ASP A 95 5.32 12.36 -13.31
CA ASP A 95 5.06 13.24 -12.17
C ASP A 95 4.09 12.60 -11.16
N LEU A 96 3.12 11.80 -11.61
CA LEU A 96 2.15 11.15 -10.72
C LEU A 96 2.86 10.14 -9.84
N PHE A 97 3.79 9.36 -10.39
CA PHE A 97 4.56 8.35 -9.67
C PHE A 97 5.39 9.10 -8.63
N GLN A 98 6.06 10.17 -9.07
CA GLN A 98 6.91 11.02 -8.24
C GLN A 98 6.08 11.60 -7.07
N LYS A 99 4.78 11.87 -7.28
CA LYS A 99 3.90 12.40 -6.25
C LYS A 99 3.78 11.43 -5.08
N LEU A 100 3.93 10.13 -5.30
CA LEU A 100 3.84 9.13 -4.24
C LEU A 100 5.04 9.31 -3.29
N ALA A 101 6.24 9.44 -3.85
CA ALA A 101 7.47 9.61 -3.06
C ALA A 101 7.44 10.88 -2.20
N SER A 102 6.64 11.91 -2.57
CA SER A 102 6.54 13.14 -1.78
C SER A 102 6.01 12.86 -0.39
N GLN A 103 5.21 11.80 -0.26
CA GLN A 103 4.53 11.34 0.93
C GLN A 103 4.98 9.96 1.41
N LEU A 104 6.23 9.59 1.12
CA LEU A 104 6.82 8.32 1.56
C LEU A 104 6.87 8.34 3.11
N GLY A 105 7.16 9.50 3.72
CA GLY A 105 7.23 9.67 5.17
C GLY A 105 5.93 9.27 5.88
N VAL A 106 4.79 9.33 5.20
CA VAL A 106 3.50 8.94 5.78
C VAL A 106 3.54 7.46 6.16
N TYR A 107 4.19 6.62 5.34
CA TYR A 107 4.31 5.18 5.58
C TYR A 107 5.18 4.90 6.80
N ARG A 108 6.15 5.79 7.10
CA ARG A 108 7.01 5.62 8.27
C ARG A 108 6.15 5.68 9.53
N ALA A 109 5.16 6.58 9.60
CA ALA A 109 4.28 6.70 10.76
C ALA A 109 3.59 5.37 11.09
N PHE A 110 3.20 4.63 10.06
CA PHE A 110 2.55 3.34 10.20
C PHE A 110 3.55 2.34 10.78
N VAL A 111 4.74 2.18 10.17
CA VAL A 111 5.76 1.24 10.65
C VAL A 111 6.19 1.57 12.09
N ASP A 112 6.41 2.84 12.41
CA ASP A 112 6.84 3.32 13.74
C ASP A 112 5.89 2.89 14.86
N ASN A 113 4.61 2.70 14.56
CA ASN A 113 3.58 2.31 15.52
C ASN A 113 2.92 0.99 15.14
N TYR A 114 3.50 0.23 14.22
CA TYR A 114 2.93 -1.04 13.80
C TYR A 114 2.83 -2.00 14.98
N GLY A 115 3.92 -2.13 15.76
CA GLY A 115 3.99 -3.01 16.91
C GLY A 115 2.84 -2.78 17.88
N VAL A 116 2.53 -1.53 18.19
CA VAL A 116 1.45 -1.21 19.09
C VAL A 116 0.10 -1.32 18.37
N ALA A 117 0.00 -0.91 17.09
CA ALA A 117 -1.23 -0.95 16.30
C ALA A 117 -1.75 -2.38 16.20
N MET A 118 -0.88 -3.32 15.81
CA MET A 118 -1.26 -4.70 15.70
C MET A 118 -1.72 -5.24 17.05
N GLU A 119 -1.12 -4.76 18.15
CA GLU A 119 -1.48 -5.19 19.49
C GLU A 119 -2.88 -4.64 19.89
N MET A 120 -3.29 -3.49 19.34
CA MET A 120 -4.60 -2.89 19.60
C MET A 120 -5.66 -3.59 18.76
N ALA A 121 -5.28 -4.02 17.56
CA ALA A 121 -6.11 -4.71 16.59
C ALA A 121 -6.42 -6.15 17.00
N GLU A 122 -5.43 -6.90 17.44
CA GLU A 122 -5.61 -8.29 17.84
C GLU A 122 -6.61 -8.40 19.01
N LYS A 123 -6.39 -7.62 20.06
CA LYS A 123 -7.24 -7.63 21.26
C LYS A 123 -8.62 -7.13 20.93
N CYS A 124 -8.77 -6.28 19.91
CA CYS A 124 -10.06 -5.76 19.51
C CYS A 124 -11.00 -6.92 19.18
N CYS A 125 -10.47 -7.98 18.53
CA CYS A 125 -11.31 -9.14 18.19
C CYS A 125 -11.92 -9.81 19.42
N GLN A 126 -11.14 -9.97 20.50
CA GLN A 126 -11.64 -10.59 21.72
C GLN A 126 -12.42 -9.57 22.57
N ALA A 127 -12.09 -8.28 22.47
CA ALA A 127 -12.75 -7.21 23.21
C ALA A 127 -14.20 -7.06 22.76
N ASN A 128 -14.47 -7.13 21.45
CA ASN A 128 -15.81 -7.01 20.89
C ASN A 128 -15.94 -7.88 19.65
N ALA A 129 -16.87 -8.84 19.70
CA ALA A 129 -17.14 -9.76 18.61
C ALA A 129 -17.52 -9.05 17.31
N GLN A 130 -17.97 -7.78 17.37
CA GLN A 130 -18.33 -7.03 16.17
C GLN A 130 -17.11 -6.86 15.27
N PHE A 131 -15.92 -6.71 15.86
CA PHE A 131 -14.68 -6.57 15.11
C PHE A 131 -14.23 -7.95 14.60
N ALA A 132 -14.50 -9.01 15.37
CA ALA A 132 -14.14 -10.37 15.01
C ALA A 132 -14.89 -10.84 13.76
N GLU A 133 -16.17 -10.47 13.61
CA GLU A 133 -16.95 -10.89 12.46
C GLU A 133 -16.48 -10.19 11.18
N ILE A 134 -16.14 -8.91 11.21
CA ILE A 134 -15.66 -8.22 9.99
C ILE A 134 -14.29 -8.80 9.61
N SER A 135 -13.48 -9.19 10.59
CA SER A 135 -12.18 -9.78 10.32
C SER A 135 -12.33 -11.25 9.90
N GLU A 136 -13.51 -11.85 10.05
CA GLU A 136 -13.77 -13.24 9.65
C GLU A 136 -13.72 -13.34 8.13
N ASN A 137 -14.14 -12.25 7.51
CA ASN A 137 -14.20 -12.07 6.08
C ASN A 137 -12.80 -12.00 5.46
N LEU A 138 -11.79 -11.79 6.28
CA LEU A 138 -10.39 -11.67 5.90
C LEU A 138 -9.69 -13.00 6.17
N ARG A 139 -8.41 -13.12 5.82
CA ARG A 139 -7.67 -14.37 6.03
C ARG A 139 -7.06 -14.47 7.43
N ALA A 140 -7.91 -14.39 8.46
CA ALA A 140 -7.50 -14.46 9.85
C ALA A 140 -8.66 -14.97 10.71
N ARG A 141 -8.43 -15.13 12.02
CA ARG A 141 -9.44 -15.58 12.97
C ARG A 141 -9.07 -15.12 14.38
N SER A 142 -9.91 -15.47 15.35
CA SER A 142 -9.74 -15.17 16.77
C SER A 142 -9.47 -16.53 17.47
N ASN A 143 -9.77 -16.67 18.77
CA ASN A 143 -9.59 -17.89 19.57
C ASN A 143 -8.19 -18.50 19.41
N LYS A 144 -7.22 -17.90 20.10
CA LYS A 144 -5.84 -18.37 20.11
C LYS A 144 -5.79 -19.61 21.02
N ASP A 145 -4.60 -20.09 21.35
CA ASP A 145 -4.36 -21.26 22.22
C ASP A 145 -5.10 -21.14 23.56
N ALA A 146 -5.43 -19.92 23.97
CA ALA A 146 -6.18 -19.62 25.19
C ALA A 146 -7.60 -20.23 25.16
N LYS A 147 -8.10 -20.67 23.99
CA LYS A 147 -9.41 -21.27 23.81
C LYS A 147 -9.38 -22.45 22.85
N ASP A 148 -8.64 -22.38 21.75
CA ASP A 148 -8.58 -23.46 20.77
C ASP A 148 -7.13 -23.72 20.37
N PRO A 149 -6.69 -24.97 20.18
CA PRO A 149 -5.32 -25.28 19.79
C PRO A 149 -5.04 -24.91 18.31
N THR A 150 -6.07 -24.45 17.60
CA THR A 150 -5.96 -24.07 16.22
C THR A 150 -5.11 -22.80 16.09
N THR A 151 -3.94 -22.91 15.46
CA THR A 151 -3.04 -21.80 15.23
C THR A 151 -3.25 -21.44 13.77
N LYS A 152 -3.44 -20.15 13.51
CA LYS A 152 -3.71 -19.59 12.21
C LYS A 152 -3.19 -18.16 12.17
N ASN A 153 -3.53 -17.41 11.12
CA ASN A 153 -3.09 -16.05 10.96
C ASN A 153 -4.05 -15.14 11.72
N SER A 154 -3.59 -13.93 11.99
CA SER A 154 -4.31 -12.90 12.71
C SER A 154 -4.15 -11.57 11.96
N LEU A 155 -4.77 -10.49 12.44
CA LEU A 155 -4.68 -9.17 11.79
C LEU A 155 -3.23 -8.70 11.65
N GLU A 156 -2.29 -9.20 12.46
CA GLU A 156 -0.88 -8.82 12.36
C GLU A 156 -0.34 -9.26 11.00
N THR A 157 -0.71 -10.49 10.59
CA THR A 157 -0.34 -11.13 9.36
C THR A 157 -1.04 -10.41 8.19
N LEU A 158 -2.31 -10.00 8.40
CA LEU A 158 -3.08 -9.31 7.38
C LEU A 158 -2.42 -7.98 7.03
N LEU A 159 -1.82 -7.28 8.01
CA LEU A 159 -1.16 -6.02 7.72
C LEU A 159 0.15 -6.30 6.96
N TYR A 160 0.85 -7.41 7.26
CA TYR A 160 2.11 -7.72 6.58
C TYR A 160 1.91 -8.20 5.13
N LYS A 161 0.76 -8.83 4.83
CA LYS A 161 0.43 -9.33 3.48
C LYS A 161 0.67 -8.26 2.40
N PRO A 162 0.00 -7.10 2.43
CA PRO A 162 0.21 -6.05 1.43
C PRO A 162 1.59 -5.40 1.59
N VAL A 163 2.16 -5.33 2.80
CA VAL A 163 3.47 -4.73 3.06
C VAL A 163 4.56 -5.48 2.28
N ASP A 164 4.48 -6.82 2.19
CA ASP A 164 5.45 -7.62 1.44
C ASP A 164 5.43 -7.20 -0.03
N ARG A 165 4.27 -6.79 -0.57
CA ARG A 165 4.19 -6.34 -1.95
C ARG A 165 5.06 -5.10 -2.13
N VAL A 166 5.01 -4.18 -1.17
CA VAL A 166 5.76 -2.93 -1.22
C VAL A 166 7.27 -3.17 -1.35
N THR A 167 7.89 -4.21 -0.78
CA THR A 167 9.34 -4.39 -0.97
C THR A 167 9.64 -4.64 -2.45
N ARG A 168 8.79 -5.44 -3.10
CA ARG A 168 8.87 -5.81 -4.51
C ARG A 168 8.39 -4.67 -5.41
N SER A 169 7.67 -3.67 -4.90
CA SER A 169 7.17 -2.58 -5.71
C SER A 169 8.31 -1.78 -6.37
N THR A 170 9.38 -1.48 -5.63
CA THR A 170 10.51 -0.70 -6.13
C THR A 170 11.22 -1.37 -7.30
N LEU A 171 11.08 -2.70 -7.49
CA LEU A 171 11.72 -3.35 -8.62
C LEU A 171 11.06 -2.91 -9.92
N VAL A 172 9.74 -2.65 -9.91
CA VAL A 172 8.99 -2.24 -11.09
C VAL A 172 9.51 -0.89 -11.61
N LEU A 173 10.04 -0.05 -10.72
CA LEU A 173 10.57 1.25 -11.11
C LEU A 173 11.74 1.06 -12.07
N HIS A 174 12.51 -0.03 -11.95
CA HIS A 174 13.64 -0.29 -12.85
C HIS A 174 13.11 -0.60 -14.25
N ASP A 175 11.93 -1.22 -14.37
CA ASP A 175 11.33 -1.58 -15.66
C ASP A 175 10.76 -0.31 -16.28
N LEU A 176 10.06 0.50 -15.48
CA LEU A 176 9.46 1.76 -15.92
C LEU A 176 10.58 2.67 -16.45
N LEU A 177 11.66 2.84 -15.69
CA LEU A 177 12.77 3.68 -16.10
C LEU A 177 13.59 3.04 -17.23
N LYS A 178 13.68 1.70 -17.34
CA LYS A 178 14.46 1.06 -18.40
C LYS A 178 13.94 1.47 -19.77
N HIS A 179 12.62 1.42 -19.97
CA HIS A 179 12.04 1.77 -21.25
C HIS A 179 12.09 3.29 -21.46
N THR A 180 12.15 4.09 -20.39
CA THR A 180 12.24 5.53 -20.49
C THR A 180 13.61 5.86 -21.08
N PRO A 181 13.71 6.65 -22.16
CA PRO A 181 15.01 6.96 -22.73
C PRO A 181 15.80 7.76 -21.70
N ALA A 182 17.09 7.46 -21.54
CA ALA A 182 17.95 8.17 -20.59
C ALA A 182 18.01 9.67 -20.91
N SER A 183 17.62 10.06 -22.13
CA SER A 183 17.58 11.43 -22.59
C SER A 183 16.41 12.22 -21.96
N HIS A 184 15.37 11.54 -21.43
CA HIS A 184 14.21 12.20 -20.83
C HIS A 184 14.52 12.70 -19.41
N PRO A 185 13.81 13.75 -18.94
CA PRO A 185 14.00 14.30 -17.60
C PRO A 185 13.42 13.35 -16.54
N ASP A 186 12.50 12.48 -16.96
CA ASP A 186 11.84 11.49 -16.11
C ASP A 186 12.83 10.41 -15.68
N HIS A 187 13.93 10.21 -16.42
CA HIS A 187 14.95 9.21 -16.11
C HIS A 187 15.65 9.49 -14.77
N PRO A 188 16.35 10.63 -14.53
CA PRO A 188 17.01 10.89 -13.26
C PRO A 188 15.97 11.03 -12.13
N LEU A 189 14.79 11.55 -12.47
CA LEU A 189 13.67 11.74 -11.56
C LEU A 189 13.28 10.39 -10.97
N LEU A 190 13.12 9.37 -11.83
CA LEU A 190 12.76 8.02 -11.40
C LEU A 190 13.85 7.48 -10.49
N GLN A 191 15.13 7.72 -10.82
CA GLN A 191 16.27 7.25 -10.03
C GLN A 191 16.25 7.81 -8.61
N ASP A 192 15.93 9.10 -8.40
CA ASP A 192 15.87 9.70 -7.07
C ASP A 192 14.66 9.19 -6.29
N ALA A 193 13.47 9.18 -6.92
CA ALA A 193 12.24 8.70 -6.28
C ALA A 193 12.47 7.26 -5.81
N LEU A 194 13.03 6.42 -6.70
CA LEU A 194 13.35 5.03 -6.43
C LEU A 194 14.37 4.98 -5.30
N ARG A 195 15.40 5.84 -5.31
CA ARG A 195 16.41 5.82 -4.27
C ARG A 195 15.79 6.02 -2.88
N ILE A 196 15.00 7.08 -2.69
CA ILE A 196 14.39 7.35 -1.38
C ILE A 196 13.40 6.25 -0.98
N SER A 197 12.53 5.79 -1.89
CA SER A 197 11.58 4.74 -1.55
C SER A 197 12.33 3.43 -1.20
N GLN A 198 13.39 3.07 -1.95
CA GLN A 198 14.19 1.87 -1.73
C GLN A 198 14.90 1.98 -0.38
N ASN A 199 15.47 3.14 -0.08
CA ASN A 199 16.18 3.41 1.15
C ASN A 199 15.31 3.10 2.37
N PHE A 200 14.06 3.57 2.37
CA PHE A 200 13.14 3.36 3.48
C PHE A 200 12.81 1.88 3.67
N LEU A 201 12.32 1.19 2.62
CA LEU A 201 11.95 -0.22 2.73
C LEU A 201 13.13 -1.14 3.01
N SER A 202 14.28 -0.85 2.42
CA SER A 202 15.47 -1.66 2.64
C SER A 202 16.04 -1.40 4.04
N SER A 203 15.68 -0.28 4.70
CA SER A 203 16.16 0.00 6.05
C SER A 203 15.36 -0.85 7.02
N ILE A 204 14.02 -0.74 6.96
CA ILE A 204 13.10 -1.47 7.83
C ILE A 204 13.11 -2.98 7.55
N ASN A 205 14.02 -3.49 6.72
CA ASN A 205 14.12 -4.90 6.40
C ASN A 205 14.19 -5.73 7.68
N GLU A 206 15.06 -5.36 8.63
CA GLU A 206 15.15 -6.10 9.89
C GLU A 206 13.93 -5.81 10.77
N GLU A 207 13.29 -4.65 10.65
CA GLU A 207 12.10 -4.31 11.42
C GLU A 207 10.94 -5.24 11.06
N ILE A 208 10.86 -5.68 9.79
CA ILE A 208 9.82 -6.57 9.28
C ILE A 208 10.43 -7.83 8.65
N THR A 209 10.92 -8.73 9.51
CA THR A 209 11.51 -10.02 9.11
C THR A 209 10.52 -11.14 9.48
N PRO A 210 10.61 -12.33 8.86
CA PRO A 210 9.70 -13.43 9.16
C PRO A 210 10.08 -14.23 10.41
N ARG A 211 11.33 -14.19 10.89
CA ARG A 211 11.84 -14.89 12.07
C ARG A 211 11.41 -16.37 12.13
N ARG A 212 12.05 -17.22 11.32
CA ARG A 212 11.76 -18.65 11.29
C ARG A 212 12.01 -19.20 12.70
N GLN A 213 10.97 -19.74 13.33
CA GLN A 213 11.06 -20.29 14.68
C GLN A 213 11.69 -21.69 14.65
N SER A 214 11.97 -22.25 15.82
CA SER A 214 12.57 -23.58 16.02
C SER A 214 11.84 -24.31 17.15
N MET A 215 12.40 -25.42 17.63
CA MET A 215 11.89 -26.24 18.72
C MET A 215 13.09 -26.63 19.59
N THR A 216 12.89 -26.86 20.89
CA THR A 216 13.96 -27.24 21.80
C THR A 216 14.24 -28.75 21.68
N VAL A 217 15.20 -29.24 22.48
CA VAL A 217 15.59 -30.64 22.52
C VAL A 217 15.94 -30.99 23.98
N LYS A 218 15.96 -32.30 24.25
CA LYS A 218 16.25 -32.91 25.55
C LYS A 218 15.22 -32.45 26.58
N ALA A 1 -1.39 20.75 -31.13
CA ALA A 1 -0.06 20.99 -31.72
C ALA A 1 0.88 20.06 -30.97
N MET A 2 1.39 19.04 -31.65
CA MET A 2 2.27 18.02 -31.11
C MET A 2 3.06 17.41 -32.26
N ALA A 3 3.94 16.45 -31.97
CA ALA A 3 4.69 15.78 -33.01
C ALA A 3 3.69 14.87 -33.76
N SER A 4 4.04 14.42 -34.96
CA SER A 4 3.19 13.56 -35.77
C SER A 4 2.89 12.27 -35.00
N GLU A 5 1.64 12.08 -34.61
CA GLU A 5 1.15 10.94 -33.85
C GLU A 5 1.45 9.61 -34.53
N LEU A 6 1.64 9.59 -35.85
CA LEU A 6 1.95 8.36 -36.59
C LEU A 6 3.24 7.75 -36.04
N ASP A 7 4.20 8.57 -35.62
CA ASP A 7 5.45 8.08 -35.04
C ASP A 7 5.30 7.88 -33.53
N LEU A 8 4.44 8.68 -32.89
CA LEU A 8 4.22 8.61 -31.45
C LEU A 8 3.53 7.29 -31.09
N GLU A 9 2.76 6.70 -31.99
CA GLU A 9 2.06 5.45 -31.76
C GLU A 9 3.04 4.36 -31.30
N LYS A 10 4.22 4.26 -31.92
CA LYS A 10 5.23 3.25 -31.53
C LYS A 10 5.60 3.43 -30.07
N GLY A 11 5.64 4.69 -29.60
CA GLY A 11 5.95 5.01 -28.23
C GLY A 11 4.73 4.78 -27.34
N LEU A 12 3.53 5.14 -27.80
CA LEU A 12 2.26 5.00 -27.08
C LEU A 12 2.08 3.57 -26.66
N GLU A 13 2.28 2.62 -27.57
CA GLU A 13 2.15 1.18 -27.33
C GLU A 13 2.92 0.79 -26.08
N MET A 14 4.22 1.09 -26.03
CA MET A 14 5.04 0.75 -24.87
C MET A 14 4.61 1.51 -23.61
N ARG A 15 4.32 2.81 -23.71
CA ARG A 15 3.92 3.58 -22.53
C ARG A 15 2.62 3.03 -21.97
N LYS A 16 1.60 2.78 -22.80
CA LYS A 16 0.34 2.25 -22.32
C LYS A 16 0.58 0.87 -21.73
N TRP A 17 1.35 -0.01 -22.37
CA TRP A 17 1.63 -1.37 -21.86
C TRP A 17 2.15 -1.32 -20.41
N VAL A 18 3.11 -0.44 -20.14
CA VAL A 18 3.69 -0.30 -18.81
C VAL A 18 2.66 0.23 -17.83
N LEU A 19 1.94 1.30 -18.18
CA LEU A 19 0.93 1.88 -17.30
C LEU A 19 -0.23 0.91 -17.05
N SER A 20 -0.58 0.05 -18.00
CA SER A 20 -1.69 -0.90 -17.86
C SER A 20 -1.54 -1.75 -16.61
N GLY A 21 -0.34 -2.27 -16.32
CA GLY A 21 -0.12 -3.09 -15.13
C GLY A 21 -0.50 -2.34 -13.86
N ILE A 22 -0.35 -1.02 -13.82
CA ILE A 22 -0.71 -0.22 -12.65
C ILE A 22 -2.23 0.00 -12.54
N LEU A 23 -2.91 0.55 -13.54
CA LEU A 23 -4.36 0.82 -13.51
C LEU A 23 -5.15 -0.48 -13.46
N ALA A 24 -4.74 -1.52 -14.18
CA ALA A 24 -5.46 -2.80 -14.19
C ALA A 24 -5.39 -3.49 -12.84
N SER A 25 -4.24 -3.40 -12.17
CA SER A 25 -4.02 -4.00 -10.87
C SER A 25 -4.80 -3.19 -9.83
N GLU A 26 -4.65 -1.86 -9.85
CA GLU A 26 -5.31 -0.99 -8.89
C GLU A 26 -6.82 -1.04 -9.07
N GLU A 27 -7.36 -1.06 -10.28
CA GLU A 27 -8.80 -1.10 -10.54
C GLU A 27 -9.46 -2.19 -9.66
N THR A 28 -9.00 -3.43 -9.83
CA THR A 28 -9.53 -4.56 -9.10
C THR A 28 -9.04 -4.59 -7.64
N TYR A 29 -7.81 -4.14 -7.33
CA TYR A 29 -7.29 -4.14 -5.96
C TYR A 29 -8.09 -3.19 -5.08
N LEU A 30 -8.58 -2.07 -5.63
CA LEU A 30 -9.37 -1.12 -4.86
C LEU A 30 -10.54 -1.83 -4.20
N SER A 31 -11.07 -2.90 -4.79
CA SER A 31 -12.17 -3.68 -4.25
C SER A 31 -11.73 -4.35 -2.93
N HIS A 32 -10.52 -4.91 -2.91
CA HIS A 32 -9.91 -5.58 -1.76
C HIS A 32 -9.73 -4.59 -0.62
N LEU A 33 -9.16 -3.42 -0.92
CA LEU A 33 -8.92 -2.36 0.06
C LEU A 33 -10.22 -1.74 0.55
N GLU A 34 -11.20 -1.52 -0.34
CA GLU A 34 -12.49 -0.93 -0.01
C GLU A 34 -13.13 -1.77 1.09
N ALA A 35 -13.14 -3.09 0.96
CA ALA A 35 -13.73 -3.99 1.94
C ALA A 35 -13.11 -3.85 3.33
N LEU A 36 -11.88 -3.33 3.45
CA LEU A 36 -11.18 -3.13 4.71
C LEU A 36 -11.57 -1.77 5.30
N LEU A 37 -11.68 -0.73 4.48
CA LEU A 37 -12.07 0.61 4.94
C LEU A 37 -13.60 0.75 5.05
N LEU A 38 -14.37 -0.19 4.51
CA LEU A 38 -15.83 -0.22 4.53
C LEU A 38 -16.35 0.03 5.96
N PRO A 39 -16.00 -0.77 6.99
CA PRO A 39 -16.45 -0.52 8.35
C PRO A 39 -15.68 0.66 8.97
N MET A 40 -14.45 0.95 8.53
CA MET A 40 -13.64 2.05 9.06
C MET A 40 -14.38 3.37 8.87
N LYS A 41 -15.03 3.57 7.70
CA LYS A 41 -15.80 4.78 7.36
C LYS A 41 -16.74 5.18 8.51
N PRO A 42 -17.78 4.38 8.85
CA PRO A 42 -18.68 4.73 9.93
C PRO A 42 -17.97 4.67 11.29
N LEU A 43 -17.02 3.77 11.51
CA LEU A 43 -16.32 3.67 12.80
C LEU A 43 -15.60 4.97 13.14
N LYS A 44 -14.84 5.57 12.21
CA LYS A 44 -14.13 6.81 12.49
C LYS A 44 -15.14 7.93 12.75
N ALA A 45 -16.31 7.90 12.11
CA ALA A 45 -17.36 8.89 12.33
C ALA A 45 -18.01 8.63 13.70
N ALA A 46 -18.03 7.37 14.18
CA ALA A 46 -18.59 7.01 15.47
C ALA A 46 -17.62 7.42 16.59
N ALA A 47 -16.31 7.39 16.30
CA ALA A 47 -15.22 7.74 17.21
C ALA A 47 -15.34 9.16 17.78
N THR A 48 -16.20 10.00 17.21
CA THR A 48 -16.42 11.38 17.63
C THR A 48 -17.91 11.63 18.00
N THR A 49 -18.70 10.58 18.29
CA THR A 49 -20.09 10.68 18.67
C THR A 49 -20.30 9.80 19.90
N SER A 50 -20.83 10.41 20.96
CA SER A 50 -21.12 9.76 22.22
C SER A 50 -19.92 8.94 22.69
N GLN A 51 -20.13 7.69 23.08
CA GLN A 51 -19.11 6.77 23.57
C GLN A 51 -19.19 5.46 22.78
N PRO A 52 -18.35 5.27 21.75
CA PRO A 52 -18.36 4.04 20.97
C PRO A 52 -17.80 2.89 21.82
N VAL A 53 -17.85 1.67 21.30
CA VAL A 53 -17.35 0.47 21.97
C VAL A 53 -15.80 0.45 22.02
N LEU A 54 -15.16 1.38 21.30
CA LEU A 54 -13.71 1.59 21.14
C LEU A 54 -13.43 3.06 21.44
N THR A 55 -12.16 3.43 21.63
CA THR A 55 -11.78 4.82 21.89
C THR A 55 -11.12 5.37 20.62
N SER A 56 -11.11 6.70 20.50
CA SER A 56 -10.52 7.44 19.41
C SER A 56 -9.03 7.12 19.29
N GLN A 57 -8.33 6.81 20.40
CA GLN A 57 -6.91 6.48 20.37
C GLN A 57 -6.65 5.14 19.68
N GLN A 58 -7.56 4.17 19.80
CA GLN A 58 -7.39 2.88 19.16
C GLN A 58 -7.57 3.06 17.66
N ILE A 59 -8.65 3.75 17.29
CA ILE A 59 -9.00 4.02 15.91
C ILE A 59 -7.88 4.79 15.23
N GLU A 60 -7.33 5.85 15.83
CA GLU A 60 -6.25 6.62 15.22
C GLU A 60 -4.92 5.86 15.11
N THR A 61 -4.74 4.74 15.84
CA THR A 61 -3.51 3.97 15.77
C THR A 61 -3.62 2.92 14.66
N ILE A 62 -4.66 2.09 14.70
CA ILE A 62 -4.90 1.03 13.72
C ILE A 62 -5.20 1.64 12.35
N PHE A 63 -6.20 2.53 12.28
CA PHE A 63 -6.63 3.17 11.05
C PHE A 63 -5.92 4.50 10.83
N PHE A 64 -4.72 4.67 11.40
CA PHE A 64 -3.88 5.87 11.31
C PHE A 64 -3.84 6.42 9.90
N LYS A 65 -3.65 5.55 8.90
CA LYS A 65 -3.56 5.91 7.49
C LYS A 65 -4.29 4.99 6.51
N VAL A 66 -5.03 3.96 6.95
CA VAL A 66 -5.77 3.06 6.06
C VAL A 66 -6.54 3.81 4.95
N PRO A 67 -7.44 4.77 5.26
CA PRO A 67 -8.18 5.47 4.19
C PRO A 67 -7.28 6.37 3.36
N GLU A 68 -6.21 6.93 3.92
CA GLU A 68 -5.31 7.80 3.16
C GLU A 68 -4.62 6.98 2.08
N LEU A 69 -4.20 5.73 2.37
CA LEU A 69 -3.59 4.89 1.33
C LEU A 69 -4.58 4.72 0.16
N TYR A 70 -5.87 4.52 0.46
CA TYR A 70 -6.90 4.37 -0.55
C TYR A 70 -6.99 5.66 -1.38
N GLU A 71 -7.13 6.79 -0.69
CA GLU A 71 -7.24 8.12 -1.26
C GLU A 71 -6.06 8.47 -2.17
N ILE A 72 -4.83 8.15 -1.75
CA ILE A 72 -3.61 8.42 -2.50
C ILE A 72 -3.57 7.52 -3.73
N HIS A 73 -3.71 6.20 -3.58
CA HIS A 73 -3.66 5.29 -4.71
C HIS A 73 -4.70 5.62 -5.76
N LYS A 74 -5.98 5.82 -5.42
CA LYS A 74 -6.97 6.17 -6.44
C LYS A 74 -6.69 7.55 -7.00
N GLU A 75 -6.16 8.53 -6.27
CA GLU A 75 -5.91 9.84 -6.90
C GLU A 75 -4.86 9.70 -8.00
N PHE A 76 -3.92 8.79 -7.80
CA PHE A 76 -2.84 8.44 -8.67
C PHE A 76 -3.38 7.60 -9.85
N TYR A 77 -4.08 6.49 -9.57
CA TYR A 77 -4.67 5.57 -10.55
C TYR A 77 -5.75 6.27 -11.36
N ASP A 78 -6.71 6.91 -10.70
CA ASP A 78 -7.81 7.57 -11.40
C ASP A 78 -7.25 8.72 -12.24
N GLY A 79 -6.15 9.35 -11.78
CA GLY A 79 -5.48 10.45 -12.47
C GLY A 79 -4.68 9.92 -13.67
N LEU A 80 -4.34 8.63 -13.67
CA LEU A 80 -3.58 7.97 -14.71
C LEU A 80 -4.47 7.73 -15.93
N PHE A 81 -5.76 7.42 -15.74
CA PHE A 81 -6.71 7.16 -16.83
C PHE A 81 -6.74 8.27 -17.89
N PRO A 82 -7.09 9.54 -17.58
CA PRO A 82 -7.14 10.59 -18.59
C PRO A 82 -5.76 10.87 -19.19
N ARG A 83 -4.70 10.65 -18.41
CA ARG A 83 -3.33 10.87 -18.81
C ARG A 83 -2.97 9.91 -19.94
N VAL A 84 -3.22 8.60 -19.77
CA VAL A 84 -2.92 7.64 -20.83
C VAL A 84 -3.87 7.83 -22.01
N GLN A 85 -5.14 8.21 -21.77
CA GLN A 85 -6.14 8.44 -22.81
C GLN A 85 -5.71 9.54 -23.77
N GLN A 86 -5.19 10.67 -23.25
CA GLN A 86 -4.73 11.78 -24.07
C GLN A 86 -3.40 12.25 -23.49
N TRP A 87 -2.30 11.63 -23.91
CA TRP A 87 -1.00 12.04 -23.44
C TRP A 87 -0.76 13.51 -23.81
N SER A 88 -0.04 14.25 -22.96
CA SER A 88 0.25 15.66 -23.19
C SER A 88 1.10 15.82 -24.44
N HIS A 89 0.89 16.94 -25.13
CA HIS A 89 1.64 17.26 -26.35
C HIS A 89 3.13 17.41 -26.04
N GLN A 90 3.48 17.97 -24.86
CA GLN A 90 4.85 18.20 -24.44
C GLN A 90 4.97 18.05 -22.91
N GLN A 91 4.80 16.84 -22.37
CA GLN A 91 4.93 16.56 -20.95
C GLN A 91 4.96 15.05 -20.72
N ARG A 92 5.99 14.58 -20.02
CA ARG A 92 6.19 13.17 -19.68
C ARG A 92 5.31 12.76 -18.50
N VAL A 93 5.32 11.47 -18.19
CA VAL A 93 4.59 10.89 -17.07
C VAL A 93 5.68 10.45 -16.09
N GLY A 94 5.60 10.91 -14.84
CA GLY A 94 6.58 10.58 -13.82
C GLY A 94 6.41 11.39 -12.53
N ASP A 95 5.82 12.60 -12.61
CA ASP A 95 5.60 13.49 -11.47
C ASP A 95 4.75 12.84 -10.39
N LEU A 96 3.69 12.15 -10.81
CA LEU A 96 2.74 11.46 -9.94
C LEU A 96 3.47 10.50 -9.00
N PHE A 97 4.46 9.79 -9.53
CA PHE A 97 5.24 8.83 -8.76
C PHE A 97 6.21 9.52 -7.81
N GLN A 98 6.77 10.68 -8.17
CA GLN A 98 7.69 11.38 -7.27
C GLN A 98 6.98 11.74 -5.97
N LYS A 99 5.69 12.14 -6.02
CA LYS A 99 4.96 12.47 -4.82
C LYS A 99 4.91 11.26 -3.88
N LEU A 100 4.76 10.05 -4.42
CA LEU A 100 4.72 8.80 -3.63
C LEU A 100 5.98 8.67 -2.78
N ALA A 101 7.14 9.06 -3.33
CA ALA A 101 8.40 9.01 -2.59
C ALA A 101 8.44 10.18 -1.60
N SER A 102 8.05 11.38 -2.05
CA SER A 102 8.01 12.60 -1.26
C SER A 102 7.08 12.47 -0.03
N GLN A 103 6.10 11.57 -0.07
CA GLN A 103 5.15 11.32 1.01
C GLN A 103 5.49 10.06 1.81
N LEU A 104 6.68 9.45 1.61
CA LEU A 104 7.09 8.26 2.35
C LEU A 104 7.07 8.49 3.85
N GLY A 105 7.17 9.74 4.33
CA GLY A 105 7.14 10.05 5.74
C GLY A 105 5.83 9.56 6.37
N VAL A 106 4.72 9.59 5.60
CA VAL A 106 3.39 9.15 6.00
C VAL A 106 3.38 7.63 6.13
N TYR A 107 4.12 6.93 5.25
CA TYR A 107 4.22 5.48 5.25
C TYR A 107 5.07 5.07 6.46
N ARG A 108 6.21 5.72 6.66
CA ARG A 108 7.13 5.48 7.78
C ARG A 108 6.37 5.72 9.09
N ALA A 109 5.60 6.80 9.18
CA ALA A 109 4.82 7.16 10.36
C ALA A 109 3.93 6.00 10.82
N PHE A 110 3.28 5.30 9.88
CA PHE A 110 2.42 4.16 10.18
C PHE A 110 3.26 3.01 10.73
N VAL A 111 4.38 2.68 10.07
CA VAL A 111 5.24 1.59 10.54
C VAL A 111 5.83 1.95 11.92
N ASP A 112 6.03 3.24 12.21
CA ASP A 112 6.56 3.73 13.49
C ASP A 112 5.57 3.43 14.65
N ASN A 113 4.37 2.93 14.34
CA ASN A 113 3.32 2.56 15.29
C ASN A 113 2.79 1.13 15.02
N TYR A 114 3.53 0.31 14.25
CA TYR A 114 3.11 -1.04 13.89
C TYR A 114 2.86 -1.98 15.09
N GLY A 115 3.84 -2.12 15.98
CA GLY A 115 3.74 -3.00 17.14
C GLY A 115 2.60 -2.64 18.09
N VAL A 116 2.31 -1.34 18.22
CA VAL A 116 1.23 -0.88 19.08
C VAL A 116 -0.11 -1.08 18.37
N ALA A 117 -0.20 -0.85 17.06
CA ALA A 117 -1.45 -1.05 16.33
C ALA A 117 -1.94 -2.49 16.48
N MET A 118 -1.03 -3.47 16.36
CA MET A 118 -1.42 -4.88 16.50
C MET A 118 -1.82 -5.21 17.93
N GLU A 119 -1.14 -4.61 18.91
CA GLU A 119 -1.39 -4.79 20.34
C GLU A 119 -2.79 -4.28 20.68
N MET A 120 -3.18 -3.11 20.16
CA MET A 120 -4.51 -2.57 20.42
C MET A 120 -5.55 -3.46 19.72
N ALA A 121 -5.22 -3.94 18.54
CA ALA A 121 -6.11 -4.76 17.75
C ALA A 121 -6.44 -6.09 18.43
N GLU A 122 -5.42 -6.81 18.88
CA GLU A 122 -5.59 -8.11 19.54
C GLU A 122 -6.30 -7.93 20.89
N LYS A 123 -5.90 -6.93 21.69
CA LYS A 123 -6.53 -6.72 22.98
C LYS A 123 -8.01 -6.37 22.79
N CYS A 124 -8.34 -5.60 21.76
CA CYS A 124 -9.74 -5.25 21.50
C CYS A 124 -10.49 -6.50 21.04
N CYS A 125 -9.86 -7.44 20.32
CA CYS A 125 -10.52 -8.66 19.88
C CYS A 125 -11.06 -9.44 21.09
N GLN A 126 -10.27 -9.59 22.14
CA GLN A 126 -10.72 -10.32 23.33
C GLN A 126 -11.62 -9.49 24.27
N ALA A 127 -11.73 -8.17 24.07
CA ALA A 127 -12.55 -7.30 24.93
C ALA A 127 -13.76 -6.63 24.27
N ASN A 128 -13.86 -6.58 22.95
CA ASN A 128 -14.93 -5.93 22.20
C ASN A 128 -15.42 -6.87 21.10
N ALA A 129 -16.61 -7.46 21.26
CA ALA A 129 -17.20 -8.39 20.31
C ALA A 129 -17.21 -7.88 18.86
N GLN A 130 -17.42 -6.57 18.62
CA GLN A 130 -17.43 -6.01 17.26
C GLN A 130 -16.11 -6.29 16.53
N PHE A 131 -14.99 -6.35 17.26
CA PHE A 131 -13.67 -6.67 16.73
C PHE A 131 -13.53 -8.19 16.58
N ALA A 132 -14.03 -8.94 17.57
CA ALA A 132 -13.98 -10.40 17.62
C ALA A 132 -14.67 -11.07 16.43
N GLU A 133 -15.92 -10.70 16.15
CA GLU A 133 -16.73 -11.24 15.07
C GLU A 133 -16.04 -11.11 13.72
N ILE A 134 -15.44 -9.97 13.41
CA ILE A 134 -14.74 -9.77 12.15
C ILE A 134 -13.41 -10.54 12.13
N SER A 135 -12.75 -10.71 13.28
CA SER A 135 -11.50 -11.46 13.37
C SER A 135 -11.76 -12.96 13.21
N GLU A 136 -12.97 -13.44 13.53
CA GLU A 136 -13.31 -14.86 13.41
C GLU A 136 -13.34 -15.27 11.94
N ASN A 137 -13.52 -14.29 11.05
CA ASN A 137 -13.58 -14.53 9.63
C ASN A 137 -12.27 -15.06 9.06
N LEU A 138 -11.13 -14.55 9.56
CA LEU A 138 -9.78 -14.96 9.15
C LEU A 138 -9.25 -16.03 10.11
N ARG A 139 -8.03 -16.53 9.89
CA ARG A 139 -7.41 -17.57 10.73
C ARG A 139 -6.87 -16.99 12.04
N ALA A 140 -7.75 -16.41 12.84
CA ALA A 140 -7.42 -15.82 14.14
C ALA A 140 -8.09 -16.65 15.22
N ARG A 141 -9.41 -16.56 15.37
CA ARG A 141 -10.21 -17.28 16.37
C ARG A 141 -9.79 -16.88 17.81
N SER A 142 -10.59 -17.26 18.79
CA SER A 142 -10.39 -17.01 20.20
C SER A 142 -9.62 -18.19 20.81
N ASN A 143 -8.29 -18.08 20.96
CA ASN A 143 -7.49 -19.14 21.55
C ASN A 143 -6.25 -18.54 22.25
N LYS A 144 -5.71 -19.26 23.23
CA LYS A 144 -4.54 -18.92 24.04
C LYS A 144 -3.33 -18.55 23.22
N ASP A 145 -3.26 -18.97 21.96
CA ASP A 145 -2.18 -18.68 21.03
C ASP A 145 -1.98 -17.17 20.93
N ALA A 146 -3.04 -16.37 21.11
CA ALA A 146 -3.01 -14.92 21.05
C ALA A 146 -2.08 -14.28 22.08
N LYS A 147 -1.63 -15.00 23.12
CA LYS A 147 -0.73 -14.44 24.12
C LYS A 147 0.71 -14.43 23.65
N ASP A 148 1.05 -15.18 22.61
CA ASP A 148 2.41 -15.19 22.05
C ASP A 148 2.52 -14.00 21.10
N PRO A 149 3.72 -13.54 20.72
CA PRO A 149 3.84 -12.42 19.81
C PRO A 149 3.34 -12.84 18.41
N THR A 150 3.62 -14.08 18.00
CA THR A 150 3.23 -14.69 16.75
C THR A 150 3.02 -16.18 17.01
N THR A 151 1.97 -16.75 16.42
CA THR A 151 1.57 -18.16 16.56
C THR A 151 0.56 -18.55 15.48
N LYS A 152 -0.36 -17.63 15.18
CA LYS A 152 -1.45 -17.74 14.22
C LYS A 152 -1.59 -16.39 13.51
N ASN A 153 -2.65 -16.20 12.70
CA ASN A 153 -2.86 -14.94 12.01
C ASN A 153 -3.70 -14.04 12.92
N SER A 154 -3.43 -12.73 12.87
CA SER A 154 -4.14 -11.72 13.66
C SER A 154 -4.45 -10.52 12.76
N LEU A 155 -5.13 -9.49 13.29
CA LEU A 155 -5.47 -8.27 12.53
C LEU A 155 -4.24 -7.71 11.84
N GLU A 156 -3.06 -7.85 12.45
CA GLU A 156 -1.77 -7.40 11.95
C GLU A 156 -1.56 -7.81 10.48
N THR A 157 -2.10 -8.96 10.04
CA THR A 157 -1.99 -9.47 8.69
C THR A 157 -2.72 -8.57 7.68
N LEU A 158 -3.86 -7.97 8.05
CA LEU A 158 -4.59 -7.09 7.14
C LEU A 158 -3.77 -5.83 6.91
N LEU A 159 -3.06 -5.35 7.93
CA LEU A 159 -2.20 -4.17 7.82
C LEU A 159 -0.91 -4.55 7.10
N TYR A 160 -0.53 -5.85 7.10
CA TYR A 160 0.69 -6.35 6.45
C TYR A 160 0.46 -6.64 4.97
N LYS A 161 -0.75 -7.06 4.57
CA LYS A 161 -1.12 -7.35 3.19
C LYS A 161 -0.64 -6.23 2.26
N PRO A 162 -0.94 -4.94 2.50
CA PRO A 162 -0.47 -3.87 1.62
C PRO A 162 1.04 -3.72 1.74
N VAL A 163 1.63 -3.81 2.93
CA VAL A 163 3.07 -3.67 3.17
C VAL A 163 3.83 -4.65 2.26
N ASP A 164 3.49 -5.93 2.29
CA ASP A 164 4.12 -6.97 1.49
C ASP A 164 4.05 -6.67 -0.01
N ARG A 165 2.97 -6.05 -0.47
CA ARG A 165 2.78 -5.67 -1.86
C ARG A 165 3.63 -4.46 -2.20
N VAL A 166 3.54 -3.38 -1.42
CA VAL A 166 4.31 -2.17 -1.68
C VAL A 166 5.82 -2.44 -1.63
N THR A 167 6.33 -3.35 -0.79
CA THR A 167 7.76 -3.65 -0.77
C THR A 167 8.17 -4.16 -2.15
N ARG A 168 7.36 -5.03 -2.77
CA ARG A 168 7.65 -5.55 -4.11
C ARG A 168 7.33 -4.52 -5.18
N SER A 169 6.49 -3.53 -4.88
CA SER A 169 6.14 -2.51 -5.84
C SER A 169 7.35 -1.62 -6.16
N THR A 170 8.37 -1.56 -5.29
CA THR A 170 9.55 -0.74 -5.58
C THR A 170 10.31 -1.32 -6.79
N LEU A 171 10.26 -2.64 -7.01
CA LEU A 171 10.95 -3.26 -8.14
C LEU A 171 10.38 -2.78 -9.47
N VAL A 172 9.11 -2.33 -9.49
CA VAL A 172 8.52 -1.84 -10.73
C VAL A 172 9.16 -0.51 -11.14
N LEU A 173 9.79 0.25 -10.22
CA LEU A 173 10.43 1.53 -10.58
C LEU A 173 11.59 1.19 -11.54
N HIS A 174 12.28 0.09 -11.23
CA HIS A 174 13.40 -0.41 -12.01
C HIS A 174 12.93 -0.88 -13.38
N ASP A 175 11.71 -1.42 -13.45
CA ASP A 175 11.06 -1.92 -14.64
C ASP A 175 10.60 -0.75 -15.50
N LEU A 176 10.08 0.32 -14.87
CA LEU A 176 9.63 1.53 -15.56
C LEU A 176 10.82 2.11 -16.32
N LEU A 177 11.94 2.23 -15.61
CA LEU A 177 13.20 2.74 -16.12
C LEU A 177 13.65 1.95 -17.36
N LYS A 178 13.32 0.67 -17.48
CA LYS A 178 13.71 -0.13 -18.66
C LYS A 178 13.22 0.47 -19.97
N HIS A 179 12.12 1.24 -19.98
CA HIS A 179 11.61 1.86 -21.20
C HIS A 179 11.88 3.36 -21.24
N THR A 180 12.30 3.99 -20.14
CA THR A 180 12.60 5.41 -20.14
C THR A 180 14.01 5.61 -20.72
N PRO A 181 14.19 6.33 -21.83
CA PRO A 181 15.51 6.52 -22.43
C PRO A 181 16.42 7.42 -21.60
N ALA A 182 17.69 7.03 -21.45
CA ALA A 182 18.70 7.79 -20.72
C ALA A 182 18.90 9.18 -21.37
N SER A 183 18.54 9.30 -22.64
CA SER A 183 18.61 10.53 -23.43
C SER A 183 17.63 11.59 -22.93
N HIS A 184 16.76 11.27 -21.95
CA HIS A 184 15.78 12.17 -21.37
C HIS A 184 16.01 12.21 -19.85
N PRO A 185 15.85 13.36 -19.18
CA PRO A 185 16.05 13.49 -17.73
C PRO A 185 15.08 12.63 -16.92
N ASP A 186 14.01 12.15 -17.53
CA ASP A 186 13.01 11.29 -16.92
C ASP A 186 13.64 9.98 -16.44
N HIS A 187 14.66 9.46 -17.17
CA HIS A 187 15.36 8.23 -16.81
C HIS A 187 16.14 8.41 -15.49
N PRO A 188 17.12 9.34 -15.39
CA PRO A 188 17.87 9.52 -14.15
C PRO A 188 16.99 9.93 -12.97
N LEU A 189 15.86 10.59 -13.23
CA LEU A 189 14.91 11.01 -12.22
C LEU A 189 14.30 9.74 -11.60
N LEU A 190 13.81 8.82 -12.43
CA LEU A 190 13.23 7.55 -11.97
C LEU A 190 14.31 6.72 -11.27
N GLN A 191 15.54 6.77 -11.80
CA GLN A 191 16.71 6.08 -11.29
C GLN A 191 16.92 6.49 -9.83
N ASP A 192 16.78 7.78 -9.49
CA ASP A 192 16.93 8.25 -8.12
C ASP A 192 15.73 7.81 -7.26
N ALA A 193 14.51 7.91 -7.78
CA ALA A 193 13.28 7.53 -7.07
C ALA A 193 13.34 6.08 -6.56
N LEU A 194 14.04 5.22 -7.32
CA LEU A 194 14.27 3.82 -7.03
C LEU A 194 15.02 3.73 -5.70
N ARG A 195 16.09 4.51 -5.58
CA ARG A 195 16.96 4.59 -4.41
C ARG A 195 16.12 4.96 -3.18
N ILE A 196 15.30 6.01 -3.29
CA ILE A 196 14.44 6.47 -2.21
C ILE A 196 13.53 5.33 -1.75
N SER A 197 12.84 4.70 -2.70
CA SER A 197 11.93 3.59 -2.45
C SER A 197 12.62 2.42 -1.73
N GLN A 198 13.77 1.95 -2.24
CA GLN A 198 14.50 0.83 -1.67
C GLN A 198 15.00 1.18 -0.26
N ASN A 199 15.50 2.40 -0.07
CA ASN A 199 16.00 2.88 1.19
C ASN A 199 14.94 2.77 2.29
N PHE A 200 13.72 3.21 2.00
CA PHE A 200 12.63 3.19 2.95
C PHE A 200 12.27 1.78 3.40
N LEU A 201 11.95 0.85 2.48
CA LEU A 201 11.59 -0.51 2.89
C LEU A 201 12.73 -1.22 3.59
N SER A 202 13.96 -0.97 3.14
CA SER A 202 15.14 -1.57 3.74
C SER A 202 15.30 -1.05 5.17
N SER A 203 14.93 0.21 5.44
CA SER A 203 15.01 0.82 6.75
C SER A 203 13.96 0.19 7.68
N ILE A 204 12.69 0.15 7.27
CA ILE A 204 11.62 -0.41 8.09
C ILE A 204 11.55 -1.94 8.10
N ASN A 205 12.40 -2.66 7.35
CA ASN A 205 12.40 -4.13 7.29
C ASN A 205 12.46 -4.76 8.68
N GLU A 206 13.31 -4.23 9.55
CA GLU A 206 13.51 -4.74 10.90
C GLU A 206 12.26 -4.58 11.77
N GLU A 207 11.33 -3.70 11.42
CA GLU A 207 10.08 -3.48 12.15
C GLU A 207 9.03 -4.53 11.74
N ILE A 208 9.26 -5.28 10.66
CA ILE A 208 8.33 -6.31 10.20
C ILE A 208 9.08 -7.63 10.06
N THR A 209 9.42 -8.24 11.19
CA THR A 209 10.12 -9.51 11.26
C THR A 209 9.64 -10.29 12.52
N PRO A 210 8.37 -10.74 12.59
CA PRO A 210 7.84 -11.47 13.74
C PRO A 210 8.50 -12.84 13.96
N ARG A 211 9.11 -13.43 12.92
CA ARG A 211 9.79 -14.72 12.88
C ARG A 211 9.39 -15.70 14.00
N ARG A 212 8.34 -16.49 13.79
CA ARG A 212 7.86 -17.47 14.76
C ARG A 212 9.01 -18.39 15.21
N GLN A 213 8.95 -18.89 16.44
CA GLN A 213 9.98 -19.75 16.99
C GLN A 213 9.43 -20.73 18.02
N SER A 214 10.32 -21.45 18.70
CA SER A 214 10.02 -22.43 19.73
C SER A 214 10.15 -21.83 21.14
N MET A 215 9.70 -22.60 22.12
CA MET A 215 9.70 -22.36 23.56
C MET A 215 9.11 -23.62 24.20
N THR A 216 9.20 -23.75 25.52
CA THR A 216 8.67 -24.87 26.26
C THR A 216 8.08 -24.33 27.56
N VAL A 217 7.20 -25.11 28.18
CA VAL A 217 6.53 -24.81 29.43
C VAL A 217 6.71 -25.99 30.37
N LYS A 218 6.14 -25.91 31.57
CA LYS A 218 6.16 -26.91 32.63
C LYS A 218 4.94 -26.58 33.47
N ALA A 1 1.62 14.54 -33.43
CA ALA A 1 1.80 15.87 -32.83
C ALA A 1 2.79 16.61 -33.71
N MET A 2 3.90 17.14 -33.17
CA MET A 2 4.91 17.83 -34.00
C MET A 2 5.55 16.79 -34.93
N ALA A 3 5.94 15.65 -34.35
CA ALA A 3 6.52 14.52 -35.10
C ALA A 3 5.37 13.58 -35.47
N SER A 4 5.66 12.65 -36.39
CA SER A 4 4.73 11.64 -36.86
C SER A 4 4.39 10.77 -35.65
N GLU A 5 3.20 11.01 -35.14
CA GLU A 5 2.64 10.35 -33.98
C GLU A 5 2.61 8.83 -34.07
N LEU A 6 2.61 8.28 -35.30
CA LEU A 6 2.59 6.84 -35.54
C LEU A 6 3.85 6.19 -34.99
N ASP A 7 4.94 6.95 -34.92
CA ASP A 7 6.22 6.49 -34.40
C ASP A 7 6.25 6.64 -32.90
N LEU A 8 5.58 7.67 -32.37
CA LEU A 8 5.49 7.86 -30.93
C LEU A 8 4.64 6.71 -30.41
N GLU A 9 3.54 6.37 -31.10
CA GLU A 9 2.63 5.29 -30.77
C GLU A 9 3.38 3.99 -30.62
N LYS A 10 4.35 3.70 -31.50
CA LYS A 10 5.16 2.48 -31.42
C LYS A 10 5.75 2.35 -30.00
N GLY A 11 6.12 3.47 -29.37
CA GLY A 11 6.65 3.49 -28.01
C GLY A 11 5.52 3.52 -26.97
N LEU A 12 4.39 4.14 -27.28
CA LEU A 12 3.24 4.22 -26.40
C LEU A 12 2.70 2.80 -26.18
N GLU A 13 2.84 1.87 -27.14
CA GLU A 13 2.38 0.48 -27.02
C GLU A 13 3.03 -0.19 -25.81
N MET A 14 4.32 0.06 -25.52
CA MET A 14 4.98 -0.54 -24.36
C MET A 14 4.57 0.23 -23.12
N ARG A 15 4.52 1.57 -23.20
CA ARG A 15 4.15 2.39 -22.05
C ARG A 15 2.76 2.02 -21.57
N LYS A 16 1.79 1.81 -22.47
CA LYS A 16 0.43 1.44 -22.08
C LYS A 16 0.51 0.07 -21.44
N TRP A 17 1.19 -0.92 -22.02
CA TRP A 17 1.27 -2.25 -21.44
C TRP A 17 1.74 -2.21 -19.98
N VAL A 18 2.82 -1.49 -19.66
CA VAL A 18 3.30 -1.45 -18.28
C VAL A 18 2.39 -0.63 -17.36
N LEU A 19 2.00 0.60 -17.78
CA LEU A 19 1.15 1.45 -16.95
C LEU A 19 -0.20 0.78 -16.70
N SER A 20 -0.80 0.19 -17.74
CA SER A 20 -2.08 -0.50 -17.73
C SER A 20 -2.08 -1.56 -16.63
N GLY A 21 -0.98 -2.29 -16.44
CA GLY A 21 -0.90 -3.31 -15.39
C GLY A 21 -1.16 -2.68 -14.02
N ILE A 22 -0.68 -1.46 -13.77
CA ILE A 22 -0.89 -0.77 -12.50
C ILE A 22 -2.37 -0.43 -12.32
N LEU A 23 -3.01 0.27 -13.27
CA LEU A 23 -4.44 0.64 -13.22
C LEU A 23 -5.26 -0.64 -13.10
N ALA A 24 -4.92 -1.70 -13.86
CA ALA A 24 -5.65 -2.96 -13.83
C ALA A 24 -5.56 -3.63 -12.45
N SER A 25 -4.46 -3.38 -11.73
CA SER A 25 -4.30 -3.93 -10.41
C SER A 25 -5.11 -3.05 -9.47
N GLU A 26 -4.93 -1.72 -9.53
CA GLU A 26 -5.58 -0.73 -8.68
C GLU A 26 -7.10 -0.77 -8.83
N GLU A 27 -7.65 -0.83 -10.04
CA GLU A 27 -9.08 -0.82 -10.33
C GLU A 27 -9.81 -1.84 -9.46
N THR A 28 -9.42 -3.11 -9.55
CA THR A 28 -10.03 -4.15 -8.74
C THR A 28 -9.53 -4.11 -7.28
N TYR A 29 -8.26 -3.80 -7.04
CA TYR A 29 -7.69 -3.74 -5.70
C TYR A 29 -8.39 -2.71 -4.83
N LEU A 30 -8.83 -1.59 -5.42
CA LEU A 30 -9.52 -0.54 -4.70
C LEU A 30 -10.77 -1.11 -4.02
N SER A 31 -11.42 -2.11 -4.60
CA SER A 31 -12.60 -2.72 -4.00
C SER A 31 -12.21 -3.36 -2.65
N HIS A 32 -11.06 -4.05 -2.61
CA HIS A 32 -10.54 -4.70 -1.42
C HIS A 32 -10.11 -3.65 -0.38
N LEU A 33 -9.40 -2.60 -0.83
CA LEU A 33 -8.95 -1.53 0.05
C LEU A 33 -10.15 -0.79 0.64
N GLU A 34 -11.14 -0.49 -0.20
CA GLU A 34 -12.36 0.20 0.18
C GLU A 34 -13.05 -0.68 1.22
N ALA A 35 -13.22 -1.98 0.95
CA ALA A 35 -13.86 -2.90 1.88
C ALA A 35 -13.20 -2.87 3.26
N LEU A 36 -11.87 -2.90 3.31
CA LEU A 36 -11.11 -2.88 4.56
C LEU A 36 -11.41 -1.62 5.38
N LEU A 37 -11.76 -0.49 4.75
CA LEU A 37 -12.09 0.78 5.42
C LEU A 37 -13.59 1.13 5.42
N LEU A 38 -14.44 0.36 4.73
CA LEU A 38 -15.87 0.57 4.60
C LEU A 38 -16.56 0.71 5.96
N PRO A 39 -16.48 -0.24 6.90
CA PRO A 39 -17.13 -0.08 8.21
C PRO A 39 -16.42 0.96 9.07
N MET A 40 -15.17 1.33 8.78
CA MET A 40 -14.47 2.32 9.57
C MET A 40 -15.18 3.66 9.48
N LYS A 41 -15.70 4.05 8.30
CA LYS A 41 -16.41 5.32 8.11
C LYS A 41 -17.50 5.54 9.18
N PRO A 42 -18.56 4.70 9.27
CA PRO A 42 -19.60 4.87 10.27
C PRO A 42 -19.04 4.77 11.69
N LEU A 43 -18.09 3.87 11.92
CA LEU A 43 -17.48 3.70 13.24
C LEU A 43 -16.71 4.95 13.69
N LYS A 44 -16.14 5.72 12.75
CA LYS A 44 -15.41 6.97 13.05
C LYS A 44 -16.45 7.97 13.55
N ALA A 45 -17.66 7.97 13.00
CA ALA A 45 -18.74 8.85 13.44
C ALA A 45 -19.25 8.36 14.79
N ALA A 46 -19.32 7.04 14.99
CA ALA A 46 -19.76 6.44 16.24
C ALA A 46 -18.89 6.93 17.41
N ALA A 47 -17.60 7.18 17.14
CA ALA A 47 -16.63 7.66 18.11
C ALA A 47 -16.99 9.03 18.70
N THR A 48 -17.97 9.77 18.19
CA THR A 48 -18.38 11.08 18.70
C THR A 48 -19.88 11.08 19.10
N THR A 49 -20.46 9.88 19.34
CA THR A 49 -21.85 9.71 19.73
C THR A 49 -21.88 8.73 20.90
N SER A 50 -22.50 9.14 22.01
CA SER A 50 -22.68 8.41 23.26
C SER A 50 -21.46 7.59 23.68
N GLN A 51 -21.51 6.24 23.72
CA GLN A 51 -20.39 5.41 24.11
C GLN A 51 -20.32 4.16 23.22
N PRO A 52 -19.56 4.19 22.12
CA PRO A 52 -19.42 3.04 21.23
C PRO A 52 -18.49 1.99 21.87
N VAL A 53 -18.35 0.86 21.19
CA VAL A 53 -17.53 -0.27 21.61
C VAL A 53 -16.07 0.13 21.85
N LEU A 54 -15.40 0.66 20.83
CA LEU A 54 -14.00 1.07 20.91
C LEU A 54 -13.89 2.58 21.09
N THR A 55 -12.68 3.11 21.13
CA THR A 55 -12.41 4.54 21.31
C THR A 55 -11.62 5.03 20.09
N SER A 56 -11.76 6.31 19.74
CA SER A 56 -11.09 6.92 18.58
C SER A 56 -9.60 6.59 18.58
N GLN A 57 -8.91 6.81 19.70
CA GLN A 57 -7.48 6.55 19.83
C GLN A 57 -7.07 5.12 19.41
N GLN A 58 -7.91 4.11 19.69
CA GLN A 58 -7.63 2.73 19.34
C GLN A 58 -7.86 2.50 17.84
N ILE A 59 -8.81 3.20 17.22
CA ILE A 59 -9.13 3.07 15.80
C ILE A 59 -8.00 3.77 15.02
N GLU A 60 -7.66 5.00 15.42
CA GLU A 60 -6.65 5.87 14.83
C GLU A 60 -5.28 5.19 14.72
N THR A 61 -4.91 4.37 15.70
CA THR A 61 -3.62 3.71 15.68
C THR A 61 -3.59 2.58 14.62
N ILE A 62 -4.71 1.91 14.37
CA ILE A 62 -4.80 0.84 13.39
C ILE A 62 -4.94 1.43 11.98
N PHE A 63 -5.91 2.33 11.80
CA PHE A 63 -6.20 2.97 10.52
C PHE A 63 -5.31 4.18 10.23
N PHE A 64 -4.15 4.29 10.89
CA PHE A 64 -3.17 5.36 10.81
C PHE A 64 -3.08 6.01 9.42
N LYS A 65 -2.70 5.24 8.38
CA LYS A 65 -2.57 5.75 7.01
C LYS A 65 -3.49 5.05 6.01
N VAL A 66 -4.45 4.25 6.46
CA VAL A 66 -5.40 3.58 5.58
C VAL A 66 -6.14 4.60 4.68
N PRO A 67 -6.71 5.71 5.20
CA PRO A 67 -7.41 6.67 4.36
C PRO A 67 -6.49 7.36 3.36
N GLU A 68 -5.23 7.58 3.75
CA GLU A 68 -4.21 8.22 2.94
C GLU A 68 -3.87 7.33 1.75
N LEU A 69 -3.45 6.08 2.00
CA LEU A 69 -3.08 5.17 0.92
C LEU A 69 -4.23 4.96 -0.07
N TYR A 70 -5.48 5.00 0.39
CA TYR A 70 -6.65 4.85 -0.47
C TYR A 70 -6.73 6.05 -1.42
N GLU A 71 -6.68 7.26 -0.86
CA GLU A 71 -6.76 8.49 -1.63
C GLU A 71 -5.57 8.63 -2.57
N ILE A 72 -4.37 8.30 -2.09
CA ILE A 72 -3.11 8.36 -2.83
C ILE A 72 -3.16 7.42 -4.04
N HIS A 73 -3.66 6.18 -3.88
CA HIS A 73 -3.71 5.26 -5.00
C HIS A 73 -4.69 5.75 -6.06
N LYS A 74 -5.93 6.09 -5.71
CA LYS A 74 -6.90 6.55 -6.70
C LYS A 74 -6.51 7.89 -7.27
N GLU A 75 -5.86 8.80 -6.54
CA GLU A 75 -5.50 10.08 -7.14
C GLU A 75 -4.58 9.86 -8.32
N PHE A 76 -3.64 8.95 -8.15
CA PHE A 76 -2.68 8.63 -9.17
C PHE A 76 -3.32 7.79 -10.27
N TYR A 77 -3.99 6.69 -9.89
CA TYR A 77 -4.65 5.75 -10.80
C TYR A 77 -5.81 6.36 -11.56
N ASP A 78 -6.67 7.13 -10.90
CA ASP A 78 -7.82 7.71 -11.56
C ASP A 78 -7.29 8.68 -12.64
N GLY A 79 -6.29 9.49 -12.28
CA GLY A 79 -5.66 10.45 -13.18
C GLY A 79 -4.74 9.78 -14.21
N LEU A 80 -4.50 8.47 -14.09
CA LEU A 80 -3.69 7.66 -14.98
C LEU A 80 -4.54 7.19 -16.16
N PHE A 81 -5.83 6.93 -15.94
CA PHE A 81 -6.75 6.47 -16.98
C PHE A 81 -6.74 7.43 -18.18
N PRO A 82 -7.07 8.73 -18.03
CA PRO A 82 -7.06 9.66 -19.15
C PRO A 82 -5.63 9.86 -19.69
N ARG A 83 -4.60 9.53 -18.92
CA ARG A 83 -3.20 9.65 -19.33
C ARG A 83 -2.82 8.57 -20.31
N VAL A 84 -3.05 7.30 -19.96
CA VAL A 84 -2.73 6.16 -20.82
C VAL A 84 -3.64 6.21 -22.05
N GLN A 85 -4.90 6.62 -21.86
CA GLN A 85 -5.88 6.72 -22.93
C GLN A 85 -5.59 7.93 -23.82
N GLN A 86 -5.09 9.04 -23.30
CA GLN A 86 -4.80 10.25 -24.05
C GLN A 86 -3.48 10.83 -23.54
N TRP A 87 -2.39 10.28 -24.08
CA TRP A 87 -1.03 10.69 -23.76
C TRP A 87 -0.82 12.15 -24.18
N SER A 88 0.05 12.89 -23.48
CA SER A 88 0.30 14.29 -23.81
C SER A 88 1.12 14.39 -25.11
N HIS A 89 0.90 15.49 -25.84
CA HIS A 89 1.53 15.80 -27.12
C HIS A 89 3.05 15.93 -27.08
N GLN A 90 3.66 16.17 -25.92
CA GLN A 90 5.12 16.30 -25.77
C GLN A 90 5.55 16.12 -24.31
N GLN A 91 4.77 15.40 -23.49
CA GLN A 91 5.10 15.17 -22.07
C GLN A 91 4.79 13.72 -21.71
N ARG A 92 5.59 13.16 -20.83
CA ARG A 92 5.50 11.79 -20.32
C ARG A 92 4.88 11.82 -18.92
N VAL A 93 4.75 10.66 -18.29
CA VAL A 93 4.19 10.53 -16.96
C VAL A 93 5.37 10.23 -16.03
N GLY A 94 5.45 10.91 -14.87
CA GLY A 94 6.53 10.73 -13.91
C GLY A 94 6.32 11.50 -12.60
N ASP A 95 5.73 12.70 -12.67
CA ASP A 95 5.49 13.56 -11.51
C ASP A 95 4.66 12.86 -10.42
N LEU A 96 3.60 12.11 -10.81
CA LEU A 96 2.76 11.41 -9.83
C LEU A 96 3.58 10.31 -9.12
N PHE A 97 4.56 9.70 -9.78
CA PHE A 97 5.38 8.66 -9.16
C PHE A 97 6.34 9.32 -8.16
N GLN A 98 6.92 10.46 -8.53
CA GLN A 98 7.84 11.22 -7.68
C GLN A 98 7.18 11.58 -6.36
N LYS A 99 5.88 11.92 -6.43
CA LYS A 99 5.02 12.30 -5.33
C LYS A 99 5.06 11.25 -4.21
N LEU A 100 4.92 9.96 -4.57
CA LEU A 100 4.91 8.86 -3.61
C LEU A 100 6.14 8.86 -2.71
N ALA A 101 7.32 8.89 -3.32
CA ALA A 101 8.59 8.85 -2.59
C ALA A 101 8.86 10.15 -1.84
N SER A 102 8.43 11.29 -2.39
CA SER A 102 8.64 12.60 -1.78
C SER A 102 7.86 12.77 -0.46
N GLN A 103 6.86 11.91 -0.18
CA GLN A 103 6.06 11.95 1.03
C GLN A 103 6.24 10.66 1.85
N LEU A 104 7.38 9.96 1.69
CA LEU A 104 7.68 8.71 2.41
C LEU A 104 7.52 8.77 3.93
N GLY A 105 7.59 9.96 4.53
CA GLY A 105 7.43 10.15 5.96
C GLY A 105 6.03 9.76 6.43
N VAL A 106 5.04 9.84 5.54
CA VAL A 106 3.65 9.49 5.81
C VAL A 106 3.61 8.01 6.22
N TYR A 107 4.12 7.14 5.34
CA TYR A 107 4.14 5.69 5.55
C TYR A 107 5.09 5.34 6.70
N ARG A 108 6.22 6.05 6.83
CA ARG A 108 7.18 5.83 7.91
C ARG A 108 6.48 6.00 9.25
N ALA A 109 5.64 7.03 9.42
CA ALA A 109 4.94 7.26 10.67
C ALA A 109 4.07 6.06 11.07
N PHE A 110 3.45 5.40 10.09
CA PHE A 110 2.62 4.23 10.34
C PHE A 110 3.53 3.09 10.81
N VAL A 111 4.66 2.84 10.13
CA VAL A 111 5.58 1.77 10.54
C VAL A 111 6.16 2.08 11.93
N ASP A 112 6.42 3.35 12.25
CA ASP A 112 6.95 3.81 13.54
C ASP A 112 5.94 3.62 14.68
N ASN A 113 4.72 3.14 14.37
CA ASN A 113 3.63 2.88 15.31
C ASN A 113 2.97 1.53 15.02
N TYR A 114 3.57 0.67 14.18
CA TYR A 114 3.00 -0.62 13.82
C TYR A 114 2.94 -1.59 15.02
N GLY A 115 3.95 -1.54 15.90
CA GLY A 115 4.00 -2.41 17.06
C GLY A 115 2.74 -2.20 17.90
N VAL A 116 2.51 -0.96 18.30
CA VAL A 116 1.35 -0.58 19.10
C VAL A 116 0.04 -0.82 18.35
N ALA A 117 0.00 -0.62 17.02
CA ALA A 117 -1.22 -0.85 16.25
C ALA A 117 -1.70 -2.28 16.42
N MET A 118 -0.78 -3.26 16.30
CA MET A 118 -1.13 -4.65 16.46
C MET A 118 -1.47 -4.95 17.93
N GLU A 119 -0.74 -4.35 18.87
CA GLU A 119 -0.93 -4.51 20.30
C GLU A 119 -2.35 -4.14 20.71
N MET A 120 -2.88 -3.01 20.23
CA MET A 120 -4.24 -2.61 20.56
C MET A 120 -5.24 -3.55 19.90
N ALA A 121 -5.01 -3.85 18.62
CA ALA A 121 -5.88 -4.70 17.83
C ALA A 121 -6.16 -6.07 18.46
N GLU A 122 -5.11 -6.79 18.88
CA GLU A 122 -5.30 -8.10 19.49
C GLU A 122 -6.11 -7.99 20.77
N LYS A 123 -5.79 -6.99 21.58
CA LYS A 123 -6.47 -6.74 22.84
C LYS A 123 -7.95 -6.42 22.58
N CYS A 124 -8.26 -5.72 21.48
CA CYS A 124 -9.63 -5.39 21.13
C CYS A 124 -10.41 -6.68 20.84
N CYS A 125 -9.82 -7.66 20.15
CA CYS A 125 -10.51 -8.92 19.82
C CYS A 125 -10.95 -9.64 21.10
N GLN A 126 -10.03 -9.90 22.02
CA GLN A 126 -10.34 -10.59 23.26
C GLN A 126 -11.24 -9.79 24.20
N ALA A 127 -11.44 -8.48 23.96
CA ALA A 127 -12.27 -7.63 24.79
C ALA A 127 -13.68 -7.37 24.24
N ASN A 128 -13.85 -7.23 22.92
CA ASN A 128 -15.16 -6.92 22.30
C ASN A 128 -15.49 -7.84 21.14
N ALA A 129 -16.67 -8.47 21.18
CA ALA A 129 -17.17 -9.38 20.16
C ALA A 129 -17.11 -8.78 18.75
N GLN A 130 -17.53 -7.52 18.57
CA GLN A 130 -17.48 -6.90 17.25
C GLN A 130 -16.06 -6.90 16.69
N PHE A 131 -15.03 -6.67 17.51
CA PHE A 131 -13.66 -6.69 17.00
C PHE A 131 -13.11 -8.13 16.89
N ALA A 132 -13.65 -9.06 17.66
CA ALA A 132 -13.27 -10.46 17.69
C ALA A 132 -13.70 -11.21 16.44
N GLU A 133 -14.99 -11.14 16.12
CA GLU A 133 -15.61 -11.83 15.00
C GLU A 133 -15.04 -11.40 13.65
N ILE A 134 -14.73 -10.12 13.48
CA ILE A 134 -14.17 -9.61 12.23
C ILE A 134 -12.77 -10.19 12.03
N SER A 135 -12.04 -10.46 13.11
CA SER A 135 -10.68 -11.04 13.10
C SER A 135 -10.74 -12.53 12.73
N GLU A 136 -11.94 -13.09 12.56
CA GLU A 136 -12.23 -14.48 12.25
C GLU A 136 -13.05 -14.65 10.96
N ASN A 137 -13.95 -13.71 10.63
CA ASN A 137 -14.79 -13.76 9.43
C ASN A 137 -13.95 -13.60 8.16
N LEU A 138 -12.69 -13.17 8.29
CA LEU A 138 -11.71 -12.99 7.25
C LEU A 138 -10.38 -13.26 7.93
N ARG A 139 -9.40 -13.81 7.20
CA ARG A 139 -8.10 -14.13 7.76
C ARG A 139 -7.05 -14.21 6.64
N ALA A 140 -5.89 -14.80 6.90
CA ALA A 140 -4.78 -14.98 5.96
C ALA A 140 -3.90 -16.13 6.47
N ARG A 141 -2.82 -16.43 5.73
CA ARG A 141 -1.87 -17.48 6.08
C ARG A 141 -1.16 -17.10 7.39
N SER A 142 -0.55 -18.07 8.06
CA SER A 142 0.14 -17.89 9.34
C SER A 142 1.60 -18.34 9.27
N ASN A 143 2.31 -18.21 10.40
CA ASN A 143 3.71 -18.60 10.60
C ASN A 143 4.00 -18.77 12.09
N LYS A 144 5.13 -19.39 12.43
CA LYS A 144 5.67 -19.70 13.77
C LYS A 144 4.79 -20.58 14.65
N ASP A 145 3.58 -20.13 14.95
CA ASP A 145 2.55 -20.75 15.78
C ASP A 145 2.36 -22.26 15.55
N ALA A 146 2.68 -22.77 14.37
CA ALA A 146 2.54 -24.18 14.03
C ALA A 146 3.22 -25.13 15.06
N LYS A 147 4.26 -24.72 15.78
CA LYS A 147 4.94 -25.55 16.79
C LYS A 147 4.34 -25.32 18.18
N ASP A 148 3.75 -24.16 18.42
CA ASP A 148 3.16 -23.77 19.68
C ASP A 148 1.84 -24.53 19.89
N PRO A 149 1.36 -24.67 21.14
CA PRO A 149 0.10 -25.35 21.43
C PRO A 149 -1.12 -24.46 21.10
N THR A 150 -0.88 -23.29 20.51
CA THR A 150 -1.87 -22.30 20.12
C THR A 150 -1.58 -21.98 18.65
N THR A 151 -2.64 -21.79 17.85
CA THR A 151 -2.51 -21.50 16.43
C THR A 151 -3.56 -20.48 16.01
N LYS A 152 -3.19 -19.21 15.86
CA LYS A 152 -4.10 -18.16 15.43
C LYS A 152 -3.33 -17.11 14.62
N ASN A 153 -4.04 -16.06 14.17
CA ASN A 153 -3.53 -14.94 13.39
C ASN A 153 -3.77 -13.66 14.19
N SER A 154 -3.19 -12.55 13.74
CA SER A 154 -3.33 -11.25 14.39
C SER A 154 -3.62 -10.22 13.30
N LEU A 155 -4.13 -9.05 13.70
CA LEU A 155 -4.47 -7.95 12.79
C LEU A 155 -3.26 -7.54 11.94
N GLU A 156 -2.03 -7.85 12.37
CA GLU A 156 -0.81 -7.57 11.62
C GLU A 156 -0.93 -8.15 10.20
N THR A 157 -1.60 -9.30 10.04
CA THR A 157 -1.77 -9.91 8.74
C THR A 157 -2.61 -9.00 7.82
N LEU A 158 -3.66 -8.34 8.35
CA LEU A 158 -4.54 -7.43 7.62
C LEU A 158 -3.79 -6.15 7.26
N LEU A 159 -2.91 -5.67 8.16
CA LEU A 159 -2.11 -4.47 7.93
C LEU A 159 -1.07 -4.74 6.85
N TYR A 160 -0.37 -5.88 6.96
CA TYR A 160 0.68 -6.29 6.06
C TYR A 160 0.15 -6.65 4.66
N LYS A 161 -1.07 -7.19 4.55
CA LYS A 161 -1.72 -7.59 3.30
C LYS A 161 -1.57 -6.57 2.16
N PRO A 162 -2.14 -5.35 2.23
CA PRO A 162 -2.01 -4.38 1.14
C PRO A 162 -0.59 -3.82 0.98
N VAL A 163 0.13 -3.67 2.10
CA VAL A 163 1.48 -3.13 2.15
C VAL A 163 2.50 -4.09 1.52
N ASP A 164 2.19 -5.38 1.35
CA ASP A 164 3.12 -6.34 0.73
C ASP A 164 3.44 -5.87 -0.68
N ARG A 165 2.44 -5.28 -1.35
CA ARG A 165 2.52 -4.75 -2.70
C ARG A 165 3.61 -3.68 -2.79
N VAL A 166 3.89 -2.94 -1.71
CA VAL A 166 4.92 -1.89 -1.71
C VAL A 166 6.27 -2.52 -2.07
N THR A 167 6.58 -3.76 -1.65
CA THR A 167 7.87 -4.34 -2.03
C THR A 167 7.95 -4.59 -3.55
N ARG A 168 6.81 -4.85 -4.19
CA ARG A 168 6.73 -5.09 -5.63
C ARG A 168 6.88 -3.78 -6.40
N SER A 169 6.70 -2.62 -5.77
CA SER A 169 6.83 -1.35 -6.45
C SER A 169 8.27 -1.13 -6.92
N THR A 170 9.27 -1.49 -6.11
CA THR A 170 10.68 -1.28 -6.47
C THR A 170 11.12 -2.22 -7.60
N LEU A 171 10.73 -3.51 -7.57
CA LEU A 171 11.15 -4.45 -8.61
C LEU A 171 10.58 -4.06 -9.97
N VAL A 172 9.29 -3.70 -10.04
CA VAL A 172 8.68 -3.28 -11.31
C VAL A 172 9.22 -1.90 -11.70
N LEU A 173 9.71 -1.09 -10.75
CA LEU A 173 10.25 0.24 -11.05
C LEU A 173 11.39 0.08 -12.04
N HIS A 174 12.25 -0.93 -11.85
CA HIS A 174 13.35 -1.16 -12.76
C HIS A 174 12.84 -1.38 -14.18
N ASP A 175 11.65 -1.96 -14.40
CA ASP A 175 11.12 -2.17 -15.75
C ASP A 175 10.84 -0.80 -16.39
N LEU A 176 10.08 0.06 -15.70
CA LEU A 176 9.73 1.39 -16.18
C LEU A 176 11.00 2.21 -16.40
N LEU A 177 11.90 2.18 -15.42
CA LEU A 177 13.15 2.88 -15.42
C LEU A 177 14.08 2.35 -16.52
N LYS A 178 14.15 1.03 -16.79
CA LYS A 178 15.00 0.46 -17.85
C LYS A 178 14.56 0.99 -19.20
N HIS A 179 13.25 1.11 -19.40
CA HIS A 179 12.68 1.61 -20.64
C HIS A 179 12.92 3.13 -20.77
N THR A 180 13.23 3.82 -19.67
CA THR A 180 13.50 5.24 -19.67
C THR A 180 14.97 5.41 -20.07
N PRO A 181 15.29 6.11 -21.17
CA PRO A 181 16.68 6.30 -21.55
C PRO A 181 17.34 7.17 -20.47
N ALA A 182 18.58 6.87 -20.07
CA ALA A 182 19.30 7.63 -19.07
C ALA A 182 19.44 9.11 -19.45
N SER A 183 19.34 9.42 -20.74
CA SER A 183 19.42 10.75 -21.31
C SER A 183 18.16 11.59 -21.04
N HIS A 184 17.08 11.00 -20.51
CA HIS A 184 15.84 11.73 -20.19
C HIS A 184 16.00 12.41 -18.82
N PRO A 185 15.30 13.52 -18.55
CA PRO A 185 15.38 14.22 -17.27
C PRO A 185 14.72 13.42 -16.14
N ASP A 186 13.71 12.58 -16.45
CA ASP A 186 13.05 11.77 -15.42
C ASP A 186 13.90 10.60 -14.95
N HIS A 187 14.95 10.19 -15.68
CA HIS A 187 15.82 9.09 -15.26
C HIS A 187 16.42 9.36 -13.87
N PRO A 188 17.21 10.43 -13.63
CA PRO A 188 17.81 10.69 -12.33
C PRO A 188 16.74 10.92 -11.26
N LEU A 189 15.61 11.51 -11.64
CA LEU A 189 14.49 11.79 -10.75
C LEU A 189 13.94 10.47 -10.20
N LEU A 190 13.67 9.51 -11.09
CA LEU A 190 13.16 8.20 -10.71
C LEU A 190 14.23 7.44 -9.94
N GLN A 191 15.51 7.57 -10.30
CA GLN A 191 16.59 6.87 -9.62
C GLN A 191 16.59 7.32 -8.16
N ASP A 192 16.45 8.62 -7.88
CA ASP A 192 16.43 9.18 -6.54
C ASP A 192 15.26 8.59 -5.75
N ALA A 193 14.05 8.68 -6.31
CA ALA A 193 12.83 8.17 -5.69
C ALA A 193 12.98 6.68 -5.35
N LEU A 194 13.44 5.89 -6.31
CA LEU A 194 13.65 4.46 -6.16
C LEU A 194 14.67 4.18 -5.07
N ARG A 195 15.80 4.90 -5.07
CA ARG A 195 16.87 4.73 -4.09
C ARG A 195 16.35 4.96 -2.67
N ILE A 196 15.59 6.04 -2.43
CA ILE A 196 15.07 6.34 -1.10
C ILE A 196 13.99 5.32 -0.70
N SER A 197 13.15 4.86 -1.61
CA SER A 197 12.10 3.90 -1.34
C SER A 197 12.72 2.54 -1.00
N GLN A 198 13.76 2.12 -1.74
CA GLN A 198 14.44 0.86 -1.54
C GLN A 198 15.13 0.90 -0.18
N ASN A 199 15.82 1.99 0.14
CA ASN A 199 16.49 2.10 1.42
C ASN A 199 15.48 2.00 2.56
N PHE A 200 14.34 2.69 2.46
CA PHE A 200 13.31 2.67 3.49
C PHE A 200 12.77 1.26 3.73
N LEU A 201 12.28 0.54 2.71
CA LEU A 201 11.73 -0.81 2.92
C LEU A 201 12.77 -1.73 3.54
N SER A 202 14.00 -1.64 3.06
CA SER A 202 15.10 -2.44 3.58
C SER A 202 15.41 -2.05 5.04
N SER A 203 15.24 -0.78 5.44
CA SER A 203 15.48 -0.32 6.80
C SER A 203 14.41 -0.82 7.75
N ILE A 204 13.13 -0.62 7.42
CA ILE A 204 12.03 -1.06 8.29
C ILE A 204 11.81 -2.58 8.20
N ASN A 205 12.68 -3.35 7.53
CA ASN A 205 12.52 -4.79 7.40
C ASN A 205 12.39 -5.52 8.74
N GLU A 206 12.95 -4.99 9.84
CA GLU A 206 12.84 -5.62 11.16
C GLU A 206 11.45 -5.41 11.76
N GLU A 207 10.74 -4.35 11.36
CA GLU A 207 9.40 -4.03 11.86
C GLU A 207 8.32 -4.93 11.26
N ILE A 208 8.64 -5.64 10.18
CA ILE A 208 7.74 -6.54 9.45
C ILE A 208 8.23 -7.98 9.50
N THR A 209 7.40 -8.88 8.96
CA THR A 209 7.73 -10.29 8.92
C THR A 209 8.96 -10.47 8.01
N PRO A 210 9.86 -11.45 8.29
CA PRO A 210 11.04 -11.68 7.48
C PRO A 210 10.74 -12.15 6.06
N ARG A 211 9.49 -12.55 5.75
CA ARG A 211 9.02 -13.03 4.44
C ARG A 211 9.89 -14.15 3.86
N ARG A 212 10.55 -14.95 4.70
CA ARG A 212 11.42 -16.03 4.25
C ARG A 212 11.25 -17.25 5.15
N GLN A 213 11.70 -18.43 4.72
CA GLN A 213 11.62 -19.69 5.45
C GLN A 213 12.23 -19.62 6.85
N SER A 214 11.82 -20.57 7.70
CA SER A 214 12.23 -20.73 9.09
C SER A 214 11.88 -22.15 9.53
N MET A 215 12.31 -22.50 10.75
CA MET A 215 12.07 -23.76 11.43
C MET A 215 12.18 -23.50 12.93
N THR A 216 11.82 -24.49 13.72
CA THR A 216 11.85 -24.47 15.18
C THR A 216 11.69 -25.91 15.62
N VAL A 217 12.22 -26.23 16.79
CA VAL A 217 12.13 -27.53 17.42
C VAL A 217 11.31 -27.25 18.70
N LYS A 218 11.18 -28.22 19.59
CA LYS A 218 10.45 -28.00 20.84
C LYS A 218 11.53 -27.58 21.80
N ALA A 1 7.65 19.47 -36.04
CA ALA A 1 6.88 19.69 -34.81
C ALA A 1 7.00 18.38 -34.04
N MET A 2 5.90 17.77 -33.57
CA MET A 2 5.98 16.49 -32.88
C MET A 2 6.48 15.43 -33.86
N ALA A 3 6.98 14.30 -33.33
CA ALA A 3 7.47 13.20 -34.13
C ALA A 3 6.28 12.35 -34.61
N SER A 4 6.54 11.40 -35.50
CA SER A 4 5.52 10.51 -36.03
C SER A 4 5.21 9.51 -34.92
N GLU A 5 4.06 9.65 -34.25
CA GLU A 5 3.65 8.77 -33.16
C GLU A 5 3.63 7.29 -33.57
N LEU A 6 3.53 6.96 -34.86
CA LEU A 6 3.52 5.58 -35.36
C LEU A 6 4.80 4.84 -34.96
N ASP A 7 5.94 5.54 -34.85
CA ASP A 7 7.21 4.96 -34.45
C ASP A 7 7.28 4.93 -32.93
N LEU A 8 6.90 6.06 -32.32
CA LEU A 8 6.89 6.29 -30.88
C LEU A 8 6.08 5.21 -30.18
N GLU A 9 4.98 4.81 -30.81
CA GLU A 9 4.06 3.79 -30.36
C GLU A 9 4.79 2.50 -30.01
N LYS A 10 5.86 2.11 -30.73
CA LYS A 10 6.59 0.87 -30.42
C LYS A 10 7.11 0.92 -28.99
N GLY A 11 7.41 2.11 -28.48
CA GLY A 11 7.87 2.35 -27.13
C GLY A 11 6.66 2.45 -26.21
N LEU A 12 5.64 3.23 -26.60
CA LEU A 12 4.40 3.42 -25.83
C LEU A 12 3.74 2.09 -25.53
N GLU A 13 3.81 1.10 -26.43
CA GLU A 13 3.25 -0.23 -26.30
C GLU A 13 3.84 -0.96 -25.10
N MET A 14 5.17 -1.00 -24.99
CA MET A 14 5.81 -1.67 -23.86
C MET A 14 5.59 -0.84 -22.60
N ARG A 15 5.76 0.48 -22.69
CA ARG A 15 5.56 1.37 -21.55
C ARG A 15 4.15 1.20 -20.99
N LYS A 16 3.10 1.20 -21.82
CA LYS A 16 1.74 1.02 -21.36
C LYS A 16 1.55 -0.35 -20.74
N TRP A 17 2.14 -1.43 -21.30
CA TRP A 17 2.01 -2.78 -20.74
C TRP A 17 2.40 -2.81 -19.27
N VAL A 18 3.43 -2.07 -18.88
CA VAL A 18 3.86 -2.02 -17.48
C VAL A 18 2.80 -1.24 -16.67
N LEU A 19 2.42 -0.04 -17.12
CA LEU A 19 1.45 0.79 -16.44
C LEU A 19 0.07 0.15 -16.30
N SER A 20 -0.47 -0.49 -17.35
CA SER A 20 -1.79 -1.11 -17.37
C SER A 20 -1.98 -2.12 -16.23
N GLY A 21 -0.90 -2.80 -15.82
CA GLY A 21 -0.95 -3.76 -14.73
C GLY A 21 -1.20 -3.07 -13.41
N ILE A 22 -0.81 -1.80 -13.25
CA ILE A 22 -1.01 -1.07 -12.02
C ILE A 22 -2.51 -0.76 -11.90
N LEU A 23 -3.12 -0.12 -12.91
CA LEU A 23 -4.55 0.24 -12.94
C LEU A 23 -5.38 -1.03 -12.79
N ALA A 24 -4.97 -2.17 -13.36
CA ALA A 24 -5.71 -3.42 -13.24
C ALA A 24 -5.65 -3.99 -11.82
N SER A 25 -4.48 -3.88 -11.17
CA SER A 25 -4.28 -4.38 -9.82
C SER A 25 -5.04 -3.48 -8.84
N GLU A 26 -4.91 -2.17 -9.03
CA GLU A 26 -5.48 -1.10 -8.25
C GLU A 26 -7.00 -1.10 -8.35
N GLU A 27 -7.56 -1.27 -9.54
CA GLU A 27 -9.01 -1.27 -9.79
C GLU A 27 -9.73 -2.20 -8.79
N THR A 28 -9.35 -3.47 -8.75
CA THR A 28 -9.95 -4.43 -7.85
C THR A 28 -9.46 -4.20 -6.40
N TYR A 29 -8.18 -3.85 -6.20
CA TYR A 29 -7.60 -3.60 -4.88
C TYR A 29 -8.38 -2.51 -4.14
N LEU A 30 -8.88 -1.49 -4.83
CA LEU A 30 -9.64 -0.42 -4.22
C LEU A 30 -10.88 -0.94 -3.50
N SER A 31 -11.42 -2.07 -3.93
CA SER A 31 -12.59 -2.71 -3.32
C SER A 31 -12.19 -3.41 -2.01
N HIS A 32 -10.95 -3.90 -1.93
CA HIS A 32 -10.40 -4.56 -0.76
C HIS A 32 -10.06 -3.52 0.29
N LEU A 33 -9.46 -2.40 -0.13
CA LEU A 33 -9.09 -1.30 0.75
C LEU A 33 -10.36 -0.63 1.27
N GLU A 34 -11.31 -0.32 0.38
CA GLU A 34 -12.56 0.34 0.76
C GLU A 34 -13.39 -0.51 1.72
N ALA A 35 -13.18 -1.84 1.74
CA ALA A 35 -13.91 -2.72 2.65
C ALA A 35 -13.62 -2.35 4.12
N LEU A 36 -12.44 -1.76 4.38
CA LEU A 36 -12.03 -1.29 5.69
C LEU A 36 -12.50 0.14 5.89
N LEU A 37 -12.56 0.96 4.83
CA LEU A 37 -13.03 2.34 4.97
C LEU A 37 -14.54 2.32 5.23
N LEU A 38 -15.26 1.33 4.70
CA LEU A 38 -16.71 1.16 4.84
C LEU A 38 -17.11 1.27 6.32
N PRO A 39 -16.64 0.42 7.25
CA PRO A 39 -16.97 0.54 8.67
C PRO A 39 -16.26 1.74 9.31
N MET A 40 -15.10 2.20 8.79
CA MET A 40 -14.39 3.34 9.36
C MET A 40 -15.26 4.60 9.35
N LYS A 41 -15.97 4.84 8.26
CA LYS A 41 -16.86 6.00 8.07
C LYS A 41 -17.79 6.22 9.28
N PRO A 42 -18.73 5.30 9.60
CA PRO A 42 -19.62 5.46 10.75
C PRO A 42 -18.85 5.34 12.08
N LEU A 43 -17.77 4.55 12.14
CA LEU A 43 -16.98 4.41 13.37
C LEU A 43 -16.43 5.78 13.77
N LYS A 44 -15.96 6.58 12.80
CA LYS A 44 -15.43 7.91 13.03
C LYS A 44 -16.52 8.82 13.60
N ALA A 45 -17.76 8.68 13.14
CA ALA A 45 -18.86 9.47 13.64
C ALA A 45 -19.13 9.06 15.09
N ALA A 46 -19.33 7.75 15.31
CA ALA A 46 -19.60 7.16 16.61
C ALA A 46 -18.52 7.49 17.64
N ALA A 47 -17.27 7.70 17.22
CA ALA A 47 -16.13 8.05 18.07
C ALA A 47 -16.28 9.42 18.73
N THR A 48 -17.29 10.21 18.33
CA THR A 48 -17.54 11.54 18.88
C THR A 48 -18.94 11.65 19.52
N THR A 49 -19.59 10.53 19.83
CA THR A 49 -20.91 10.47 20.45
C THR A 49 -20.87 9.38 21.52
N SER A 50 -21.76 9.45 22.50
CA SER A 50 -21.92 8.54 23.64
C SER A 50 -20.65 7.73 23.98
N GLN A 51 -20.68 6.40 23.90
CA GLN A 51 -19.52 5.55 24.16
C GLN A 51 -19.69 4.30 23.30
N PRO A 52 -19.13 4.25 22.09
CA PRO A 52 -19.24 3.07 21.25
C PRO A 52 -18.33 1.96 21.83
N VAL A 53 -18.13 0.87 21.09
CA VAL A 53 -17.30 -0.25 21.55
C VAL A 53 -15.85 0.17 21.87
N LEU A 54 -15.27 1.18 21.22
CA LEU A 54 -13.89 1.61 21.47
C LEU A 54 -13.78 3.14 21.57
N THR A 55 -12.57 3.62 21.88
CA THR A 55 -12.25 5.04 21.99
C THR A 55 -11.71 5.50 20.62
N SER A 56 -11.63 6.81 20.38
CA SER A 56 -11.12 7.35 19.13
C SER A 56 -9.64 6.95 18.97
N GLN A 57 -8.90 6.75 20.07
CA GLN A 57 -7.48 6.38 20.08
C GLN A 57 -7.25 5.01 19.41
N GLN A 58 -8.17 4.08 19.61
CA GLN A 58 -8.07 2.75 19.05
C GLN A 58 -8.21 2.86 17.53
N ILE A 59 -9.19 3.64 17.06
CA ILE A 59 -9.47 3.84 15.65
C ILE A 59 -8.25 4.46 14.96
N GLU A 60 -7.72 5.60 15.45
CA GLU A 60 -6.57 6.25 14.81
C GLU A 60 -5.29 5.39 14.77
N THR A 61 -5.23 4.28 15.51
CA THR A 61 -4.06 3.42 15.49
C THR A 61 -4.23 2.38 14.36
N ILE A 62 -5.34 1.64 14.37
CA ILE A 62 -5.60 0.62 13.35
C ILE A 62 -5.85 1.27 11.97
N PHE A 63 -6.39 2.49 11.94
CA PHE A 63 -6.68 3.24 10.72
C PHE A 63 -5.71 4.41 10.53
N PHE A 64 -4.52 4.36 11.15
CA PHE A 64 -3.47 5.38 11.11
C PHE A 64 -3.36 6.13 9.78
N LYS A 65 -3.25 5.44 8.64
CA LYS A 65 -3.17 6.10 7.31
C LYS A 65 -4.09 5.47 6.28
N VAL A 66 -5.00 4.57 6.68
CA VAL A 66 -5.96 3.92 5.80
C VAL A 66 -6.73 4.93 4.93
N PRO A 67 -7.31 6.02 5.47
CA PRO A 67 -8.05 6.97 4.66
C PRO A 67 -7.18 7.71 3.64
N GLU A 68 -5.95 8.07 4.02
CA GLU A 68 -5.02 8.78 3.17
C GLU A 68 -4.60 7.90 2.01
N LEU A 69 -4.13 6.68 2.32
CA LEU A 69 -3.67 5.72 1.33
C LEU A 69 -4.72 5.48 0.25
N TYR A 70 -6.01 5.46 0.61
CA TYR A 70 -7.08 5.25 -0.37
C TYR A 70 -7.08 6.36 -1.42
N GLU A 71 -7.08 7.61 -0.97
CA GLU A 71 -7.11 8.76 -1.87
C GLU A 71 -5.81 8.88 -2.65
N ILE A 72 -4.65 8.64 -2.01
CA ILE A 72 -3.33 8.72 -2.64
C ILE A 72 -3.22 7.66 -3.76
N HIS A 73 -3.82 6.48 -3.55
CA HIS A 73 -3.76 5.42 -4.55
C HIS A 73 -4.65 5.74 -5.74
N LYS A 74 -5.92 6.09 -5.49
CA LYS A 74 -6.86 6.42 -6.55
C LYS A 74 -6.41 7.69 -7.26
N GLU A 75 -5.74 8.64 -6.62
CA GLU A 75 -5.32 9.84 -7.33
C GLU A 75 -4.39 9.46 -8.46
N PHE A 76 -3.44 8.61 -8.10
CA PHE A 76 -2.42 8.08 -8.97
C PHE A 76 -3.04 7.20 -10.04
N TYR A 77 -3.84 6.21 -9.65
CA TYR A 77 -4.50 5.27 -10.56
C TYR A 77 -5.49 5.98 -11.48
N ASP A 78 -6.38 6.82 -10.92
CA ASP A 78 -7.38 7.50 -11.70
C ASP A 78 -6.71 8.45 -12.69
N GLY A 79 -5.77 9.26 -12.20
CA GLY A 79 -5.03 10.23 -13.01
C GLY A 79 -4.16 9.56 -14.07
N LEU A 80 -3.77 8.31 -13.86
CA LEU A 80 -2.95 7.55 -14.78
C LEU A 80 -3.80 7.06 -15.96
N PHE A 81 -5.08 6.74 -15.76
CA PHE A 81 -5.98 6.26 -16.83
C PHE A 81 -5.96 7.17 -18.08
N PRO A 82 -6.28 8.47 -18.00
CA PRO A 82 -6.27 9.33 -19.17
C PRO A 82 -4.85 9.55 -19.70
N ARG A 83 -3.84 9.53 -18.83
CA ARG A 83 -2.45 9.72 -19.23
C ARG A 83 -1.94 8.57 -20.06
N VAL A 84 -2.18 7.31 -19.67
CA VAL A 84 -1.72 6.16 -20.45
C VAL A 84 -2.52 6.08 -21.75
N GLN A 85 -3.84 6.31 -21.69
CA GLN A 85 -4.67 6.25 -22.87
C GLN A 85 -4.32 7.35 -23.86
N GLN A 86 -3.88 8.53 -23.41
CA GLN A 86 -3.50 9.64 -24.27
C GLN A 86 -2.36 10.36 -23.57
N TRP A 87 -1.15 9.91 -23.86
CA TRP A 87 0.08 10.48 -23.32
C TRP A 87 0.16 11.98 -23.63
N SER A 88 1.03 12.69 -22.90
CA SER A 88 1.23 14.13 -23.11
C SER A 88 1.62 14.32 -24.59
N HIS A 89 1.43 15.51 -25.17
CA HIS A 89 1.73 15.73 -26.59
C HIS A 89 3.22 15.48 -26.93
N GLN A 90 4.16 15.80 -26.03
CA GLN A 90 5.58 15.55 -26.25
C GLN A 90 6.25 15.55 -24.88
N GLN A 91 5.85 14.60 -24.03
CA GLN A 91 6.38 14.50 -22.68
C GLN A 91 6.16 13.10 -22.12
N ARG A 92 6.88 12.78 -21.05
CA ARG A 92 6.79 11.51 -20.35
C ARG A 92 6.13 11.75 -18.99
N VAL A 93 5.91 10.69 -18.21
CA VAL A 93 5.28 10.79 -16.90
C VAL A 93 6.35 10.59 -15.83
N GLY A 94 6.06 10.90 -14.57
CA GLY A 94 7.04 10.73 -13.51
C GLY A 94 6.59 11.43 -12.23
N ASP A 95 5.99 12.62 -12.36
CA ASP A 95 5.49 13.41 -11.23
C ASP A 95 4.54 12.59 -10.36
N LEU A 96 3.63 11.82 -11.00
CA LEU A 96 2.67 10.96 -10.32
C LEU A 96 3.39 9.99 -9.38
N PHE A 97 4.53 9.43 -9.83
CA PHE A 97 5.34 8.51 -9.05
C PHE A 97 6.12 9.27 -7.96
N GLN A 98 6.69 10.43 -8.32
CA GLN A 98 7.47 11.25 -7.40
C GLN A 98 6.66 11.57 -6.15
N LYS A 99 5.34 11.81 -6.26
CA LYS A 99 4.48 12.11 -5.12
C LYS A 99 4.64 11.09 -4.00
N LEU A 100 4.89 9.82 -4.32
CA LEU A 100 5.08 8.75 -3.34
C LEU A 100 6.42 8.92 -2.64
N ALA A 101 7.50 9.07 -3.42
CA ALA A 101 8.86 9.23 -2.89
C ALA A 101 8.96 10.51 -2.04
N SER A 102 8.22 11.55 -2.38
CA SER A 102 8.21 12.81 -1.65
C SER A 102 7.46 12.70 -0.31
N GLN A 103 6.66 11.65 -0.09
CA GLN A 103 5.89 11.45 1.14
C GLN A 103 6.26 10.22 1.96
N LEU A 104 7.44 9.62 1.76
CA LEU A 104 7.90 8.44 2.52
C LEU A 104 7.82 8.68 4.05
N GLY A 105 7.81 9.92 4.53
CA GLY A 105 7.72 10.24 5.95
C GLY A 105 6.39 9.75 6.52
N VAL A 106 5.30 9.79 5.75
CA VAL A 106 4.00 9.32 6.22
C VAL A 106 4.08 7.80 6.43
N TYR A 107 4.83 7.11 5.55
CA TYR A 107 5.03 5.67 5.61
C TYR A 107 5.84 5.38 6.88
N ARG A 108 6.94 6.11 7.12
CA ARG A 108 7.77 5.97 8.31
C ARG A 108 6.92 6.18 9.58
N ALA A 109 6.00 7.14 9.60
CA ALA A 109 5.15 7.36 10.76
C ALA A 109 4.22 6.15 10.98
N PHE A 110 3.70 5.57 9.90
CA PHE A 110 2.81 4.41 9.94
C PHE A 110 3.59 3.19 10.43
N VAL A 111 4.77 2.89 9.86
CA VAL A 111 5.56 1.73 10.29
C VAL A 111 5.94 1.84 11.77
N ASP A 112 6.19 3.06 12.25
CA ASP A 112 6.54 3.31 13.64
C ASP A 112 5.34 2.96 14.54
N ASN A 113 4.13 3.38 14.13
CA ASN A 113 2.87 3.17 14.84
C ASN A 113 2.36 1.72 14.77
N TYR A 114 2.76 1.00 13.72
CA TYR A 114 2.43 -0.40 13.40
C TYR A 114 2.61 -1.34 14.59
N GLY A 115 3.54 -1.03 15.48
CA GLY A 115 3.83 -1.81 16.67
C GLY A 115 2.62 -1.82 17.59
N VAL A 116 2.19 -0.62 17.99
CA VAL A 116 1.07 -0.38 18.88
C VAL A 116 -0.23 -0.89 18.23
N ALA A 117 -0.36 -0.78 16.89
CA ALA A 117 -1.55 -1.26 16.20
C ALA A 117 -1.78 -2.73 16.51
N MET A 118 -0.71 -3.54 16.49
CA MET A 118 -0.85 -4.96 16.77
C MET A 118 -1.08 -5.19 18.27
N GLU A 119 -0.36 -4.46 19.13
CA GLU A 119 -0.49 -4.62 20.57
C GLU A 119 -1.90 -4.32 21.07
N MET A 120 -2.61 -3.32 20.54
CA MET A 120 -3.97 -3.08 21.00
C MET A 120 -4.93 -4.07 20.34
N ALA A 121 -4.68 -4.40 19.07
CA ALA A 121 -5.51 -5.34 18.30
C ALA A 121 -5.70 -6.68 19.04
N GLU A 122 -4.63 -7.27 19.58
CA GLU A 122 -4.71 -8.54 20.31
C GLU A 122 -5.70 -8.47 21.47
N LYS A 123 -5.83 -7.31 22.13
CA LYS A 123 -6.72 -7.11 23.27
C LYS A 123 -8.14 -6.92 22.76
N CYS A 124 -8.30 -6.11 21.71
CA CYS A 124 -9.58 -5.84 21.11
C CYS A 124 -10.24 -7.16 20.67
N CYS A 125 -9.52 -8.06 20.00
CA CYS A 125 -10.09 -9.32 19.56
C CYS A 125 -10.62 -10.19 20.70
N GLN A 126 -9.97 -10.17 21.88
CA GLN A 126 -10.43 -10.93 23.04
C GLN A 126 -11.54 -10.23 23.83
N ALA A 127 -11.84 -8.96 23.57
CA ALA A 127 -12.88 -8.20 24.27
C ALA A 127 -14.04 -7.73 23.39
N ASN A 128 -13.89 -7.78 22.07
CA ASN A 128 -14.90 -7.33 21.13
C ASN A 128 -15.10 -8.38 20.03
N ALA A 129 -16.27 -9.00 20.02
CA ALA A 129 -16.65 -10.01 19.05
C ALA A 129 -16.55 -9.48 17.61
N GLN A 130 -16.79 -8.18 17.41
CA GLN A 130 -16.71 -7.52 16.10
C GLN A 130 -15.28 -7.62 15.56
N PHE A 131 -14.27 -7.63 16.44
CA PHE A 131 -12.88 -7.76 16.07
C PHE A 131 -12.54 -9.22 15.79
N ALA A 132 -13.04 -10.13 16.63
CA ALA A 132 -12.79 -11.57 16.49
C ALA A 132 -13.32 -12.12 15.16
N GLU A 133 -14.52 -11.72 14.73
CA GLU A 133 -15.12 -12.18 13.49
C GLU A 133 -14.31 -11.74 12.27
N ILE A 134 -13.86 -10.48 12.22
CA ILE A 134 -13.08 -9.99 11.09
C ILE A 134 -11.69 -10.65 11.12
N SER A 135 -11.11 -10.89 12.31
CA SER A 135 -9.81 -11.56 12.41
C SER A 135 -9.92 -13.03 11.98
N GLU A 136 -11.12 -13.60 11.87
CA GLU A 136 -11.34 -14.98 11.46
C GLU A 136 -11.22 -15.08 9.93
N ASN A 137 -11.29 -13.94 9.22
CA ASN A 137 -11.20 -13.87 7.77
C ASN A 137 -9.76 -13.94 7.24
N LEU A 138 -8.78 -14.09 8.14
CA LEU A 138 -7.37 -14.19 7.84
C LEU A 138 -6.73 -15.15 8.86
N ARG A 139 -5.46 -15.50 8.68
CA ARG A 139 -4.74 -16.39 9.58
C ARG A 139 -3.25 -16.14 9.43
N ALA A 140 -2.47 -16.56 10.41
CA ALA A 140 -1.02 -16.42 10.44
C ALA A 140 -0.47 -17.47 11.41
N ARG A 141 0.82 -17.78 11.27
CA ARG A 141 1.50 -18.76 12.13
C ARG A 141 2.01 -18.10 13.39
N SER A 142 2.21 -18.92 14.41
CA SER A 142 2.72 -18.55 15.72
C SER A 142 4.06 -19.27 15.94
N ASN A 143 4.64 -19.10 17.11
CA ASN A 143 5.89 -19.74 17.51
C ASN A 143 5.74 -20.05 19.00
N LYS A 144 5.98 -19.05 19.84
CA LYS A 144 5.88 -19.15 21.29
C LYS A 144 4.41 -19.28 21.72
N ASP A 145 3.51 -18.63 20.98
CA ASP A 145 2.07 -18.59 21.18
C ASP A 145 1.40 -19.97 20.98
N ALA A 146 2.18 -21.01 20.68
CA ALA A 146 1.69 -22.37 20.53
C ALA A 146 1.80 -23.12 21.87
N LYS A 147 2.44 -22.51 22.88
CA LYS A 147 2.63 -23.06 24.22
C LYS A 147 1.75 -22.30 25.21
N ASP A 148 1.78 -20.97 25.16
CA ASP A 148 0.94 -20.17 26.05
C ASP A 148 -0.51 -20.32 25.60
N PRO A 149 -1.50 -20.16 26.49
CA PRO A 149 -2.91 -20.29 26.12
C PRO A 149 -3.41 -19.18 25.19
N THR A 150 -2.64 -18.11 25.00
CA THR A 150 -2.97 -16.99 24.14
C THR A 150 -2.64 -17.38 22.69
N THR A 151 -3.60 -17.91 21.94
CA THR A 151 -3.42 -18.35 20.56
C THR A 151 -4.42 -17.64 19.65
N LYS A 152 -3.90 -17.04 18.57
CA LYS A 152 -4.63 -16.31 17.54
C LYS A 152 -3.64 -15.72 16.53
N ASN A 153 -4.16 -15.07 15.50
CA ASN A 153 -3.43 -14.34 14.45
C ASN A 153 -3.57 -12.86 14.82
N SER A 154 -2.92 -11.93 14.11
CA SER A 154 -3.01 -10.52 14.46
C SER A 154 -3.27 -9.59 13.28
N LEU A 155 -3.60 -8.33 13.60
CA LEU A 155 -3.87 -7.27 12.62
C LEU A 155 -2.66 -7.03 11.71
N GLU A 156 -1.44 -7.34 12.17
CA GLU A 156 -0.23 -7.17 11.37
C GLU A 156 -0.34 -7.97 10.08
N THR A 157 -1.08 -9.09 10.08
CA THR A 157 -1.26 -9.94 8.93
C THR A 157 -2.09 -9.23 7.85
N LEU A 158 -3.26 -8.68 8.21
CA LEU A 158 -4.11 -8.00 7.24
C LEU A 158 -3.53 -6.66 6.83
N LEU A 159 -2.69 -6.03 7.66
CA LEU A 159 -2.04 -4.77 7.31
C LEU A 159 -0.86 -5.08 6.40
N TYR A 160 -0.15 -6.20 6.60
CA TYR A 160 0.99 -6.53 5.74
C TYR A 160 0.56 -7.03 4.36
N LYS A 161 -0.52 -7.81 4.24
CA LYS A 161 -0.99 -8.30 2.93
C LYS A 161 -1.03 -7.19 1.85
N PRO A 162 -1.67 -6.02 2.06
CA PRO A 162 -1.70 -4.96 1.07
C PRO A 162 -0.34 -4.22 0.99
N VAL A 163 0.42 -4.16 2.09
CA VAL A 163 1.72 -3.50 2.14
C VAL A 163 2.72 -4.29 1.29
N ASP A 164 2.56 -5.62 1.17
CA ASP A 164 3.44 -6.47 0.36
C ASP A 164 3.43 -5.95 -1.08
N ARG A 165 2.28 -5.42 -1.54
CA ARG A 165 2.13 -4.86 -2.88
C ARG A 165 3.06 -3.65 -3.03
N VAL A 166 3.23 -2.86 -1.97
CA VAL A 166 4.09 -1.68 -1.97
C VAL A 166 5.53 -2.16 -2.20
N THR A 167 5.94 -3.33 -1.68
CA THR A 167 7.30 -3.81 -1.91
C THR A 167 7.51 -4.01 -3.42
N ARG A 168 6.47 -4.43 -4.15
CA ARG A 168 6.51 -4.61 -5.59
C ARG A 168 6.43 -3.28 -6.34
N SER A 169 5.72 -2.27 -5.82
CA SER A 169 5.58 -0.98 -6.48
C SER A 169 6.91 -0.33 -6.90
N THR A 170 7.99 -0.56 -6.17
CA THR A 170 9.29 0.01 -6.52
C THR A 170 9.85 -0.63 -7.80
N LEU A 171 9.58 -1.92 -8.05
CA LEU A 171 10.09 -2.62 -9.22
C LEU A 171 9.58 -2.00 -10.49
N VAL A 172 8.39 -1.39 -10.49
CA VAL A 172 7.83 -0.78 -11.69
C VAL A 172 8.76 0.34 -12.17
N LEU A 173 9.44 1.02 -11.24
CA LEU A 173 10.37 2.09 -11.54
C LEU A 173 11.65 1.52 -12.14
N HIS A 174 12.09 0.36 -11.65
CA HIS A 174 13.29 -0.34 -12.09
C HIS A 174 13.06 -1.03 -13.45
N ASP A 175 11.84 -1.47 -13.72
CA ASP A 175 11.38 -2.13 -14.93
C ASP A 175 11.22 -1.10 -16.06
N LEU A 176 10.55 0.02 -15.80
CA LEU A 176 10.36 1.08 -16.81
C LEU A 176 11.70 1.68 -17.21
N LEU A 177 12.65 1.71 -16.27
CA LEU A 177 14.00 2.22 -16.45
C LEU A 177 14.69 1.50 -17.62
N LYS A 178 14.63 0.17 -17.65
CA LYS A 178 15.25 -0.64 -18.69
C LYS A 178 14.86 -0.19 -20.08
N HIS A 179 13.57 0.10 -20.30
CA HIS A 179 13.09 0.53 -21.60
C HIS A 179 13.52 1.97 -21.91
N THR A 180 13.63 2.84 -20.90
CA THR A 180 14.01 4.23 -21.05
C THR A 180 15.50 4.37 -21.42
N PRO A 181 15.88 5.26 -22.35
CA PRO A 181 17.29 5.44 -22.69
C PRO A 181 17.97 6.13 -21.52
N ALA A 182 19.20 5.73 -21.19
CA ALA A 182 19.92 6.33 -20.07
C ALA A 182 20.12 7.84 -20.20
N SER A 183 20.18 8.34 -21.43
CA SER A 183 20.35 9.75 -21.73
C SER A 183 19.11 10.59 -21.39
N HIS A 184 17.94 9.98 -21.17
CA HIS A 184 16.73 10.73 -20.82
C HIS A 184 16.81 11.17 -19.35
N PRO A 185 16.22 12.32 -18.98
CA PRO A 185 16.22 12.78 -17.59
C PRO A 185 15.41 11.82 -16.70
N ASP A 186 14.55 11.01 -17.32
CA ASP A 186 13.72 10.03 -16.66
C ASP A 186 14.58 8.92 -16.06
N HIS A 187 15.81 8.71 -16.55
CA HIS A 187 16.68 7.68 -16.02
C HIS A 187 17.07 8.06 -14.59
N PRO A 188 17.75 9.20 -14.30
CA PRO A 188 18.08 9.54 -12.92
C PRO A 188 16.82 9.84 -12.10
N LEU A 189 15.78 10.42 -12.70
CA LEU A 189 14.53 10.76 -12.00
C LEU A 189 13.83 9.49 -11.47
N LEU A 190 13.79 8.40 -12.25
CA LEU A 190 13.17 7.16 -11.77
C LEU A 190 14.17 6.35 -10.92
N GLN A 191 15.49 6.55 -11.09
CA GLN A 191 16.48 5.84 -10.30
C GLN A 191 16.65 6.38 -8.89
N ASP A 192 16.82 7.69 -8.73
CA ASP A 192 17.03 8.31 -7.42
C ASP A 192 15.79 8.21 -6.55
N ALA A 193 14.61 8.40 -7.13
CA ALA A 193 13.37 8.29 -6.38
C ALA A 193 13.20 6.85 -5.89
N LEU A 194 13.64 5.88 -6.71
CA LEU A 194 13.59 4.47 -6.39
C LEU A 194 14.57 4.15 -5.26
N ARG A 195 15.71 4.84 -5.17
CA ARG A 195 16.67 4.57 -4.11
C ARG A 195 16.04 4.83 -2.75
N ILE A 196 15.51 6.04 -2.56
CA ILE A 196 14.88 6.42 -1.30
C ILE A 196 13.70 5.51 -0.94
N SER A 197 12.87 5.10 -1.89
CA SER A 197 11.74 4.22 -1.58
C SER A 197 12.21 2.78 -1.32
N GLN A 198 13.11 2.23 -2.14
CA GLN A 198 13.57 0.85 -1.94
C GLN A 198 14.30 0.75 -0.61
N ASN A 199 15.09 1.77 -0.24
CA ASN A 199 15.81 1.80 1.00
C ASN A 199 14.87 1.87 2.19
N PHE A 200 13.73 2.56 2.06
CA PHE A 200 12.77 2.66 3.14
C PHE A 200 12.14 1.29 3.39
N LEU A 201 11.53 0.67 2.36
CA LEU A 201 10.87 -0.63 2.52
C LEU A 201 11.83 -1.75 2.92
N SER A 202 13.03 -1.75 2.36
CA SER A 202 14.07 -2.74 2.62
C SER A 202 14.55 -2.67 4.07
N SER A 203 14.44 -1.53 4.76
CA SER A 203 14.85 -1.40 6.16
C SER A 203 13.75 -1.79 7.15
N ILE A 204 12.52 -1.98 6.67
CA ILE A 204 11.38 -2.41 7.46
C ILE A 204 11.00 -3.82 7.03
N ASN A 205 11.82 -4.44 6.18
CA ASN A 205 11.60 -5.79 5.67
C ASN A 205 11.54 -6.79 6.81
N GLU A 206 12.34 -6.59 7.85
CA GLU A 206 12.37 -7.45 9.04
C GLU A 206 11.22 -7.11 10.00
N GLU A 207 10.64 -5.90 9.88
CA GLU A 207 9.56 -5.40 10.72
C GLU A 207 8.18 -5.88 10.27
N ILE A 208 8.06 -6.24 8.99
CA ILE A 208 6.86 -6.74 8.37
C ILE A 208 7.25 -7.97 7.53
N THR A 209 7.11 -9.13 8.17
CA THR A 209 7.41 -10.44 7.61
C THR A 209 6.55 -11.46 8.35
N PRO A 210 6.03 -12.51 7.68
CA PRO A 210 5.22 -13.54 8.30
C PRO A 210 6.05 -14.46 9.21
N ARG A 211 7.24 -14.04 9.67
CA ARG A 211 8.15 -14.80 10.52
C ARG A 211 8.75 -13.99 11.68
N ARG A 212 8.24 -12.80 11.97
CA ARG A 212 8.76 -11.97 13.05
C ARG A 212 8.27 -12.59 14.37
N GLN A 213 9.07 -13.46 14.98
CA GLN A 213 8.73 -14.14 16.22
C GLN A 213 9.96 -14.20 17.13
N SER A 214 9.69 -14.23 18.43
CA SER A 214 10.67 -14.29 19.50
C SER A 214 10.27 -15.47 20.39
N MET A 215 10.54 -15.41 21.70
CA MET A 215 10.21 -16.46 22.65
C MET A 215 9.69 -15.81 23.93
N THR A 216 9.21 -16.59 24.90
CA THR A 216 8.70 -16.10 26.17
C THR A 216 9.06 -17.08 27.27
N VAL A 217 9.08 -16.57 28.51
CA VAL A 217 9.38 -17.31 29.72
C VAL A 217 8.20 -18.23 30.07
N LYS A 218 8.32 -18.94 31.20
CA LYS A 218 7.35 -19.89 31.75
C LYS A 218 7.26 -21.10 30.83
N ALA A 1 12.18 24.02 -30.20
CA ALA A 1 11.14 24.52 -31.12
C ALA A 1 10.00 23.51 -31.10
N MET A 2 9.35 23.20 -32.23
CA MET A 2 8.24 22.24 -32.27
C MET A 2 8.63 20.84 -31.78
N ALA A 3 9.90 20.44 -31.99
CA ALA A 3 10.42 19.12 -31.64
C ALA A 3 9.63 18.09 -32.46
N SER A 4 9.35 16.90 -31.95
CA SER A 4 8.61 15.90 -32.70
C SER A 4 7.95 14.90 -31.76
N GLU A 5 6.63 14.81 -31.85
CA GLU A 5 5.75 13.92 -31.11
C GLU A 5 6.23 12.46 -31.20
N LEU A 6 6.84 12.08 -32.34
CA LEU A 6 7.35 10.76 -32.63
C LEU A 6 8.51 10.32 -31.71
N ASP A 7 9.13 11.21 -30.94
CA ASP A 7 10.23 10.87 -30.02
C ASP A 7 9.64 10.26 -28.74
N LEU A 8 8.75 11.01 -28.08
CA LEU A 8 8.11 10.61 -26.84
C LEU A 8 7.17 9.44 -27.05
N GLU A 9 6.68 9.26 -28.28
CA GLU A 9 5.78 8.20 -28.70
C GLU A 9 6.34 6.83 -28.33
N LYS A 10 7.68 6.65 -28.36
CA LYS A 10 8.32 5.37 -28.03
C LYS A 10 8.11 5.03 -26.56
N GLY A 11 7.92 6.03 -25.71
CA GLY A 11 7.69 5.81 -24.31
C GLY A 11 6.25 5.33 -24.15
N LEU A 12 5.31 5.95 -24.89
CA LEU A 12 3.88 5.65 -24.88
C LEU A 12 3.63 4.19 -25.21
N GLU A 13 4.35 3.62 -26.17
CA GLU A 13 4.25 2.24 -26.63
C GLU A 13 4.28 1.25 -25.46
N MET A 14 5.36 1.23 -24.66
CA MET A 14 5.42 0.31 -23.53
C MET A 14 4.57 0.84 -22.37
N ARG A 15 4.46 2.16 -22.20
CA ARG A 15 3.67 2.77 -21.13
C ARG A 15 2.24 2.26 -21.17
N LYS A 16 1.68 2.02 -22.37
CA LYS A 16 0.32 1.51 -22.53
C LYS A 16 0.13 0.27 -21.66
N TRP A 17 0.99 -0.74 -21.80
CA TRP A 17 0.87 -1.98 -21.04
C TRP A 17 1.35 -1.84 -19.60
N VAL A 18 2.50 -1.21 -19.40
CA VAL A 18 3.10 -1.02 -18.08
C VAL A 18 2.12 -0.40 -17.10
N LEU A 19 1.53 0.75 -17.48
CA LEU A 19 0.59 1.45 -16.63
C LEU A 19 -0.72 0.67 -16.54
N SER A 20 -1.17 -0.01 -17.62
CA SER A 20 -2.40 -0.79 -17.63
C SER A 20 -2.31 -1.83 -16.51
N GLY A 21 -1.12 -2.39 -16.28
CA GLY A 21 -0.89 -3.36 -15.23
C GLY A 21 -1.24 -2.73 -13.88
N ILE A 22 -0.77 -1.51 -13.60
CA ILE A 22 -1.07 -0.87 -12.33
C ILE A 22 -2.56 -0.54 -12.18
N LEU A 23 -3.19 0.19 -13.12
CA LEU A 23 -4.63 0.55 -13.04
C LEU A 23 -5.42 -0.73 -12.82
N ALA A 24 -5.14 -1.82 -13.53
CA ALA A 24 -5.88 -3.06 -13.37
C ALA A 24 -5.67 -3.73 -12.00
N SER A 25 -4.44 -3.72 -11.49
CA SER A 25 -4.11 -4.32 -10.21
C SER A 25 -4.70 -3.48 -9.07
N GLU A 26 -4.68 -2.16 -9.22
CA GLU A 26 -5.19 -1.22 -8.25
C GLU A 26 -6.71 -1.25 -8.32
N GLU A 27 -7.30 -1.31 -9.52
CA GLU A 27 -8.74 -1.38 -9.78
C GLU A 27 -9.37 -2.54 -8.99
N THR A 28 -8.79 -3.74 -9.08
CA THR A 28 -9.32 -4.91 -8.36
C THR A 28 -8.97 -4.83 -6.86
N TYR A 29 -7.82 -4.25 -6.50
CA TYR A 29 -7.38 -4.10 -5.12
C TYR A 29 -8.30 -3.11 -4.39
N LEU A 30 -8.84 -2.10 -5.10
CA LEU A 30 -9.75 -1.10 -4.56
C LEU A 30 -10.91 -1.79 -3.85
N SER A 31 -11.42 -2.87 -4.45
CA SER A 31 -12.52 -3.69 -3.96
C SER A 31 -12.15 -4.29 -2.60
N HIS A 32 -10.93 -4.83 -2.50
CA HIS A 32 -10.37 -5.45 -1.31
C HIS A 32 -10.22 -4.43 -0.18
N LEU A 33 -9.68 -3.26 -0.52
CA LEU A 33 -9.43 -2.13 0.39
C LEU A 33 -10.73 -1.47 0.84
N GLU A 34 -11.70 -1.34 -0.05
CA GLU A 34 -13.01 -0.73 0.20
C GLU A 34 -13.67 -1.44 1.39
N ALA A 35 -13.67 -2.77 1.39
CA ALA A 35 -14.27 -3.56 2.45
C ALA A 35 -13.62 -3.29 3.82
N LEU A 36 -12.37 -2.80 3.86
CA LEU A 36 -11.66 -2.47 5.10
C LEU A 36 -11.98 -1.03 5.51
N LEU A 37 -12.19 -0.13 4.54
CA LEU A 37 -12.54 1.27 4.80
C LEU A 37 -13.98 1.36 5.30
N LEU A 38 -14.84 0.45 4.85
CA LEU A 38 -16.25 0.37 5.22
C LEU A 38 -16.45 0.51 6.74
N PRO A 39 -15.90 -0.37 7.61
CA PRO A 39 -16.07 -0.23 9.06
C PRO A 39 -15.29 0.95 9.65
N MET A 40 -14.30 1.52 8.95
CA MET A 40 -13.54 2.65 9.46
C MET A 40 -14.48 3.84 9.66
N LYS A 41 -15.35 4.13 8.69
CA LYS A 41 -16.31 5.23 8.74
C LYS A 41 -17.15 5.28 10.02
N PRO A 42 -17.97 4.26 10.36
CA PRO A 42 -18.78 4.30 11.56
C PRO A 42 -17.94 4.35 12.83
N LEU A 43 -16.76 3.73 12.86
CA LEU A 43 -15.89 3.76 14.04
C LEU A 43 -15.41 5.19 14.27
N LYS A 44 -14.79 5.79 13.26
CA LYS A 44 -14.26 7.16 13.31
C LYS A 44 -15.40 8.15 13.60
N ALA A 45 -16.59 7.93 13.03
CA ALA A 45 -17.76 8.79 13.24
C ALA A 45 -18.27 8.67 14.68
N ALA A 46 -18.29 7.45 15.23
CA ALA A 46 -18.76 7.21 16.59
C ALA A 46 -17.74 7.67 17.62
N ALA A 47 -16.44 7.70 17.29
CA ALA A 47 -15.38 8.12 18.17
C ALA A 47 -15.51 9.58 18.63
N THR A 48 -16.38 10.36 17.99
CA THR A 48 -16.65 11.76 18.29
C THR A 48 -18.11 11.93 18.80
N THR A 49 -18.77 10.87 19.30
CA THR A 49 -20.13 10.94 19.80
C THR A 49 -20.31 9.98 20.97
N SER A 50 -20.90 10.45 22.08
CA SER A 50 -21.12 9.63 23.26
C SER A 50 -19.82 8.91 23.64
N GLN A 51 -19.87 7.60 23.86
CA GLN A 51 -18.73 6.75 24.19
C GLN A 51 -19.06 5.40 23.57
N PRO A 52 -18.56 5.06 22.37
CA PRO A 52 -18.83 3.78 21.74
C PRO A 52 -18.00 2.66 22.40
N VAL A 53 -17.95 1.49 21.76
CA VAL A 53 -17.20 0.33 22.26
C VAL A 53 -15.72 0.70 22.35
N LEU A 54 -15.10 1.14 21.25
CA LEU A 54 -13.68 1.52 21.22
C LEU A 54 -13.53 3.01 21.60
N THR A 55 -12.31 3.53 21.53
CA THR A 55 -11.93 4.90 21.86
C THR A 55 -11.19 5.48 20.65
N SER A 56 -11.21 6.81 20.50
CA SER A 56 -10.54 7.52 19.40
C SER A 56 -9.07 7.10 19.32
N GLN A 57 -8.39 6.88 20.46
CA GLN A 57 -6.98 6.50 20.45
C GLN A 57 -6.78 5.14 19.80
N GLN A 58 -7.56 4.12 20.20
CA GLN A 58 -7.44 2.79 19.63
C GLN A 58 -7.85 2.80 18.15
N ILE A 59 -8.82 3.64 17.77
CA ILE A 59 -9.29 3.75 16.40
C ILE A 59 -8.18 4.43 15.57
N GLU A 60 -7.65 5.57 15.99
CA GLU A 60 -6.61 6.29 15.27
C GLU A 60 -5.31 5.47 15.16
N THR A 61 -4.99 4.63 16.15
CA THR A 61 -3.79 3.81 16.07
C THR A 61 -3.99 2.69 15.02
N ILE A 62 -5.16 2.04 14.97
CA ILE A 62 -5.42 0.97 14.01
C ILE A 62 -5.64 1.53 12.60
N PHE A 63 -6.47 2.56 12.44
CA PHE A 63 -6.79 3.18 11.16
C PHE A 63 -5.88 4.39 10.86
N PHE A 64 -4.65 4.38 11.40
CA PHE A 64 -3.65 5.43 11.27
C PHE A 64 -3.57 6.06 9.90
N LYS A 65 -3.36 5.28 8.83
CA LYS A 65 -3.27 5.78 7.46
C LYS A 65 -4.13 4.99 6.49
N VAL A 66 -5.03 4.14 6.99
CA VAL A 66 -5.93 3.32 6.17
C VAL A 66 -6.63 4.16 5.08
N PRO A 67 -7.39 5.23 5.40
CA PRO A 67 -8.04 6.01 4.35
C PRO A 67 -7.04 6.83 3.54
N GLU A 68 -5.94 7.32 4.14
CA GLU A 68 -4.92 8.10 3.43
C GLU A 68 -4.36 7.25 2.29
N LEU A 69 -3.95 6.02 2.56
CA LEU A 69 -3.42 5.07 1.59
C LEU A 69 -4.43 4.88 0.44
N TYR A 70 -5.74 4.77 0.74
CA TYR A 70 -6.77 4.62 -0.28
C TYR A 70 -6.75 5.82 -1.22
N GLU A 71 -6.75 7.03 -0.66
CA GLU A 71 -6.73 8.28 -1.41
C GLU A 71 -5.47 8.40 -2.26
N ILE A 72 -4.28 8.16 -1.69
CA ILE A 72 -3.01 8.27 -2.40
C ILE A 72 -3.07 7.40 -3.66
N HIS A 73 -3.41 6.14 -3.48
CA HIS A 73 -3.50 5.16 -4.54
C HIS A 73 -4.53 5.55 -5.59
N LYS A 74 -5.77 5.89 -5.21
CA LYS A 74 -6.79 6.24 -6.20
C LYS A 74 -6.50 7.56 -6.87
N GLU A 75 -5.92 8.58 -6.22
CA GLU A 75 -5.69 9.83 -6.94
C GLU A 75 -4.65 9.59 -8.04
N PHE A 76 -3.74 8.65 -7.79
CA PHE A 76 -2.73 8.27 -8.73
C PHE A 76 -3.35 7.40 -9.83
N TYR A 77 -4.06 6.31 -9.49
CA TYR A 77 -4.69 5.38 -10.41
C TYR A 77 -5.79 6.05 -11.25
N ASP A 78 -6.67 6.80 -10.59
CA ASP A 78 -7.77 7.47 -11.24
C ASP A 78 -7.22 8.48 -12.25
N GLY A 79 -6.19 9.25 -11.89
CA GLY A 79 -5.58 10.23 -12.77
C GLY A 79 -4.72 9.55 -13.86
N LEU A 80 -4.44 8.26 -13.72
CA LEU A 80 -3.66 7.46 -14.66
C LEU A 80 -4.53 7.12 -15.86
N PHE A 81 -5.83 6.89 -15.62
CA PHE A 81 -6.83 6.54 -16.63
C PHE A 81 -6.90 7.58 -17.77
N PRO A 82 -7.17 8.87 -17.53
CA PRO A 82 -7.24 9.85 -18.61
C PRO A 82 -5.89 10.01 -19.30
N ARG A 83 -4.78 9.78 -18.59
CA ARG A 83 -3.46 9.90 -19.19
C ARG A 83 -3.26 8.83 -20.25
N VAL A 84 -3.61 7.57 -20.03
CA VAL A 84 -3.41 6.56 -21.09
C VAL A 84 -4.39 6.85 -22.24
N GLN A 85 -5.61 7.30 -21.94
CA GLN A 85 -6.60 7.61 -22.95
C GLN A 85 -6.15 8.76 -23.84
N GLN A 86 -5.62 9.82 -23.25
CA GLN A 86 -5.17 11.00 -23.96
C GLN A 86 -3.89 11.50 -23.32
N TRP A 87 -2.78 10.92 -23.77
CA TRP A 87 -1.45 11.27 -23.31
C TRP A 87 -1.20 12.77 -23.52
N SER A 88 -0.27 13.35 -22.77
CA SER A 88 0.05 14.76 -22.89
C SER A 88 0.62 15.03 -24.28
N HIS A 89 0.47 16.26 -24.79
CA HIS A 89 0.97 16.63 -26.10
C HIS A 89 2.49 16.49 -26.16
N GLN A 90 3.23 17.21 -25.29
CA GLN A 90 4.69 17.16 -25.24
C GLN A 90 5.18 17.51 -23.84
N GLN A 91 4.86 16.64 -22.88
CA GLN A 91 5.20 16.73 -21.47
C GLN A 91 5.00 15.32 -20.92
N ARG A 92 6.07 14.63 -20.52
CA ARG A 92 5.98 13.26 -20.02
C ARG A 92 5.36 13.24 -18.62
N VAL A 93 5.21 12.04 -18.07
CA VAL A 93 4.63 11.85 -16.74
C VAL A 93 5.77 11.47 -15.81
N GLY A 94 5.54 11.60 -14.50
CA GLY A 94 6.51 11.28 -13.47
C GLY A 94 6.16 12.03 -12.19
N ASP A 95 5.53 13.20 -12.30
CA ASP A 95 5.12 14.03 -11.17
C ASP A 95 4.19 13.23 -10.24
N LEU A 96 3.36 12.34 -10.80
CA LEU A 96 2.45 11.50 -10.04
C LEU A 96 3.29 10.57 -9.14
N PHE A 97 4.25 9.85 -9.72
CA PHE A 97 5.11 8.93 -8.99
C PHE A 97 5.92 9.70 -7.95
N GLN A 98 6.40 10.89 -8.28
CA GLN A 98 7.18 11.74 -7.37
C GLN A 98 6.36 12.09 -6.13
N LYS A 99 5.02 12.17 -6.23
CA LYS A 99 4.16 12.48 -5.07
C LYS A 99 4.35 11.40 -4.02
N LEU A 100 4.43 10.13 -4.42
CA LEU A 100 4.62 9.00 -3.52
C LEU A 100 5.93 9.16 -2.75
N ALA A 101 7.04 9.39 -3.46
CA ALA A 101 8.35 9.58 -2.86
C ALA A 101 8.36 10.80 -1.92
N SER A 102 7.68 11.87 -2.31
CA SER A 102 7.61 13.10 -1.51
C SER A 102 6.86 12.90 -0.18
N GLN A 103 5.99 11.89 -0.08
CA GLN A 103 5.21 11.61 1.13
C GLN A 103 5.66 10.32 1.82
N LEU A 104 6.79 9.72 1.42
CA LEU A 104 7.30 8.49 2.01
C LEU A 104 7.52 8.63 3.53
N GLY A 105 7.64 9.87 4.04
CA GLY A 105 7.82 10.13 5.46
C GLY A 105 6.66 9.58 6.28
N VAL A 106 5.42 9.60 5.75
CA VAL A 106 4.26 9.07 6.47
C VAL A 106 4.43 7.56 6.72
N TYR A 107 5.07 6.84 5.81
CA TYR A 107 5.28 5.40 5.98
C TYR A 107 6.24 5.18 7.16
N ARG A 108 7.21 6.07 7.38
CA ARG A 108 8.12 5.95 8.52
C ARG A 108 7.27 6.11 9.78
N ALA A 109 6.30 7.04 9.81
CA ALA A 109 5.46 7.21 10.99
C ALA A 109 4.66 5.92 11.26
N PHE A 110 4.11 5.31 10.21
CA PHE A 110 3.34 4.07 10.31
C PHE A 110 4.22 2.90 10.79
N VAL A 111 5.41 2.71 10.22
CA VAL A 111 6.31 1.62 10.62
C VAL A 111 6.79 1.79 12.06
N ASP A 112 7.16 3.02 12.44
CA ASP A 112 7.67 3.39 13.76
C ASP A 112 6.71 3.06 14.89
N ASN A 113 5.40 3.07 14.64
CA ASN A 113 4.36 2.75 15.61
C ASN A 113 3.51 1.55 15.17
N TYR A 114 4.05 0.71 14.28
CA TYR A 114 3.38 -0.46 13.74
C TYR A 114 2.99 -1.48 14.79
N GLY A 115 3.95 -1.86 15.64
CA GLY A 115 3.76 -2.86 16.68
C GLY A 115 2.57 -2.54 17.59
N VAL A 116 2.39 -1.27 17.93
CA VAL A 116 1.30 -0.83 18.80
C VAL A 116 -0.05 -1.12 18.16
N ALA A 117 -0.20 -0.84 16.85
CA ALA A 117 -1.47 -1.09 16.18
C ALA A 117 -1.85 -2.56 16.28
N MET A 118 -0.89 -3.48 16.21
CA MET A 118 -1.16 -4.90 16.34
C MET A 118 -1.54 -5.22 17.78
N GLU A 119 -0.80 -4.65 18.73
CA GLU A 119 -1.02 -4.85 20.16
C GLU A 119 -2.46 -4.45 20.53
N MET A 120 -2.94 -3.32 20.00
CA MET A 120 -4.29 -2.82 20.26
C MET A 120 -5.33 -3.63 19.48
N ALA A 121 -5.03 -3.94 18.22
CA ALA A 121 -5.92 -4.67 17.33
C ALA A 121 -6.41 -5.98 17.94
N GLU A 122 -5.52 -6.80 18.49
CA GLU A 122 -5.94 -8.06 19.09
C GLU A 122 -6.90 -7.81 20.25
N LYS A 123 -6.58 -6.83 21.08
CA LYS A 123 -7.41 -6.48 22.22
C LYS A 123 -8.74 -5.93 21.73
N CYS A 124 -8.78 -5.25 20.59
CA CYS A 124 -10.02 -4.71 20.02
C CYS A 124 -10.92 -5.90 19.69
N CYS A 125 -10.41 -6.96 19.04
CA CYS A 125 -11.22 -8.13 18.72
C CYS A 125 -11.76 -8.74 20.01
N GLN A 126 -10.88 -8.92 20.98
CA GLN A 126 -11.23 -9.50 22.27
C GLN A 126 -12.20 -8.62 23.08
N ALA A 127 -12.37 -7.34 22.76
CA ALA A 127 -13.25 -6.39 23.47
C ALA A 127 -14.44 -5.84 22.67
N ASN A 128 -14.49 -6.04 21.35
CA ASN A 128 -15.52 -5.58 20.43
C ASN A 128 -16.00 -6.77 19.60
N ALA A 129 -17.24 -7.20 19.82
CA ALA A 129 -17.84 -8.32 19.12
C ALA A 129 -17.76 -8.17 17.60
N GLN A 130 -17.89 -6.94 17.08
CA GLN A 130 -17.81 -6.72 15.64
C GLN A 130 -16.43 -7.07 15.09
N PHE A 131 -15.36 -6.92 15.88
CA PHE A 131 -14.01 -7.29 15.45
C PHE A 131 -13.82 -8.80 15.64
N ALA A 132 -14.39 -9.38 16.70
CA ALA A 132 -14.28 -10.81 16.98
C ALA A 132 -14.90 -11.66 15.88
N GLU A 133 -16.14 -11.34 15.46
CA GLU A 133 -16.85 -12.10 14.43
C GLU A 133 -16.14 -12.12 13.08
N ILE A 134 -15.52 -11.01 12.67
CA ILE A 134 -14.79 -10.92 11.40
C ILE A 134 -13.45 -11.66 11.53
N SER A 135 -12.86 -11.67 12.72
CA SER A 135 -11.60 -12.34 13.00
C SER A 135 -11.82 -13.87 12.98
N GLU A 136 -13.00 -14.34 13.39
CA GLU A 136 -13.31 -15.78 13.39
C GLU A 136 -13.49 -16.25 11.94
N ASN A 137 -13.77 -15.30 11.03
CA ASN A 137 -13.98 -15.53 9.62
C ASN A 137 -12.69 -15.91 8.87
N LEU A 138 -11.53 -15.65 9.47
CA LEU A 138 -10.20 -15.94 8.93
C LEU A 138 -9.50 -16.88 9.90
N ARG A 139 -8.36 -17.47 9.51
CA ARG A 139 -7.65 -18.39 10.39
C ARG A 139 -6.88 -17.64 11.46
N ALA A 140 -7.53 -17.42 12.58
CA ALA A 140 -7.06 -16.72 13.76
C ALA A 140 -7.25 -17.64 14.97
N ARG A 141 -7.06 -17.11 16.17
CA ARG A 141 -7.23 -17.88 17.40
C ARG A 141 -7.83 -17.03 18.50
N SER A 142 -7.25 -15.85 18.78
CA SER A 142 -7.67 -14.91 19.81
C SER A 142 -7.52 -15.51 21.21
N ASN A 143 -6.70 -14.89 22.07
CA ASN A 143 -6.42 -15.33 23.44
C ASN A 143 -5.87 -16.77 23.49
N LYS A 144 -5.25 -17.22 22.40
CA LYS A 144 -4.69 -18.55 22.30
C LYS A 144 -3.32 -18.44 21.67
N ASP A 145 -3.24 -18.19 20.36
CA ASP A 145 -2.03 -18.04 19.55
C ASP A 145 -0.98 -17.11 20.16
N ALA A 146 -1.38 -16.10 20.93
CA ALA A 146 -0.44 -15.19 21.58
C ALA A 146 0.38 -15.89 22.70
N LYS A 147 0.13 -17.17 23.00
CA LYS A 147 0.81 -17.95 24.03
C LYS A 147 1.02 -19.38 23.56
N ASP A 148 0.06 -19.95 22.83
CA ASP A 148 0.14 -21.31 22.29
C ASP A 148 1.25 -21.29 21.22
N PRO A 149 1.85 -22.44 20.90
CA PRO A 149 2.91 -22.48 19.89
C PRO A 149 2.39 -22.26 18.46
N THR A 150 1.10 -22.48 18.21
CA THR A 150 0.44 -22.36 16.92
C THR A 150 0.30 -20.91 16.45
N THR A 151 1.11 -20.44 15.50
CA THR A 151 0.98 -19.10 14.98
C THR A 151 -0.24 -19.11 14.04
N LYS A 152 -0.92 -17.99 13.92
CA LYS A 152 -2.10 -17.81 13.07
C LYS A 152 -2.11 -16.39 12.50
N ASN A 153 -3.15 -16.05 11.75
CA ASN A 153 -3.29 -14.73 11.17
C ASN A 153 -3.95 -13.87 12.23
N SER A 154 -3.63 -12.58 12.18
CA SER A 154 -4.14 -11.55 13.06
C SER A 154 -4.51 -10.35 12.17
N LEU A 155 -5.09 -9.29 12.74
CA LEU A 155 -5.48 -8.07 12.01
C LEU A 155 -4.31 -7.54 11.19
N GLU A 156 -3.09 -7.67 11.71
CA GLU A 156 -1.83 -7.26 11.09
C GLU A 156 -1.67 -7.76 9.66
N THR A 157 -2.26 -8.92 9.32
CA THR A 157 -2.18 -9.49 7.98
C THR A 157 -2.77 -8.52 6.95
N LEU A 158 -3.84 -7.81 7.34
CA LEU A 158 -4.53 -6.84 6.51
C LEU A 158 -3.65 -5.62 6.26
N LEU A 159 -2.81 -5.27 7.23
CA LEU A 159 -1.88 -4.14 7.18
C LEU A 159 -0.66 -4.53 6.36
N TYR A 160 -0.11 -5.72 6.59
CA TYR A 160 1.06 -6.21 5.88
C TYR A 160 0.81 -6.52 4.40
N LYS A 161 -0.45 -6.83 4.04
CA LYS A 161 -0.87 -7.12 2.66
C LYS A 161 -0.37 -6.05 1.69
N PRO A 162 -0.80 -4.77 1.78
CA PRO A 162 -0.31 -3.74 0.88
C PRO A 162 1.18 -3.45 1.06
N VAL A 163 1.74 -3.60 2.27
CA VAL A 163 3.16 -3.35 2.54
C VAL A 163 4.01 -4.21 1.61
N ASP A 164 3.71 -5.50 1.44
CA ASP A 164 4.53 -6.31 0.53
C ASP A 164 4.45 -5.76 -0.90
N ARG A 165 3.27 -5.30 -1.33
CA ARG A 165 3.10 -4.74 -2.67
C ARG A 165 4.00 -3.49 -2.82
N VAL A 166 4.19 -2.72 -1.76
CA VAL A 166 5.06 -1.54 -1.78
C VAL A 166 6.48 -2.02 -2.06
N THR A 167 6.96 -3.06 -1.38
CA THR A 167 8.32 -3.58 -1.58
C THR A 167 8.54 -4.00 -3.05
N ARG A 168 7.60 -4.75 -3.63
CA ARG A 168 7.64 -5.22 -5.01
C ARG A 168 7.75 -4.09 -6.02
N SER A 169 7.35 -2.86 -5.68
CA SER A 169 7.46 -1.76 -6.60
C SER A 169 8.91 -1.54 -7.06
N THR A 170 9.89 -1.89 -6.22
CA THR A 170 11.29 -1.70 -6.57
C THR A 170 11.66 -2.56 -7.79
N LEU A 171 11.16 -3.80 -7.89
CA LEU A 171 11.52 -4.63 -9.04
C LEU A 171 10.90 -4.12 -10.35
N VAL A 172 9.66 -3.63 -10.33
CA VAL A 172 9.00 -3.12 -11.54
C VAL A 172 9.67 -1.80 -11.94
N LEU A 173 10.01 -0.93 -10.98
CA LEU A 173 10.66 0.35 -11.26
C LEU A 173 12.00 0.11 -11.97
N HIS A 174 12.71 -0.94 -11.56
CA HIS A 174 13.98 -1.33 -12.15
C HIS A 174 13.77 -1.76 -13.60
N ASP A 175 12.72 -2.55 -13.85
CA ASP A 175 12.36 -3.05 -15.17
C ASP A 175 12.07 -1.88 -16.11
N LEU A 176 11.29 -0.88 -15.66
CA LEU A 176 10.97 0.29 -16.46
C LEU A 176 12.26 1.02 -16.84
N LEU A 177 13.10 1.30 -15.84
CA LEU A 177 14.38 1.98 -16.06
C LEU A 177 15.23 1.21 -17.07
N LYS A 178 15.16 -0.12 -17.09
CA LYS A 178 15.93 -0.94 -18.03
C LYS A 178 15.53 -0.70 -19.49
N HIS A 179 14.35 -0.12 -19.76
CA HIS A 179 13.86 0.18 -21.11
C HIS A 179 13.94 1.68 -21.42
N THR A 180 13.92 2.53 -20.39
CA THR A 180 13.99 3.99 -20.53
C THR A 180 15.36 4.44 -21.09
N PRO A 181 15.40 5.43 -22.01
CA PRO A 181 16.65 5.92 -22.56
C PRO A 181 17.36 6.72 -21.46
N ALA A 182 18.54 6.27 -20.99
CA ALA A 182 19.29 6.94 -19.94
C ALA A 182 19.70 8.37 -20.27
N SER A 183 19.70 8.74 -21.54
CA SER A 183 20.06 10.06 -22.05
C SER A 183 18.96 11.10 -21.77
N HIS A 184 17.77 10.67 -21.31
CA HIS A 184 16.64 11.54 -21.03
C HIS A 184 16.52 11.77 -19.51
N PRO A 185 16.10 12.96 -19.04
CA PRO A 185 15.97 13.25 -17.60
C PRO A 185 14.93 12.38 -16.87
N ASP A 186 14.14 11.59 -17.60
CA ASP A 186 13.14 10.69 -17.04
C ASP A 186 13.86 9.55 -16.29
N HIS A 187 15.05 9.16 -16.78
CA HIS A 187 15.91 8.12 -16.22
C HIS A 187 16.29 8.46 -14.78
N PRO A 188 17.00 9.58 -14.50
CA PRO A 188 17.39 9.90 -13.13
C PRO A 188 16.20 10.29 -12.27
N LEU A 189 15.14 10.90 -12.83
CA LEU A 189 13.96 11.31 -12.05
C LEU A 189 13.40 10.13 -11.25
N LEU A 190 13.12 9.02 -11.94
CA LEU A 190 12.58 7.86 -11.23
C LEU A 190 13.67 7.05 -10.54
N GLN A 191 14.96 7.12 -10.95
CA GLN A 191 16.03 6.39 -10.29
C GLN A 191 16.17 6.95 -8.87
N ASP A 192 16.15 8.27 -8.77
CA ASP A 192 16.24 9.02 -7.52
C ASP A 192 15.08 8.61 -6.62
N ALA A 193 13.86 8.79 -7.13
CA ALA A 193 12.62 8.48 -6.43
C ALA A 193 12.54 7.04 -5.95
N LEU A 194 13.07 6.10 -6.74
CA LEU A 194 13.09 4.69 -6.41
C LEU A 194 13.92 4.53 -5.14
N ARG A 195 15.12 5.11 -5.14
CA ARG A 195 16.03 5.02 -4.01
C ARG A 195 15.40 5.54 -2.73
N ILE A 196 14.58 6.59 -2.78
CA ILE A 196 13.96 7.15 -1.57
C ILE A 196 13.17 6.08 -0.82
N SER A 197 12.22 5.43 -1.47
CA SER A 197 11.41 4.42 -0.80
C SER A 197 12.18 3.12 -0.62
N GLN A 198 13.04 2.73 -1.56
CA GLN A 198 13.83 1.51 -1.52
C GLN A 198 14.75 1.53 -0.30
N ASN A 199 15.49 2.62 -0.12
CA ASN A 199 16.42 2.77 0.98
C ASN A 199 15.69 2.70 2.31
N PHE A 200 14.52 3.35 2.41
CA PHE A 200 13.71 3.37 3.62
C PHE A 200 13.20 1.97 3.95
N LEU A 201 12.48 1.31 3.03
CA LEU A 201 11.92 -0.03 3.26
C LEU A 201 13.01 -1.05 3.53
N SER A 202 14.10 -0.96 2.79
CA SER A 202 15.23 -1.86 2.94
C SER A 202 15.79 -1.74 4.35
N SER A 203 15.77 -0.55 4.95
CA SER A 203 16.27 -0.34 6.30
C SER A 203 15.33 -1.06 7.29
N ILE A 204 14.04 -0.73 7.28
CA ILE A 204 13.02 -1.30 8.17
C ILE A 204 12.67 -2.77 7.92
N ASN A 205 13.41 -3.49 7.07
CA ASN A 205 13.17 -4.90 6.79
C ASN A 205 13.19 -5.76 8.06
N GLU A 206 13.94 -5.35 9.07
CA GLU A 206 14.04 -6.09 10.32
C GLU A 206 12.82 -5.88 11.22
N GLU A 207 12.05 -4.82 10.99
CA GLU A 207 10.85 -4.45 11.73
C GLU A 207 9.62 -5.21 11.23
N ILE A 208 9.75 -6.01 10.16
CA ILE A 208 8.70 -6.81 9.54
C ILE A 208 9.21 -8.25 9.40
N THR A 209 8.30 -9.17 9.08
CA THR A 209 8.53 -10.60 8.89
C THR A 209 9.58 -11.24 9.84
N PRO A 210 9.49 -11.05 11.16
CA PRO A 210 10.42 -11.63 12.14
C PRO A 210 10.37 -13.18 12.21
N ARG A 211 9.50 -13.81 11.40
CA ARG A 211 9.34 -15.25 11.32
C ARG A 211 10.53 -15.78 10.53
N ARG A 212 11.65 -16.05 11.22
CA ARG A 212 12.88 -16.57 10.62
C ARG A 212 13.22 -17.99 11.10
N GLN A 213 12.24 -18.70 11.65
CA GLN A 213 12.37 -20.06 12.14
C GLN A 213 10.99 -20.71 12.06
N SER A 214 10.96 -22.03 12.18
CA SER A 214 9.75 -22.84 12.15
C SER A 214 9.06 -22.77 13.52
N MET A 215 7.93 -23.46 13.63
CA MET A 215 7.15 -23.54 14.85
C MET A 215 7.58 -24.80 15.57
N THR A 216 7.67 -24.73 16.89
CA THR A 216 8.06 -25.81 17.79
C THR A 216 7.11 -25.78 18.99
N VAL A 217 7.01 -26.91 19.71
CA VAL A 217 6.14 -27.02 20.88
C VAL A 217 6.56 -26.00 21.96
N LYS A 218 5.61 -25.59 22.81
CA LYS A 218 5.88 -24.66 23.89
C LYS A 218 6.35 -25.55 25.04
N ALA A 1 0.25 14.99 -34.53
CA ALA A 1 0.38 15.73 -33.26
C ALA A 1 1.64 16.58 -33.38
N MET A 2 2.54 16.65 -32.38
CA MET A 2 3.79 17.42 -32.49
C MET A 2 4.71 16.84 -33.58
N ALA A 3 4.44 15.59 -33.97
CA ALA A 3 5.05 14.75 -34.99
C ALA A 3 3.92 13.81 -35.43
N SER A 4 4.15 13.00 -36.47
CA SER A 4 3.14 12.08 -36.98
C SER A 4 2.83 10.99 -35.94
N GLU A 5 1.54 10.81 -35.66
CA GLU A 5 0.94 9.85 -34.73
C GLU A 5 1.48 8.46 -35.05
N LEU A 6 1.53 8.20 -36.36
CA LEU A 6 1.99 6.97 -37.01
C LEU A 6 3.36 6.55 -36.49
N ASP A 7 4.21 7.50 -36.10
CA ASP A 7 5.52 7.18 -35.56
C ASP A 7 5.42 6.94 -34.06
N LEU A 8 4.75 7.87 -33.36
CA LEU A 8 4.52 7.84 -31.92
C LEU A 8 3.87 6.53 -31.48
N GLU A 9 3.15 5.84 -32.36
CA GLU A 9 2.48 4.57 -32.12
C GLU A 9 3.48 3.55 -31.55
N LYS A 10 4.70 3.47 -32.09
CA LYS A 10 5.72 2.53 -31.59
C LYS A 10 6.13 2.86 -30.14
N GLY A 11 5.92 4.11 -29.73
CA GLY A 11 6.20 4.59 -28.39
C GLY A 11 5.01 4.17 -27.51
N LEU A 12 3.82 4.51 -27.99
CA LEU A 12 2.51 4.28 -27.40
C LEU A 12 2.24 2.83 -27.08
N GLU A 13 2.57 1.85 -27.93
CA GLU A 13 2.27 0.44 -27.66
C GLU A 13 2.72 -0.02 -26.26
N MET A 14 4.02 0.03 -25.99
CA MET A 14 4.56 -0.41 -24.71
C MET A 14 4.09 0.50 -23.59
N ARG A 15 4.05 1.82 -23.82
CA ARG A 15 3.61 2.77 -22.80
C ARG A 15 2.19 2.44 -22.35
N LYS A 16 1.29 2.21 -23.29
CA LYS A 16 -0.10 1.88 -23.01
C LYS A 16 -0.10 0.60 -22.19
N TRP A 17 0.56 -0.46 -22.66
CA TRP A 17 0.65 -1.75 -21.99
C TRP A 17 1.15 -1.63 -20.54
N VAL A 18 2.31 -1.01 -20.34
CA VAL A 18 2.95 -0.84 -19.04
C VAL A 18 1.99 -0.21 -18.04
N LEU A 19 1.48 0.99 -18.33
CA LEU A 19 0.57 1.63 -17.38
C LEU A 19 -0.73 0.84 -17.27
N SER A 20 -1.26 0.24 -18.34
CA SER A 20 -2.50 -0.54 -18.27
C SER A 20 -2.36 -1.60 -17.20
N GLY A 21 -1.20 -2.27 -17.11
CA GLY A 21 -0.97 -3.29 -16.11
C GLY A 21 -1.12 -2.72 -14.71
N ILE A 22 -0.67 -1.47 -14.48
CA ILE A 22 -0.78 -0.82 -13.18
C ILE A 22 -2.21 -0.40 -12.90
N LEU A 23 -2.89 0.36 -13.77
CA LEU A 23 -4.29 0.80 -13.62
C LEU A 23 -5.07 -0.47 -13.32
N ALA A 24 -4.89 -1.55 -14.07
CA ALA A 24 -5.60 -2.81 -13.88
C ALA A 24 -5.30 -3.50 -12.55
N SER A 25 -4.07 -3.40 -12.06
CA SER A 25 -3.64 -4.00 -10.80
C SER A 25 -4.28 -3.20 -9.66
N GLU A 26 -4.18 -1.87 -9.72
CA GLU A 26 -4.74 -0.95 -8.76
C GLU A 26 -6.25 -1.06 -8.79
N GLU A 27 -6.88 -1.08 -9.97
CA GLU A 27 -8.30 -1.18 -10.22
C GLU A 27 -8.94 -2.30 -9.40
N THR A 28 -8.43 -3.53 -9.50
CA THR A 28 -8.97 -4.67 -8.77
C THR A 28 -8.58 -4.58 -7.29
N TYR A 29 -7.35 -4.15 -6.99
CA TYR A 29 -6.81 -3.99 -5.64
C TYR A 29 -7.65 -2.98 -4.86
N LEU A 30 -8.21 -1.96 -5.52
CA LEU A 30 -9.03 -0.92 -4.93
C LEU A 30 -10.16 -1.56 -4.14
N SER A 31 -10.86 -2.55 -4.71
CA SER A 31 -11.97 -3.23 -4.02
C SER A 31 -11.47 -3.96 -2.77
N HIS A 32 -10.29 -4.59 -2.84
CA HIS A 32 -9.72 -5.33 -1.72
C HIS A 32 -9.36 -4.36 -0.58
N LEU A 33 -8.87 -3.16 -0.89
CA LEU A 33 -8.51 -2.12 0.07
C LEU A 33 -9.79 -1.47 0.64
N GLU A 34 -10.78 -1.26 -0.22
CA GLU A 34 -12.07 -0.64 0.09
C GLU A 34 -12.77 -1.36 1.24
N ALA A 35 -12.49 -2.66 1.43
CA ALA A 35 -13.05 -3.47 2.50
C ALA A 35 -12.62 -2.95 3.88
N LEU A 36 -11.49 -2.22 3.96
CA LEU A 36 -10.96 -1.63 5.18
C LEU A 36 -11.57 -0.24 5.36
N LEU A 37 -11.82 0.49 4.26
CA LEU A 37 -12.41 1.83 4.28
C LEU A 37 -13.89 1.76 4.66
N LEU A 38 -14.54 0.65 4.28
CA LEU A 38 -15.94 0.35 4.52
C LEU A 38 -16.29 0.61 5.99
N PRO A 39 -15.67 -0.07 6.98
CA PRO A 39 -15.95 0.17 8.39
C PRO A 39 -15.29 1.46 8.90
N MET A 40 -14.33 2.04 8.17
CA MET A 40 -13.69 3.27 8.62
C MET A 40 -14.72 4.40 8.66
N LYS A 41 -15.59 4.53 7.64
CA LYS A 41 -16.61 5.59 7.60
C LYS A 41 -17.42 5.61 8.91
N PRO A 42 -18.13 4.54 9.31
CA PRO A 42 -18.87 4.54 10.55
C PRO A 42 -17.97 4.69 11.78
N LEU A 43 -16.82 4.01 11.85
CA LEU A 43 -15.93 4.13 13.01
C LEU A 43 -15.43 5.56 13.23
N LYS A 44 -14.89 6.21 12.20
CA LYS A 44 -14.37 7.58 12.31
C LYS A 44 -15.52 8.53 12.66
N ALA A 45 -16.71 8.33 12.08
CA ALA A 45 -17.88 9.15 12.37
C ALA A 45 -18.31 8.94 13.82
N ALA A 46 -18.34 7.69 14.29
CA ALA A 46 -18.73 7.34 15.64
C ALA A 46 -17.82 8.04 16.65
N ALA A 47 -16.54 8.23 16.31
CA ALA A 47 -15.56 8.89 17.16
C ALA A 47 -15.93 10.35 17.47
N THR A 48 -16.94 10.95 16.83
CA THR A 48 -17.36 12.32 17.06
C THR A 48 -18.79 12.38 17.61
N THR A 49 -19.35 11.26 18.11
CA THR A 49 -20.69 11.22 18.67
C THR A 49 -20.80 10.12 19.72
N SER A 50 -21.29 10.47 20.91
CA SER A 50 -21.48 9.55 22.01
C SER A 50 -20.16 8.86 22.36
N GLN A 51 -20.25 7.62 22.84
CA GLN A 51 -19.14 6.77 23.25
C GLN A 51 -19.32 5.41 22.56
N PRO A 52 -18.73 5.20 21.38
CA PRO A 52 -18.85 3.95 20.66
C PRO A 52 -18.00 2.81 21.26
N VAL A 53 -18.12 1.61 20.69
CA VAL A 53 -17.45 0.35 21.08
C VAL A 53 -15.93 0.51 21.23
N LEU A 54 -15.28 1.30 20.38
CA LEU A 54 -13.85 1.57 20.40
C LEU A 54 -13.69 3.07 20.38
N THR A 55 -12.75 3.61 21.15
CA THR A 55 -12.53 5.06 21.23
C THR A 55 -11.69 5.53 20.03
N SER A 56 -11.69 6.83 19.76
CA SER A 56 -10.92 7.42 18.67
C SER A 56 -9.44 7.07 18.83
N GLN A 57 -8.93 7.02 20.06
CA GLN A 57 -7.54 6.69 20.34
C GLN A 57 -7.22 5.28 19.82
N GLN A 58 -8.16 4.34 19.94
CA GLN A 58 -8.02 2.96 19.47
C GLN A 58 -8.21 2.85 17.95
N ILE A 59 -9.01 3.72 17.36
CA ILE A 59 -9.31 3.75 15.94
C ILE A 59 -8.16 4.39 15.15
N GLU A 60 -7.80 5.63 15.50
CA GLU A 60 -6.77 6.44 14.86
C GLU A 60 -5.39 5.78 14.72
N THR A 61 -4.98 4.94 15.67
CA THR A 61 -3.68 4.29 15.60
C THR A 61 -3.69 3.17 14.54
N ILE A 62 -4.78 2.42 14.43
CA ILE A 62 -4.88 1.34 13.44
C ILE A 62 -5.08 1.97 12.05
N PHE A 63 -6.04 2.88 11.91
CA PHE A 63 -6.36 3.55 10.65
C PHE A 63 -5.47 4.75 10.34
N PHE A 64 -4.29 4.89 10.97
CA PHE A 64 -3.35 6.01 10.82
C PHE A 64 -3.33 6.65 9.42
N LYS A 65 -3.03 5.91 8.34
CA LYS A 65 -3.02 6.46 6.98
C LYS A 65 -3.78 5.56 5.99
N VAL A 66 -4.62 4.64 6.47
CA VAL A 66 -5.43 3.76 5.61
C VAL A 66 -6.21 4.55 4.54
N PRO A 67 -6.98 5.60 4.87
CA PRO A 67 -7.73 6.36 3.87
C PRO A 67 -6.82 7.18 2.97
N GLU A 68 -5.74 7.72 3.55
CA GLU A 68 -4.78 8.54 2.84
C GLU A 68 -4.19 7.74 1.70
N LEU A 69 -3.72 6.53 1.98
CA LEU A 69 -3.12 5.64 1.01
C LEU A 69 -4.10 5.29 -0.10
N TYR A 70 -5.38 5.15 0.22
CA TYR A 70 -6.41 4.83 -0.76
C TYR A 70 -6.51 5.99 -1.75
N GLU A 71 -6.68 7.21 -1.22
CA GLU A 71 -6.80 8.43 -2.01
C GLU A 71 -5.52 8.69 -2.80
N ILE A 72 -4.34 8.52 -2.20
CA ILE A 72 -3.03 8.74 -2.83
C ILE A 72 -2.89 7.83 -4.06
N HIS A 73 -3.22 6.54 -3.92
CA HIS A 73 -3.12 5.60 -5.02
C HIS A 73 -4.11 5.95 -6.13
N LYS A 74 -5.39 6.17 -5.80
CA LYS A 74 -6.41 6.55 -6.78
C LYS A 74 -6.01 7.88 -7.41
N GLU A 75 -5.32 8.81 -6.76
CA GLU A 75 -4.96 10.08 -7.39
C GLU A 75 -4.09 9.84 -8.63
N PHE A 76 -3.14 8.91 -8.52
CA PHE A 76 -2.25 8.54 -9.61
C PHE A 76 -3.00 7.65 -10.61
N TYR A 77 -3.72 6.62 -10.14
CA TYR A 77 -4.45 5.68 -10.99
C TYR A 77 -5.61 6.33 -11.73
N ASP A 78 -6.43 7.11 -11.04
CA ASP A 78 -7.59 7.74 -11.66
C ASP A 78 -7.11 8.76 -12.69
N GLY A 79 -6.06 9.55 -12.36
CA GLY A 79 -5.52 10.55 -13.26
C GLY A 79 -4.77 9.92 -14.43
N LEU A 80 -4.45 8.62 -14.34
CA LEU A 80 -3.77 7.91 -15.39
C LEU A 80 -4.75 7.58 -16.51
N PHE A 81 -6.01 7.25 -16.18
CA PHE A 81 -7.06 6.93 -17.15
C PHE A 81 -7.16 7.96 -18.29
N PRO A 82 -7.38 9.26 -18.05
CA PRO A 82 -7.46 10.26 -19.11
C PRO A 82 -6.10 10.47 -19.77
N ARG A 83 -5.02 10.44 -18.98
CA ARG A 83 -3.66 10.64 -19.45
C ARG A 83 -3.26 9.65 -20.52
N VAL A 84 -3.48 8.34 -20.32
CA VAL A 84 -3.12 7.34 -21.34
C VAL A 84 -3.98 7.51 -22.59
N GLN A 85 -5.26 7.81 -22.40
CA GLN A 85 -6.23 7.98 -23.47
C GLN A 85 -5.93 9.21 -24.33
N GLN A 86 -5.45 10.30 -23.75
CA GLN A 86 -5.17 11.55 -24.45
C GLN A 86 -3.81 12.10 -24.02
N TRP A 87 -2.75 11.46 -24.49
CA TRP A 87 -1.36 11.83 -24.19
C TRP A 87 -1.05 13.30 -24.49
N SER A 88 -0.11 13.85 -23.71
CA SER A 88 0.38 15.23 -23.82
C SER A 88 1.15 15.45 -25.13
N HIS A 89 1.28 16.72 -25.49
CA HIS A 89 1.94 17.18 -26.70
C HIS A 89 3.42 16.80 -26.75
N GLN A 90 4.24 17.23 -25.78
CA GLN A 90 5.67 16.95 -25.78
C GLN A 90 6.25 16.75 -24.37
N GLN A 91 5.77 15.75 -23.62
CA GLN A 91 6.27 15.46 -22.27
C GLN A 91 6.12 13.98 -21.93
N ARG A 92 6.92 13.53 -20.96
CA ARG A 92 6.95 12.17 -20.41
C ARG A 92 6.18 12.23 -19.08
N VAL A 93 6.07 11.11 -18.37
CA VAL A 93 5.39 11.02 -17.09
C VAL A 93 6.44 10.66 -16.03
N GLY A 94 6.15 10.87 -14.75
CA GLY A 94 7.11 10.54 -13.70
C GLY A 94 6.71 11.18 -12.39
N ASP A 95 6.32 12.44 -12.43
CA ASP A 95 5.92 13.23 -11.26
C ASP A 95 4.83 12.54 -10.44
N LEU A 96 3.90 11.78 -11.05
CA LEU A 96 2.85 11.08 -10.29
C LEU A 96 3.50 10.04 -9.36
N PHE A 97 4.46 9.27 -9.87
CA PHE A 97 5.17 8.25 -9.12
C PHE A 97 6.00 8.96 -8.05
N GLN A 98 6.67 10.06 -8.42
CA GLN A 98 7.50 10.87 -7.55
C GLN A 98 6.65 11.38 -6.36
N LYS A 99 5.37 11.71 -6.59
CA LYS A 99 4.44 12.19 -5.57
C LYS A 99 4.43 11.18 -4.42
N LEU A 100 4.30 9.88 -4.73
CA LEU A 100 4.26 8.80 -3.75
C LEU A 100 5.54 8.80 -2.94
N ALA A 101 6.68 8.80 -3.64
CA ALA A 101 8.01 8.77 -3.06
C ALA A 101 8.21 9.91 -2.08
N SER A 102 7.86 11.16 -2.41
CA SER A 102 8.06 12.27 -1.48
C SER A 102 7.22 12.10 -0.20
N GLN A 103 6.05 11.46 -0.29
CA GLN A 103 5.17 11.23 0.85
C GLN A 103 5.54 9.94 1.60
N LEU A 104 6.67 9.28 1.32
CA LEU A 104 7.10 8.04 1.97
C LEU A 104 7.00 7.98 3.50
N GLY A 105 7.03 9.11 4.20
CA GLY A 105 6.90 9.12 5.64
C GLY A 105 5.57 8.48 6.05
N VAL A 106 4.55 8.50 5.17
CA VAL A 106 3.24 7.90 5.38
C VAL A 106 3.43 6.43 5.77
N TYR A 107 4.32 5.74 5.04
CA TYR A 107 4.66 4.35 5.22
C TYR A 107 5.44 4.14 6.51
N ARG A 108 6.47 4.95 6.77
CA ARG A 108 7.27 4.81 7.99
C ARG A 108 6.43 5.03 9.23
N ALA A 109 5.54 6.03 9.24
CA ALA A 109 4.70 6.31 10.39
C ALA A 109 3.89 5.07 10.81
N PHE A 110 3.44 4.25 9.85
CA PHE A 110 2.69 3.04 10.17
C PHE A 110 3.63 2.06 10.89
N VAL A 111 4.79 1.75 10.29
CA VAL A 111 5.77 0.82 10.85
C VAL A 111 6.24 1.29 12.23
N ASP A 112 6.42 2.60 12.39
CA ASP A 112 6.86 3.26 13.62
C ASP A 112 5.85 3.13 14.77
N ASN A 113 4.65 2.62 14.49
CA ASN A 113 3.58 2.39 15.45
C ASN A 113 2.97 1.00 15.22
N TYR A 114 3.67 0.08 14.53
CA TYR A 114 3.19 -1.26 14.22
C TYR A 114 2.88 -2.05 15.50
N GLY A 115 3.88 -2.20 16.37
CA GLY A 115 3.75 -2.92 17.63
C GLY A 115 2.60 -2.34 18.45
N VAL A 116 2.52 -1.01 18.50
CA VAL A 116 1.50 -0.25 19.22
C VAL A 116 0.12 -0.64 18.68
N ALA A 117 -0.05 -0.58 17.35
CA ALA A 117 -1.31 -0.90 16.69
C ALA A 117 -1.72 -2.35 16.92
N MET A 118 -0.81 -3.32 16.74
CA MET A 118 -1.15 -4.73 16.93
C MET A 118 -1.47 -5.05 18.39
N GLU A 119 -0.80 -4.38 19.34
CA GLU A 119 -1.02 -4.60 20.76
C GLU A 119 -2.45 -4.15 21.12
N MET A 120 -2.87 -2.96 20.67
CA MET A 120 -4.22 -2.53 21.00
C MET A 120 -5.23 -3.45 20.31
N ALA A 121 -4.94 -3.85 19.06
CA ALA A 121 -5.81 -4.73 18.30
C ALA A 121 -6.03 -6.10 18.95
N GLU A 122 -5.01 -6.77 19.49
CA GLU A 122 -5.20 -8.07 20.12
C GLU A 122 -6.14 -7.94 21.32
N LYS A 123 -6.02 -6.82 22.03
CA LYS A 123 -6.84 -6.53 23.19
C LYS A 123 -8.26 -6.25 22.70
N CYS A 124 -8.43 -5.53 21.58
CA CYS A 124 -9.76 -5.22 21.03
C CYS A 124 -10.48 -6.53 20.76
N CYS A 125 -9.81 -7.53 20.21
CA CYS A 125 -10.43 -8.81 19.91
C CYS A 125 -11.05 -9.47 21.15
N GLN A 126 -10.39 -9.44 22.32
CA GLN A 126 -10.95 -10.02 23.54
C GLN A 126 -11.94 -9.08 24.25
N ALA A 127 -11.77 -7.75 24.13
CA ALA A 127 -12.59 -6.74 24.78
C ALA A 127 -13.81 -6.27 23.99
N ASN A 128 -13.84 -6.51 22.67
CA ASN A 128 -14.89 -6.12 21.76
C ASN A 128 -15.17 -7.29 20.82
N ALA A 129 -16.29 -7.99 21.01
CA ALA A 129 -16.69 -9.11 20.17
C ALA A 129 -16.76 -8.69 18.70
N GLN A 130 -17.04 -7.41 18.39
CA GLN A 130 -17.09 -6.96 17.00
C GLN A 130 -15.72 -7.11 16.33
N PHE A 131 -14.62 -7.04 17.09
CA PHE A 131 -13.27 -7.22 16.56
C PHE A 131 -12.98 -8.72 16.45
N ALA A 132 -13.58 -9.54 17.32
CA ALA A 132 -13.40 -10.98 17.33
C ALA A 132 -13.95 -11.60 16.03
N GLU A 133 -15.19 -11.28 15.67
CA GLU A 133 -15.86 -11.82 14.48
C GLU A 133 -15.02 -11.62 13.22
N ILE A 134 -14.55 -10.39 12.97
CA ILE A 134 -13.74 -10.07 11.80
C ILE A 134 -12.35 -10.75 11.87
N SER A 135 -11.78 -10.95 13.07
CA SER A 135 -10.49 -11.61 13.19
C SER A 135 -10.59 -13.10 12.92
N GLU A 136 -11.74 -13.73 13.20
CA GLU A 136 -11.94 -15.16 12.99
C GLU A 136 -12.35 -15.43 11.53
N ASN A 137 -12.78 -14.40 10.80
CA ASN A 137 -13.19 -14.46 9.39
C ASN A 137 -12.14 -13.80 8.50
N LEU A 138 -10.88 -13.81 8.96
CA LEU A 138 -9.68 -13.26 8.31
C LEU A 138 -9.35 -13.93 6.97
N ARG A 139 -8.27 -13.45 6.34
CA ARG A 139 -7.78 -13.96 5.07
C ARG A 139 -7.48 -15.45 5.24
N ALA A 140 -8.03 -16.25 4.33
CA ALA A 140 -7.94 -17.70 4.24
C ALA A 140 -6.51 -18.26 4.26
N ARG A 141 -6.42 -19.60 4.20
CA ARG A 141 -5.21 -20.41 4.20
C ARG A 141 -4.53 -20.33 5.56
N SER A 142 -5.00 -21.18 6.46
CA SER A 142 -4.51 -21.31 7.82
C SER A 142 -3.20 -22.13 7.79
N ASN A 143 -2.50 -22.23 8.92
CA ASN A 143 -1.27 -22.99 9.03
C ASN A 143 -1.66 -24.46 8.94
N LYS A 144 -1.17 -25.19 7.94
CA LYS A 144 -1.51 -26.60 7.79
C LYS A 144 -0.43 -27.43 7.11
N ASP A 145 0.67 -26.83 6.66
CA ASP A 145 1.77 -27.54 6.00
C ASP A 145 3.05 -27.42 6.84
N ALA A 146 3.15 -26.39 7.69
CA ALA A 146 4.29 -26.10 8.55
C ALA A 146 4.64 -27.22 9.54
N LYS A 147 3.83 -27.44 10.57
CA LYS A 147 4.08 -28.49 11.56
C LYS A 147 2.77 -29.09 12.06
N ASP A 148 1.89 -28.26 12.60
CA ASP A 148 0.61 -28.68 13.15
C ASP A 148 -0.50 -27.82 12.55
N PRO A 149 -1.69 -28.37 12.29
CA PRO A 149 -2.80 -27.62 11.74
C PRO A 149 -3.46 -26.66 12.75
N THR A 150 -3.01 -26.59 14.00
CA THR A 150 -3.56 -25.67 15.00
C THR A 150 -2.60 -24.47 15.02
N THR A 151 -3.16 -23.26 15.06
CA THR A 151 -2.42 -22.02 15.05
C THR A 151 -3.37 -20.89 15.44
N LYS A 152 -2.82 -19.71 15.60
CA LYS A 152 -3.51 -18.47 15.92
C LYS A 152 -2.66 -17.34 15.36
N ASN A 153 -3.25 -16.17 15.19
CA ASN A 153 -2.57 -15.00 14.65
C ASN A 153 -3.09 -13.77 15.39
N SER A 154 -2.53 -12.61 15.08
CA SER A 154 -2.92 -11.34 15.66
C SER A 154 -3.34 -10.46 14.47
N LEU A 155 -3.88 -9.26 14.70
CA LEU A 155 -4.32 -8.35 13.64
C LEU A 155 -3.16 -8.01 12.70
N GLU A 156 -1.93 -8.16 13.20
CA GLU A 156 -0.68 -7.94 12.49
C GLU A 156 -0.65 -8.67 11.14
N THR A 157 -1.33 -9.82 11.02
CA THR A 157 -1.34 -10.57 9.77
C THR A 157 -2.25 -9.87 8.75
N LEU A 158 -3.42 -9.38 9.17
CA LEU A 158 -4.35 -8.67 8.29
C LEU A 158 -3.68 -7.42 7.73
N LEU A 159 -2.75 -6.84 8.49
CA LEU A 159 -1.99 -5.66 8.13
C LEU A 159 -0.83 -6.02 7.21
N TYR A 160 -0.09 -7.11 7.45
CA TYR A 160 1.02 -7.46 6.58
C TYR A 160 0.55 -7.87 5.18
N LYS A 161 -0.67 -8.42 5.03
CA LYS A 161 -1.23 -8.84 3.73
C LYS A 161 -1.13 -7.72 2.70
N PRO A 162 -1.74 -6.53 2.84
CA PRO A 162 -1.60 -5.46 1.86
C PRO A 162 -0.15 -4.95 1.78
N VAL A 163 0.52 -4.72 2.91
CA VAL A 163 1.89 -4.21 3.03
C VAL A 163 2.89 -5.01 2.18
N ASP A 164 2.74 -6.33 2.11
CA ASP A 164 3.59 -7.23 1.33
C ASP A 164 3.68 -6.80 -0.14
N ARG A 165 2.59 -6.23 -0.69
CA ARG A 165 2.61 -5.76 -2.08
C ARG A 165 3.35 -4.43 -2.15
N VAL A 166 3.15 -3.53 -1.18
CA VAL A 166 3.77 -2.21 -1.11
C VAL A 166 5.30 -2.30 -1.25
N THR A 167 5.96 -3.32 -0.71
CA THR A 167 7.42 -3.45 -0.84
C THR A 167 7.79 -3.77 -2.30
N ARG A 168 6.97 -4.56 -3.01
CA ARG A 168 7.17 -4.95 -4.40
C ARG A 168 6.83 -3.83 -5.35
N SER A 169 6.01 -2.87 -4.93
CA SER A 169 5.65 -1.74 -5.76
C SER A 169 6.91 -1.00 -6.23
N THR A 170 7.99 -0.99 -5.44
CA THR A 170 9.26 -0.35 -5.81
C THR A 170 9.83 -0.92 -7.12
N LEU A 171 9.54 -2.19 -7.43
CA LEU A 171 10.00 -2.88 -8.62
C LEU A 171 9.46 -2.23 -9.88
N VAL A 172 8.27 -1.62 -9.80
CA VAL A 172 7.68 -0.97 -10.97
C VAL A 172 8.59 0.17 -11.44
N LEU A 173 9.20 0.89 -10.49
CA LEU A 173 10.09 2.01 -10.78
C LEU A 173 11.37 1.47 -11.41
N HIS A 174 11.92 0.40 -10.82
CA HIS A 174 13.15 -0.24 -11.28
C HIS A 174 13.02 -0.66 -12.74
N ASP A 175 11.88 -1.22 -13.14
CA ASP A 175 11.65 -1.64 -14.52
C ASP A 175 11.41 -0.48 -15.46
N LEU A 176 10.79 0.60 -14.98
CA LEU A 176 10.55 1.75 -15.84
C LEU A 176 11.91 2.35 -16.19
N LEU A 177 12.73 2.64 -15.18
CA LEU A 177 14.06 3.21 -15.32
C LEU A 177 14.92 2.37 -16.25
N LYS A 178 14.78 1.03 -16.21
CA LYS A 178 15.55 0.14 -17.06
C LYS A 178 15.34 0.42 -18.54
N HIS A 179 14.18 0.96 -18.94
CA HIS A 179 13.83 1.28 -20.32
C HIS A 179 14.00 2.77 -20.64
N THR A 180 14.47 3.61 -19.71
CA THR A 180 14.64 5.04 -19.94
C THR A 180 16.12 5.39 -20.15
N PRO A 181 16.47 6.18 -21.19
CA PRO A 181 17.85 6.57 -21.47
C PRO A 181 18.38 7.45 -20.34
N ALA A 182 19.50 7.03 -19.74
CA ALA A 182 20.15 7.72 -18.63
C ALA A 182 20.59 9.15 -18.95
N SER A 183 20.76 9.47 -20.22
CA SER A 183 21.16 10.79 -20.68
C SER A 183 20.04 11.81 -20.45
N HIS A 184 18.78 11.36 -20.38
CA HIS A 184 17.63 12.22 -20.18
C HIS A 184 17.35 12.34 -18.67
N PRO A 185 16.86 13.50 -18.18
CA PRO A 185 16.58 13.71 -16.75
C PRO A 185 15.52 12.78 -16.17
N ASP A 186 14.71 12.14 -17.02
CA ASP A 186 13.67 11.24 -16.53
C ASP A 186 14.31 10.05 -15.79
N HIS A 187 15.57 9.71 -16.09
CA HIS A 187 16.28 8.61 -15.43
C HIS A 187 16.63 9.02 -14.00
N PRO A 188 17.44 10.07 -13.72
CA PRO A 188 17.78 10.45 -12.35
C PRO A 188 16.53 10.82 -11.54
N LEU A 189 15.55 11.48 -12.15
CA LEU A 189 14.31 11.90 -11.52
C LEU A 189 13.62 10.69 -10.88
N LEU A 190 13.54 9.58 -11.62
CA LEU A 190 12.91 8.35 -11.17
C LEU A 190 13.87 7.50 -10.32
N GLN A 191 15.19 7.66 -10.48
CA GLN A 191 16.18 6.90 -9.73
C GLN A 191 16.10 7.31 -8.25
N ASP A 192 16.02 8.60 -7.94
CA ASP A 192 15.95 9.06 -6.56
C ASP A 192 14.69 8.56 -5.87
N ALA A 193 13.55 8.66 -6.58
CA ALA A 193 12.25 8.22 -6.08
C ALA A 193 12.32 6.73 -5.72
N LEU A 194 12.97 5.93 -6.59
CA LEU A 194 13.15 4.51 -6.39
C LEU A 194 14.09 4.29 -5.20
N ARG A 195 15.24 4.97 -5.18
CA ARG A 195 16.24 4.85 -4.15
C ARG A 195 15.64 5.01 -2.76
N ILE A 196 14.91 6.09 -2.49
CA ILE A 196 14.31 6.26 -1.16
C ILE A 196 13.30 5.16 -0.85
N SER A 197 12.48 4.72 -1.82
CA SER A 197 11.50 3.69 -1.57
C SER A 197 12.17 2.36 -1.16
N GLN A 198 13.24 1.99 -1.87
CA GLN A 198 14.00 0.78 -1.61
C GLN A 198 14.76 0.93 -0.29
N ASN A 199 15.35 2.09 -0.04
CA ASN A 199 16.08 2.37 1.17
C ASN A 199 15.18 2.22 2.39
N PHE A 200 13.97 2.78 2.33
CA PHE A 200 13.02 2.71 3.42
C PHE A 200 12.68 1.25 3.75
N LEU A 201 12.22 0.46 2.78
CA LEU A 201 11.88 -0.93 3.06
C LEU A 201 13.09 -1.71 3.56
N SER A 202 14.23 -1.50 2.91
CA SER A 202 15.47 -2.16 3.29
C SER A 202 15.94 -1.70 4.69
N SER A 203 15.45 -0.59 5.23
CA SER A 203 15.83 -0.11 6.57
C SER A 203 14.94 -0.76 7.63
N ILE A 204 13.68 -1.08 7.30
CA ILE A 204 12.73 -1.69 8.23
C ILE A 204 12.53 -3.18 7.96
N ASN A 205 13.41 -3.81 7.17
CA ASN A 205 13.35 -5.21 6.78
C ASN A 205 13.09 -6.17 7.95
N GLU A 206 13.75 -5.98 9.09
CA GLU A 206 13.58 -6.82 10.27
C GLU A 206 12.33 -6.47 11.09
N GLU A 207 11.78 -5.27 10.94
CA GLU A 207 10.57 -4.85 11.66
C GLU A 207 9.33 -5.58 11.12
N ILE A 208 9.49 -6.39 10.05
CA ILE A 208 8.46 -7.19 9.40
C ILE A 208 9.06 -8.54 8.96
N THR A 209 8.89 -9.58 9.79
CA THR A 209 9.39 -10.93 9.55
C THR A 209 10.93 -10.93 9.36
N PRO A 210 11.70 -10.82 10.46
CA PRO A 210 13.15 -10.80 10.41
C PRO A 210 13.75 -12.13 9.95
N ARG A 211 13.50 -13.22 10.68
CA ARG A 211 14.00 -14.57 10.38
C ARG A 211 13.16 -15.57 11.15
N ARG A 212 12.49 -16.47 10.41
CA ARG A 212 11.61 -17.50 10.96
C ARG A 212 12.32 -18.45 11.92
N GLN A 213 11.53 -19.33 12.53
CA GLN A 213 11.93 -20.34 13.50
C GLN A 213 11.33 -21.68 13.08
N SER A 214 11.81 -22.75 13.68
CA SER A 214 11.38 -24.12 13.43
C SER A 214 11.37 -24.89 14.75
N MET A 215 11.04 -26.17 14.69
CA MET A 215 10.99 -27.07 15.83
C MET A 215 11.07 -28.49 15.27
N THR A 216 10.91 -29.50 16.14
CA THR A 216 10.93 -30.91 15.83
C THR A 216 10.27 -31.62 17.01
N VAL A 217 10.01 -32.91 16.86
CA VAL A 217 9.42 -33.77 17.89
C VAL A 217 10.55 -34.75 18.27
N LYS A 218 10.33 -35.60 19.28
CA LYS A 218 11.32 -36.58 19.69
C LYS A 218 11.05 -37.76 18.77
N ALA A 1 10.18 18.73 -29.25
CA ALA A 1 10.52 19.20 -30.60
C ALA A 1 9.80 18.31 -31.61
N MET A 2 10.45 17.29 -32.15
CA MET A 2 9.92 16.34 -33.10
C MET A 2 10.88 15.14 -33.10
N ALA A 3 10.41 14.00 -33.57
CA ALA A 3 11.13 12.74 -33.69
C ALA A 3 10.25 11.83 -34.55
N SER A 4 10.73 10.64 -34.91
CA SER A 4 9.95 9.71 -35.68
C SER A 4 9.05 9.03 -34.64
N GLU A 5 7.81 9.44 -34.68
CA GLU A 5 6.67 9.05 -33.84
C GLU A 5 6.48 7.55 -33.73
N LEU A 6 6.99 6.82 -34.71
CA LEU A 6 6.91 5.36 -34.74
C LEU A 6 7.80 4.74 -33.65
N ASP A 7 8.77 5.49 -33.12
CA ASP A 7 9.67 5.06 -32.05
C ASP A 7 9.01 5.32 -30.70
N LEU A 8 8.23 6.41 -30.61
CA LEU A 8 7.51 6.79 -29.40
C LEU A 8 6.52 5.71 -29.04
N GLU A 9 5.98 4.98 -30.03
CA GLU A 9 5.05 3.88 -29.85
C GLU A 9 5.69 2.85 -28.92
N LYS A 10 6.99 2.53 -29.11
CA LYS A 10 7.68 1.54 -28.28
C LYS A 10 7.76 2.02 -26.83
N GLY A 11 7.72 3.31 -26.57
CA GLY A 11 7.77 3.85 -25.21
C GLY A 11 6.37 3.84 -24.62
N LEU A 12 5.40 4.42 -25.34
CA LEU A 12 4.02 4.51 -24.90
C LEU A 12 3.41 3.13 -24.64
N GLU A 13 3.59 2.21 -25.58
CA GLU A 13 3.07 0.85 -25.51
C GLU A 13 3.75 0.04 -24.41
N MET A 14 5.07 0.17 -24.22
CA MET A 14 5.75 -0.56 -23.16
C MET A 14 5.21 -0.07 -21.81
N ARG A 15 5.12 1.25 -21.64
CA ARG A 15 4.62 1.86 -20.41
C ARG A 15 3.20 1.40 -20.17
N LYS A 16 2.37 1.40 -21.20
CA LYS A 16 0.98 0.99 -21.13
C LYS A 16 0.87 -0.44 -20.60
N TRP A 17 1.61 -1.42 -21.14
CA TRP A 17 1.50 -2.79 -20.66
C TRP A 17 1.85 -2.86 -19.16
N VAL A 18 2.94 -2.21 -18.76
CA VAL A 18 3.39 -2.21 -17.37
C VAL A 18 2.34 -1.58 -16.47
N LEU A 19 1.96 -0.32 -16.75
CA LEU A 19 0.99 0.42 -15.96
C LEU A 19 -0.36 -0.29 -15.88
N SER A 20 -0.80 -1.00 -16.93
CA SER A 20 -2.08 -1.71 -16.92
C SER A 20 -2.15 -2.66 -15.72
N GLY A 21 -1.04 -3.34 -15.38
CA GLY A 21 -1.01 -4.25 -14.24
C GLY A 21 -1.13 -3.51 -12.92
N ILE A 22 -0.66 -2.26 -12.84
CA ILE A 22 -0.73 -1.46 -11.63
C ILE A 22 -2.20 -1.06 -11.44
N LEU A 23 -2.84 -0.45 -12.45
CA LEU A 23 -4.27 -0.05 -12.42
C LEU A 23 -5.05 -1.31 -12.05
N ALA A 24 -4.78 -2.46 -12.65
CA ALA A 24 -5.48 -3.73 -12.39
C ALA A 24 -5.35 -4.18 -10.93
N SER A 25 -4.19 -3.99 -10.33
CA SER A 25 -3.94 -4.36 -8.95
C SER A 25 -4.66 -3.36 -8.05
N GLU A 26 -4.47 -2.07 -8.30
CA GLU A 26 -5.07 -1.02 -7.51
C GLU A 26 -6.58 -1.05 -7.57
N GLU A 27 -7.15 -1.32 -8.75
CA GLU A 27 -8.58 -1.40 -9.07
C GLU A 27 -9.30 -2.30 -8.05
N THR A 28 -8.88 -3.56 -7.93
CA THR A 28 -9.49 -4.51 -7.02
C THR A 28 -9.06 -4.25 -5.57
N TYR A 29 -7.79 -3.88 -5.35
CA TYR A 29 -7.27 -3.62 -4.02
C TYR A 29 -8.07 -2.51 -3.33
N LEU A 30 -8.33 -1.39 -4.03
CA LEU A 30 -9.08 -0.26 -3.48
C LEU A 30 -10.52 -0.69 -3.22
N SER A 31 -11.07 -1.58 -4.05
CA SER A 31 -12.43 -2.06 -3.91
C SER A 31 -12.60 -2.73 -2.53
N HIS A 32 -11.68 -3.65 -2.17
CA HIS A 32 -11.76 -4.31 -0.88
C HIS A 32 -11.38 -3.37 0.26
N LEU A 33 -10.41 -2.47 0.05
CA LEU A 33 -10.00 -1.52 1.09
C LEU A 33 -11.16 -0.58 1.42
N GLU A 34 -11.99 -0.22 0.44
CA GLU A 34 -13.14 0.64 0.67
C GLU A 34 -14.07 -0.06 1.67
N ALA A 35 -14.24 -1.39 1.57
CA ALA A 35 -15.08 -2.13 2.50
C ALA A 35 -14.52 -2.10 3.93
N LEU A 36 -13.22 -1.84 4.11
CA LEU A 36 -12.56 -1.75 5.41
C LEU A 36 -12.68 -0.32 5.95
N LEU A 37 -12.68 0.70 5.09
CA LEU A 37 -12.83 2.10 5.52
C LEU A 37 -14.33 2.44 5.65
N LEU A 38 -15.21 1.63 5.08
CA LEU A 38 -16.67 1.76 5.11
C LEU A 38 -17.14 1.92 6.57
N PRO A 39 -16.83 0.98 7.49
CA PRO A 39 -17.23 1.09 8.89
C PRO A 39 -16.45 2.18 9.63
N MET A 40 -15.31 2.64 9.10
CA MET A 40 -14.51 3.68 9.74
C MET A 40 -15.38 4.94 9.92
N LYS A 41 -16.31 5.20 8.99
CA LYS A 41 -17.19 6.36 9.05
C LYS A 41 -17.96 6.38 10.39
N PRO A 42 -18.87 5.43 10.69
CA PRO A 42 -19.61 5.42 11.95
C PRO A 42 -18.70 5.13 13.15
N LEU A 43 -17.65 4.32 13.01
CA LEU A 43 -16.74 4.02 14.14
C LEU A 43 -16.03 5.30 14.59
N LYS A 44 -15.35 6.01 13.68
CA LYS A 44 -14.65 7.25 14.01
C LYS A 44 -15.66 8.28 14.50
N ALA A 45 -16.89 8.29 13.98
CA ALA A 45 -17.92 9.23 14.41
C ALA A 45 -18.36 8.88 15.83
N ALA A 46 -18.37 7.60 16.20
CA ALA A 46 -18.77 7.13 17.53
C ALA A 46 -17.91 7.83 18.58
N ALA A 47 -16.63 8.04 18.27
CA ALA A 47 -15.63 8.72 19.10
C ALA A 47 -16.01 10.16 19.45
N THR A 48 -17.08 10.69 18.85
CA THR A 48 -17.58 12.04 19.08
C THR A 48 -19.04 12.04 19.55
N THR A 49 -19.54 10.92 20.11
CA THR A 49 -20.92 10.77 20.58
C THR A 49 -20.90 9.97 21.88
N SER A 50 -21.78 10.32 22.80
CA SER A 50 -22.00 9.72 24.12
C SER A 50 -20.77 9.03 24.73
N GLN A 51 -20.62 7.71 24.60
CA GLN A 51 -19.51 6.94 25.12
C GLN A 51 -19.40 5.62 24.34
N PRO A 52 -18.62 5.54 23.26
CA PRO A 52 -18.48 4.32 22.47
C PRO A 52 -17.74 3.23 23.26
N VAL A 53 -17.75 2.00 22.76
CA VAL A 53 -17.10 0.86 23.41
C VAL A 53 -15.57 0.84 23.19
N LEU A 54 -15.02 1.79 22.43
CA LEU A 54 -13.60 1.93 22.12
C LEU A 54 -13.20 3.38 22.35
N THR A 55 -11.91 3.67 22.42
CA THR A 55 -11.40 5.02 22.61
C THR A 55 -10.82 5.49 21.28
N SER A 56 -10.82 6.81 21.05
CA SER A 56 -10.29 7.41 19.84
C SER A 56 -8.82 7.04 19.66
N GLN A 57 -8.10 6.81 20.76
CA GLN A 57 -6.68 6.47 20.76
C GLN A 57 -6.43 5.08 20.18
N GLN A 58 -7.36 4.15 20.37
CA GLN A 58 -7.23 2.80 19.85
C GLN A 58 -7.56 2.87 18.36
N ILE A 59 -8.69 3.50 18.03
CA ILE A 59 -9.18 3.70 16.69
C ILE A 59 -8.13 4.39 15.80
N GLU A 60 -7.62 5.55 16.24
CA GLU A 60 -6.64 6.35 15.51
C GLU A 60 -5.30 5.67 15.27
N THR A 61 -4.92 4.65 16.05
CA THR A 61 -3.65 3.95 15.84
C THR A 61 -3.84 2.94 14.71
N ILE A 62 -4.90 2.13 14.78
CA ILE A 62 -5.20 1.12 13.78
C ILE A 62 -5.43 1.78 12.42
N PHE A 63 -6.25 2.83 12.38
CA PHE A 63 -6.61 3.56 11.16
C PHE A 63 -5.78 4.84 10.97
N PHE A 64 -4.56 4.92 11.52
CA PHE A 64 -3.70 6.10 11.38
C PHE A 64 -3.58 6.58 9.92
N LYS A 65 -3.49 5.67 8.94
CA LYS A 65 -3.38 5.97 7.52
C LYS A 65 -4.25 5.09 6.62
N VAL A 66 -5.01 4.11 7.13
CA VAL A 66 -5.88 3.23 6.33
C VAL A 66 -6.67 3.97 5.22
N PRO A 67 -7.48 5.01 5.52
CA PRO A 67 -8.24 5.72 4.48
C PRO A 67 -7.36 6.66 3.66
N GLU A 68 -6.25 7.14 4.22
CA GLU A 68 -5.34 8.04 3.54
C GLU A 68 -4.72 7.29 2.38
N LEU A 69 -4.26 6.05 2.64
CA LEU A 69 -3.66 5.17 1.64
C LEU A 69 -4.68 4.84 0.57
N TYR A 70 -5.97 4.67 0.92
CA TYR A 70 -7.00 4.37 -0.05
C TYR A 70 -7.08 5.53 -1.03
N GLU A 71 -7.25 6.74 -0.49
CA GLU A 71 -7.37 7.96 -1.27
C GLU A 71 -6.12 8.16 -2.14
N ILE A 72 -4.91 7.96 -1.58
CA ILE A 72 -3.64 8.11 -2.29
C ILE A 72 -3.61 7.17 -3.50
N HIS A 73 -3.86 5.88 -3.27
CA HIS A 73 -3.83 4.88 -4.33
C HIS A 73 -4.86 5.17 -5.42
N LYS A 74 -6.10 5.42 -5.05
CA LYS A 74 -7.16 5.70 -6.02
C LYS A 74 -6.86 7.00 -6.75
N GLU A 75 -6.25 8.03 -6.16
CA GLU A 75 -5.98 9.28 -6.89
C GLU A 75 -4.95 9.02 -7.99
N PHE A 76 -3.90 8.29 -7.62
CA PHE A 76 -2.82 7.92 -8.51
C PHE A 76 -3.34 7.02 -9.63
N TYR A 77 -4.21 6.05 -9.30
CA TYR A 77 -4.79 5.09 -10.21
C TYR A 77 -5.83 5.76 -11.13
N ASP A 78 -6.73 6.54 -10.54
CA ASP A 78 -7.80 7.26 -11.22
C ASP A 78 -7.21 8.23 -12.25
N GLY A 79 -6.06 8.83 -11.91
CA GLY A 79 -5.34 9.76 -12.76
C GLY A 79 -4.50 9.01 -13.79
N LEU A 80 -4.15 7.75 -13.53
CA LEU A 80 -3.36 6.93 -14.43
C LEU A 80 -4.24 6.54 -15.61
N PHE A 81 -5.46 6.08 -15.34
CA PHE A 81 -6.48 5.65 -16.29
C PHE A 81 -6.58 6.57 -17.53
N PRO A 82 -6.84 7.88 -17.40
CA PRO A 82 -6.95 8.76 -18.55
C PRO A 82 -5.62 8.95 -19.28
N ARG A 83 -4.48 8.79 -18.60
CA ARG A 83 -3.16 8.94 -19.24
C ARG A 83 -2.83 7.72 -20.09
N VAL A 84 -3.22 6.50 -19.70
CA VAL A 84 -2.91 5.31 -20.52
C VAL A 84 -3.57 5.44 -21.91
N GLN A 85 -4.75 6.05 -21.97
CA GLN A 85 -5.52 6.26 -23.19
C GLN A 85 -5.29 7.65 -23.79
N GLN A 86 -4.66 8.59 -23.09
CA GLN A 86 -4.43 9.94 -23.59
C GLN A 86 -3.11 10.47 -22.99
N TRP A 87 -2.01 10.07 -23.61
CA TRP A 87 -0.68 10.47 -23.20
C TRP A 87 -0.44 11.96 -23.51
N SER A 88 0.58 12.56 -22.89
CA SER A 88 0.91 13.97 -23.15
C SER A 88 1.47 14.00 -24.58
N HIS A 89 1.33 15.13 -25.28
CA HIS A 89 1.82 15.22 -26.66
C HIS A 89 3.33 15.01 -26.75
N GLN A 90 4.14 15.75 -25.98
CA GLN A 90 5.60 15.61 -26.01
C GLN A 90 6.21 15.80 -24.62
N GLN A 91 5.84 14.97 -23.64
CA GLN A 91 6.36 15.01 -22.27
C GLN A 91 6.21 13.61 -21.66
N ARG A 92 7.27 13.16 -20.99
CA ARG A 92 7.33 11.86 -20.32
C ARG A 92 6.58 11.89 -18.99
N VAL A 93 6.45 10.74 -18.33
CA VAL A 93 5.77 10.63 -17.04
C VAL A 93 6.71 10.02 -16.00
N GLY A 94 6.80 10.70 -14.85
CA GLY A 94 7.59 10.33 -13.69
C GLY A 94 6.99 10.96 -12.41
N ASP A 95 6.17 11.99 -12.59
CA ASP A 95 5.46 12.80 -11.60
C ASP A 95 4.60 11.96 -10.66
N LEU A 96 3.74 11.08 -11.20
CA LEU A 96 2.86 10.24 -10.38
C LEU A 96 3.70 9.30 -9.53
N PHE A 97 4.73 8.68 -10.11
CA PHE A 97 5.61 7.79 -9.38
C PHE A 97 6.33 8.57 -8.26
N GLN A 98 6.76 9.80 -8.55
CA GLN A 98 7.45 10.65 -7.59
C GLN A 98 6.50 11.13 -6.50
N LYS A 99 5.20 11.28 -6.76
CA LYS A 99 4.21 11.71 -5.76
C LYS A 99 4.31 10.82 -4.53
N LEU A 100 4.41 9.50 -4.75
CA LEU A 100 4.53 8.50 -3.70
C LEU A 100 5.84 8.71 -2.92
N ALA A 101 6.94 9.06 -3.60
CA ALA A 101 8.23 9.30 -2.98
C ALA A 101 8.14 10.54 -2.08
N SER A 102 7.50 11.61 -2.58
CA SER A 102 7.29 12.87 -1.87
C SER A 102 6.59 12.61 -0.53
N GLN A 103 5.72 11.59 -0.44
CA GLN A 103 4.98 11.23 0.75
C GLN A 103 5.55 10.01 1.49
N LEU A 104 6.76 9.53 1.18
CA LEU A 104 7.36 8.36 1.87
C LEU A 104 7.48 8.57 3.38
N GLY A 105 7.48 9.82 3.88
CA GLY A 105 7.56 10.10 5.30
C GLY A 105 6.38 9.48 6.04
N VAL A 106 5.22 9.36 5.37
CA VAL A 106 3.99 8.79 5.90
C VAL A 106 4.24 7.30 6.15
N TYR A 107 4.90 6.61 5.22
CA TYR A 107 5.21 5.19 5.35
C TYR A 107 6.12 4.99 6.57
N ARG A 108 7.09 5.87 6.82
CA ARG A 108 7.97 5.77 7.98
C ARG A 108 7.13 5.95 9.25
N ALA A 109 6.11 6.81 9.25
CA ALA A 109 5.27 6.99 10.42
C ALA A 109 4.46 5.69 10.67
N PHE A 110 3.95 5.08 9.59
CA PHE A 110 3.19 3.84 9.65
C PHE A 110 4.06 2.70 10.20
N VAL A 111 5.26 2.49 9.64
CA VAL A 111 6.15 1.43 10.09
C VAL A 111 6.63 1.65 11.53
N ASP A 112 6.77 2.90 11.96
CA ASP A 112 7.19 3.23 13.32
C ASP A 112 6.14 2.76 14.34
N ASN A 113 4.87 2.85 13.96
CA ASN A 113 3.69 2.46 14.74
C ASN A 113 3.21 1.05 14.35
N TYR A 114 4.02 0.22 13.69
CA TYR A 114 3.58 -1.10 13.27
C TYR A 114 3.17 -2.06 14.40
N GLY A 115 3.98 -2.25 15.43
CA GLY A 115 3.66 -3.18 16.52
C GLY A 115 2.41 -2.78 17.27
N VAL A 116 2.41 -1.55 17.77
CA VAL A 116 1.34 -0.94 18.54
C VAL A 116 0.00 -1.02 17.78
N ALA A 117 0.01 -0.93 16.45
CA ALA A 117 -1.21 -1.02 15.66
C ALA A 117 -1.83 -2.41 15.81
N MET A 118 -1.02 -3.47 15.66
CA MET A 118 -1.50 -4.85 15.78
C MET A 118 -1.92 -5.14 17.21
N GLU A 119 -1.11 -4.72 18.18
CA GLU A 119 -1.39 -4.99 19.58
C GLU A 119 -2.79 -4.54 20.01
N MET A 120 -3.21 -3.29 19.75
CA MET A 120 -4.55 -2.93 20.20
C MET A 120 -5.61 -3.67 19.37
N ALA A 121 -5.34 -3.92 18.09
CA ALA A 121 -6.25 -4.61 17.19
C ALA A 121 -6.56 -6.04 17.66
N GLU A 122 -5.56 -6.81 18.09
CA GLU A 122 -5.82 -8.18 18.56
C GLU A 122 -6.72 -8.11 19.80
N LYS A 123 -6.44 -7.18 20.72
CA LYS A 123 -7.23 -7.04 21.94
C LYS A 123 -8.62 -6.50 21.59
N CYS A 124 -8.77 -5.76 20.49
CA CYS A 124 -10.04 -5.22 20.04
C CYS A 124 -10.93 -6.40 19.60
N CYS A 125 -10.35 -7.44 18.98
CA CYS A 125 -11.05 -8.63 18.52
C CYS A 125 -11.83 -9.27 19.67
N GLN A 126 -11.14 -9.57 20.78
CA GLN A 126 -11.78 -10.18 21.95
C GLN A 126 -12.65 -9.19 22.73
N ALA A 127 -12.37 -7.88 22.66
CA ALA A 127 -13.13 -6.87 23.38
C ALA A 127 -14.53 -6.65 22.81
N ASN A 128 -14.69 -6.74 21.47
CA ASN A 128 -15.99 -6.53 20.83
C ASN A 128 -16.24 -7.58 19.77
N ALA A 129 -17.41 -8.23 19.85
CA ALA A 129 -17.82 -9.26 18.90
C ALA A 129 -17.78 -8.69 17.47
N GLN A 130 -17.94 -7.36 17.32
CA GLN A 130 -17.90 -6.69 16.03
C GLN A 130 -16.54 -6.91 15.36
N PHE A 131 -15.42 -6.93 16.09
CA PHE A 131 -14.12 -7.17 15.50
C PHE A 131 -13.94 -8.68 15.31
N ALA A 132 -14.42 -9.50 16.25
CA ALA A 132 -14.35 -10.96 16.17
C ALA A 132 -15.01 -11.52 14.90
N GLU A 133 -16.28 -11.16 14.64
CA GLU A 133 -17.06 -11.61 13.49
C GLU A 133 -16.36 -11.33 12.16
N ILE A 134 -15.87 -10.11 11.95
CA ILE A 134 -15.21 -9.71 10.72
C ILE A 134 -13.84 -10.40 10.59
N SER A 135 -13.17 -10.67 11.71
CA SER A 135 -11.88 -11.33 11.73
C SER A 135 -11.98 -12.85 11.47
N GLU A 136 -13.18 -13.43 11.39
CA GLU A 136 -13.37 -14.86 11.12
C GLU A 136 -14.12 -15.05 9.80
N ASN A 137 -14.96 -14.08 9.40
CA ASN A 137 -15.72 -14.08 8.15
C ASN A 137 -14.90 -13.39 7.04
N LEU A 138 -13.63 -13.10 7.32
CA LEU A 138 -12.63 -12.42 6.49
C LEU A 138 -12.44 -13.05 5.11
N ARG A 139 -11.69 -12.32 4.27
CA ARG A 139 -11.36 -12.74 2.91
C ARG A 139 -10.32 -13.85 2.95
N ALA A 140 -10.75 -15.10 3.07
CA ALA A 140 -9.94 -16.32 3.11
C ALA A 140 -8.76 -16.22 4.08
N ARG A 141 -7.60 -15.81 3.57
CA ARG A 141 -6.32 -15.60 4.23
C ARG A 141 -5.73 -16.91 4.75
N SER A 142 -4.75 -17.41 4.00
CA SER A 142 -4.01 -18.62 4.27
C SER A 142 -2.83 -18.29 5.18
N ASN A 143 -1.76 -17.72 4.59
CA ASN A 143 -0.52 -17.31 5.25
C ASN A 143 0.20 -18.48 5.93
N LYS A 144 1.33 -18.25 6.61
CA LYS A 144 2.07 -19.31 7.29
C LYS A 144 1.22 -20.00 8.36
N ASP A 145 0.18 -19.32 8.82
CA ASP A 145 -0.79 -19.71 9.83
C ASP A 145 -1.29 -21.14 9.60
N ALA A 146 -1.48 -21.54 8.33
CA ALA A 146 -1.96 -22.89 7.98
C ALA A 146 -0.98 -24.02 8.35
N LYS A 147 0.25 -23.71 8.74
CA LYS A 147 1.29 -24.69 9.12
C LYS A 147 1.81 -24.41 10.52
N ASP A 148 2.09 -23.14 10.80
CA ASP A 148 2.62 -22.62 12.04
C ASP A 148 1.68 -22.89 13.24
N PRO A 149 2.15 -22.73 14.48
CA PRO A 149 1.33 -22.95 15.69
C PRO A 149 0.35 -21.78 15.94
N THR A 150 0.20 -20.84 15.00
CA THR A 150 -0.67 -19.67 15.07
C THR A 150 -1.63 -19.76 13.88
N THR A 151 -2.68 -20.57 14.02
CA THR A 151 -3.67 -20.80 12.96
C THR A 151 -4.63 -19.63 12.69
N LYS A 152 -4.71 -18.65 13.61
CA LYS A 152 -5.62 -17.52 13.47
C LYS A 152 -5.01 -16.42 12.61
N ASN A 153 -5.86 -15.67 11.91
CA ASN A 153 -5.41 -14.55 11.08
C ASN A 153 -5.42 -13.32 11.98
N SER A 154 -4.48 -12.38 11.84
CA SER A 154 -4.42 -11.16 12.66
C SER A 154 -4.33 -9.91 11.78
N LEU A 155 -4.59 -8.74 12.39
CA LEU A 155 -4.55 -7.45 11.68
C LEU A 155 -3.20 -7.22 10.98
N GLU A 156 -2.08 -7.62 11.59
CA GLU A 156 -0.75 -7.45 11.00
C GLU A 156 -0.68 -8.07 9.60
N THR A 157 -1.25 -9.25 9.41
CA THR A 157 -1.27 -9.98 8.15
C THR A 157 -2.08 -9.22 7.09
N LEU A 158 -3.19 -8.58 7.48
CA LEU A 158 -4.02 -7.83 6.54
C LEU A 158 -3.26 -6.57 6.13
N LEU A 159 -2.53 -5.93 7.05
CA LEU A 159 -1.74 -4.75 6.75
C LEU A 159 -0.50 -5.13 5.94
N TYR A 160 0.04 -6.33 6.15
CA TYR A 160 1.21 -6.79 5.41
C TYR A 160 0.88 -7.09 3.93
N LYS A 161 -0.41 -7.27 3.58
CA LYS A 161 -0.79 -7.54 2.19
C LYS A 161 -0.27 -6.46 1.24
N PRO A 162 -0.64 -5.18 1.36
CA PRO A 162 -0.11 -4.14 0.49
C PRO A 162 1.40 -3.93 0.68
N VAL A 163 1.97 -4.22 1.87
CA VAL A 163 3.40 -4.05 2.10
C VAL A 163 4.18 -4.99 1.16
N ASP A 164 3.80 -6.27 1.10
CA ASP A 164 4.44 -7.26 0.23
C ASP A 164 4.46 -6.80 -1.23
N ARG A 165 3.43 -6.06 -1.63
CA ARG A 165 3.27 -5.50 -2.96
C ARG A 165 4.12 -4.26 -3.18
N VAL A 166 3.97 -3.23 -2.34
CA VAL A 166 4.69 -1.98 -2.46
C VAL A 166 6.21 -2.16 -2.51
N THR A 167 6.77 -3.17 -1.82
CA THR A 167 8.20 -3.41 -1.84
C THR A 167 8.67 -3.86 -3.25
N ARG A 168 7.82 -4.53 -4.02
CA ARG A 168 8.11 -4.99 -5.38
C ARG A 168 8.04 -3.82 -6.35
N SER A 169 7.19 -2.83 -6.12
CA SER A 169 7.02 -1.68 -6.98
C SER A 169 8.32 -0.99 -7.40
N THR A 170 9.32 -0.91 -6.51
CA THR A 170 10.59 -0.29 -6.87
C THR A 170 11.26 -1.01 -8.05
N LEU A 171 10.94 -2.30 -8.29
CA LEU A 171 11.52 -3.03 -9.41
C LEU A 171 11.02 -2.45 -10.73
N VAL A 172 9.75 -2.01 -10.77
CA VAL A 172 9.15 -1.46 -11.97
C VAL A 172 9.86 -0.17 -12.37
N LEU A 173 10.39 0.59 -11.39
CA LEU A 173 11.12 1.82 -11.69
C LEU A 173 12.39 1.41 -12.43
N HIS A 174 13.12 0.40 -11.93
CA HIS A 174 14.33 -0.09 -12.55
C HIS A 174 14.01 -0.65 -13.95
N ASP A 175 12.89 -1.37 -14.12
CA ASP A 175 12.51 -1.96 -15.41
C ASP A 175 12.39 -0.91 -16.51
N LEU A 176 11.62 0.15 -16.27
CA LEU A 176 11.45 1.22 -17.24
C LEU A 176 12.76 1.99 -17.41
N LEU A 177 13.42 2.35 -16.30
CA LEU A 177 14.69 3.06 -16.27
C LEU A 177 15.75 2.32 -17.08
N LYS A 178 15.68 0.99 -17.18
CA LYS A 178 16.62 0.16 -17.95
C LYS A 178 16.70 0.64 -19.40
N HIS A 179 15.58 1.07 -19.99
CA HIS A 179 15.51 1.55 -21.37
C HIS A 179 15.89 3.03 -21.45
N THR A 180 15.59 3.81 -20.41
CA THR A 180 15.88 5.24 -20.34
C THR A 180 17.39 5.52 -20.43
N PRO A 181 17.84 6.31 -21.42
CA PRO A 181 19.25 6.66 -21.53
C PRO A 181 19.53 7.58 -20.33
N ALA A 182 20.65 7.40 -19.63
CA ALA A 182 20.98 8.21 -18.46
C ALA A 182 21.11 9.72 -18.74
N SER A 183 21.15 10.14 -20.00
CA SER A 183 21.24 11.53 -20.41
C SER A 183 19.85 12.19 -20.40
N HIS A 184 18.77 11.40 -20.41
CA HIS A 184 17.39 11.89 -20.41
C HIS A 184 17.13 12.67 -19.11
N PRO A 185 16.26 13.69 -19.12
CA PRO A 185 15.98 14.50 -17.93
C PRO A 185 15.27 13.74 -16.81
N ASP A 186 14.54 12.69 -17.14
CA ASP A 186 13.82 11.86 -16.17
C ASP A 186 14.73 10.83 -15.51
N HIS A 187 15.92 10.53 -16.06
CA HIS A 187 16.84 9.56 -15.47
C HIS A 187 17.13 9.92 -14.00
N PRO A 188 17.67 11.11 -13.66
CA PRO A 188 17.96 11.44 -12.26
C PRO A 188 16.68 11.61 -11.43
N LEU A 189 15.58 12.06 -12.04
CA LEU A 189 14.30 12.26 -11.36
C LEU A 189 13.83 10.92 -10.82
N LEU A 190 13.77 9.92 -11.71
CA LEU A 190 13.33 8.56 -11.42
C LEU A 190 14.35 7.85 -10.55
N GLN A 191 15.65 8.02 -10.80
CA GLN A 191 16.69 7.36 -10.02
C GLN A 191 16.67 7.85 -8.57
N ASP A 192 16.53 9.16 -8.33
CA ASP A 192 16.49 9.71 -6.98
C ASP A 192 15.26 9.18 -6.25
N ALA A 193 14.09 9.27 -6.90
CA ALA A 193 12.82 8.81 -6.34
C ALA A 193 12.93 7.32 -5.98
N LEU A 194 13.54 6.51 -6.86
CA LEU A 194 13.75 5.09 -6.66
C LEU A 194 14.69 4.89 -5.48
N ARG A 195 15.82 5.59 -5.45
CA ARG A 195 16.82 5.48 -4.38
C ARG A 195 16.20 5.74 -3.01
N ILE A 196 15.56 6.89 -2.80
CA ILE A 196 14.99 7.21 -1.50
C ILE A 196 13.90 6.23 -1.05
N SER A 197 13.03 5.78 -1.95
CA SER A 197 11.95 4.86 -1.68
C SER A 197 12.49 3.47 -1.39
N GLN A 198 13.41 2.95 -2.22
CA GLN A 198 13.97 1.63 -2.02
C GLN A 198 14.83 1.64 -0.77
N ASN A 199 15.59 2.70 -0.53
CA ASN A 199 16.42 2.81 0.65
C ASN A 199 15.57 2.66 1.90
N PHE A 200 14.42 3.34 1.94
CA PHE A 200 13.52 3.26 3.09
C PHE A 200 13.02 1.84 3.29
N LEU A 201 12.39 1.21 2.28
CA LEU A 201 11.86 -0.15 2.41
C LEU A 201 12.93 -1.21 2.68
N SER A 202 14.11 -1.04 2.09
CA SER A 202 15.24 -1.94 2.27
C SER A 202 15.77 -1.77 3.70
N SER A 203 15.71 -0.57 4.28
CA SER A 203 16.20 -0.35 5.64
C SER A 203 15.25 -1.01 6.66
N ILE A 204 13.94 -0.95 6.45
CA ILE A 204 12.95 -1.56 7.34
C ILE A 204 12.71 -3.04 6.99
N ASN A 205 13.55 -3.63 6.13
CA ASN A 205 13.46 -5.02 5.69
C ASN A 205 13.27 -6.00 6.86
N GLU A 206 13.99 -5.82 7.96
CA GLU A 206 13.89 -6.69 9.12
C GLU A 206 12.63 -6.47 9.94
N GLU A 207 11.95 -5.32 9.82
CA GLU A 207 10.71 -5.07 10.56
C GLU A 207 9.56 -5.88 9.96
N ILE A 208 9.76 -6.52 8.80
CA ILE A 208 8.77 -7.30 8.08
C ILE A 208 9.32 -8.66 7.62
N THR A 209 8.96 -9.71 8.35
CA THR A 209 9.37 -11.10 8.13
C THR A 209 10.91 -11.24 8.16
N PRO A 210 11.55 -10.91 9.31
CA PRO A 210 13.00 -11.01 9.49
C PRO A 210 13.48 -12.46 9.41
N ARG A 211 12.75 -13.37 10.07
CA ARG A 211 12.98 -14.81 10.17
C ARG A 211 14.19 -15.10 11.07
N ARG A 212 14.32 -16.36 11.46
CA ARG A 212 15.37 -16.93 12.31
C ARG A 212 15.45 -18.42 12.01
N GLN A 213 16.52 -19.08 12.45
CA GLN A 213 16.76 -20.50 12.27
C GLN A 213 16.77 -21.23 13.61
N SER A 214 16.88 -22.55 13.56
CA SER A 214 16.91 -23.46 14.70
C SER A 214 17.82 -24.64 14.33
N MET A 215 18.15 -25.49 15.30
CA MET A 215 18.99 -26.66 15.12
C MET A 215 18.41 -27.77 15.98
N THR A 216 18.59 -29.02 15.55
CA THR A 216 18.12 -30.23 16.21
C THR A 216 19.19 -31.31 16.02
N VAL A 217 19.29 -32.21 16.99
CA VAL A 217 20.23 -33.33 16.98
C VAL A 217 19.62 -34.50 16.19
N LYS A 218 20.30 -35.64 16.15
CA LYS A 218 19.91 -36.87 15.49
C LYS A 218 20.14 -38.00 16.46
N ALA A 1 -2.23 18.72 -35.47
CA ALA A 1 -2.46 18.46 -34.04
C ALA A 1 -1.16 17.88 -33.53
N MET A 2 -1.17 16.81 -32.72
CA MET A 2 0.03 16.16 -32.22
C MET A 2 0.66 15.34 -33.36
N ALA A 3 1.71 14.57 -33.07
CA ALA A 3 2.39 13.72 -34.04
C ALA A 3 1.48 12.57 -34.49
N SER A 4 1.94 11.79 -35.47
CA SER A 4 1.22 10.65 -36.02
C SER A 4 1.13 9.56 -34.95
N GLU A 5 -0.07 9.31 -34.43
CA GLU A 5 -0.32 8.31 -33.40
C GLU A 5 0.15 6.89 -33.80
N LEU A 6 0.31 6.62 -35.09
CA LEU A 6 0.79 5.34 -35.61
C LEU A 6 2.19 5.02 -35.09
N ASP A 7 3.00 6.03 -34.77
CA ASP A 7 4.35 5.90 -34.23
C ASP A 7 4.23 5.74 -32.72
N LEU A 8 3.40 6.57 -32.10
CA LEU A 8 3.16 6.60 -30.68
C LEU A 8 2.72 5.23 -30.21
N GLU A 9 1.92 4.52 -31.00
CA GLU A 9 1.46 3.18 -30.65
C GLU A 9 2.65 2.28 -30.30
N LYS A 10 3.74 2.28 -31.09
CA LYS A 10 4.91 1.44 -30.82
C LYS A 10 5.50 1.77 -29.44
N GLY A 11 5.33 3.01 -28.99
CA GLY A 11 5.79 3.48 -27.70
C GLY A 11 4.76 3.12 -26.62
N LEU A 12 3.46 3.18 -26.94
CA LEU A 12 2.34 2.88 -26.06
C LEU A 12 2.21 1.40 -25.79
N GLU A 13 2.54 0.49 -26.70
CA GLU A 13 2.39 -0.95 -26.52
C GLU A 13 2.99 -1.41 -25.20
N MET A 14 4.28 -1.18 -24.95
CA MET A 14 4.88 -1.58 -23.68
C MET A 14 4.37 -0.69 -22.54
N ARG A 15 4.14 0.60 -22.78
CA ARG A 15 3.68 1.55 -21.77
C ARG A 15 2.33 1.18 -21.17
N LYS A 16 1.32 0.95 -22.02
CA LYS A 16 -0.04 0.60 -21.62
C LYS A 16 0.02 -0.72 -20.87
N TRP A 17 0.84 -1.66 -21.33
CA TRP A 17 1.01 -2.97 -20.71
C TRP A 17 1.55 -2.81 -19.29
N VAL A 18 2.66 -2.10 -19.11
CA VAL A 18 3.29 -1.90 -17.82
C VAL A 18 2.38 -1.13 -16.85
N LEU A 19 1.81 -0.02 -17.32
CA LEU A 19 0.92 0.80 -16.50
C LEU A 19 -0.33 0.04 -16.12
N SER A 20 -0.95 -0.71 -17.04
CA SER A 20 -2.16 -1.48 -16.75
C SER A 20 -1.94 -2.41 -15.57
N GLY A 21 -0.73 -2.95 -15.36
CA GLY A 21 -0.49 -3.81 -14.22
C GLY A 21 -0.77 -3.07 -12.91
N ILE A 22 -0.44 -1.78 -12.85
CA ILE A 22 -0.66 -0.97 -11.66
C ILE A 22 -2.16 -0.71 -11.49
N LEU A 23 -2.84 -0.15 -12.49
CA LEU A 23 -4.29 0.14 -12.48
C LEU A 23 -5.03 -1.15 -12.14
N ALA A 24 -4.63 -2.29 -12.67
CA ALA A 24 -5.27 -3.57 -12.40
C ALA A 24 -5.08 -3.96 -10.94
N SER A 25 -3.89 -3.78 -10.35
CA SER A 25 -3.67 -4.16 -8.97
C SER A 25 -4.37 -3.16 -8.05
N GLU A 26 -4.28 -1.86 -8.35
CA GLU A 26 -4.87 -0.81 -7.55
C GLU A 26 -6.38 -0.91 -7.61
N GLU A 27 -6.96 -1.30 -8.75
CA GLU A 27 -8.39 -1.49 -8.92
C GLU A 27 -8.91 -2.41 -7.79
N THR A 28 -8.31 -3.60 -7.65
CA THR A 28 -8.69 -4.57 -6.63
C THR A 28 -8.20 -4.16 -5.24
N TYR A 29 -7.05 -3.49 -5.13
CA TYR A 29 -6.48 -3.05 -3.85
C TYR A 29 -7.47 -2.08 -3.21
N LEU A 30 -7.86 -1.04 -3.95
CA LEU A 30 -8.77 -0.02 -3.50
C LEU A 30 -10.16 -0.59 -3.31
N SER A 31 -10.66 -1.44 -4.21
CA SER A 31 -11.98 -2.02 -4.08
C SER A 31 -12.08 -2.79 -2.74
N HIS A 32 -11.03 -3.53 -2.34
CA HIS A 32 -11.05 -4.25 -1.07
C HIS A 32 -10.82 -3.28 0.10
N LEU A 33 -9.93 -2.30 -0.07
CA LEU A 33 -9.62 -1.29 0.95
C LEU A 33 -10.85 -0.43 1.27
N GLU A 34 -11.76 -0.23 0.31
CA GLU A 34 -12.98 0.52 0.51
C GLU A 34 -13.80 -0.20 1.57
N ALA A 35 -13.86 -1.54 1.53
CA ALA A 35 -14.59 -2.34 2.51
C ALA A 35 -13.99 -2.22 3.91
N LEU A 36 -12.71 -1.84 4.03
CA LEU A 36 -12.01 -1.66 5.30
C LEU A 36 -12.29 -0.25 5.84
N LEU A 37 -12.19 0.77 4.99
CA LEU A 37 -12.44 2.16 5.42
C LEU A 37 -13.95 2.43 5.60
N LEU A 38 -14.81 1.61 4.98
CA LEU A 38 -16.27 1.67 5.04
C LEU A 38 -16.77 1.71 6.49
N PRO A 39 -16.52 0.71 7.36
CA PRO A 39 -17.00 0.76 8.74
C PRO A 39 -16.36 1.90 9.54
N MET A 40 -15.12 2.30 9.20
CA MET A 40 -14.42 3.38 9.90
C MET A 40 -15.12 4.73 9.71
N LYS A 41 -15.68 5.01 8.52
CA LYS A 41 -16.37 6.29 8.23
C LYS A 41 -17.35 6.69 9.35
N PRO A 42 -18.43 5.93 9.62
CA PRO A 42 -19.37 6.29 10.69
C PRO A 42 -18.72 6.14 12.06
N LEU A 43 -17.75 5.24 12.24
CA LEU A 43 -17.08 5.07 13.53
C LEU A 43 -16.32 6.35 13.92
N LYS A 44 -15.80 7.09 12.95
CA LYS A 44 -15.09 8.34 13.21
C LYS A 44 -16.05 9.31 13.92
N ALA A 45 -17.29 9.36 13.43
CA ALA A 45 -18.36 10.19 13.98
C ALA A 45 -18.84 9.61 15.32
N ALA A 46 -18.86 8.27 15.44
CA ALA A 46 -19.27 7.57 16.64
C ALA A 46 -18.36 7.91 17.82
N ALA A 47 -17.09 8.27 17.52
CA ALA A 47 -16.09 8.65 18.50
C ALA A 47 -16.56 9.82 19.37
N THR A 48 -17.56 10.57 18.91
CA THR A 48 -18.07 11.72 19.62
C THR A 48 -19.56 11.58 20.01
N THR A 49 -20.14 10.37 20.06
CA THR A 49 -21.53 10.13 20.41
C THR A 49 -21.54 9.06 21.49
N SER A 50 -22.17 9.33 22.63
CA SER A 50 -22.26 8.40 23.73
C SER A 50 -20.86 7.84 24.09
N GLN A 51 -20.75 6.52 24.23
CA GLN A 51 -19.53 5.80 24.55
C GLN A 51 -19.43 4.63 23.57
N PRO A 52 -18.72 4.80 22.43
CA PRO A 52 -18.57 3.73 21.46
C PRO A 52 -17.70 2.60 22.04
N VAL A 53 -17.77 1.40 21.48
CA VAL A 53 -16.99 0.24 21.95
C VAL A 53 -15.47 0.50 21.83
N LEU A 54 -15.04 1.40 20.96
CA LEU A 54 -13.64 1.77 20.76
C LEU A 54 -13.63 3.28 20.63
N THR A 55 -12.66 3.96 21.24
CA THR A 55 -12.53 5.41 21.17
C THR A 55 -11.61 5.78 20.00
N SER A 56 -11.57 7.05 19.64
CA SER A 56 -10.77 7.58 18.55
C SER A 56 -9.31 7.15 18.61
N GLN A 57 -8.69 7.08 19.80
CA GLN A 57 -7.29 6.66 19.92
C GLN A 57 -7.10 5.19 19.55
N GLN A 58 -8.00 4.30 19.98
CA GLN A 58 -7.87 2.89 19.67
C GLN A 58 -8.02 2.70 18.15
N ILE A 59 -8.97 3.41 17.54
CA ILE A 59 -9.23 3.33 16.11
C ILE A 59 -8.04 3.90 15.33
N GLU A 60 -7.65 5.14 15.60
CA GLU A 60 -6.58 5.84 14.91
C GLU A 60 -5.23 5.16 14.89
N THR A 61 -4.86 4.31 15.83
CA THR A 61 -3.54 3.68 15.72
C THR A 61 -3.57 2.60 14.62
N ILE A 62 -4.69 1.88 14.48
CA ILE A 62 -4.82 0.83 13.46
C ILE A 62 -5.15 1.50 12.12
N PHE A 63 -6.15 2.37 12.11
CA PHE A 63 -6.64 3.09 10.94
C PHE A 63 -5.85 4.36 10.62
N PHE A 64 -4.69 4.55 11.27
CA PHE A 64 -3.78 5.70 11.16
C PHE A 64 -3.72 6.27 9.76
N LYS A 65 -3.44 5.43 8.75
CA LYS A 65 -3.35 5.85 7.36
C LYS A 65 -4.24 5.04 6.45
N VAL A 66 -5.09 4.14 6.96
CA VAL A 66 -6.02 3.34 6.16
C VAL A 66 -6.75 4.18 5.09
N PRO A 67 -7.49 5.25 5.45
CA PRO A 67 -8.20 6.04 4.44
C PRO A 67 -7.27 6.94 3.62
N GLU A 68 -6.09 7.31 4.15
CA GLU A 68 -5.15 8.17 3.44
C GLU A 68 -4.49 7.37 2.32
N LEU A 69 -4.02 6.15 2.61
CA LEU A 69 -3.38 5.25 1.66
C LEU A 69 -4.37 4.90 0.54
N TYR A 70 -5.67 4.84 0.86
CA TYR A 70 -6.70 4.54 -0.13
C TYR A 70 -6.74 5.64 -1.17
N GLU A 71 -6.85 6.88 -0.69
CA GLU A 71 -6.92 8.10 -1.47
C GLU A 71 -5.66 8.22 -2.33
N ILE A 72 -4.48 8.04 -1.73
CA ILE A 72 -3.20 8.14 -2.42
C ILE A 72 -3.17 7.20 -3.64
N HIS A 73 -3.68 5.97 -3.52
CA HIS A 73 -3.67 5.03 -4.63
C HIS A 73 -4.76 5.35 -5.65
N LYS A 74 -6.01 5.55 -5.23
CA LYS A 74 -7.14 5.83 -6.13
C LYS A 74 -6.93 7.14 -6.87
N GLU A 75 -6.33 8.17 -6.29
CA GLU A 75 -6.13 9.45 -6.97
C GLU A 75 -5.18 9.22 -8.16
N PHE A 76 -4.10 8.52 -7.89
CA PHE A 76 -3.06 8.18 -8.84
C PHE A 76 -3.66 7.28 -9.93
N TYR A 77 -4.34 6.20 -9.54
CA TYR A 77 -4.98 5.23 -10.40
C TYR A 77 -6.06 5.86 -11.28
N ASP A 78 -7.01 6.59 -10.67
CA ASP A 78 -8.09 7.22 -11.40
C ASP A 78 -7.54 8.24 -12.40
N GLY A 79 -6.46 8.93 -12.05
CA GLY A 79 -5.82 9.92 -12.91
C GLY A 79 -4.96 9.26 -14.00
N LEU A 80 -4.66 7.96 -13.84
CA LEU A 80 -3.88 7.15 -14.77
C LEU A 80 -4.79 6.59 -15.84
N PHE A 81 -5.98 6.10 -15.47
CA PHE A 81 -7.00 5.52 -16.35
C PHE A 81 -7.23 6.30 -17.66
N PRO A 82 -7.63 7.59 -17.63
CA PRO A 82 -7.87 8.34 -18.85
C PRO A 82 -6.56 8.67 -19.57
N ARG A 83 -5.51 8.89 -18.79
CA ARG A 83 -4.18 9.24 -19.25
C ARG A 83 -3.52 8.13 -20.07
N VAL A 84 -3.77 6.84 -19.79
CA VAL A 84 -3.17 5.76 -20.59
C VAL A 84 -3.69 5.86 -22.02
N GLN A 85 -4.97 6.22 -22.16
CA GLN A 85 -5.70 6.36 -23.40
C GLN A 85 -5.49 7.72 -24.08
N GLN A 86 -4.97 8.73 -23.36
CA GLN A 86 -4.73 10.06 -23.88
C GLN A 86 -3.51 10.62 -23.16
N TRP A 87 -2.32 10.27 -23.63
CA TRP A 87 -1.09 10.78 -23.03
C TRP A 87 -0.98 12.27 -23.40
N SER A 88 -0.20 13.05 -22.64
CA SER A 88 0.02 14.47 -22.88
C SER A 88 0.48 14.66 -24.34
N HIS A 89 0.28 15.85 -24.92
CA HIS A 89 0.64 16.11 -26.31
C HIS A 89 2.14 15.90 -26.57
N GLN A 90 3.03 16.41 -25.72
CA GLN A 90 4.47 16.24 -25.86
C GLN A 90 5.11 16.31 -24.47
N GLN A 91 4.88 15.27 -23.67
CA GLN A 91 5.39 15.12 -22.30
C GLN A 91 5.27 13.63 -21.91
N ARG A 92 5.92 13.24 -20.81
CA ARG A 92 5.93 11.90 -20.25
C ARG A 92 5.31 11.99 -18.85
N VAL A 93 5.19 10.90 -18.11
CA VAL A 93 4.61 10.91 -16.76
C VAL A 93 5.69 10.56 -15.75
N GLY A 94 5.55 11.05 -14.52
CA GLY A 94 6.53 10.79 -13.47
C GLY A 94 6.21 11.56 -12.20
N ASP A 95 5.53 12.70 -12.29
CA ASP A 95 5.17 13.56 -11.15
C ASP A 95 4.26 12.81 -10.17
N LEU A 96 3.34 12.01 -10.72
CA LEU A 96 2.41 11.22 -9.91
C LEU A 96 3.20 10.22 -9.08
N PHE A 97 4.15 9.51 -9.71
CA PHE A 97 4.98 8.54 -9.04
C PHE A 97 5.88 9.22 -8.01
N GLN A 98 6.37 10.42 -8.33
CA GLN A 98 7.24 11.21 -7.45
C GLN A 98 6.49 11.48 -6.14
N LYS A 99 5.18 11.77 -6.21
CA LYS A 99 4.37 12.03 -5.03
C LYS A 99 4.39 10.80 -4.12
N LEU A 100 4.17 9.61 -4.66
CA LEU A 100 4.15 8.36 -3.90
C LEU A 100 5.45 8.18 -3.12
N ALA A 101 6.60 8.35 -3.78
CA ALA A 101 7.91 8.21 -3.18
C ALA A 101 8.19 9.32 -2.17
N SER A 102 7.86 10.56 -2.52
CA SER A 102 8.04 11.73 -1.67
C SER A 102 7.24 11.60 -0.37
N GLN A 103 6.09 10.93 -0.41
CA GLN A 103 5.20 10.73 0.71
C GLN A 103 5.74 9.71 1.74
N LEU A 104 6.95 9.16 1.55
CA LEU A 104 7.57 8.20 2.49
C LEU A 104 7.47 8.58 3.96
N GLY A 105 7.43 9.87 4.31
CA GLY A 105 7.31 10.30 5.70
C GLY A 105 6.06 9.71 6.37
N VAL A 106 4.94 9.64 5.64
CA VAL A 106 3.69 9.09 6.16
C VAL A 106 3.90 7.59 6.45
N TYR A 107 4.54 6.89 5.52
CA TYR A 107 4.83 5.47 5.65
C TYR A 107 5.78 5.24 6.83
N ARG A 108 6.77 6.13 7.03
CA ARG A 108 7.73 6.03 8.13
C ARG A 108 7.01 6.11 9.47
N ALA A 109 6.01 6.99 9.61
CA ALA A 109 5.28 7.11 10.87
C ALA A 109 4.51 5.82 11.17
N PHE A 110 3.74 5.30 10.21
CA PHE A 110 2.96 4.09 10.39
C PHE A 110 3.88 2.91 10.71
N VAL A 111 5.03 2.78 10.03
CA VAL A 111 5.94 1.68 10.31
C VAL A 111 6.65 1.86 11.66
N ASP A 112 6.95 3.09 12.07
CA ASP A 112 7.61 3.39 13.35
C ASP A 112 6.75 2.97 14.53
N ASN A 113 5.43 3.02 14.36
CA ASN A 113 4.43 2.68 15.38
C ASN A 113 3.63 1.42 15.02
N TYR A 114 4.13 0.62 14.07
CA TYR A 114 3.51 -0.60 13.58
C TYR A 114 3.17 -1.60 14.69
N GLY A 115 4.04 -1.72 15.70
CA GLY A 115 3.87 -2.64 16.81
C GLY A 115 2.76 -2.24 17.77
N VAL A 116 2.53 -0.95 18.01
CA VAL A 116 1.46 -0.53 18.92
C VAL A 116 0.11 -0.85 18.26
N ALA A 117 0.01 -0.71 16.93
CA ALA A 117 -1.23 -1.03 16.25
C ALA A 117 -1.52 -2.52 16.47
N MET A 118 -0.50 -3.37 16.28
CA MET A 118 -0.56 -4.82 16.46
C MET A 118 -1.01 -5.18 17.88
N GLU A 119 -0.34 -4.58 18.88
CA GLU A 119 -0.57 -4.77 20.31
C GLU A 119 -2.05 -4.57 20.65
N MET A 120 -2.64 -3.46 20.23
CA MET A 120 -4.03 -3.19 20.52
C MET A 120 -4.95 -4.06 19.67
N ALA A 121 -4.65 -4.19 18.39
CA ALA A 121 -5.41 -4.96 17.40
C ALA A 121 -5.68 -6.40 17.81
N GLU A 122 -4.66 -7.14 18.25
CA GLU A 122 -4.88 -8.54 18.64
C GLU A 122 -5.88 -8.62 19.79
N LYS A 123 -5.85 -7.63 20.68
CA LYS A 123 -6.74 -7.55 21.83
C LYS A 123 -8.12 -7.06 21.41
N CYS A 124 -8.23 -6.24 20.36
CA CYS A 124 -9.50 -5.72 19.87
C CYS A 124 -10.42 -6.86 19.44
N CYS A 125 -9.90 -7.95 18.87
CA CYS A 125 -10.71 -9.08 18.45
C CYS A 125 -11.57 -9.60 19.61
N GLN A 126 -10.98 -9.77 20.80
CA GLN A 126 -11.69 -10.23 21.98
C GLN A 126 -12.48 -9.12 22.68
N ALA A 127 -12.26 -7.85 22.35
CA ALA A 127 -12.92 -6.69 22.96
C ALA A 127 -14.15 -6.20 22.18
N ASN A 128 -14.17 -6.38 20.86
CA ASN A 128 -15.23 -5.97 19.96
C ASN A 128 -15.54 -7.10 19.02
N ALA A 129 -16.74 -7.69 19.12
CA ALA A 129 -17.15 -8.80 18.26
C ALA A 129 -17.08 -8.45 16.77
N GLN A 130 -17.18 -7.15 16.40
CA GLN A 130 -17.08 -6.80 14.99
C GLN A 130 -15.69 -7.16 14.50
N PHE A 131 -14.64 -6.97 15.32
CA PHE A 131 -13.29 -7.34 14.91
C PHE A 131 -13.27 -8.87 14.73
N ALA A 132 -13.87 -9.63 15.66
CA ALA A 132 -13.88 -11.09 15.57
C ALA A 132 -14.53 -11.60 14.28
N GLU A 133 -15.72 -11.11 13.91
CA GLU A 133 -16.41 -11.58 12.70
C GLU A 133 -15.65 -11.20 11.43
N ILE A 134 -15.07 -10.00 11.36
CA ILE A 134 -14.33 -9.61 10.15
C ILE A 134 -12.97 -10.33 10.12
N SER A 135 -12.37 -10.62 11.29
CA SER A 135 -11.09 -11.29 11.44
C SER A 135 -11.11 -12.70 10.83
N GLU A 136 -12.18 -13.47 11.02
CA GLU A 136 -12.27 -14.84 10.49
C GLU A 136 -12.18 -14.87 8.95
N ASN A 137 -12.44 -13.75 8.29
CA ASN A 137 -12.43 -13.56 6.85
C ASN A 137 -11.04 -13.12 6.35
N LEU A 138 -9.97 -13.47 7.08
CA LEU A 138 -8.57 -13.14 6.79
C LEU A 138 -8.06 -13.64 5.44
N ARG A 139 -6.87 -13.16 5.07
CA ARG A 139 -6.17 -13.50 3.85
C ARG A 139 -5.21 -14.65 4.14
N ALA A 140 -5.28 -15.69 3.31
CA ALA A 140 -4.43 -16.88 3.44
C ALA A 140 -2.95 -16.46 3.39
N ARG A 141 -2.19 -16.83 4.42
CA ARG A 141 -0.77 -16.56 4.61
C ARG A 141 -0.25 -17.53 5.66
N SER A 142 0.95 -18.07 5.47
CA SER A 142 1.59 -19.01 6.39
C SER A 142 3.04 -19.19 5.97
N ASN A 143 4.02 -18.71 6.75
CA ASN A 143 5.44 -18.89 6.41
C ASN A 143 6.35 -18.95 7.62
N LYS A 144 5.91 -18.43 8.77
CA LYS A 144 6.65 -18.44 10.01
C LYS A 144 5.93 -19.37 10.97
N ASP A 145 4.60 -19.35 10.94
CA ASP A 145 3.72 -20.19 11.77
C ASP A 145 3.89 -21.67 11.42
N ALA A 146 4.55 -21.99 10.30
CA ALA A 146 4.83 -23.34 9.86
C ALA A 146 5.99 -23.96 10.67
N LYS A 147 6.71 -23.14 11.47
CA LYS A 147 7.84 -23.54 12.32
C LYS A 147 7.55 -23.15 13.76
N ASP A 148 7.01 -21.96 13.98
CA ASP A 148 6.66 -21.45 15.30
C ASP A 148 5.67 -22.41 15.98
N PRO A 149 5.51 -22.36 17.32
CA PRO A 149 4.56 -23.23 18.01
C PRO A 149 3.11 -22.83 17.74
N THR A 150 2.86 -21.65 17.16
CA THR A 150 1.53 -21.15 16.85
C THR A 150 0.88 -22.00 15.74
N THR A 151 -0.43 -21.85 15.57
CA THR A 151 -1.25 -22.57 14.60
C THR A 151 -2.05 -21.63 13.69
N LYS A 152 -2.05 -20.34 14.02
CA LYS A 152 -2.76 -19.28 13.32
C LYS A 152 -1.92 -18.00 13.28
N ASN A 153 -2.32 -17.07 12.44
CA ASN A 153 -1.68 -15.76 12.26
C ASN A 153 -2.33 -14.82 13.30
N SER A 154 -2.05 -13.51 13.20
CA SER A 154 -2.57 -12.46 14.03
C SER A 154 -3.02 -11.35 13.06
N LEU A 155 -3.65 -10.27 13.53
CA LEU A 155 -4.13 -9.19 12.65
C LEU A 155 -3.01 -8.62 11.77
N GLU A 156 -1.75 -8.78 12.19
CA GLU A 156 -0.57 -8.32 11.46
C GLU A 156 -0.56 -8.83 10.02
N THR A 157 -1.07 -10.04 9.75
CA THR A 157 -1.08 -10.60 8.40
C THR A 157 -1.94 -9.76 7.46
N LEU A 158 -3.01 -9.13 7.97
CA LEU A 158 -3.89 -8.29 7.17
C LEU A 158 -3.15 -7.01 6.83
N LEU A 159 -2.58 -6.33 7.82
CA LEU A 159 -1.83 -5.09 7.60
C LEU A 159 -0.67 -5.34 6.67
N TYR A 160 0.05 -6.46 6.84
CA TYR A 160 1.18 -6.80 6.00
C TYR A 160 0.77 -7.34 4.62
N LYS A 161 -0.52 -7.60 4.37
CA LYS A 161 -0.97 -8.12 3.07
C LYS A 161 -0.75 -7.11 1.95
N PRO A 162 -1.29 -5.88 1.98
CA PRO A 162 -1.07 -4.92 0.91
C PRO A 162 0.41 -4.53 0.79
N VAL A 163 1.14 -4.52 1.92
CA VAL A 163 2.56 -4.16 2.02
C VAL A 163 3.37 -4.93 0.97
N ASP A 164 3.07 -6.21 0.76
CA ASP A 164 3.77 -7.05 -0.20
C ASP A 164 3.84 -6.44 -1.60
N ARG A 165 2.77 -5.76 -2.02
CA ARG A 165 2.70 -5.13 -3.33
C ARG A 165 3.48 -3.83 -3.33
N VAL A 166 3.17 -2.91 -2.42
CA VAL A 166 3.87 -1.62 -2.34
C VAL A 166 5.37 -1.80 -2.18
N THR A 167 5.88 -2.77 -1.41
CA THR A 167 7.33 -2.95 -1.27
C THR A 167 7.94 -3.39 -2.60
N ARG A 168 7.28 -4.27 -3.34
CA ARG A 168 7.72 -4.77 -4.65
C ARG A 168 7.50 -3.72 -5.71
N SER A 169 6.66 -2.70 -5.49
CA SER A 169 6.44 -1.68 -6.51
C SER A 169 7.72 -0.90 -6.78
N THR A 170 8.69 -0.87 -5.87
CA THR A 170 9.93 -0.14 -6.11
C THR A 170 10.68 -0.78 -7.28
N LEU A 171 10.62 -2.11 -7.41
CA LEU A 171 11.34 -2.79 -8.49
C LEU A 171 10.92 -2.34 -9.87
N VAL A 172 9.66 -1.91 -10.03
CA VAL A 172 9.19 -1.47 -11.33
C VAL A 172 9.92 -0.19 -11.75
N LEU A 173 10.50 0.59 -10.82
CA LEU A 173 11.21 1.79 -11.27
C LEU A 173 12.43 1.36 -12.08
N HIS A 174 13.01 0.19 -11.79
CA HIS A 174 14.16 -0.36 -12.52
C HIS A 174 13.67 -0.90 -13.88
N ASP A 175 12.41 -1.38 -13.95
CA ASP A 175 11.79 -1.89 -15.17
C ASP A 175 11.58 -0.72 -16.12
N LEU A 176 11.06 0.41 -15.60
CA LEU A 176 10.81 1.62 -16.37
C LEU A 176 12.14 2.21 -16.83
N LEU A 177 13.08 2.36 -15.91
CA LEU A 177 14.42 2.89 -16.16
C LEU A 177 15.13 2.11 -17.28
N LYS A 178 14.81 0.81 -17.44
CA LYS A 178 15.38 -0.06 -18.46
C LYS A 178 14.98 0.35 -19.88
N HIS A 179 13.82 0.97 -20.07
CA HIS A 179 13.31 1.39 -21.38
C HIS A 179 13.31 2.90 -21.55
N THR A 180 13.51 3.67 -20.48
CA THR A 180 13.54 5.12 -20.53
C THR A 180 14.95 5.53 -21.02
N PRO A 181 15.11 6.48 -21.95
CA PRO A 181 16.44 6.90 -22.40
C PRO A 181 17.08 7.73 -21.30
N ALA A 182 18.29 7.39 -20.84
CA ALA A 182 19.01 8.08 -19.76
C ALA A 182 19.15 9.59 -19.98
N SER A 183 19.11 10.05 -21.23
CA SER A 183 19.21 11.46 -21.58
C SER A 183 17.99 12.26 -21.08
N HIS A 184 16.82 11.62 -20.92
CA HIS A 184 15.59 12.28 -20.46
C HIS A 184 15.66 12.71 -18.99
N PRO A 185 14.86 13.71 -18.58
CA PRO A 185 14.82 14.16 -17.18
C PRO A 185 14.21 13.08 -16.28
N ASP A 186 13.55 12.09 -16.87
CA ASP A 186 12.94 10.97 -16.19
C ASP A 186 14.01 10.13 -15.47
N HIS A 187 15.28 10.19 -15.91
CA HIS A 187 16.39 9.45 -15.32
C HIS A 187 16.68 9.89 -13.88
N PRO A 188 17.07 11.15 -13.58
CA PRO A 188 17.35 11.55 -12.19
C PRO A 188 16.10 11.47 -11.34
N LEU A 189 14.96 11.90 -11.89
CA LEU A 189 13.66 11.93 -11.23
C LEU A 189 13.31 10.53 -10.69
N LEU A 190 13.36 9.50 -11.53
CA LEU A 190 13.03 8.12 -11.11
C LEU A 190 14.21 7.45 -10.40
N GLN A 191 15.47 7.86 -10.61
CA GLN A 191 16.60 7.25 -9.92
C GLN A 191 16.57 7.69 -8.46
N ASP A 192 16.25 8.96 -8.20
CA ASP A 192 16.16 9.53 -6.86
C ASP A 192 14.99 8.87 -6.13
N ALA A 193 13.85 8.75 -6.82
CA ALA A 193 12.65 8.13 -6.27
C ALA A 193 12.94 6.68 -5.86
N LEU A 194 13.54 5.88 -6.75
CA LEU A 194 13.86 4.48 -6.44
C LEU A 194 14.86 4.39 -5.30
N ARG A 195 15.88 5.26 -5.30
CA ARG A 195 16.88 5.24 -4.26
C ARG A 195 16.23 5.37 -2.88
N ILE A 196 15.35 6.34 -2.68
CA ILE A 196 14.71 6.51 -1.38
C ILE A 196 13.64 5.43 -1.12
N SER A 197 12.84 5.03 -2.12
CA SER A 197 11.80 4.05 -1.92
C SER A 197 12.33 2.67 -1.54
N GLN A 198 13.36 2.18 -2.25
CA GLN A 198 13.93 0.89 -1.94
C GLN A 198 14.66 0.97 -0.61
N ASN A 199 15.51 1.99 -0.41
CA ASN A 199 16.24 2.13 0.83
C ASN A 199 15.33 2.17 2.06
N PHE A 200 14.16 2.81 1.95
CA PHE A 200 13.18 2.91 3.03
C PHE A 200 12.76 1.51 3.52
N LEU A 201 12.39 0.60 2.62
CA LEU A 201 11.95 -0.75 2.98
C LEU A 201 13.12 -1.67 3.32
N SER A 202 14.21 -1.51 2.59
CA SER A 202 15.43 -2.29 2.76
C SER A 202 16.00 -2.10 4.18
N SER A 203 15.94 -0.88 4.72
CA SER A 203 16.44 -0.56 6.06
C SER A 203 15.56 -1.09 7.20
N ILE A 204 14.36 -1.61 6.91
CA ILE A 204 13.43 -2.16 7.91
C ILE A 204 13.29 -3.69 7.74
N ASN A 205 14.27 -4.33 7.09
CA ASN A 205 14.30 -5.78 6.85
C ASN A 205 14.09 -6.59 8.15
N GLU A 206 14.66 -6.15 9.28
CA GLU A 206 14.51 -6.85 10.55
C GLU A 206 13.11 -6.66 11.14
N GLU A 207 12.47 -5.52 10.89
CA GLU A 207 11.15 -5.18 11.40
C GLU A 207 10.05 -5.87 10.60
N ILE A 208 10.22 -5.99 9.28
CA ILE A 208 9.25 -6.61 8.39
C ILE A 208 9.84 -7.84 7.67
N THR A 209 9.85 -8.96 8.40
CA THR A 209 10.30 -10.31 8.05
C THR A 209 11.79 -10.55 8.38
N PRO A 210 12.19 -10.60 9.66
CA PRO A 210 13.59 -10.83 10.05
C PRO A 210 14.14 -12.20 9.61
N ARG A 211 13.36 -13.28 9.79
CA ARG A 211 13.66 -14.68 9.44
C ARG A 211 14.80 -15.29 10.28
N ARG A 212 14.53 -15.67 11.53
CA ARG A 212 15.48 -16.30 12.44
C ARG A 212 14.73 -17.17 13.45
N GLN A 213 15.49 -17.81 14.33
CA GLN A 213 15.02 -18.67 15.40
C GLN A 213 14.22 -17.87 16.43
N SER A 214 13.60 -18.59 17.35
CA SER A 214 12.76 -18.07 18.42
C SER A 214 13.11 -18.77 19.74
N MET A 215 12.45 -18.37 20.82
CA MET A 215 12.60 -18.92 22.16
C MET A 215 11.56 -20.04 22.34
N THR A 216 11.42 -20.60 23.54
CA THR A 216 10.45 -21.64 23.87
C THR A 216 9.65 -21.20 25.11
N VAL A 217 8.67 -22.00 25.53
CA VAL A 217 7.83 -21.75 26.69
C VAL A 217 7.75 -23.03 27.53
N LYS A 218 6.88 -23.01 28.55
CA LYS A 218 6.64 -24.14 29.45
C LYS A 218 5.63 -25.03 28.76
N ALA A 1 2.29 14.70 -37.14
CA ALA A 1 2.58 15.21 -38.50
C ALA A 1 4.10 15.26 -38.65
N MET A 2 4.65 14.87 -39.81
CA MET A 2 6.08 14.76 -40.13
C MET A 2 6.35 13.46 -39.39
N ALA A 3 6.64 13.50 -38.09
CA ALA A 3 6.76 12.27 -37.31
C ALA A 3 5.25 12.01 -37.15
N SER A 4 4.71 10.96 -37.75
CA SER A 4 3.28 10.78 -37.61
C SER A 4 2.84 10.37 -36.23
N GLU A 5 1.59 10.69 -35.99
CA GLU A 5 0.81 10.42 -34.79
C GLU A 5 0.60 8.89 -34.72
N LEU A 6 0.75 8.20 -35.85
CA LEU A 6 0.63 6.75 -36.00
C LEU A 6 1.99 6.10 -35.78
N ASP A 7 3.11 6.82 -35.87
CA ASP A 7 4.46 6.29 -35.67
C ASP A 7 4.73 6.28 -34.16
N LEU A 8 4.55 7.43 -33.53
CA LEU A 8 4.76 7.64 -32.09
C LEU A 8 3.89 6.72 -31.25
N GLU A 9 2.76 6.29 -31.82
CA GLU A 9 1.82 5.40 -31.17
C GLU A 9 2.50 4.10 -30.74
N LYS A 10 3.49 3.61 -31.49
CA LYS A 10 4.17 2.36 -31.15
C LYS A 10 4.91 2.52 -29.83
N GLY A 11 5.31 3.74 -29.48
CA GLY A 11 5.98 4.05 -28.23
C GLY A 11 4.90 4.16 -27.14
N LEU A 12 3.72 4.72 -27.48
CA LEU A 12 2.60 4.87 -26.56
C LEU A 12 2.11 3.49 -26.14
N GLU A 13 2.03 2.52 -27.06
CA GLU A 13 1.58 1.17 -26.77
C GLU A 13 2.48 0.51 -25.73
N MET A 14 3.81 0.61 -25.89
CA MET A 14 4.78 0.02 -24.95
C MET A 14 4.54 0.59 -23.55
N ARG A 15 4.24 1.89 -23.48
CA ARG A 15 3.98 2.60 -22.25
C ARG A 15 2.69 2.10 -21.63
N LYS A 16 1.63 2.09 -22.44
CA LYS A 16 0.29 1.68 -22.10
C LYS A 16 0.30 0.27 -21.55
N TRP A 17 0.94 -0.69 -22.21
CA TRP A 17 0.97 -2.07 -21.73
C TRP A 17 1.49 -2.14 -20.29
N VAL A 18 2.56 -1.42 -19.97
CA VAL A 18 3.12 -1.44 -18.62
C VAL A 18 2.21 -0.67 -17.66
N LEU A 19 1.88 0.59 -18.00
CA LEU A 19 1.05 1.46 -17.17
C LEU A 19 -0.30 0.79 -16.86
N SER A 20 -1.05 0.30 -17.85
CA SER A 20 -2.33 -0.36 -17.65
C SER A 20 -2.20 -1.52 -16.65
N GLY A 21 -1.04 -2.20 -16.60
CA GLY A 21 -0.81 -3.29 -15.66
C GLY A 21 -0.82 -2.77 -14.23
N ILE A 22 -0.40 -1.51 -14.00
CA ILE A 22 -0.38 -0.91 -12.68
C ILE A 22 -1.81 -0.58 -12.30
N LEU A 23 -2.59 0.16 -13.12
CA LEU A 23 -4.00 0.50 -12.85
C LEU A 23 -4.79 -0.80 -12.66
N ALA A 24 -4.50 -1.89 -13.37
CA ALA A 24 -5.21 -3.16 -13.22
C ALA A 24 -4.91 -3.79 -11.85
N SER A 25 -3.65 -3.75 -11.44
CA SER A 25 -3.16 -4.30 -10.20
C SER A 25 -3.69 -3.46 -9.04
N GLU A 26 -3.63 -2.14 -9.18
CA GLU A 26 -4.09 -1.19 -8.20
C GLU A 26 -5.61 -1.28 -8.11
N GLU A 27 -6.37 -1.30 -9.22
CA GLU A 27 -7.82 -1.38 -9.20
C GLU A 27 -8.33 -2.50 -8.25
N THR A 28 -7.92 -3.74 -8.51
CA THR A 28 -8.33 -4.92 -7.72
C THR A 28 -7.94 -4.77 -6.24
N TYR A 29 -6.84 -4.08 -5.95
CA TYR A 29 -6.37 -3.86 -4.59
C TYR A 29 -7.17 -2.73 -3.92
N LEU A 30 -7.26 -1.55 -4.53
CA LEU A 30 -7.98 -0.40 -3.98
C LEU A 30 -9.45 -0.71 -3.82
N SER A 31 -10.04 -1.48 -4.73
CA SER A 31 -11.45 -1.84 -4.63
C SER A 31 -11.70 -2.62 -3.34
N HIS A 32 -10.89 -3.64 -3.04
CA HIS A 32 -11.07 -4.42 -1.82
C HIS A 32 -10.66 -3.58 -0.59
N LEU A 33 -9.66 -2.69 -0.72
CA LEU A 33 -9.20 -1.82 0.37
C LEU A 33 -10.28 -0.81 0.75
N GLU A 34 -11.06 -0.29 -0.20
CA GLU A 34 -12.12 0.67 0.12
C GLU A 34 -13.11 0.03 1.08
N ALA A 35 -13.37 -1.28 0.93
CA ALA A 35 -14.28 -1.99 1.83
C ALA A 35 -13.76 -1.96 3.29
N LEU A 36 -12.47 -1.67 3.53
CA LEU A 36 -11.88 -1.60 4.86
C LEU A 36 -12.03 -0.19 5.43
N LEU A 37 -11.99 0.86 4.58
CA LEU A 37 -12.16 2.25 5.04
C LEU A 37 -13.65 2.57 5.13
N LEU A 38 -14.50 1.83 4.40
CA LEU A 38 -15.94 1.96 4.37
C LEU A 38 -16.48 2.01 5.81
N PRO A 39 -16.28 0.99 6.68
CA PRO A 39 -16.77 1.04 8.06
C PRO A 39 -16.14 2.16 8.89
N MET A 40 -14.92 2.60 8.55
CA MET A 40 -14.25 3.67 9.28
C MET A 40 -15.04 4.98 9.11
N LYS A 41 -15.64 5.22 7.92
CA LYS A 41 -16.43 6.43 7.64
C LYS A 41 -17.46 6.69 8.75
N PRO A 42 -18.47 5.82 8.97
CA PRO A 42 -19.45 6.03 10.03
C PRO A 42 -18.81 5.82 11.40
N LEU A 43 -17.88 4.86 11.59
CA LEU A 43 -17.26 4.63 12.90
C LEU A 43 -16.57 5.87 13.45
N LYS A 44 -15.95 6.71 12.59
CA LYS A 44 -15.30 7.93 13.03
C LYS A 44 -16.30 8.81 13.78
N ALA A 45 -17.51 8.95 13.22
CA ALA A 45 -18.59 9.73 13.80
C ALA A 45 -19.18 9.00 15.02
N ALA A 46 -19.43 7.70 14.91
CA ALA A 46 -20.00 6.88 15.97
C ALA A 46 -19.11 6.88 17.22
N ALA A 47 -17.79 6.98 17.04
CA ALA A 47 -16.80 7.02 18.10
C ALA A 47 -17.02 8.18 19.07
N THR A 48 -17.88 9.14 18.74
CA THR A 48 -18.16 10.31 19.57
C THR A 48 -19.65 10.48 19.85
N THR A 49 -20.47 9.41 19.84
CA THR A 49 -21.90 9.48 20.10
C THR A 49 -22.25 8.36 21.06
N SER A 50 -23.00 8.69 22.11
CA SER A 50 -23.41 7.72 23.10
C SER A 50 -22.19 6.96 23.64
N GLN A 51 -22.20 5.63 23.62
CA GLN A 51 -21.10 4.80 24.09
C GLN A 51 -20.80 3.74 23.03
N PRO A 52 -19.86 4.02 22.11
CA PRO A 52 -19.49 3.10 21.05
C PRO A 52 -18.59 1.99 21.59
N VAL A 53 -18.52 0.90 20.84
CA VAL A 53 -17.71 -0.27 21.17
C VAL A 53 -16.21 0.05 21.14
N LEU A 54 -15.75 0.99 20.30
CA LEU A 54 -14.35 1.37 20.18
C LEU A 54 -14.21 2.87 20.35
N THR A 55 -13.17 3.28 21.06
CA THR A 55 -12.86 4.68 21.33
C THR A 55 -12.11 5.23 20.13
N SER A 56 -12.17 6.54 19.93
CA SER A 56 -11.46 7.22 18.85
C SER A 56 -9.95 6.95 18.99
N GLN A 57 -9.44 6.71 20.21
CA GLN A 57 -8.02 6.42 20.43
C GLN A 57 -7.65 5.05 19.84
N GLN A 58 -8.51 4.03 19.99
CA GLN A 58 -8.24 2.71 19.46
C GLN A 58 -8.31 2.74 17.94
N ILE A 59 -9.15 3.61 17.38
CA ILE A 59 -9.33 3.77 15.94
C ILE A 59 -8.16 4.57 15.34
N GLU A 60 -7.78 5.70 15.93
CA GLU A 60 -6.72 6.58 15.41
C GLU A 60 -5.36 5.91 15.23
N THR A 61 -5.04 4.86 15.97
CA THR A 61 -3.78 4.16 15.86
C THR A 61 -3.88 3.04 14.81
N ILE A 62 -4.85 2.13 14.94
CA ILE A 62 -5.03 1.02 14.01
C ILE A 62 -5.35 1.52 12.60
N PHE A 63 -6.18 2.55 12.49
CA PHE A 63 -6.59 3.13 11.21
C PHE A 63 -5.88 4.43 10.88
N PHE A 64 -4.78 4.77 11.58
CA PHE A 64 -3.99 5.98 11.40
C PHE A 64 -3.90 6.42 9.95
N LYS A 65 -3.41 5.53 9.08
CA LYS A 65 -3.27 5.83 7.66
C LYS A 65 -4.06 4.92 6.75
N VAL A 66 -4.93 4.04 7.27
CA VAL A 66 -5.76 3.16 6.45
C VAL A 66 -6.47 3.94 5.31
N PRO A 67 -7.17 5.06 5.56
CA PRO A 67 -7.82 5.79 4.48
C PRO A 67 -6.80 6.51 3.59
N GLU A 68 -5.71 7.04 4.16
CA GLU A 68 -4.66 7.73 3.40
C GLU A 68 -4.02 6.80 2.39
N LEU A 69 -3.76 5.55 2.79
CA LEU A 69 -3.16 4.56 1.91
C LEU A 69 -4.02 4.40 0.65
N TYR A 70 -5.35 4.50 0.77
CA TYR A 70 -6.27 4.39 -0.36
C TYR A 70 -6.29 5.71 -1.14
N GLU A 71 -6.53 6.82 -0.43
CA GLU A 71 -6.63 8.16 -1.00
C GLU A 71 -5.39 8.53 -1.82
N ILE A 72 -4.18 8.28 -1.33
CA ILE A 72 -2.94 8.59 -2.03
C ILE A 72 -2.78 7.67 -3.26
N HIS A 73 -3.01 6.36 -3.11
CA HIS A 73 -2.87 5.42 -4.22
C HIS A 73 -3.80 5.80 -5.37
N LYS A 74 -5.08 6.04 -5.10
CA LYS A 74 -6.07 6.44 -6.10
C LYS A 74 -5.66 7.76 -6.73
N GLU A 75 -4.97 8.70 -6.09
CA GLU A 75 -4.63 9.92 -6.82
C GLU A 75 -3.78 9.61 -8.03
N PHE A 76 -2.81 8.75 -7.79
CA PHE A 76 -1.90 8.32 -8.81
C PHE A 76 -2.65 7.41 -9.80
N TYR A 77 -3.30 6.35 -9.33
CA TYR A 77 -4.01 5.38 -10.17
C TYR A 77 -5.23 5.96 -10.86
N ASP A 78 -6.11 6.66 -10.13
CA ASP A 78 -7.32 7.17 -10.74
C ASP A 78 -6.95 8.17 -11.81
N GLY A 79 -5.93 8.99 -11.55
CA GLY A 79 -5.45 10.00 -12.49
C GLY A 79 -4.75 9.35 -13.69
N LEU A 80 -4.19 8.15 -13.50
CA LEU A 80 -3.49 7.39 -14.52
C LEU A 80 -4.48 6.85 -15.57
N PHE A 81 -5.73 6.56 -15.19
CA PHE A 81 -6.75 6.06 -16.11
C PHE A 81 -6.92 6.97 -17.33
N PRO A 82 -7.33 8.24 -17.19
CA PRO A 82 -7.48 9.12 -18.35
C PRO A 82 -6.14 9.40 -19.02
N ARG A 83 -5.03 9.30 -18.27
CA ARG A 83 -3.68 9.54 -18.76
C ARG A 83 -3.32 8.57 -19.87
N VAL A 84 -3.57 7.27 -19.70
CA VAL A 84 -3.28 6.28 -20.74
C VAL A 84 -4.12 6.60 -21.97
N GLN A 85 -5.43 6.71 -21.78
CA GLN A 85 -6.40 6.99 -22.83
C GLN A 85 -6.12 8.28 -23.60
N GLN A 86 -5.52 9.29 -22.96
CA GLN A 86 -5.22 10.57 -23.58
C GLN A 86 -3.95 11.11 -22.94
N TRP A 87 -2.80 10.72 -23.49
CA TRP A 87 -1.51 11.17 -23.01
C TRP A 87 -1.37 12.70 -23.09
N SER A 88 -0.40 13.26 -22.37
CA SER A 88 -0.12 14.68 -22.31
C SER A 88 0.21 15.20 -23.70
N HIS A 89 -0.16 16.45 -24.00
CA HIS A 89 0.11 17.03 -25.31
C HIS A 89 1.62 17.12 -25.59
N GLN A 90 2.49 17.37 -24.59
CA GLN A 90 3.94 17.46 -24.79
C GLN A 90 4.73 17.25 -23.48
N GLN A 91 4.39 16.26 -22.66
CA GLN A 91 5.11 16.01 -21.40
C GLN A 91 5.28 14.51 -21.15
N ARG A 92 6.24 14.17 -20.28
CA ARG A 92 6.56 12.81 -19.87
C ARG A 92 5.56 12.43 -18.76
N VAL A 93 5.66 11.20 -18.23
CA VAL A 93 4.81 10.72 -17.15
C VAL A 93 5.75 10.12 -16.10
N GLY A 94 5.67 10.61 -14.87
CA GLY A 94 6.50 10.17 -13.75
C GLY A 94 6.24 10.99 -12.49
N ASP A 95 5.69 12.20 -12.63
CA ASP A 95 5.39 13.12 -11.53
C ASP A 95 4.35 12.54 -10.56
N LEU A 96 3.40 11.75 -11.06
CA LEU A 96 2.38 11.15 -10.17
C LEU A 96 3.07 10.14 -9.24
N PHE A 97 4.07 9.41 -9.74
CA PHE A 97 4.82 8.44 -8.93
C PHE A 97 5.62 9.24 -7.89
N GLN A 98 6.09 10.44 -8.26
CA GLN A 98 6.84 11.30 -7.36
C GLN A 98 5.98 11.65 -6.15
N LYS A 99 4.65 11.85 -6.29
CA LYS A 99 3.81 12.16 -5.13
C LYS A 99 3.81 10.99 -4.14
N LEU A 100 3.93 9.75 -4.62
CA LEU A 100 3.96 8.57 -3.78
C LEU A 100 5.33 8.49 -3.10
N ALA A 101 6.42 8.55 -3.87
CA ALA A 101 7.77 8.47 -3.33
C ALA A 101 8.04 9.60 -2.32
N SER A 102 7.66 10.84 -2.64
CA SER A 102 7.84 12.01 -1.79
C SER A 102 6.88 12.04 -0.59
N GLN A 103 5.91 11.13 -0.51
CA GLN A 103 4.95 11.04 0.60
C GLN A 103 5.23 9.74 1.39
N LEU A 104 6.39 9.11 1.20
CA LEU A 104 6.75 7.87 1.91
C LEU A 104 6.81 8.08 3.42
N GLY A 105 6.94 9.31 3.92
CA GLY A 105 6.97 9.58 5.35
C GLY A 105 5.66 9.08 5.99
N VAL A 106 4.55 9.12 5.25
CA VAL A 106 3.25 8.65 5.73
C VAL A 106 3.33 7.14 5.96
N TYR A 107 4.00 6.41 5.06
CA TYR A 107 4.17 4.97 5.17
C TYR A 107 5.06 4.71 6.39
N ARG A 108 6.14 5.48 6.54
CA ARG A 108 7.05 5.35 7.68
C ARG A 108 6.24 5.56 8.96
N ALA A 109 5.38 6.58 9.03
CA ALA A 109 4.55 6.90 10.19
C ALA A 109 3.66 5.71 10.58
N PHE A 110 3.10 4.99 9.60
CA PHE A 110 2.26 3.82 9.86
C PHE A 110 3.15 2.72 10.46
N VAL A 111 4.22 2.33 9.77
CA VAL A 111 5.11 1.27 10.23
C VAL A 111 5.81 1.62 11.56
N ASP A 112 5.94 2.90 11.90
CA ASP A 112 6.55 3.44 13.13
C ASP A 112 5.70 3.15 14.37
N ASN A 113 4.45 2.70 14.19
CA ASN A 113 3.49 2.38 15.25
C ASN A 113 2.81 1.03 14.99
N TYR A 114 3.33 0.24 14.06
CA TYR A 114 2.81 -1.06 13.64
C TYR A 114 2.60 -2.03 14.79
N GLY A 115 3.62 -2.21 15.64
CA GLY A 115 3.61 -3.09 16.79
C GLY A 115 2.50 -2.67 17.73
N VAL A 116 2.42 -1.37 18.02
CA VAL A 116 1.42 -0.81 18.91
C VAL A 116 0.03 -1.06 18.31
N ALA A 117 -0.14 -0.83 16.99
CA ALA A 117 -1.41 -1.02 16.31
C ALA A 117 -1.85 -2.47 16.41
N MET A 118 -1.01 -3.43 16.01
CA MET A 118 -1.34 -4.84 16.06
C MET A 118 -1.62 -5.31 17.49
N GLU A 119 -0.88 -4.78 18.47
CA GLU A 119 -1.02 -5.13 19.87
C GLU A 119 -2.39 -4.70 20.36
N MET A 120 -2.90 -3.54 19.95
CA MET A 120 -4.25 -3.13 20.38
C MET A 120 -5.27 -3.93 19.60
N ALA A 121 -5.02 -4.15 18.31
CA ALA A 121 -5.93 -4.87 17.43
C ALA A 121 -6.24 -6.28 17.95
N GLU A 122 -5.21 -7.06 18.27
CA GLU A 122 -5.40 -8.42 18.76
C GLU A 122 -6.19 -8.42 20.06
N LYS A 123 -5.86 -7.55 21.02
CA LYS A 123 -6.60 -7.49 22.29
C LYS A 123 -8.02 -6.96 22.07
N CYS A 124 -8.27 -6.13 21.04
CA CYS A 124 -9.60 -5.61 20.76
C CYS A 124 -10.51 -6.80 20.47
N CYS A 125 -10.02 -7.85 19.81
CA CYS A 125 -10.83 -9.03 19.50
C CYS A 125 -11.36 -9.65 20.80
N GLN A 126 -10.47 -9.84 21.77
CA GLN A 126 -10.81 -10.43 23.07
C GLN A 126 -11.57 -9.49 24.01
N ALA A 127 -11.67 -8.20 23.70
CA ALA A 127 -12.38 -7.22 24.53
C ALA A 127 -13.67 -6.73 23.89
N ASN A 128 -13.82 -6.84 22.57
CA ASN A 128 -14.98 -6.38 21.81
C ASN A 128 -15.34 -7.43 20.76
N ALA A 129 -16.50 -8.06 20.90
CA ALA A 129 -16.97 -9.10 19.97
C ALA A 129 -16.97 -8.58 18.52
N GLN A 130 -17.38 -7.32 18.28
CA GLN A 130 -17.40 -6.74 16.94
C GLN A 130 -16.02 -6.78 16.27
N PHE A 131 -14.93 -6.76 17.04
CA PHE A 131 -13.58 -6.84 16.50
C PHE A 131 -13.18 -8.30 16.22
N ALA A 132 -13.67 -9.25 17.02
CA ALA A 132 -13.40 -10.68 16.87
C ALA A 132 -14.10 -11.26 15.64
N GLU A 133 -15.38 -10.93 15.43
CA GLU A 133 -16.17 -11.44 14.33
C GLU A 133 -15.56 -11.10 12.96
N ILE A 134 -15.13 -9.86 12.74
CA ILE A 134 -14.50 -9.43 11.49
C ILE A 134 -13.17 -10.19 11.31
N SER A 135 -12.49 -10.53 12.42
CA SER A 135 -11.24 -11.28 12.42
C SER A 135 -11.46 -12.73 11.94
N GLU A 136 -12.68 -13.20 11.69
CA GLU A 136 -12.95 -14.55 11.20
C GLU A 136 -12.98 -14.51 9.66
N ASN A 137 -13.03 -13.32 9.06
CA ASN A 137 -13.07 -13.15 7.61
C ASN A 137 -11.71 -13.42 6.94
N LEU A 138 -10.63 -13.37 7.70
CA LEU A 138 -9.25 -13.62 7.24
C LEU A 138 -8.89 -15.09 7.44
N ARG A 139 -7.67 -15.52 7.06
CA ARG A 139 -7.22 -16.89 7.23
C ARG A 139 -6.27 -16.96 8.41
N ALA A 140 -6.55 -17.86 9.34
CA ALA A 140 -5.81 -18.12 10.56
C ALA A 140 -5.76 -19.62 10.80
N ARG A 141 -5.69 -20.02 12.07
CA ARG A 141 -5.65 -21.39 12.56
C ARG A 141 -6.51 -21.38 13.84
N SER A 142 -6.93 -22.53 14.33
CA SER A 142 -7.73 -22.64 15.55
C SER A 142 -7.66 -24.05 16.12
N ASN A 143 -8.21 -24.21 17.33
CA ASN A 143 -8.26 -25.45 18.10
C ASN A 143 -6.85 -25.81 18.61
N LYS A 144 -6.71 -26.90 19.38
CA LYS A 144 -5.42 -27.36 19.92
C LYS A 144 -4.80 -28.46 19.09
N ASP A 145 -5.60 -29.33 18.48
CA ASP A 145 -5.12 -30.47 17.68
C ASP A 145 -4.60 -30.10 16.30
N ALA A 146 -4.62 -28.83 15.91
CA ALA A 146 -4.13 -28.44 14.60
C ALA A 146 -2.61 -28.47 14.59
N LYS A 147 -1.94 -27.63 15.39
CA LYS A 147 -0.49 -27.58 15.47
C LYS A 147 0.01 -27.30 16.89
N ASP A 148 -0.43 -26.18 17.47
CA ASP A 148 -0.03 -25.73 18.80
C ASP A 148 -1.26 -25.36 19.62
N PRO A 149 -1.18 -25.24 20.95
CA PRO A 149 -2.32 -24.88 21.78
C PRO A 149 -2.80 -23.44 21.55
N THR A 150 -1.93 -22.52 21.11
CA THR A 150 -2.28 -21.13 20.90
C THR A 150 -1.58 -20.56 19.65
N THR A 151 -1.97 -21.03 18.46
CA THR A 151 -1.40 -20.58 17.20
C THR A 151 -2.53 -20.14 16.27
N LYS A 152 -2.40 -18.95 15.67
CA LYS A 152 -3.37 -18.35 14.76
C LYS A 152 -2.84 -17.03 14.21
N ASN A 153 -3.48 -16.52 13.16
CA ASN A 153 -3.11 -15.25 12.57
C ASN A 153 -3.88 -14.17 13.34
N SER A 154 -3.42 -12.93 13.20
CA SER A 154 -3.97 -11.74 13.83
C SER A 154 -4.08 -10.62 12.80
N LEU A 155 -4.62 -9.46 13.19
CA LEU A 155 -4.77 -8.30 12.33
C LEU A 155 -3.44 -7.92 11.66
N GLU A 156 -2.28 -8.25 12.26
CA GLU A 156 -0.98 -7.94 11.66
C GLU A 156 -0.86 -8.50 10.24
N THR A 157 -1.50 -9.63 9.90
CA THR A 157 -1.42 -10.19 8.55
C THR A 157 -2.15 -9.27 7.56
N LEU A 158 -3.21 -8.59 8.01
CA LEU A 158 -4.00 -7.67 7.21
C LEU A 158 -3.14 -6.44 6.92
N LEU A 159 -2.40 -5.99 7.94
CA LEU A 159 -1.50 -4.85 7.80
C LEU A 159 -0.38 -5.24 6.83
N TYR A 160 0.17 -6.44 7.01
CA TYR A 160 1.28 -7.01 6.24
C TYR A 160 0.94 -7.44 4.82
N LYS A 161 -0.34 -7.56 4.46
CA LYS A 161 -0.78 -7.95 3.13
C LYS A 161 -0.18 -6.97 2.11
N PRO A 162 -0.55 -5.67 2.11
CA PRO A 162 0.03 -4.74 1.17
C PRO A 162 1.50 -4.45 1.44
N VAL A 163 2.04 -4.58 2.66
CA VAL A 163 3.46 -4.30 2.94
C VAL A 163 4.37 -5.04 1.95
N ASP A 164 4.13 -6.34 1.73
CA ASP A 164 4.89 -7.17 0.80
C ASP A 164 4.83 -6.57 -0.61
N ARG A 165 3.62 -6.24 -1.06
CA ARG A 165 3.40 -5.68 -2.39
C ARG A 165 4.02 -4.30 -2.52
N VAL A 166 3.94 -3.47 -1.48
CA VAL A 166 4.50 -2.12 -1.45
C VAL A 166 6.00 -2.24 -1.62
N THR A 167 6.69 -3.21 -0.99
CA THR A 167 8.12 -3.31 -1.20
C THR A 167 8.39 -3.57 -2.69
N ARG A 168 7.70 -4.56 -3.26
CA ARG A 168 7.78 -4.96 -4.67
C ARG A 168 7.32 -3.83 -5.59
N SER A 169 6.59 -2.82 -5.11
CA SER A 169 6.14 -1.73 -5.96
C SER A 169 7.34 -0.89 -6.42
N THR A 170 8.42 -0.85 -5.64
CA THR A 170 9.59 -0.07 -5.99
C THR A 170 10.28 -0.61 -7.25
N LEU A 171 10.30 -1.93 -7.46
CA LEU A 171 10.94 -2.51 -8.63
C LEU A 171 10.31 -2.05 -9.93
N VAL A 172 9.03 -1.68 -9.94
CA VAL A 172 8.34 -1.22 -11.13
C VAL A 172 9.00 0.05 -11.67
N LEU A 173 9.71 0.80 -10.82
CA LEU A 173 10.39 2.03 -11.23
C LEU A 173 11.59 1.65 -12.11
N HIS A 174 12.38 0.65 -11.70
CA HIS A 174 13.54 0.22 -12.49
C HIS A 174 13.07 -0.59 -13.70
N ASP A 175 11.96 -1.32 -13.58
CA ASP A 175 11.42 -2.11 -14.69
C ASP A 175 11.02 -1.19 -15.84
N LEU A 176 10.54 0.01 -15.52
CA LEU A 176 10.14 1.03 -16.48
C LEU A 176 11.42 1.64 -17.07
N LEU A 177 12.40 1.92 -16.20
CA LEU A 177 13.70 2.50 -16.55
C LEU A 177 14.36 1.69 -17.66
N LYS A 178 14.33 0.35 -17.56
CA LYS A 178 14.90 -0.57 -18.54
C LYS A 178 14.34 -0.41 -19.96
N HIS A 179 13.17 0.22 -20.10
CA HIS A 179 12.51 0.45 -21.38
C HIS A 179 12.42 1.94 -21.71
N THR A 180 13.21 2.78 -21.04
CA THR A 180 13.23 4.23 -21.21
C THR A 180 14.64 4.71 -21.62
N PRO A 181 14.76 5.63 -22.61
CA PRO A 181 16.05 6.15 -23.04
C PRO A 181 16.64 6.98 -21.90
N ALA A 182 17.90 6.69 -21.52
CA ALA A 182 18.60 7.35 -20.43
C ALA A 182 18.84 8.84 -20.63
N SER A 183 18.79 9.32 -21.86
CA SER A 183 18.99 10.73 -22.20
C SER A 183 17.81 11.60 -21.77
N HIS A 184 16.61 11.03 -21.66
CA HIS A 184 15.40 11.77 -21.27
C HIS A 184 15.41 12.09 -19.76
N PRO A 185 14.69 13.13 -19.30
CA PRO A 185 14.64 13.52 -17.88
C PRO A 185 13.94 12.53 -16.96
N ASP A 186 13.29 11.50 -17.48
CA ASP A 186 12.58 10.52 -16.66
C ASP A 186 13.59 9.62 -15.92
N HIS A 187 14.79 9.42 -16.46
CA HIS A 187 15.83 8.60 -15.88
C HIS A 187 16.13 9.01 -14.43
N PRO A 188 16.59 10.25 -14.13
CA PRO A 188 16.87 10.65 -12.76
C PRO A 188 15.60 10.62 -11.90
N LEU A 189 14.45 11.05 -12.45
CA LEU A 189 13.19 11.08 -11.73
C LEU A 189 12.82 9.70 -11.19
N LEU A 190 12.92 8.67 -12.04
CA LEU A 190 12.59 7.32 -11.67
C LEU A 190 13.70 6.70 -10.82
N GLN A 191 14.99 7.01 -11.06
CA GLN A 191 16.06 6.44 -10.25
C GLN A 191 16.13 7.06 -8.86
N ASP A 192 15.80 8.34 -8.67
CA ASP A 192 15.80 9.00 -7.37
C ASP A 192 14.64 8.44 -6.55
N ALA A 193 13.44 8.38 -7.14
CA ALA A 193 12.25 7.83 -6.50
C ALA A 193 12.55 6.41 -6.05
N LEU A 194 13.19 5.63 -6.93
CA LEU A 194 13.59 4.27 -6.68
C LEU A 194 14.59 4.23 -5.53
N ARG A 195 15.59 5.11 -5.50
CA ARG A 195 16.59 5.10 -4.43
C ARG A 195 15.96 5.40 -3.08
N ILE A 196 15.09 6.42 -2.94
CA ILE A 196 14.50 6.70 -1.64
C ILE A 196 13.56 5.57 -1.20
N SER A 197 12.78 4.99 -2.12
CA SER A 197 11.86 3.91 -1.78
C SER A 197 12.61 2.60 -1.46
N GLN A 198 13.65 2.25 -2.22
CA GLN A 198 14.44 1.03 -2.01
C GLN A 198 15.17 1.15 -0.68
N ASN A 199 15.74 2.31 -0.39
CA ASN A 199 16.46 2.56 0.84
C ASN A 199 15.54 2.40 2.03
N PHE A 200 14.32 2.96 1.94
CA PHE A 200 13.30 2.91 2.98
C PHE A 200 12.94 1.46 3.29
N LEU A 201 12.52 0.67 2.29
CA LEU A 201 12.14 -0.73 2.54
C LEU A 201 13.31 -1.56 3.04
N SER A 202 14.48 -1.38 2.42
CA SER A 202 15.70 -2.09 2.79
C SER A 202 16.04 -1.81 4.25
N SER A 203 15.92 -0.55 4.69
CA SER A 203 16.24 -0.18 6.06
C SER A 203 15.23 -0.81 7.00
N ILE A 204 13.94 -0.58 6.76
CA ILE A 204 12.88 -1.12 7.60
C ILE A 204 12.61 -2.60 7.35
N ASN A 205 13.57 -3.35 6.81
CA ASN A 205 13.39 -4.78 6.60
C ASN A 205 13.50 -5.45 7.98
N GLU A 206 14.32 -4.87 8.86
CA GLU A 206 14.52 -5.32 10.24
C GLU A 206 13.28 -4.98 11.07
N GLU A 207 12.48 -4.03 10.60
CA GLU A 207 11.26 -3.56 11.26
C GLU A 207 10.09 -4.54 11.12
N ILE A 208 10.26 -5.60 10.30
CA ILE A 208 9.27 -6.61 10.03
C ILE A 208 9.87 -8.02 10.17
N THR A 209 9.01 -9.01 10.34
CA THR A 209 9.32 -10.43 10.52
C THR A 209 10.43 -10.70 11.55
N PRO A 210 10.22 -10.39 12.85
CA PRO A 210 11.22 -10.64 13.88
C PRO A 210 11.46 -12.13 14.06
N ARG A 211 10.47 -12.99 13.77
CA ARG A 211 10.52 -14.45 13.86
C ARG A 211 10.88 -14.89 15.28
N ARG A 212 11.04 -16.20 15.50
CA ARG A 212 11.40 -16.80 16.77
C ARG A 212 12.42 -17.90 16.45
N GLN A 213 13.44 -18.10 17.29
CA GLN A 213 14.48 -19.10 17.13
C GLN A 213 14.68 -19.88 18.44
N SER A 214 15.56 -20.89 18.42
CA SER A 214 15.90 -21.75 19.55
C SER A 214 16.27 -20.88 20.75
N MET A 215 15.39 -20.85 21.74
CA MET A 215 15.54 -20.07 22.96
C MET A 215 14.88 -20.85 24.08
N THR A 216 15.29 -20.58 25.32
CA THR A 216 14.76 -21.20 26.53
C THR A 216 13.37 -20.62 26.84
N VAL A 217 12.95 -20.68 28.12
CA VAL A 217 11.68 -20.21 28.72
C VAL A 217 10.79 -19.52 27.67
N LYS A 218 9.97 -20.35 27.02
CA LYS A 218 9.03 -20.03 25.95
C LYS A 218 8.35 -18.68 26.15
N ALA A 1 6.45 18.94 -33.20
CA ALA A 1 6.21 18.49 -31.81
C ALA A 1 7.08 17.26 -31.64
N MET A 2 6.54 16.16 -31.09
CA MET A 2 7.26 14.92 -30.90
C MET A 2 7.48 14.25 -32.27
N ALA A 3 8.21 13.13 -32.28
CA ALA A 3 8.47 12.34 -33.49
C ALA A 3 7.17 11.61 -33.84
N SER A 4 7.14 10.90 -34.97
CA SER A 4 5.95 10.15 -35.36
C SER A 4 5.64 9.16 -34.24
N GLU A 5 4.45 9.24 -33.66
CA GLU A 5 3.99 8.38 -32.56
C GLU A 5 4.13 6.90 -32.89
N LEU A 6 4.27 6.55 -34.16
CA LEU A 6 4.46 5.21 -34.68
C LEU A 6 5.72 4.56 -34.10
N ASP A 7 6.73 5.38 -33.77
CA ASP A 7 7.98 4.88 -33.19
C ASP A 7 7.82 4.68 -31.69
N LEU A 8 7.02 5.56 -31.05
CA LEU A 8 6.72 5.53 -29.63
C LEU A 8 5.83 4.31 -29.36
N GLU A 9 5.07 3.86 -30.35
CA GLU A 9 4.18 2.72 -30.25
C GLU A 9 4.95 1.46 -29.81
N LYS A 10 6.23 1.35 -30.20
CA LYS A 10 7.09 0.23 -29.82
C LYS A 10 7.17 0.15 -28.29
N GLY A 11 7.26 1.32 -27.65
CA GLY A 11 7.34 1.47 -26.21
C GLY A 11 5.95 1.36 -25.58
N LEU A 12 4.88 1.80 -26.25
CA LEU A 12 3.50 1.73 -25.77
C LEU A 12 3.14 0.31 -25.41
N GLU A 13 3.59 -0.68 -26.19
CA GLU A 13 3.29 -2.08 -25.95
C GLU A 13 3.58 -2.42 -24.49
N MET A 14 4.81 -2.14 -24.07
CA MET A 14 5.30 -2.41 -22.74
C MET A 14 4.77 -1.42 -21.71
N ARG A 15 4.85 -0.11 -21.98
CA ARG A 15 4.40 0.91 -21.04
C ARG A 15 2.96 0.70 -20.61
N LYS A 16 2.07 0.42 -21.57
CA LYS A 16 0.68 0.18 -21.25
C LYS A 16 0.57 -1.09 -20.44
N TRP A 17 1.16 -2.22 -20.87
CA TRP A 17 1.06 -3.49 -20.16
C TRP A 17 1.48 -3.38 -18.70
N VAL A 18 2.66 -2.80 -18.43
CA VAL A 18 3.15 -2.69 -17.07
C VAL A 18 2.23 -1.81 -16.22
N LEU A 19 1.85 -0.64 -16.73
CA LEU A 19 0.97 0.28 -16.00
C LEU A 19 -0.41 -0.35 -15.80
N SER A 20 -0.97 -1.00 -16.82
CA SER A 20 -2.27 -1.67 -16.80
C SER A 20 -2.31 -2.66 -15.65
N GLY A 21 -1.22 -3.40 -15.42
CA GLY A 21 -1.16 -4.35 -14.32
C GLY A 21 -1.34 -3.63 -12.98
N ILE A 22 -0.91 -2.36 -12.88
CA ILE A 22 -1.03 -1.57 -11.67
C ILE A 22 -2.50 -1.11 -11.54
N LEU A 23 -3.11 -0.44 -12.52
CA LEU A 23 -4.52 0.02 -12.49
C LEU A 23 -5.39 -1.20 -12.16
N ALA A 24 -5.15 -2.35 -12.81
CA ALA A 24 -5.93 -3.56 -12.57
C ALA A 24 -5.79 -4.04 -11.13
N SER A 25 -4.58 -4.02 -10.57
CA SER A 25 -4.35 -4.46 -9.20
C SER A 25 -4.85 -3.42 -8.20
N GLU A 26 -4.81 -2.14 -8.54
CA GLU A 26 -5.25 -1.04 -7.71
C GLU A 26 -6.77 -1.02 -7.72
N GLU A 27 -7.43 -1.17 -8.87
CA GLU A 27 -8.87 -1.16 -9.05
C GLU A 27 -9.53 -2.07 -8.00
N THR A 28 -9.10 -3.33 -7.98
CA THR A 28 -9.59 -4.38 -7.09
C THR A 28 -9.09 -4.17 -5.65
N TYR A 29 -7.84 -3.71 -5.44
CA TYR A 29 -7.31 -3.46 -4.10
C TYR A 29 -8.11 -2.34 -3.44
N LEU A 30 -8.48 -1.31 -4.19
CA LEU A 30 -9.26 -0.20 -3.67
C LEU A 30 -10.62 -0.74 -3.24
N SER A 31 -11.17 -1.77 -3.91
CA SER A 31 -12.46 -2.37 -3.50
C SER A 31 -12.28 -3.08 -2.14
N HIS A 32 -11.09 -3.60 -1.87
CA HIS A 32 -10.78 -4.26 -0.62
C HIS A 32 -10.68 -3.18 0.47
N LEU A 33 -9.91 -2.13 0.20
CA LEU A 33 -9.63 -0.99 1.05
C LEU A 33 -10.90 -0.21 1.40
N GLU A 34 -11.74 0.10 0.41
CA GLU A 34 -12.97 0.86 0.63
C GLU A 34 -13.85 0.18 1.67
N ALA A 35 -13.85 -1.16 1.69
CA ALA A 35 -14.64 -1.94 2.65
C ALA A 35 -13.96 -1.98 4.04
N LEU A 36 -12.67 -1.62 4.14
CA LEU A 36 -11.94 -1.58 5.42
C LEU A 36 -12.25 -0.22 6.04
N LEU A 37 -12.25 0.87 5.25
CA LEU A 37 -12.56 2.20 5.76
C LEU A 37 -14.08 2.41 5.86
N LEU A 38 -14.88 1.56 5.22
CA LEU A 38 -16.35 1.59 5.22
C LEU A 38 -16.82 1.69 6.67
N PRO A 39 -16.52 0.72 7.56
CA PRO A 39 -16.93 0.80 8.96
C PRO A 39 -16.05 1.76 9.75
N MET A 40 -14.83 2.09 9.28
CA MET A 40 -13.96 3.02 10.00
C MET A 40 -14.69 4.34 10.19
N LYS A 41 -15.31 4.90 9.14
CA LYS A 41 -16.03 6.16 9.22
C LYS A 41 -17.05 6.20 10.38
N PRO A 42 -18.09 5.34 10.42
CA PRO A 42 -19.06 5.35 11.52
C PRO A 42 -18.40 4.99 12.84
N LEU A 43 -17.39 4.11 12.86
CA LEU A 43 -16.70 3.78 14.12
C LEU A 43 -15.98 5.03 14.66
N LYS A 44 -15.33 5.81 13.80
CA LYS A 44 -14.62 7.05 14.13
C LYS A 44 -15.62 7.97 14.81
N ALA A 45 -16.79 8.15 14.20
CA ALA A 45 -17.86 8.98 14.71
C ALA A 45 -18.47 8.38 15.99
N ALA A 46 -18.49 7.05 16.14
CA ALA A 46 -19.04 6.38 17.32
C ALA A 46 -18.24 6.78 18.56
N ALA A 47 -16.94 7.03 18.40
CA ALA A 47 -16.05 7.46 19.46
C ALA A 47 -16.40 8.88 19.94
N THR A 48 -17.29 9.57 19.25
CA THR A 48 -17.76 10.92 19.56
C THR A 48 -19.25 10.91 19.92
N THR A 49 -19.87 9.74 20.20
CA THR A 49 -21.27 9.63 20.57
C THR A 49 -21.38 8.71 21.80
N SER A 50 -22.01 9.23 22.85
CA SER A 50 -22.26 8.56 24.10
C SER A 50 -21.03 7.81 24.64
N GLN A 51 -21.13 6.50 24.86
CA GLN A 51 -20.09 5.64 25.41
C GLN A 51 -19.75 4.47 24.47
N PRO A 52 -18.67 4.54 23.69
CA PRO A 52 -18.26 3.46 22.79
C PRO A 52 -17.60 2.32 23.58
N VAL A 53 -17.24 1.22 22.93
CA VAL A 53 -16.56 0.07 23.54
C VAL A 53 -15.06 0.13 23.22
N LEU A 54 -14.67 0.95 22.24
CA LEU A 54 -13.31 1.18 21.78
C LEU A 54 -13.09 2.69 21.88
N THR A 55 -11.88 3.11 22.22
CA THR A 55 -11.55 4.52 22.34
C THR A 55 -11.04 5.01 20.99
N SER A 56 -11.15 6.31 20.78
CA SER A 56 -10.71 7.01 19.59
C SER A 56 -9.25 6.63 19.30
N GLN A 57 -8.41 6.48 20.33
CA GLN A 57 -7.01 6.09 20.16
C GLN A 57 -6.85 4.72 19.51
N GLN A 58 -7.69 3.74 19.87
CA GLN A 58 -7.60 2.40 19.29
C GLN A 58 -8.02 2.44 17.83
N ILE A 59 -8.89 3.38 17.43
CA ILE A 59 -9.32 3.51 16.06
C ILE A 59 -8.20 4.20 15.27
N GLU A 60 -7.80 5.41 15.68
CA GLU A 60 -6.77 6.19 15.00
C GLU A 60 -5.41 5.51 14.92
N THR A 61 -5.04 4.64 15.85
CA THR A 61 -3.74 3.97 15.79
C THR A 61 -3.76 2.92 14.67
N ILE A 62 -4.84 2.14 14.56
CA ILE A 62 -4.97 1.11 13.53
C ILE A 62 -5.09 1.78 12.17
N PHE A 63 -6.05 2.69 12.01
CA PHE A 63 -6.33 3.42 10.78
C PHE A 63 -5.55 4.74 10.67
N PHE A 64 -4.32 4.81 11.19
CA PHE A 64 -3.46 6.00 11.19
C PHE A 64 -3.42 6.73 9.84
N LYS A 65 -3.28 5.99 8.73
CA LYS A 65 -3.22 6.53 7.37
C LYS A 65 -4.06 5.74 6.36
N VAL A 66 -4.78 4.68 6.74
CA VAL A 66 -5.61 3.89 5.81
C VAL A 66 -6.41 4.75 4.80
N PRO A 67 -7.28 5.69 5.21
CA PRO A 67 -8.05 6.50 4.26
C PRO A 67 -7.20 7.53 3.49
N GLU A 68 -6.05 7.94 4.03
CA GLU A 68 -5.15 8.87 3.35
C GLU A 68 -4.56 8.11 2.16
N LEU A 69 -4.05 6.90 2.42
CA LEU A 69 -3.48 6.05 1.40
C LEU A 69 -4.53 5.67 0.35
N TYR A 70 -5.82 5.62 0.72
CA TYR A 70 -6.90 5.30 -0.20
C TYR A 70 -6.96 6.40 -1.27
N GLU A 71 -7.00 7.67 -0.84
CA GLU A 71 -7.04 8.77 -1.79
C GLU A 71 -5.74 8.81 -2.59
N ILE A 72 -4.57 8.61 -1.96
CA ILE A 72 -3.28 8.63 -2.65
C ILE A 72 -3.27 7.59 -3.79
N HIS A 73 -3.79 6.38 -3.54
CA HIS A 73 -3.82 5.34 -4.55
C HIS A 73 -4.76 5.68 -5.69
N LYS A 74 -6.02 6.06 -5.40
CA LYS A 74 -6.97 6.42 -6.45
C LYS A 74 -6.50 7.66 -7.16
N GLU A 75 -5.82 8.61 -6.54
CA GLU A 75 -5.41 9.82 -7.27
C GLU A 75 -4.46 9.47 -8.40
N PHE A 76 -3.52 8.59 -8.11
CA PHE A 76 -2.54 8.15 -9.08
C PHE A 76 -3.21 7.24 -10.12
N TYR A 77 -3.97 6.24 -9.67
CA TYR A 77 -4.67 5.25 -10.48
C TYR A 77 -5.79 5.84 -11.34
N ASP A 78 -6.67 6.64 -10.73
CA ASP A 78 -7.80 7.23 -11.43
C ASP A 78 -7.30 8.16 -12.54
N GLY A 79 -6.18 8.86 -12.26
CA GLY A 79 -5.55 9.79 -13.20
C GLY A 79 -4.63 9.04 -14.17
N LEU A 80 -4.47 7.73 -14.00
CA LEU A 80 -3.67 6.85 -14.83
C LEU A 80 -4.52 6.42 -16.01
N PHE A 81 -5.76 5.99 -15.74
CA PHE A 81 -6.77 5.53 -16.71
C PHE A 81 -6.81 6.41 -17.97
N PRO A 82 -7.09 7.72 -17.89
CA PRO A 82 -7.14 8.55 -19.08
C PRO A 82 -5.76 8.69 -19.74
N ARG A 83 -4.67 8.61 -18.96
CA ARG A 83 -3.33 8.73 -19.48
C ARG A 83 -2.93 7.49 -20.29
N VAL A 84 -3.43 6.29 -19.93
CA VAL A 84 -3.13 5.06 -20.67
C VAL A 84 -3.70 5.20 -22.08
N GLN A 85 -4.84 5.88 -22.21
CA GLN A 85 -5.52 6.10 -23.47
C GLN A 85 -5.01 7.30 -24.25
N GLN A 86 -4.41 8.30 -23.60
CA GLN A 86 -3.89 9.49 -24.26
C GLN A 86 -2.64 9.90 -23.49
N TRP A 87 -1.50 9.38 -23.94
CA TRP A 87 -0.21 9.68 -23.34
C TRP A 87 0.15 11.15 -23.51
N SER A 88 1.09 11.66 -22.71
CA SER A 88 1.52 13.06 -22.81
C SER A 88 2.09 13.25 -24.22
N HIS A 89 1.72 14.36 -24.86
CA HIS A 89 2.08 14.71 -26.23
C HIS A 89 3.58 14.84 -26.46
N GLN A 90 4.31 15.53 -25.59
CA GLN A 90 5.76 15.73 -25.76
C GLN A 90 6.54 15.48 -24.47
N GLN A 91 6.02 14.67 -23.54
CA GLN A 91 6.70 14.40 -22.29
C GLN A 91 6.45 12.95 -21.84
N ARG A 92 7.42 12.41 -21.11
CA ARG A 92 7.42 11.07 -20.55
C ARG A 92 6.45 11.02 -19.35
N VAL A 93 6.31 9.88 -18.70
CA VAL A 93 5.42 9.74 -17.57
C VAL A 93 6.21 9.26 -16.35
N GLY A 94 6.15 10.04 -15.26
CA GLY A 94 6.87 9.69 -14.04
C GLY A 94 6.49 10.54 -12.83
N ASP A 95 6.02 11.78 -13.03
CA ASP A 95 5.63 12.68 -11.94
C ASP A 95 4.61 12.05 -10.99
N LEU A 96 3.68 11.24 -11.51
CA LEU A 96 2.66 10.58 -10.67
C LEU A 96 3.33 9.60 -9.71
N PHE A 97 4.39 8.90 -10.14
CA PHE A 97 5.12 7.96 -9.28
C PHE A 97 5.94 8.76 -8.28
N GLN A 98 6.54 9.88 -8.72
CA GLN A 98 7.36 10.73 -7.87
C GLN A 98 6.59 11.17 -6.62
N LYS A 99 5.27 11.41 -6.71
CA LYS A 99 4.49 11.82 -5.53
C LYS A 99 4.60 10.79 -4.41
N LEU A 100 4.65 9.49 -4.72
CA LEU A 100 4.74 8.42 -3.74
C LEU A 100 6.06 8.50 -2.98
N ALA A 101 7.14 8.90 -3.65
CA ALA A 101 8.46 9.03 -3.04
C ALA A 101 8.50 10.30 -2.19
N SER A 102 8.03 11.42 -2.73
CA SER A 102 7.97 12.72 -2.07
C SER A 102 7.35 12.64 -0.67
N GLN A 103 6.27 11.86 -0.54
CA GLN A 103 5.53 11.70 0.71
C GLN A 103 5.91 10.48 1.55
N LEU A 104 7.04 9.81 1.29
CA LEU A 104 7.48 8.61 2.03
C LEU A 104 7.36 8.64 3.56
N GLY A 105 7.34 9.81 4.20
CA GLY A 105 7.21 9.91 5.65
C GLY A 105 5.91 9.24 6.12
N VAL A 106 4.86 9.23 5.29
CA VAL A 106 3.57 8.63 5.60
C VAL A 106 3.73 7.12 5.88
N TYR A 107 4.66 6.44 5.21
CA TYR A 107 4.91 5.01 5.39
C TYR A 107 5.70 4.82 6.68
N ARG A 108 6.70 5.68 6.94
CA ARG A 108 7.49 5.62 8.17
C ARG A 108 6.54 5.83 9.35
N ALA A 109 5.52 6.67 9.24
CA ALA A 109 4.55 6.90 10.32
C ALA A 109 3.89 5.57 10.73
N PHE A 110 3.48 4.79 9.72
CA PHE A 110 2.84 3.50 9.92
C PHE A 110 3.81 2.47 10.50
N VAL A 111 5.02 2.28 9.93
CA VAL A 111 6.00 1.31 10.44
C VAL A 111 6.37 1.64 11.90
N ASP A 112 6.53 2.93 12.19
CA ASP A 112 6.88 3.46 13.50
C ASP A 112 5.86 3.10 14.57
N ASN A 113 4.64 2.73 14.18
CA ASN A 113 3.53 2.38 15.08
C ASN A 113 2.85 1.07 14.62
N TYR A 114 3.53 0.20 13.88
CA TYR A 114 2.94 -1.04 13.38
C TYR A 114 2.60 -2.02 14.50
N GLY A 115 3.57 -2.33 15.35
CA GLY A 115 3.40 -3.26 16.45
C GLY A 115 2.23 -2.85 17.32
N VAL A 116 2.25 -1.61 17.79
CA VAL A 116 1.17 -1.09 18.62
C VAL A 116 -0.17 -1.15 17.88
N ALA A 117 -0.22 -0.84 16.58
CA ALA A 117 -1.46 -0.91 15.82
C ALA A 117 -1.99 -2.34 15.77
N MET A 118 -1.15 -3.32 15.40
CA MET A 118 -1.58 -4.70 15.31
C MET A 118 -1.95 -5.24 16.71
N GLU A 119 -1.27 -4.77 17.77
CA GLU A 119 -1.52 -5.19 19.14
C GLU A 119 -2.92 -4.72 19.55
N MET A 120 -3.31 -3.50 19.13
CA MET A 120 -4.64 -3.00 19.44
C MET A 120 -5.63 -3.84 18.66
N ALA A 121 -5.32 -4.15 17.41
CA ALA A 121 -6.20 -4.94 16.57
C ALA A 121 -6.53 -6.30 17.22
N GLU A 122 -5.51 -7.06 17.63
CA GLU A 122 -5.72 -8.37 18.27
C GLU A 122 -6.44 -8.24 19.61
N LYS A 123 -6.05 -7.28 20.46
CA LYS A 123 -6.73 -7.12 21.75
C LYS A 123 -8.19 -6.68 21.56
N CYS A 124 -8.49 -5.93 20.50
CA CYS A 124 -9.85 -5.47 20.20
C CYS A 124 -10.76 -6.65 19.90
N CYS A 125 -10.26 -7.70 19.22
CA CYS A 125 -11.05 -8.88 18.89
C CYS A 125 -11.66 -9.50 20.15
N GLN A 126 -10.81 -9.80 21.14
CA GLN A 126 -11.28 -10.38 22.39
C GLN A 126 -12.09 -9.40 23.24
N ALA A 127 -12.08 -8.09 22.92
CA ALA A 127 -12.82 -7.09 23.66
C ALA A 127 -14.20 -6.80 23.05
N ASN A 128 -14.38 -6.95 21.73
CA ASN A 128 -15.66 -6.70 21.07
C ASN A 128 -15.80 -7.50 19.78
N ALA A 129 -17.00 -8.07 19.61
CA ALA A 129 -17.39 -8.90 18.48
C ALA A 129 -17.10 -8.27 17.13
N GLN A 130 -17.29 -6.95 16.97
CA GLN A 130 -17.03 -6.27 15.70
C GLN A 130 -15.62 -6.48 15.19
N PHE A 131 -14.63 -6.63 16.07
CA PHE A 131 -13.25 -6.90 15.65
C PHE A 131 -13.07 -8.40 15.36
N ALA A 132 -13.63 -9.26 16.23
CA ALA A 132 -13.53 -10.70 16.10
C ALA A 132 -14.16 -11.23 14.80
N GLU A 133 -15.34 -10.72 14.43
CA GLU A 133 -16.06 -11.15 13.24
C GLU A 133 -15.29 -10.79 11.97
N ILE A 134 -14.74 -9.57 11.88
CA ILE A 134 -13.98 -9.17 10.70
C ILE A 134 -12.64 -9.91 10.64
N SER A 135 -12.01 -10.24 11.78
CA SER A 135 -10.75 -10.97 11.76
C SER A 135 -11.03 -12.43 11.37
N GLU A 136 -12.17 -13.03 11.74
CA GLU A 136 -12.42 -14.40 11.32
C GLU A 136 -12.59 -14.40 9.78
N ASN A 137 -13.19 -13.32 9.25
CA ASN A 137 -13.42 -13.11 7.82
C ASN A 137 -12.23 -12.38 7.18
N LEU A 138 -11.04 -12.43 7.77
CA LEU A 138 -9.85 -11.77 7.23
C LEU A 138 -9.52 -12.27 5.83
N ARG A 139 -8.73 -11.47 5.11
CA ARG A 139 -8.34 -11.80 3.75
C ARG A 139 -7.35 -12.97 3.77
N ALA A 140 -7.83 -14.14 3.35
CA ALA A 140 -7.10 -15.39 3.29
C ALA A 140 -5.75 -15.29 2.58
N ARG A 141 -4.86 -16.25 2.83
CA ARG A 141 -3.53 -16.35 2.26
C ARG A 141 -3.22 -17.81 1.95
N SER A 142 -2.03 -18.09 1.39
CA SER A 142 -1.63 -19.45 1.05
C SER A 142 -1.61 -20.32 2.31
N ASN A 143 -1.98 -21.60 2.15
CA ASN A 143 -2.03 -22.56 3.23
C ASN A 143 -0.62 -22.83 3.77
N LYS A 144 -0.43 -22.57 5.06
CA LYS A 144 0.83 -22.75 5.77
C LYS A 144 0.47 -23.09 7.22
N ASP A 145 -0.23 -22.18 7.88
CA ASP A 145 -0.67 -22.32 9.27
C ASP A 145 -1.68 -23.47 9.41
N ALA A 146 -2.52 -23.70 8.40
CA ALA A 146 -3.55 -24.74 8.35
C ALA A 146 -3.05 -26.20 8.40
N LYS A 147 -1.77 -26.45 8.65
CA LYS A 147 -1.17 -27.80 8.74
C LYS A 147 -0.54 -28.01 10.10
N ASP A 148 0.05 -26.96 10.68
CA ASP A 148 0.71 -27.00 11.98
C ASP A 148 -0.32 -27.24 13.08
N PRO A 149 0.08 -27.77 14.26
CA PRO A 149 -0.84 -27.97 15.36
C PRO A 149 -1.13 -26.63 16.05
N THR A 150 -0.35 -25.60 15.72
CA THR A 150 -0.48 -24.25 16.23
C THR A 150 -1.30 -23.45 15.23
N THR A 151 -1.96 -22.37 15.67
CA THR A 151 -2.79 -21.50 14.87
C THR A 151 -2.10 -20.14 14.92
N LYS A 152 -2.29 -19.32 13.89
CA LYS A 152 -1.68 -18.00 13.81
C LYS A 152 -2.29 -17.24 12.65
N ASN A 153 -3.29 -16.40 12.94
CA ASN A 153 -3.97 -15.58 11.97
C ASN A 153 -4.50 -14.35 12.70
N SER A 154 -4.00 -13.16 12.37
CA SER A 154 -4.41 -11.90 13.00
C SER A 154 -4.60 -10.82 11.93
N LEU A 155 -5.13 -9.66 12.32
CA LEU A 155 -5.33 -8.50 11.45
C LEU A 155 -3.98 -8.06 10.88
N GLU A 156 -2.85 -8.41 11.51
CA GLU A 156 -1.51 -8.08 11.02
C GLU A 156 -1.34 -8.60 9.58
N THR A 157 -2.01 -9.71 9.22
CA THR A 157 -1.93 -10.29 7.89
C THR A 157 -2.45 -9.27 6.88
N LEU A 158 -3.50 -8.50 7.24
CA LEU A 158 -4.07 -7.46 6.40
C LEU A 158 -3.07 -6.33 6.31
N LEU A 159 -2.44 -5.92 7.43
CA LEU A 159 -1.46 -4.85 7.44
C LEU A 159 -0.26 -5.17 6.55
N TYR A 160 0.25 -6.41 6.56
CA TYR A 160 1.40 -6.77 5.73
C TYR A 160 1.00 -7.05 4.27
N LYS A 161 -0.30 -7.13 3.96
CA LYS A 161 -0.78 -7.38 2.60
C LYS A 161 -0.36 -6.26 1.64
N PRO A 162 -0.69 -4.97 1.87
CA PRO A 162 -0.27 -3.91 0.97
C PRO A 162 1.25 -3.75 0.99
N VAL A 163 1.89 -3.92 2.15
CA VAL A 163 3.35 -3.80 2.28
C VAL A 163 4.04 -4.69 1.25
N ASP A 164 3.58 -5.94 1.10
CA ASP A 164 4.15 -6.89 0.15
C ASP A 164 4.12 -6.34 -1.28
N ARG A 165 3.05 -5.64 -1.67
CA ARG A 165 2.92 -5.03 -2.99
C ARG A 165 3.93 -3.89 -3.08
N VAL A 166 4.08 -3.09 -2.02
CA VAL A 166 5.01 -1.98 -2.01
C VAL A 166 6.46 -2.50 -2.12
N THR A 167 6.84 -3.63 -1.53
CA THR A 167 8.21 -4.14 -1.62
C THR A 167 8.62 -4.29 -3.09
N ARG A 168 7.79 -4.99 -3.86
CA ARG A 168 8.02 -5.22 -5.27
C ARG A 168 7.74 -3.99 -6.13
N SER A 169 7.01 -2.98 -5.63
CA SER A 169 6.71 -1.79 -6.41
C SER A 169 7.98 -1.08 -6.89
N THR A 170 9.04 -1.09 -6.09
CA THR A 170 10.29 -0.43 -6.47
C THR A 170 10.87 -1.04 -7.75
N LEU A 171 10.56 -2.33 -8.03
CA LEU A 171 11.06 -2.98 -9.24
C LEU A 171 10.56 -2.28 -10.48
N VAL A 172 9.33 -1.74 -10.46
CA VAL A 172 8.74 -1.08 -11.62
C VAL A 172 9.51 0.17 -12.00
N LEU A 173 10.21 0.81 -11.06
CA LEU A 173 10.99 2.00 -11.35
C LEU A 173 12.23 1.56 -12.11
N HIS A 174 12.95 0.57 -11.58
CA HIS A 174 14.16 0.03 -12.19
C HIS A 174 13.87 -0.64 -13.54
N ASP A 175 12.76 -1.35 -13.69
CA ASP A 175 12.39 -2.06 -14.91
C ASP A 175 12.34 -1.07 -16.09
N LEU A 176 11.70 0.08 -15.88
CA LEU A 176 11.57 1.12 -16.90
C LEU A 176 12.90 1.85 -17.08
N LEU A 177 13.56 2.22 -15.98
CA LEU A 177 14.85 2.93 -15.96
C LEU A 177 15.89 2.18 -16.78
N LYS A 178 15.89 0.85 -16.71
CA LYS A 178 16.83 0.02 -17.47
C LYS A 178 16.67 0.18 -18.98
N HIS A 179 15.54 0.74 -19.44
CA HIS A 179 15.23 0.98 -20.84
C HIS A 179 15.33 2.49 -21.16
N THR A 180 15.55 3.35 -20.16
CA THR A 180 15.70 4.80 -20.31
C THR A 180 17.20 5.11 -20.35
N PRO A 181 17.67 5.96 -21.27
CA PRO A 181 19.07 6.32 -21.35
C PRO A 181 19.37 7.23 -20.15
N ALA A 182 20.51 7.09 -19.48
CA ALA A 182 20.81 7.95 -18.34
C ALA A 182 20.97 9.43 -18.73
N SER A 183 21.05 9.76 -20.03
CA SER A 183 21.17 11.15 -20.49
C SER A 183 19.80 11.86 -20.44
N HIS A 184 18.69 11.11 -20.30
CA HIS A 184 17.33 11.64 -20.25
C HIS A 184 17.12 12.46 -18.96
N PRO A 185 16.22 13.46 -18.96
CA PRO A 185 15.96 14.29 -17.78
C PRO A 185 15.27 13.55 -16.64
N ASP A 186 14.48 12.52 -16.94
CA ASP A 186 13.76 11.75 -15.92
C ASP A 186 14.65 10.73 -15.23
N HIS A 187 15.81 10.37 -15.78
CA HIS A 187 16.73 9.41 -15.17
C HIS A 187 17.00 9.85 -13.70
N PRO A 188 17.56 11.04 -13.42
CA PRO A 188 17.81 11.45 -12.05
C PRO A 188 16.52 11.67 -11.26
N LEU A 189 15.46 12.16 -11.95
CA LEU A 189 14.16 12.42 -11.34
C LEU A 189 13.66 11.15 -10.66
N LEU A 190 13.60 10.05 -11.39
CA LEU A 190 13.15 8.77 -10.89
C LEU A 190 14.23 8.07 -10.06
N GLN A 191 15.52 8.40 -10.24
CA GLN A 191 16.58 7.76 -9.46
C GLN A 191 16.35 8.11 -8.01
N ASP A 192 16.12 9.39 -7.69
CA ASP A 192 15.91 9.80 -6.30
C ASP A 192 14.68 9.11 -5.74
N ALA A 193 13.60 9.09 -6.52
CA ALA A 193 12.33 8.48 -6.14
C ALA A 193 12.51 7.01 -5.76
N LEU A 194 13.15 6.21 -6.64
CA LEU A 194 13.36 4.79 -6.37
C LEU A 194 14.36 4.59 -5.24
N ARG A 195 15.42 5.40 -5.20
CA ARG A 195 16.49 5.35 -4.21
C ARG A 195 15.92 5.53 -2.81
N ILE A 196 15.18 6.60 -2.54
CA ILE A 196 14.64 6.83 -1.21
C ILE A 196 13.59 5.80 -0.80
N SER A 197 12.73 5.35 -1.72
CA SER A 197 11.70 4.36 -1.40
C SER A 197 12.29 2.97 -1.14
N GLN A 198 13.30 2.56 -1.92
CA GLN A 198 13.95 1.27 -1.75
C GLN A 198 14.82 1.34 -0.49
N ASN A 199 15.49 2.47 -0.23
CA ASN A 199 16.31 2.64 0.97
C ASN A 199 15.41 2.54 2.20
N PHE A 200 14.17 3.04 2.12
CA PHE A 200 13.20 3.01 3.20
C PHE A 200 12.75 1.58 3.50
N LEU A 201 12.24 0.81 2.52
CA LEU A 201 11.81 -0.58 2.81
C LEU A 201 12.97 -1.41 3.33
N SER A 202 14.16 -1.18 2.78
CA SER A 202 15.37 -1.87 3.18
C SER A 202 15.68 -1.54 4.65
N SER A 203 15.52 -0.28 5.06
CA SER A 203 15.80 0.15 6.44
C SER A 203 14.91 -0.50 7.50
N ILE A 204 13.79 -1.11 7.11
CA ILE A 204 12.83 -1.76 8.01
C ILE A 204 12.60 -3.23 7.67
N ASN A 205 13.33 -3.80 6.70
CA ASN A 205 13.20 -5.19 6.28
C ASN A 205 13.32 -6.19 7.43
N GLU A 206 14.15 -5.90 8.43
CA GLU A 206 14.33 -6.77 9.58
C GLU A 206 13.21 -6.58 10.62
N GLU A 207 12.50 -5.45 10.59
CA GLU A 207 11.42 -5.13 11.51
C GLU A 207 10.13 -5.88 11.16
N ILE A 208 10.06 -6.42 9.94
CA ILE A 208 8.94 -7.15 9.35
C ILE A 208 9.44 -8.54 8.94
N THR A 209 8.92 -9.58 9.58
CA THR A 209 9.30 -10.96 9.32
C THR A 209 10.83 -11.09 9.50
N PRO A 210 11.36 -10.86 10.73
CA PRO A 210 12.80 -10.91 11.01
C PRO A 210 13.47 -12.21 10.61
N ARG A 211 12.88 -13.34 11.01
CA ARG A 211 13.26 -14.73 10.80
C ARG A 211 11.98 -15.53 11.07
N ARG A 212 12.01 -16.86 10.93
CA ARG A 212 10.84 -17.72 11.18
C ARG A 212 11.25 -18.90 12.03
N GLN A 213 10.49 -19.15 13.10
CA GLN A 213 10.67 -20.23 14.05
C GLN A 213 9.27 -20.58 14.58
N SER A 214 9.11 -21.77 15.15
CA SER A 214 7.84 -22.23 15.71
C SER A 214 7.62 -21.58 17.09
N MET A 215 6.53 -21.93 17.77
CA MET A 215 6.18 -21.40 19.08
C MET A 215 5.65 -22.53 19.99
N THR A 216 5.46 -22.16 21.25
CA THR A 216 4.98 -22.97 22.38
C THR A 216 3.46 -23.17 22.23
N VAL A 217 2.84 -24.05 23.02
CA VAL A 217 1.39 -24.28 22.95
C VAL A 217 0.63 -23.05 23.47
N LYS A 218 -0.70 -23.04 23.26
CA LYS A 218 -1.59 -21.98 23.70
C LYS A 218 -1.71 -22.09 25.21
#